data_1KLD
#
_entry.id   1KLD
#
_cell.length_a   1.000
_cell.length_b   1.000
_cell.length_c   1.000
_cell.angle_alpha   90.00
_cell.angle_beta   90.00
_cell.angle_gamma   90.00
#
_symmetry.space_group_name_H-M   'P 1'
#
_entity_poly.entity_id   1
_entity_poly.type   'polypeptide(L)'
_entity_poly.pdbx_seq_one_letter_code
;ALDTNYCFSSTEKNCCVRQLYIDFRKDLGWKWIHEPKGYHANFCLGPCPYIWSLDTQYSKVLALYNQHNPGASAAPCCVP
QALEPLPIVYYVGRKPKVEQLSNMIVRSCKCS
;
_entity_poly.pdbx_strand_id   A,B
#
# COMPACT_ATOMS: atom_id res chain seq x y z
N ALA A 1 -12.16 10.54 8.05
CA ALA A 1 -12.11 9.91 6.70
C ALA A 1 -10.71 10.06 6.12
N LEU A 2 -10.30 9.15 5.27
CA LEU A 2 -8.94 9.24 4.67
C LEU A 2 -9.06 9.62 3.20
N ASP A 3 -9.63 10.75 2.92
CA ASP A 3 -9.78 11.18 1.51
C ASP A 3 -8.89 12.41 1.26
N THR A 4 -8.92 12.92 0.06
CA THR A 4 -8.08 14.10 -0.27
C THR A 4 -8.75 15.38 0.24
N ASN A 5 -9.79 15.25 1.01
CA ASN A 5 -10.48 16.46 1.55
C ASN A 5 -9.99 16.70 2.98
N TYR A 6 -9.88 15.65 3.76
CA TYR A 6 -9.40 15.81 5.16
C TYR A 6 -7.89 15.63 5.20
N CYS A 7 -7.32 15.04 4.17
CA CYS A 7 -5.84 14.85 4.14
C CYS A 7 -5.16 16.14 3.70
N PHE A 8 -5.92 17.10 3.24
CA PHE A 8 -5.32 18.38 2.79
C PHE A 8 -5.14 19.32 3.99
N SER A 9 -4.69 18.80 5.10
CA SER A 9 -4.49 19.66 6.30
C SER A 9 -2.99 19.87 6.54
N SER A 10 -2.61 20.10 7.77
CA SER A 10 -1.16 20.33 8.06
C SER A 10 -0.71 19.36 9.15
N THR A 11 -1.62 18.63 9.74
CA THR A 11 -1.24 17.67 10.81
C THR A 11 -1.57 16.25 10.37
N GLU A 12 -1.54 15.32 11.27
CA GLU A 12 -1.85 13.90 10.91
C GLU A 12 -0.78 13.38 9.94
N LYS A 13 -0.24 12.23 10.22
CA LYS A 13 0.82 11.67 9.31
C LYS A 13 0.54 10.19 9.05
N ASN A 14 -0.67 9.75 9.27
CA ASN A 14 -0.98 8.31 9.03
C ASN A 14 -1.45 8.11 7.58
N CYS A 15 -2.10 7.02 7.30
CA CYS A 15 -2.59 6.78 5.91
C CYS A 15 -3.47 7.96 5.49
N CYS A 16 -2.89 8.97 4.91
CA CYS A 16 -3.70 10.14 4.47
C CYS A 16 -3.26 10.55 3.06
N VAL A 17 -4.18 10.58 2.14
CA VAL A 17 -3.82 10.97 0.75
C VAL A 17 -3.29 12.40 0.73
N ARG A 18 -2.03 12.58 0.45
CA ARG A 18 -1.46 13.96 0.41
C ARG A 18 -1.48 14.48 -1.02
N GLN A 19 -1.43 15.77 -1.20
CA GLN A 19 -1.44 16.34 -2.58
C GLN A 19 -0.22 15.85 -3.34
N LEU A 20 -0.35 15.63 -4.62
CA LEU A 20 0.80 15.15 -5.42
C LEU A 20 0.67 15.62 -6.86
N TYR A 21 0.34 16.87 -7.08
CA TYR A 21 0.22 17.34 -8.48
C TYR A 21 1.44 16.86 -9.26
N ILE A 22 1.23 16.31 -10.42
CA ILE A 22 2.39 15.83 -11.21
C ILE A 22 2.38 16.51 -12.58
N ASP A 23 3.42 17.24 -12.89
CA ASP A 23 3.46 17.92 -14.22
C ASP A 23 3.97 16.92 -15.24
N PHE A 24 3.06 16.28 -15.92
CA PHE A 24 3.41 15.24 -16.94
C PHE A 24 4.88 15.28 -17.36
N ARG A 25 5.37 16.42 -17.79
CA ARG A 25 6.79 16.49 -18.25
C ARG A 25 7.74 16.78 -17.09
N LYS A 26 7.35 17.62 -16.17
CA LYS A 26 8.28 17.95 -15.04
C LYS A 26 8.56 16.72 -14.18
N ASP A 27 7.52 16.05 -13.76
CA ASP A 27 7.71 14.87 -12.87
C ASP A 27 7.87 13.56 -13.67
N LEU A 28 6.92 13.22 -14.51
CA LEU A 28 7.04 11.95 -15.27
C LEU A 28 7.79 12.16 -16.59
N GLY A 29 7.90 13.38 -17.04
CA GLY A 29 8.60 13.61 -18.32
C GLY A 29 7.81 12.94 -19.45
N TRP A 30 6.62 12.49 -19.17
CA TRP A 30 5.80 11.82 -20.21
C TRP A 30 5.86 12.60 -21.52
N LYS A 31 6.22 11.95 -22.59
CA LYS A 31 6.32 12.64 -23.89
C LYS A 31 5.12 12.24 -24.77
N TRP A 32 4.38 11.25 -24.37
CA TRP A 32 3.21 10.81 -25.19
C TRP A 32 1.99 11.64 -24.83
N ILE A 33 2.10 12.54 -23.89
CA ILE A 33 0.92 13.37 -23.51
C ILE A 33 1.30 14.84 -23.61
N HIS A 34 0.49 15.63 -24.28
CA HIS A 34 0.79 17.08 -24.43
C HIS A 34 0.05 17.86 -23.34
N GLU A 35 -1.25 17.68 -23.25
CA GLU A 35 -2.03 18.43 -22.23
C GLU A 35 -2.87 17.44 -21.41
N PRO A 36 -3.22 17.85 -20.21
CA PRO A 36 -2.83 19.16 -19.66
C PRO A 36 -1.38 19.16 -19.19
N LYS A 37 -0.88 20.27 -18.76
CA LYS A 37 0.52 20.33 -18.28
C LYS A 37 0.74 19.28 -17.20
N GLY A 38 -0.26 19.05 -16.40
CA GLY A 38 -0.12 18.04 -15.31
C GLY A 38 -1.51 17.65 -14.80
N TYR A 39 -1.64 17.40 -13.52
CA TYR A 39 -2.96 17.01 -12.97
C TYR A 39 -2.82 16.73 -11.47
N HIS A 40 -3.92 16.60 -10.78
CA HIS A 40 -3.86 16.33 -9.31
C HIS A 40 -3.72 14.82 -9.09
N ALA A 41 -2.58 14.27 -9.42
CA ALA A 41 -2.37 12.81 -9.25
C ALA A 41 -2.62 12.41 -7.80
N ASN A 42 -2.16 13.21 -6.86
CA ASN A 42 -2.38 12.86 -5.43
C ASN A 42 -1.69 11.54 -5.10
N PHE A 43 -1.73 11.12 -3.87
CA PHE A 43 -1.09 9.84 -3.48
C PHE A 43 -1.26 9.61 -1.98
N CYS A 44 -0.80 8.51 -1.47
CA CYS A 44 -0.97 8.24 -0.01
C CYS A 44 0.40 8.04 0.64
N LEU A 45 0.56 8.52 1.84
CA LEU A 45 1.87 8.35 2.55
C LEU A 45 1.61 8.01 4.02
N GLY A 46 2.63 7.95 4.82
CA GLY A 46 2.44 7.63 6.26
C GLY A 46 1.99 6.18 6.41
N PRO A 47 2.30 5.60 7.53
CA PRO A 47 1.94 4.20 7.84
C PRO A 47 0.49 4.11 8.27
N CYS A 48 0.12 3.06 8.95
CA CYS A 48 -1.29 2.92 9.41
C CYS A 48 -1.31 2.49 10.89
N PRO A 49 -2.07 3.21 11.68
CA PRO A 49 -2.18 2.92 13.13
C PRO A 49 -3.08 1.69 13.34
N TYR A 50 -3.47 1.44 14.56
CA TYR A 50 -4.34 0.25 14.84
C TYR A 50 -5.80 0.69 14.97
N ILE A 51 -6.10 1.92 14.65
CA ILE A 51 -7.52 2.39 14.78
C ILE A 51 -7.97 3.05 13.48
N TRP A 52 -7.07 3.31 12.59
CA TRP A 52 -7.46 3.96 11.30
C TRP A 52 -8.50 3.11 10.58
N SER A 53 -8.63 3.26 9.29
CA SER A 53 -9.62 2.46 8.53
C SER A 53 -9.00 1.11 8.17
N LEU A 54 -8.33 0.48 9.08
CA LEU A 54 -7.69 -0.83 8.77
C LEU A 54 -8.71 -1.72 8.05
N ASP A 55 -8.33 -2.28 6.93
CA ASP A 55 -9.27 -3.15 6.18
C ASP A 55 -8.94 -4.63 6.44
N THR A 56 -7.68 -4.98 6.36
CA THR A 56 -7.30 -6.40 6.60
C THR A 56 -6.88 -6.56 8.07
N GLN A 57 -6.89 -7.77 8.57
CA GLN A 57 -6.49 -7.99 9.98
C GLN A 57 -4.97 -7.88 10.11
N TYR A 58 -4.27 -8.04 9.02
CA TYR A 58 -2.78 -7.93 9.09
C TYR A 58 -2.39 -6.45 9.17
N SER A 59 -3.32 -5.56 9.01
CA SER A 59 -3.00 -4.11 9.08
C SER A 59 -2.93 -3.66 10.54
N LYS A 60 -3.64 -4.34 11.41
CA LYS A 60 -3.60 -3.93 12.85
C LYS A 60 -2.41 -4.60 13.53
N VAL A 61 -2.01 -5.75 13.07
CA VAL A 61 -0.85 -6.45 13.69
C VAL A 61 0.44 -5.76 13.27
N LEU A 62 0.80 -5.85 12.01
CA LEU A 62 2.06 -5.18 11.55
C LEU A 62 2.03 -3.72 11.97
N ALA A 63 0.86 -3.15 12.11
CA ALA A 63 0.78 -1.72 12.53
C ALA A 63 1.57 -1.55 13.83
N LEU A 64 1.35 -2.44 14.78
CA LEU A 64 2.09 -2.36 16.07
C LEU A 64 3.52 -2.85 15.86
N TYR A 65 3.69 -3.83 15.03
CA TYR A 65 5.05 -4.37 14.77
C TYR A 65 6.00 -3.22 14.46
N ASN A 66 5.50 -2.18 13.86
CA ASN A 66 6.36 -1.02 13.52
C ASN A 66 6.26 0.01 14.64
N GLN A 67 5.06 0.32 15.03
CA GLN A 67 4.85 1.32 16.12
C GLN A 67 5.62 0.90 17.38
N HIS A 68 6.07 -0.32 17.41
CA HIS A 68 6.83 -0.79 18.60
C HIS A 68 8.32 -0.64 18.36
N ASN A 69 8.79 -0.97 17.18
CA ASN A 69 10.25 -0.85 16.89
C ASN A 69 10.49 0.41 16.03
N PRO A 70 11.25 1.33 16.57
CA PRO A 70 11.58 2.59 15.87
C PRO A 70 12.67 2.33 14.82
N GLY A 71 12.46 2.78 13.61
CA GLY A 71 13.47 2.57 12.55
C GLY A 71 13.03 1.41 11.65
N ALA A 72 11.99 0.71 12.04
CA ALA A 72 11.52 -0.43 11.21
C ALA A 72 10.67 0.12 10.07
N SER A 73 11.05 -0.22 8.87
CA SER A 73 10.29 0.28 7.69
C SER A 73 9.36 -0.82 7.16
N ALA A 74 8.93 -1.71 8.01
CA ALA A 74 8.03 -2.81 7.53
C ALA A 74 6.58 -2.46 7.88
N ALA A 75 6.32 -1.23 8.19
CA ALA A 75 4.93 -0.81 8.53
C ALA A 75 3.98 -1.27 7.40
N PRO A 76 2.74 -0.86 7.48
CA PRO A 76 1.74 -1.24 6.46
C PRO A 76 1.93 -0.38 5.22
N CYS A 77 0.95 -0.31 4.36
CA CYS A 77 1.12 0.51 3.14
C CYS A 77 -0.21 1.17 2.74
N CYS A 78 -0.42 2.39 3.15
CA CYS A 78 -1.67 3.09 2.76
C CYS A 78 -1.72 3.17 1.23
N VAL A 79 -2.88 3.02 0.63
CA VAL A 79 -2.94 3.05 -0.86
C VAL A 79 -4.21 3.76 -1.36
N PRO A 80 -4.19 4.15 -2.61
CA PRO A 80 -5.32 4.85 -3.25
C PRO A 80 -6.45 3.86 -3.57
N GLN A 81 -7.42 3.77 -2.71
CA GLN A 81 -8.56 2.83 -2.96
C GLN A 81 -9.32 3.29 -4.21
N ALA A 82 -10.00 4.40 -4.12
CA ALA A 82 -10.77 4.91 -5.30
C ALA A 82 -9.86 5.81 -6.13
N LEU A 83 -10.14 5.97 -7.39
CA LEU A 83 -9.29 6.84 -8.24
C LEU A 83 -10.17 7.70 -9.15
N GLU A 84 -9.56 8.32 -10.10
CA GLU A 84 -10.32 9.18 -11.05
C GLU A 84 -9.60 9.15 -12.40
N PRO A 85 -10.34 9.43 -13.44
CA PRO A 85 -9.80 9.44 -14.81
C PRO A 85 -8.93 10.68 -15.04
N LEU A 86 -8.68 11.02 -16.27
CA LEU A 86 -7.82 12.20 -16.56
C LEU A 86 -7.99 12.61 -18.03
N PRO A 87 -8.64 13.72 -18.27
CA PRO A 87 -8.86 14.23 -19.63
C PRO A 87 -7.56 14.83 -20.17
N ILE A 88 -6.93 14.14 -21.08
CA ILE A 88 -5.64 14.66 -21.62
C ILE A 88 -5.77 14.96 -23.11
N VAL A 89 -4.65 15.05 -23.76
CA VAL A 89 -4.61 15.31 -25.22
C VAL A 89 -3.21 14.97 -25.73
N TYR A 90 -3.08 13.95 -26.51
CA TYR A 90 -1.72 13.59 -27.02
C TYR A 90 -1.72 13.63 -28.54
N TYR A 91 -0.67 13.17 -29.16
CA TYR A 91 -0.61 13.21 -30.65
C TYR A 91 -0.22 11.84 -31.20
N VAL A 92 -0.92 11.38 -32.20
CA VAL A 92 -0.57 10.09 -32.83
C VAL A 92 0.00 10.38 -34.21
N GLY A 93 1.29 10.49 -34.30
CA GLY A 93 1.92 10.80 -35.62
C GLY A 93 1.74 12.30 -35.89
N ARG A 94 0.58 12.71 -36.33
CA ARG A 94 0.36 14.15 -36.61
C ARG A 94 -1.07 14.58 -36.27
N LYS A 95 -1.91 13.67 -35.85
CA LYS A 95 -3.30 14.07 -35.51
C LYS A 95 -3.45 14.21 -33.99
N PRO A 96 -4.07 15.28 -33.58
CA PRO A 96 -4.29 15.55 -32.14
C PRO A 96 -5.45 14.69 -31.62
N LYS A 97 -5.37 14.23 -30.40
CA LYS A 97 -6.47 13.39 -29.85
C LYS A 97 -6.67 13.70 -28.37
N VAL A 98 -7.90 13.69 -27.92
CA VAL A 98 -8.18 13.97 -26.49
C VAL A 98 -8.82 12.73 -25.85
N GLU A 99 -8.29 12.26 -24.75
CA GLU A 99 -8.90 11.05 -24.12
C GLU A 99 -9.15 11.31 -22.65
N GLN A 100 -9.29 10.25 -21.90
CA GLN A 100 -9.55 10.39 -20.44
C GLN A 100 -8.91 9.20 -19.71
N LEU A 101 -7.64 9.27 -19.45
CA LEU A 101 -6.97 8.14 -18.76
C LEU A 101 -7.84 7.67 -17.59
N SER A 102 -7.80 6.40 -17.32
CA SER A 102 -8.64 5.86 -16.20
C SER A 102 -7.79 5.63 -14.94
N ASN A 103 -8.34 5.92 -13.79
CA ASN A 103 -7.58 5.71 -12.53
C ASN A 103 -6.28 6.51 -12.57
N MET A 104 -6.28 7.62 -13.25
CA MET A 104 -5.04 8.44 -13.31
C MET A 104 -5.07 9.49 -12.21
N ILE A 105 -5.85 9.25 -11.18
CA ILE A 105 -5.94 10.22 -10.06
C ILE A 105 -6.38 9.49 -8.80
N VAL A 106 -6.26 10.11 -7.66
CA VAL A 106 -6.67 9.45 -6.39
C VAL A 106 -7.83 10.22 -5.78
N ARG A 107 -8.76 9.52 -5.18
CA ARG A 107 -9.92 10.22 -4.55
C ARG A 107 -10.17 9.65 -3.15
N SER A 108 -9.27 8.83 -2.67
CA SER A 108 -9.45 8.25 -1.31
C SER A 108 -8.48 7.08 -1.12
N CYS A 109 -7.64 7.15 -0.14
CA CYS A 109 -6.66 6.04 0.09
C CYS A 109 -7.22 5.04 1.11
N LYS A 110 -6.37 4.18 1.62
CA LYS A 110 -6.82 3.16 2.62
C LYS A 110 -5.58 2.50 3.20
N CYS A 111 -5.72 1.37 3.84
CA CYS A 111 -4.50 0.70 4.41
C CYS A 111 -4.51 -0.78 4.04
N SER A 112 -3.94 -1.11 2.90
CA SER A 112 -3.91 -2.54 2.50
C SER A 112 -2.65 -3.20 3.08
N ALA B 1 5.88 -13.53 -10.28
CA ALA B 1 4.76 -13.44 -9.29
C ALA B 1 5.22 -12.68 -8.06
N LEU B 2 4.32 -12.02 -7.39
CA LEU B 2 4.72 -11.26 -6.16
C LEU B 2 4.16 -11.96 -4.93
N ASP B 3 4.56 -13.18 -4.71
CA ASP B 3 4.06 -13.92 -3.52
C ASP B 3 5.21 -14.15 -2.54
N THR B 4 4.95 -14.83 -1.47
CA THR B 4 6.02 -15.09 -0.46
C THR B 4 6.86 -16.29 -0.91
N ASN B 5 6.68 -16.74 -2.13
CA ASN B 5 7.49 -17.88 -2.62
C ASN B 5 8.64 -17.33 -3.47
N TYR B 6 8.36 -16.38 -4.31
CA TYR B 6 9.41 -15.80 -5.17
C TYR B 6 10.04 -14.60 -4.44
N CYS B 7 9.36 -14.06 -3.47
CA CYS B 7 9.91 -12.89 -2.72
C CYS B 7 10.92 -13.37 -1.67
N PHE B 8 10.98 -14.66 -1.45
CA PHE B 8 11.95 -15.19 -0.45
C PHE B 8 13.32 -15.38 -1.10
N SER B 9 13.75 -14.44 -1.90
CA SER B 9 15.07 -14.57 -2.58
C SER B 9 16.06 -13.60 -1.93
N SER B 10 17.05 -13.17 -2.67
CA SER B 10 18.05 -12.21 -2.10
C SER B 10 18.15 -10.98 -3.00
N THR B 11 17.50 -11.00 -4.13
CA THR B 11 17.57 -9.84 -5.05
C THR B 11 16.17 -9.24 -5.21
N GLU B 12 15.99 -8.36 -6.17
CA GLU B 12 14.66 -7.75 -6.39
C GLU B 12 14.29 -6.89 -5.17
N LYS B 13 13.87 -5.67 -5.40
CA LYS B 13 13.51 -4.79 -4.26
C LYS B 13 12.18 -4.06 -4.55
N ASN B 14 11.42 -4.57 -5.48
CA ASN B 14 10.12 -3.91 -5.81
C ASN B 14 9.01 -4.48 -4.92
N CYS B 15 7.77 -4.29 -5.29
CA CYS B 15 6.65 -4.83 -4.48
C CYS B 15 6.84 -6.34 -4.29
N CYS B 16 7.54 -6.73 -3.27
CA CYS B 16 7.76 -8.20 -3.04
C CYS B 16 7.52 -8.51 -1.57
N VAL B 17 6.63 -9.41 -1.29
CA VAL B 17 6.34 -9.76 0.13
C VAL B 17 7.60 -10.34 0.79
N ARG B 18 8.18 -9.63 1.72
CA ARG B 18 9.41 -10.15 2.39
C ARG B 18 9.02 -10.87 3.68
N GLN B 19 9.87 -11.73 4.17
CA GLN B 19 9.55 -12.46 5.43
C GLN B 19 9.38 -11.46 6.57
N LEU B 20 8.51 -11.74 7.49
CA LEU B 20 8.29 -10.80 8.62
C LEU B 20 7.82 -11.55 9.85
N TYR B 21 8.43 -12.65 10.17
CA TYR B 21 7.98 -13.41 11.37
C TYR B 21 7.81 -12.42 12.52
N ILE B 22 6.73 -12.50 13.22
CA ILE B 22 6.51 -11.56 14.35
C ILE B 22 6.28 -12.36 15.64
N ASP B 23 7.13 -12.19 16.61
CA ASP B 23 6.94 -12.94 17.88
C ASP B 23 5.95 -12.17 18.73
N PHE B 24 4.70 -12.57 18.65
CA PHE B 24 3.60 -11.90 19.41
C PHE B 24 4.11 -10.98 20.53
N ARG B 25 4.92 -11.50 21.42
CA ARG B 25 5.41 -10.65 22.55
C ARG B 25 6.67 -9.87 22.17
N LYS B 26 7.57 -10.47 21.43
CA LYS B 26 8.83 -9.75 21.08
C LYS B 26 8.53 -8.53 20.21
N ASP B 27 7.78 -8.71 19.15
CA ASP B 27 7.50 -7.57 18.24
C ASP B 27 6.23 -6.81 18.65
N LEU B 28 5.11 -7.47 18.76
CA LEU B 28 3.86 -6.73 19.11
C LEU B 28 3.68 -6.67 20.62
N GLY B 29 4.37 -7.52 21.35
CA GLY B 29 4.19 -7.50 22.84
C GLY B 29 2.75 -7.89 23.19
N TRP B 30 2.02 -8.37 22.22
CA TRP B 30 0.60 -8.77 22.47
C TRP B 30 0.51 -9.57 23.77
N LYS B 31 -0.35 -9.16 24.66
CA LYS B 31 -0.49 -9.87 25.95
C LYS B 31 -1.80 -10.66 25.94
N TRP B 32 -2.65 -10.44 24.97
CA TRP B 32 -3.93 -11.18 24.93
C TRP B 32 -3.74 -12.51 24.21
N ILE B 33 -2.57 -12.78 23.72
CA ILE B 33 -2.34 -14.07 23.01
C ILE B 33 -1.16 -14.81 23.66
N HIS B 34 -1.34 -16.06 23.97
CA HIS B 34 -0.25 -16.84 24.60
C HIS B 34 0.52 -17.62 23.53
N GLU B 35 -0.17 -18.39 22.74
CA GLU B 35 0.52 -19.17 21.68
C GLU B 35 -0.16 -18.92 20.33
N PRO B 36 0.59 -19.15 19.27
CA PRO B 36 1.99 -19.60 19.35
C PRO B 36 2.92 -18.44 19.71
N LYS B 37 4.18 -18.72 19.92
CA LYS B 37 5.14 -17.65 20.26
C LYS B 37 5.05 -16.53 19.23
N GLY B 38 4.84 -16.88 18.00
CA GLY B 38 4.75 -15.84 16.93
C GLY B 38 4.07 -16.43 15.70
N TYR B 39 4.50 -16.05 14.53
CA TYR B 39 3.88 -16.58 13.28
C TYR B 39 4.53 -15.92 12.06
N HIS B 40 4.29 -16.45 10.90
CA HIS B 40 4.90 -15.85 9.67
C HIS B 40 4.00 -14.71 9.20
N ALA B 41 3.98 -13.61 9.92
CA ALA B 41 3.13 -12.47 9.51
C ALA B 41 3.49 -12.01 8.10
N ASN B 42 4.75 -11.96 7.77
CA ASN B 42 5.15 -11.53 6.40
C ASN B 42 4.71 -10.09 6.17
N PHE B 43 5.03 -9.54 5.04
CA PHE B 43 4.63 -8.14 4.73
C PHE B 43 5.18 -7.73 3.36
N CYS B 44 4.88 -6.55 2.91
CA CYS B 44 5.37 -6.13 1.56
C CYS B 44 6.21 -4.85 1.68
N LEU B 45 7.29 -4.77 0.95
CA LEU B 45 8.14 -3.55 0.99
C LEU B 45 8.53 -3.15 -0.43
N GLY B 46 9.40 -2.18 -0.56
CA GLY B 46 9.83 -1.75 -1.92
C GLY B 46 8.65 -1.07 -2.64
N PRO B 47 8.98 -0.18 -3.54
CA PRO B 47 7.98 0.57 -4.33
C PRO B 47 7.45 -0.31 -5.47
N CYS B 48 6.89 0.31 -6.47
CA CYS B 48 6.35 -0.49 -7.61
C CYS B 48 6.80 0.16 -8.93
N PRO B 49 7.38 -0.65 -9.80
CA PRO B 49 7.86 -0.17 -11.11
C PRO B 49 6.67 0.05 -12.06
N TYR B 50 6.95 0.24 -13.33
CA TYR B 50 5.83 0.49 -14.30
C TYR B 50 5.51 -0.80 -15.06
N ILE B 51 6.08 -1.91 -14.66
CA ILE B 51 5.80 -3.19 -15.38
C ILE B 51 5.38 -4.28 -14.39
N TRP B 52 5.53 -4.04 -13.12
CA TRP B 52 5.14 -5.06 -12.11
C TRP B 52 3.66 -5.42 -12.29
N SER B 53 3.05 -5.93 -11.26
CA SER B 53 1.60 -6.30 -11.37
C SER B 53 0.75 -5.06 -11.08
N LEU B 54 1.11 -3.93 -11.63
CA LEU B 54 0.32 -2.70 -11.37
C LEU B 54 -1.17 -3.01 -11.54
N ASP B 55 -1.97 -2.66 -10.56
CA ASP B 55 -3.43 -2.93 -10.65
C ASP B 55 -4.17 -1.67 -11.07
N THR B 56 -3.87 -0.56 -10.44
CA THR B 56 -4.57 0.72 -10.79
C THR B 56 -3.72 1.48 -11.81
N GLN B 57 -4.33 2.40 -12.53
CA GLN B 57 -3.56 3.19 -13.53
C GLN B 57 -2.70 4.24 -12.81
N TYR B 58 -3.02 4.54 -11.58
CA TYR B 58 -2.22 5.54 -10.83
C TYR B 58 -0.93 4.87 -10.34
N SER B 59 -0.83 3.58 -10.46
CA SER B 59 0.40 2.88 -9.98
C SER B 59 1.50 2.99 -11.04
N LYS B 60 1.14 3.14 -12.28
CA LYS B 60 2.18 3.26 -13.34
C LYS B 60 2.64 4.72 -13.44
N VAL B 61 1.77 5.64 -13.15
CA VAL B 61 2.15 7.07 -13.23
C VAL B 61 3.03 7.43 -12.02
N LEU B 62 2.48 7.44 -10.84
CA LEU B 62 3.31 7.78 -9.64
C LEU B 62 4.56 6.89 -9.63
N ALA B 63 4.48 5.73 -10.21
CA ALA B 63 5.67 4.85 -10.24
C ALA B 63 6.85 5.62 -10.85
N LEU B 64 6.61 6.27 -11.96
CA LEU B 64 7.69 7.06 -12.61
C LEU B 64 7.92 8.34 -11.82
N TYR B 65 6.86 8.90 -11.30
CA TYR B 65 6.99 10.16 -10.51
C TYR B 65 8.10 10.00 -9.46
N ASN B 66 8.28 8.81 -8.97
CA ASN B 66 9.34 8.57 -7.96
C ASN B 66 10.61 8.10 -8.66
N GLN B 67 10.47 7.14 -9.54
CA GLN B 67 11.64 6.61 -10.29
C GLN B 67 12.36 7.75 -11.01
N HIS B 68 11.73 8.88 -11.11
CA HIS B 68 12.37 10.03 -11.81
C HIS B 68 13.07 10.93 -10.78
N ASN B 69 12.43 11.17 -9.67
CA ASN B 69 13.07 12.05 -8.64
C ASN B 69 13.62 11.18 -7.50
N PRO B 70 14.92 11.25 -7.31
CA PRO B 70 15.60 10.48 -6.25
C PRO B 70 15.39 11.15 -4.89
N GLY B 71 14.98 10.40 -3.91
CA GLY B 71 14.76 11.00 -2.57
C GLY B 71 13.26 11.22 -2.35
N ALA B 72 12.48 11.06 -3.38
CA ALA B 72 11.01 11.25 -3.24
C ALA B 72 10.39 10.01 -2.61
N SER B 73 9.72 10.19 -1.53
CA SER B 73 9.08 9.03 -0.84
C SER B 73 7.60 8.98 -1.16
N ALA B 74 7.20 9.46 -2.30
CA ALA B 74 5.75 9.43 -2.66
C ALA B 74 5.48 8.25 -3.61
N ALA B 75 6.39 7.33 -3.68
CA ALA B 75 6.20 6.15 -4.58
C ALA B 75 4.86 5.50 -4.27
N PRO B 76 4.58 4.38 -4.89
CA PRO B 76 3.31 3.67 -4.67
C PRO B 76 3.36 2.92 -3.34
N CYS B 77 2.48 1.97 -3.14
CA CYS B 77 2.52 1.24 -1.85
C CYS B 77 2.15 -0.24 -2.04
N CYS B 78 3.12 -1.09 -2.18
CA CYS B 78 2.83 -2.53 -2.35
C CYS B 78 2.07 -3.01 -1.10
N VAL B 79 1.10 -3.88 -1.26
CA VAL B 79 0.31 -4.32 -0.07
C VAL B 79 -0.05 -5.81 -0.14
N PRO B 80 -0.41 -6.37 0.99
CA PRO B 80 -0.79 -7.79 1.09
C PRO B 80 -2.19 -8.02 0.52
N GLN B 81 -2.27 -8.44 -0.72
CA GLN B 81 -3.61 -8.68 -1.33
C GLN B 81 -4.30 -9.84 -0.60
N ALA B 82 -3.79 -11.03 -0.75
CA ALA B 82 -4.41 -12.19 -0.06
C ALA B 82 -3.77 -12.35 1.32
N LEU B 83 -4.46 -12.98 2.23
CA LEU B 83 -3.87 -13.16 3.59
C LEU B 83 -4.15 -14.58 4.09
N GLU B 84 -3.91 -14.80 5.34
CA GLU B 84 -4.16 -16.14 5.92
C GLU B 84 -4.53 -15.96 7.39
N PRO B 85 -5.23 -16.92 7.93
CA PRO B 85 -5.69 -16.88 9.33
C PRO B 85 -4.52 -17.16 10.28
N LEU B 86 -4.79 -17.50 11.50
CA LEU B 86 -3.69 -17.75 12.48
C LEU B 86 -4.26 -18.50 13.69
N PRO B 87 -3.91 -19.76 13.82
CA PRO B 87 -4.36 -20.59 14.94
C PRO B 87 -3.60 -20.20 16.21
N ILE B 88 -4.26 -19.53 17.12
CA ILE B 88 -3.56 -19.10 18.36
C ILE B 88 -4.18 -19.76 19.59
N VAL B 89 -3.91 -19.18 20.72
CA VAL B 89 -4.46 -19.70 22.00
C VAL B 89 -4.31 -18.62 23.06
N TYR B 90 -5.38 -18.04 23.51
CA TYR B 90 -5.27 -16.97 24.54
C TYR B 90 -6.03 -17.39 25.80
N TYR B 91 -6.18 -16.49 26.73
CA TYR B 91 -6.90 -16.84 27.98
C TYR B 91 -7.97 -15.80 28.31
N VAL B 92 -9.15 -16.25 28.64
CA VAL B 92 -10.23 -15.30 29.01
C VAL B 92 -10.46 -15.44 30.51
N GLY B 93 -9.83 -14.61 31.29
CA GLY B 93 -9.99 -14.72 32.76
C GLY B 93 -9.15 -15.90 33.26
N ARG B 94 -9.65 -17.11 33.13
CA ARG B 94 -8.87 -18.29 33.59
C ARG B 94 -9.08 -19.49 32.66
N LYS B 95 -9.91 -19.36 31.66
CA LYS B 95 -10.14 -20.51 30.74
C LYS B 95 -9.28 -20.33 29.48
N PRO B 96 -8.62 -21.40 29.09
CA PRO B 96 -7.77 -21.38 27.89
C PRO B 96 -8.65 -21.50 26.63
N LYS B 97 -8.29 -20.83 25.57
CA LYS B 97 -9.13 -20.91 24.33
C LYS B 97 -8.23 -20.90 23.09
N VAL B 98 -8.60 -21.63 22.09
CA VAL B 98 -7.79 -21.66 20.83
C VAL B 98 -8.64 -21.13 19.68
N GLU B 99 -8.16 -20.18 18.93
CA GLU B 99 -8.96 -19.65 17.80
C GLU B 99 -8.14 -19.63 16.52
N GLN B 100 -8.56 -18.84 15.58
CA GLN B 100 -7.83 -18.75 14.29
C GLN B 100 -7.99 -17.34 13.74
N LEU B 101 -7.21 -16.42 14.20
CA LEU B 101 -7.32 -15.03 13.70
C LEU B 101 -7.46 -15.04 12.18
N SER B 102 -8.20 -14.10 11.66
CA SER B 102 -8.41 -14.05 10.17
C SER B 102 -7.50 -12.99 9.54
N ASN B 103 -6.95 -13.28 8.39
CA ASN B 103 -6.07 -12.28 7.71
C ASN B 103 -4.91 -11.90 8.62
N MET B 104 -4.48 -12.81 9.44
CA MET B 104 -3.35 -12.50 10.35
C MET B 104 -2.05 -12.93 9.69
N ILE B 105 -2.06 -13.07 8.39
CA ILE B 105 -0.82 -13.49 7.67
C ILE B 105 -0.90 -12.99 6.23
N VAL B 106 0.19 -13.03 5.52
CA VAL B 106 0.19 -12.56 4.11
C VAL B 106 0.50 -13.74 3.18
N ARG B 107 -0.12 -13.80 2.04
CA ARG B 107 0.15 -14.92 1.10
C ARG B 107 0.36 -14.37 -0.32
N SER B 108 0.44 -13.07 -0.45
CA SER B 108 0.65 -12.47 -1.80
C SER B 108 0.38 -10.97 -1.74
N CYS B 109 1.35 -10.17 -2.09
CA CYS B 109 1.15 -8.69 -2.04
C CYS B 109 0.71 -8.15 -3.41
N LYS B 110 0.77 -6.86 -3.60
CA LYS B 110 0.36 -6.27 -4.90
C LYS B 110 0.78 -4.79 -4.90
N CYS B 111 0.25 -4.00 -5.77
CA CYS B 111 0.66 -2.55 -5.77
C CYS B 111 -0.59 -1.67 -5.83
N SER B 112 -1.15 -1.33 -4.70
CA SER B 112 -2.36 -0.46 -4.70
C SER B 112 -1.93 1.01 -4.69
N ALA A 1 -9.90 9.84 9.32
CA ALA A 1 -10.24 10.45 8.01
C ALA A 1 -8.96 10.71 7.22
N LEU A 2 -8.51 9.75 6.46
CA LEU A 2 -7.26 9.95 5.66
C LEU A 2 -7.63 10.21 4.20
N ASP A 3 -8.18 11.35 3.94
CA ASP A 3 -8.57 11.68 2.53
C ASP A 3 -7.82 12.92 2.07
N THR A 4 -8.14 13.42 0.91
CA THR A 4 -7.45 14.63 0.38
C THR A 4 -8.07 15.88 1.00
N ASN A 5 -8.93 15.72 1.97
CA ASN A 5 -9.55 16.91 2.62
C ASN A 5 -8.83 17.19 3.95
N TYR A 6 -8.62 16.18 4.75
CA TYR A 6 -7.93 16.38 6.05
C TYR A 6 -6.42 16.36 5.86
N CYS A 7 -5.94 15.84 4.76
CA CYS A 7 -4.47 15.80 4.54
C CYS A 7 -4.01 17.13 3.95
N PHE A 8 -4.93 17.95 3.50
CA PHE A 8 -4.54 19.26 2.92
C PHE A 8 -4.42 20.30 4.04
N SER A 9 -4.73 19.93 5.25
CA SER A 9 -4.63 20.90 6.37
C SER A 9 -3.38 20.60 7.19
N SER A 10 -3.26 19.41 7.72
CA SER A 10 -2.06 19.06 8.51
C SER A 10 -1.28 17.95 7.79
N THR A 11 -0.02 17.82 8.08
CA THR A 11 0.78 16.77 7.40
C THR A 11 0.90 15.55 8.31
N GLU A 12 0.79 15.76 9.59
CA GLU A 12 0.89 14.63 10.56
C GLU A 12 1.99 13.68 10.14
N LYS A 13 2.02 12.49 10.69
CA LYS A 13 3.08 11.51 10.32
C LYS A 13 2.45 10.13 10.11
N ASN A 14 1.27 10.09 9.55
CA ASN A 14 0.61 8.77 9.33
C ASN A 14 -0.01 8.72 7.93
N CYS A 15 -0.64 7.64 7.59
CA CYS A 15 -1.27 7.52 6.24
C CYS A 15 -2.03 8.81 5.91
N CYS A 16 -1.42 9.69 5.16
CA CYS A 16 -2.11 10.96 4.81
C CYS A 16 -1.89 11.26 3.32
N VAL A 17 -2.95 11.30 2.55
CA VAL A 17 -2.81 11.58 1.10
C VAL A 17 -2.18 12.96 0.89
N ARG A 18 -1.08 13.02 0.21
CA ARG A 18 -0.42 14.34 -0.02
C ARG A 18 -0.72 14.82 -1.45
N GLN A 19 -0.70 16.10 -1.68
CA GLN A 19 -0.97 16.62 -3.05
C GLN A 19 0.06 16.05 -4.03
N LEU A 20 -0.34 15.72 -5.21
CA LEU A 20 0.61 15.16 -6.20
C LEU A 20 0.13 15.42 -7.62
N TYR A 21 -0.27 16.63 -7.92
CA TYR A 21 -0.73 16.91 -9.31
C TYR A 21 0.30 16.33 -10.28
N ILE A 22 -0.14 15.78 -11.37
CA ILE A 22 0.83 15.20 -12.34
C ILE A 22 0.49 15.67 -13.76
N ASP A 23 1.35 16.42 -14.38
CA ASP A 23 1.07 16.88 -15.77
C ASP A 23 1.52 15.79 -16.72
N PHE A 24 0.57 14.99 -17.16
CA PHE A 24 0.85 13.85 -18.10
C PHE A 24 2.27 13.89 -18.67
N ARG A 25 2.62 14.94 -19.36
CA ARG A 25 3.98 15.02 -19.97
C ARG A 25 5.03 15.58 -18.99
N LYS A 26 4.68 16.55 -18.20
CA LYS A 26 5.68 17.14 -17.27
C LYS A 26 6.19 16.09 -16.28
N ASP A 27 5.29 15.35 -15.68
CA ASP A 27 5.70 14.35 -14.67
C ASP A 27 5.99 12.99 -15.32
N LEU A 28 5.01 12.37 -15.92
CA LEU A 28 5.25 11.03 -16.52
C LEU A 28 5.75 11.16 -17.96
N GLY A 29 5.64 12.32 -18.55
CA GLY A 29 6.11 12.47 -19.95
C GLY A 29 5.24 11.58 -20.86
N TRP A 30 4.15 11.07 -20.34
CA TRP A 30 3.28 10.19 -21.15
C TRP A 30 3.05 10.80 -22.54
N LYS A 31 3.37 10.08 -23.57
CA LYS A 31 3.19 10.61 -24.94
C LYS A 31 1.99 9.94 -25.60
N TRP A 32 1.48 8.90 -25.00
CA TRP A 32 0.30 8.21 -25.60
C TRP A 32 -0.98 8.90 -25.19
N ILE A 33 -0.87 10.05 -24.58
CA ILE A 33 -2.09 10.77 -24.13
C ILE A 33 -1.98 12.25 -24.50
N HIS A 34 -2.98 12.78 -25.15
CA HIS A 34 -2.95 14.22 -25.54
C HIS A 34 -3.67 15.04 -24.47
N GLU A 35 -4.89 14.70 -24.16
CA GLU A 35 -5.64 15.47 -23.12
C GLU A 35 -6.22 14.49 -22.09
N PRO A 36 -6.40 14.98 -20.88
CA PRO A 36 -6.08 16.38 -20.53
C PRO A 36 -4.57 16.57 -20.35
N LYS A 37 -4.12 17.78 -20.27
CA LYS A 37 -2.67 18.04 -20.09
C LYS A 37 -2.18 17.34 -18.82
N GLY A 38 -2.99 17.34 -17.80
CA GLY A 38 -2.59 16.67 -16.53
C GLY A 38 -3.83 16.43 -15.66
N TYR A 39 -3.64 16.11 -14.41
CA TYR A 39 -4.81 15.86 -13.53
C TYR A 39 -4.35 15.76 -12.08
N HIS A 40 -5.27 15.77 -11.15
CA HIS A 40 -4.88 15.67 -9.71
C HIS A 40 -4.71 14.20 -9.34
N ALA A 41 -3.57 13.63 -9.63
CA ALA A 41 -3.35 12.19 -9.30
C ALA A 41 -3.29 12.01 -7.78
N ASN A 42 -2.63 12.89 -7.09
CA ASN A 42 -2.55 12.76 -5.60
C ASN A 42 -1.81 11.47 -5.23
N PHE A 43 -1.68 11.19 -3.97
CA PHE A 43 -0.99 9.94 -3.54
C PHE A 43 -0.97 9.89 -2.02
N CYS A 44 -0.17 9.01 -1.44
CA CYS A 44 -0.15 8.93 0.05
C CYS A 44 1.28 8.71 0.55
N LEU A 45 1.53 9.08 1.78
CA LEU A 45 2.90 8.90 2.35
C LEU A 45 2.79 8.68 3.85
N GLY A 46 3.72 7.97 4.44
CA GLY A 46 3.66 7.74 5.91
C GLY A 46 3.14 6.32 6.19
N PRO A 47 3.45 5.82 7.36
CA PRO A 47 3.02 4.47 7.79
C PRO A 47 1.56 4.49 8.24
N CYS A 48 1.10 3.42 8.83
CA CYS A 48 -0.31 3.37 9.28
C CYS A 48 -0.41 2.54 10.57
N PRO A 49 -0.82 3.16 11.65
CA PRO A 49 -0.96 2.48 12.94
C PRO A 49 -2.22 1.61 12.92
N TYR A 50 -2.90 1.45 14.04
CA TYR A 50 -4.12 0.58 14.02
C TYR A 50 -5.37 1.41 13.71
N ILE A 51 -5.96 2.00 14.72
CA ILE A 51 -7.21 2.80 14.50
C ILE A 51 -7.12 3.61 13.20
N TRP A 52 -5.95 3.95 12.74
CA TRP A 52 -5.83 4.75 11.49
C TRP A 52 -6.47 4.00 10.32
N SER A 53 -7.75 4.19 10.11
CA SER A 53 -8.49 3.53 8.98
C SER A 53 -7.74 2.28 8.50
N LEU A 54 -8.05 1.14 9.04
CA LEU A 54 -7.36 -0.11 8.60
C LEU A 54 -8.15 -0.75 7.46
N ASP A 55 -7.49 -1.08 6.38
CA ASP A 55 -8.21 -1.70 5.23
C ASP A 55 -8.29 -3.22 5.41
N THR A 56 -7.16 -3.89 5.40
CA THR A 56 -7.19 -5.36 5.56
C THR A 56 -6.98 -5.72 7.04
N GLN A 57 -7.10 -6.97 7.37
CA GLN A 57 -6.90 -7.39 8.78
C GLN A 57 -5.42 -7.38 9.12
N TYR A 58 -4.59 -7.83 8.20
CA TYR A 58 -3.12 -7.83 8.46
C TYR A 58 -2.68 -6.40 8.77
N SER A 59 -3.28 -5.41 8.17
CA SER A 59 -2.88 -4.01 8.44
C SER A 59 -3.06 -3.72 9.93
N LYS A 60 -4.04 -4.32 10.55
CA LYS A 60 -4.26 -4.08 12.00
C LYS A 60 -3.17 -4.82 12.78
N VAL A 61 -2.77 -5.96 12.30
CA VAL A 61 -1.71 -6.74 13.00
C VAL A 61 -0.38 -6.01 12.83
N LEU A 62 0.24 -6.12 11.69
CA LEU A 62 1.54 -5.44 11.46
C LEU A 62 1.47 -4.02 12.03
N ALA A 63 0.32 -3.41 12.03
CA ALA A 63 0.20 -2.03 12.59
C ALA A 63 0.78 -2.00 13.99
N LEU A 64 0.32 -2.86 14.86
CA LEU A 64 0.85 -2.90 16.25
C LEU A 64 2.26 -3.49 16.21
N TYR A 65 2.49 -4.42 15.33
CA TYR A 65 3.83 -5.04 15.21
C TYR A 65 4.90 -3.95 15.17
N ASN A 66 4.57 -2.82 14.61
CA ASN A 66 5.56 -1.70 14.53
C ASN A 66 5.34 -0.76 15.70
N GLN A 67 4.12 -0.37 15.91
CA GLN A 67 3.79 0.56 17.04
C GLN A 67 4.35 0.00 18.35
N HIS A 68 4.70 -1.24 18.36
CA HIS A 68 5.26 -1.86 19.61
C HIS A 68 6.79 -1.73 19.59
N ASN A 69 7.39 -2.00 18.47
CA ASN A 69 8.88 -1.90 18.39
C ASN A 69 9.28 -0.61 17.66
N PRO A 70 9.81 0.34 18.41
CA PRO A 70 10.24 1.63 17.85
C PRO A 70 11.57 1.46 17.10
N GLY A 71 11.57 1.65 15.81
CA GLY A 71 12.83 1.50 15.04
C GLY A 71 12.66 0.38 14.00
N ALA A 72 11.50 -0.20 13.91
CA ALA A 72 11.27 -1.27 12.92
C ALA A 72 10.71 -0.66 11.64
N SER A 73 11.37 -0.86 10.55
CA SER A 73 10.90 -0.30 9.26
C SER A 73 10.04 -1.34 8.53
N ALA A 74 9.15 -1.98 9.22
CA ALA A 74 8.28 -2.99 8.56
C ALA A 74 6.81 -2.57 8.68
N ALA A 75 6.57 -1.34 9.06
CA ALA A 75 5.16 -0.88 9.20
C ALA A 75 4.40 -1.18 7.91
N PRO A 76 3.16 -0.77 7.86
CA PRO A 76 2.29 -1.01 6.68
C PRO A 76 2.63 -0.01 5.57
N CYS A 77 1.73 0.20 4.66
CA CYS A 77 2.01 1.15 3.56
C CYS A 77 0.73 1.88 3.15
N CYS A 78 0.53 3.07 3.63
CA CYS A 78 -0.70 3.84 3.25
C CYS A 78 -0.79 3.90 1.71
N VAL A 79 -1.95 3.74 1.15
CA VAL A 79 -2.06 3.77 -0.34
C VAL A 79 -3.40 4.41 -0.76
N PRO A 80 -3.64 4.45 -2.05
CA PRO A 80 -4.87 5.05 -2.61
C PRO A 80 -6.03 4.04 -2.51
N GLN A 81 -6.88 4.19 -1.54
CA GLN A 81 -8.02 3.25 -1.40
C GLN A 81 -9.05 3.50 -2.50
N ALA A 82 -9.75 4.60 -2.43
CA ALA A 82 -10.77 4.91 -3.47
C ALA A 82 -10.10 5.70 -4.60
N LEU A 83 -10.20 5.22 -5.82
CA LEU A 83 -9.59 5.95 -6.95
C LEU A 83 -10.67 6.54 -7.83
N GLU A 84 -10.31 6.98 -9.00
CA GLU A 84 -11.30 7.57 -9.92
C GLU A 84 -10.78 7.39 -11.36
N PRO A 85 -11.69 7.43 -12.30
CA PRO A 85 -11.35 7.26 -13.72
C PRO A 85 -10.70 8.53 -14.28
N LEU A 86 -10.59 8.64 -15.57
CA LEU A 86 -9.93 9.85 -16.15
C LEU A 86 -10.27 9.93 -17.65
N PRO A 87 -11.10 10.87 -18.01
CA PRO A 87 -11.50 11.08 -19.42
C PRO A 87 -10.37 11.74 -20.20
N ILE A 88 -9.72 11.00 -21.05
CA ILE A 88 -8.58 11.57 -21.81
C ILE A 88 -8.87 11.54 -23.31
N VAL A 89 -7.84 11.64 -24.08
CA VAL A 89 -7.96 11.60 -25.56
C VAL A 89 -6.58 11.32 -26.13
N TYR A 90 -6.38 10.16 -26.68
CA TYR A 90 -5.03 9.84 -27.23
C TYR A 90 -5.15 9.45 -28.70
N TYR A 91 -4.09 8.97 -29.28
CA TYR A 91 -4.14 8.59 -30.71
C TYR A 91 -3.54 7.20 -30.92
N VAL A 92 -4.24 6.35 -31.62
CA VAL A 92 -3.70 5.00 -31.89
C VAL A 92 -3.22 4.98 -33.34
N GLY A 93 -1.98 5.28 -33.55
CA GLY A 93 -1.45 5.32 -34.94
C GLY A 93 -1.89 6.64 -35.59
N ARG A 94 -3.12 6.71 -36.03
CA ARG A 94 -3.61 7.97 -36.66
C ARG A 94 -5.09 8.23 -36.33
N LYS A 95 -5.73 7.34 -35.62
CA LYS A 95 -7.16 7.56 -35.28
C LYS A 95 -7.26 8.11 -33.85
N PRO A 96 -8.04 9.15 -33.68
CA PRO A 96 -8.24 9.77 -32.37
C PRO A 96 -9.21 8.93 -31.52
N LYS A 97 -8.96 8.79 -30.25
CA LYS A 97 -9.88 7.97 -29.41
C LYS A 97 -9.98 8.56 -28.00
N VAL A 98 -11.15 8.93 -27.58
CA VAL A 98 -11.33 9.48 -26.21
C VAL A 98 -11.73 8.34 -25.27
N GLU A 99 -11.07 8.19 -24.15
CA GLU A 99 -11.45 7.09 -23.24
C GLU A 99 -11.61 7.61 -21.82
N GLN A 100 -11.57 6.73 -20.88
CA GLN A 100 -11.72 7.13 -19.46
C GLN A 100 -10.87 6.19 -18.60
N LEU A 101 -9.61 6.47 -18.50
CA LEU A 101 -8.72 5.58 -17.71
C LEU A 101 -9.42 5.22 -16.40
N SER A 102 -9.20 4.04 -15.93
CA SER A 102 -9.87 3.60 -14.67
C SER A 102 -8.91 3.70 -13.48
N ASN A 103 -9.42 4.09 -12.34
CA ASN A 103 -8.55 4.19 -11.13
C ASN A 103 -7.29 4.99 -11.45
N MET A 104 -7.39 5.96 -12.32
CA MET A 104 -6.19 6.77 -12.66
C MET A 104 -6.16 8.02 -11.77
N ILE A 105 -6.88 8.00 -10.68
CA ILE A 105 -6.88 9.19 -9.79
C ILE A 105 -7.04 8.75 -8.34
N VAL A 106 -6.73 9.61 -7.40
CA VAL A 106 -6.85 9.23 -5.98
C VAL A 106 -7.92 10.12 -5.32
N ARG A 107 -8.69 9.56 -4.42
CA ARG A 107 -9.74 10.36 -3.74
C ARG A 107 -9.80 9.97 -2.26
N SER A 108 -8.81 9.26 -1.79
CA SER A 108 -8.79 8.83 -0.37
C SER A 108 -7.78 7.69 -0.21
N CYS A 109 -6.90 7.79 0.74
CA CYS A 109 -5.89 6.71 0.92
C CYS A 109 -6.37 5.70 1.98
N LYS A 110 -5.50 4.82 2.41
CA LYS A 110 -5.90 3.82 3.43
C LYS A 110 -4.64 3.12 3.95
N CYS A 111 -4.71 1.83 4.18
CA CYS A 111 -3.50 1.12 4.69
C CYS A 111 -3.50 -0.32 4.18
N SER A 112 -2.94 -0.56 3.02
CA SER A 112 -2.92 -1.95 2.48
C SER A 112 -1.71 -2.69 3.05
N ALA B 1 7.12 -11.17 -10.31
CA ALA B 1 6.70 -12.15 -9.27
C ALA B 1 7.10 -11.61 -7.88
N LEU B 2 6.23 -10.85 -7.27
CA LEU B 2 6.54 -10.30 -5.92
C LEU B 2 5.80 -11.09 -4.85
N ASP B 3 6.20 -12.31 -4.63
CA ASP B 3 5.52 -13.14 -3.61
C ASP B 3 6.52 -13.54 -2.52
N THR B 4 6.10 -14.39 -1.62
CA THR B 4 7.01 -14.84 -0.53
C THR B 4 7.94 -15.94 -1.05
N ASN B 5 7.92 -16.20 -2.33
CA ASN B 5 8.81 -17.27 -2.88
C ASN B 5 10.04 -16.61 -3.53
N TYR B 6 9.83 -15.58 -4.31
CA TYR B 6 10.98 -14.92 -4.98
C TYR B 6 11.59 -13.88 -4.03
N CYS B 7 10.87 -13.47 -3.03
CA CYS B 7 11.43 -12.46 -2.08
C CYS B 7 12.29 -13.16 -1.03
N PHE B 8 12.20 -14.45 -0.94
CA PHE B 8 13.02 -15.19 0.07
C PHE B 8 14.39 -15.52 -0.52
N SER B 9 14.60 -15.19 -1.77
CA SER B 9 15.92 -15.48 -2.40
C SER B 9 16.73 -14.19 -2.47
N SER B 10 16.22 -13.19 -3.15
CA SER B 10 16.96 -11.91 -3.26
C SER B 10 16.18 -10.81 -2.54
N THR B 11 16.83 -9.76 -2.14
CA THR B 11 16.11 -8.66 -1.43
C THR B 11 15.78 -7.55 -2.42
N GLU B 12 16.54 -7.45 -3.46
CA GLU B 12 16.30 -6.39 -4.50
C GLU B 12 15.92 -5.08 -3.81
N LYS B 13 15.39 -4.15 -4.55
CA LYS B 13 15.00 -2.83 -3.94
C LYS B 13 13.61 -2.42 -4.43
N ASN B 14 12.74 -3.37 -4.61
CA ASN B 14 11.36 -3.02 -5.10
C ASN B 14 10.31 -3.78 -4.28
N CYS B 15 9.06 -3.60 -4.62
CA CYS B 15 7.97 -4.30 -3.87
C CYS B 15 8.35 -5.77 -3.67
N CYS B 16 8.88 -6.11 -2.53
CA CYS B 16 9.27 -7.53 -2.27
C CYS B 16 8.81 -7.95 -0.88
N VAL B 17 7.93 -8.91 -0.79
CA VAL B 17 7.44 -9.36 0.54
C VAL B 17 8.61 -9.87 1.38
N ARG B 18 8.83 -9.29 2.53
CA ARG B 18 9.95 -9.76 3.39
C ARG B 18 9.41 -10.64 4.52
N GLN B 19 10.20 -11.53 5.03
CA GLN B 19 9.72 -12.42 6.14
C GLN B 19 9.31 -11.55 7.33
N LEU B 20 8.25 -11.92 8.01
CA LEU B 20 7.80 -11.11 9.17
C LEU B 20 7.03 -11.99 10.15
N TYR B 21 7.53 -13.14 10.49
CA TYR B 21 6.78 -14.00 11.44
C TYR B 21 6.37 -13.14 12.63
N ILE B 22 5.19 -13.36 13.16
CA ILE B 22 4.74 -12.54 14.31
C ILE B 22 4.17 -13.44 15.40
N ASP B 23 4.79 -13.48 16.54
CA ASP B 23 4.26 -14.32 17.64
C ASP B 23 3.19 -13.52 18.39
N PHE B 24 1.96 -13.78 18.05
CA PHE B 24 0.79 -13.06 18.67
C PHE B 24 1.20 -12.22 19.89
N ARG B 25 1.76 -12.84 20.90
CA ARG B 25 2.13 -12.08 22.12
C ARG B 25 3.53 -11.47 22.02
N LYS B 26 4.47 -12.16 21.43
CA LYS B 26 5.85 -11.60 21.35
C LYS B 26 5.87 -10.30 20.54
N ASP B 27 5.24 -10.31 19.40
CA ASP B 27 5.25 -9.10 18.54
C ASP B 27 4.08 -8.16 18.86
N LEU B 28 2.86 -8.60 18.70
CA LEU B 28 1.72 -7.68 18.98
C LEU B 28 1.29 -7.79 20.44
N GLY B 29 1.75 -8.77 21.16
CA GLY B 29 1.35 -8.89 22.58
C GLY B 29 -0.16 -9.13 22.65
N TRP B 30 -0.77 -9.44 21.53
CA TRP B 30 -2.25 -9.68 21.52
C TRP B 30 -2.63 -10.60 22.68
N LYS B 31 -3.52 -10.15 23.51
CA LYS B 31 -3.94 -10.97 24.67
C LYS B 31 -5.34 -11.55 24.41
N TRP B 32 -6.01 -11.09 23.39
CA TRP B 32 -7.37 -11.61 23.11
C TRP B 32 -7.26 -12.88 22.27
N ILE B 33 -6.09 -13.40 22.12
CA ILE B 33 -5.94 -14.63 21.31
C ILE B 33 -5.03 -15.63 22.04
N HIS B 34 -5.47 -16.85 22.17
CA HIS B 34 -4.64 -17.87 22.86
C HIS B 34 -3.84 -18.65 21.83
N GLU B 35 -4.50 -19.21 20.84
CA GLU B 35 -3.77 -19.99 19.80
C GLU B 35 -4.19 -19.49 18.42
N PRO B 36 -3.31 -19.65 17.46
CA PRO B 36 -1.98 -20.26 17.69
C PRO B 36 -1.04 -19.26 18.36
N LYS B 37 0.08 -19.72 18.85
CA LYS B 37 1.04 -18.82 19.51
C LYS B 37 1.44 -17.69 18.55
N GLY B 38 1.59 -18.02 17.31
CA GLY B 38 1.97 -16.97 16.31
C GLY B 38 1.65 -17.47 14.89
N TYR B 39 2.17 -16.81 13.90
CA TYR B 39 1.89 -17.26 12.50
C TYR B 39 2.79 -16.49 11.53
N HIS B 40 2.87 -16.92 10.29
CA HIS B 40 3.72 -16.22 9.30
C HIS B 40 2.96 -15.04 8.72
N ALA B 41 2.93 -13.93 9.40
CA ALA B 41 2.19 -12.74 8.90
C ALA B 41 2.88 -12.21 7.63
N ASN B 42 4.19 -12.14 7.63
CA ASN B 42 4.91 -11.63 6.44
C ASN B 42 4.54 -10.17 6.20
N PHE B 43 5.07 -9.57 5.16
CA PHE B 43 4.74 -8.15 4.86
C PHE B 43 5.50 -7.71 3.61
N CYS B 44 5.56 -6.43 3.34
CA CYS B 44 6.29 -5.99 2.12
C CYS B 44 7.08 -4.71 2.41
N LEU B 45 8.09 -4.46 1.63
CA LEU B 45 8.92 -3.23 1.83
C LEU B 45 9.49 -2.78 0.47
N GLY B 46 9.73 -1.51 0.32
CA GLY B 46 10.31 -1.03 -0.98
C GLY B 46 9.20 -0.40 -1.82
N PRO B 47 9.60 0.44 -2.75
CA PRO B 47 8.68 1.14 -3.65
C PRO B 47 8.22 0.21 -4.79
N CYS B 48 7.55 0.73 -5.77
CA CYS B 48 7.08 -0.12 -6.90
C CYS B 48 7.12 0.69 -8.20
N PRO B 49 7.93 0.25 -9.13
CA PRO B 49 8.05 0.92 -10.44
C PRO B 49 6.83 0.59 -11.30
N TYR B 50 6.96 0.49 -12.59
CA TYR B 50 5.77 0.20 -13.44
C TYR B 50 5.59 -1.30 -13.64
N ILE B 51 6.26 -1.86 -14.60
CA ILE B 51 6.11 -3.33 -14.88
C ILE B 51 6.05 -4.13 -13.57
N TRP B 52 6.61 -3.63 -12.51
CA TRP B 52 6.58 -4.40 -11.22
C TRP B 52 5.13 -4.64 -10.78
N SER B 53 4.55 -5.73 -11.24
CA SER B 53 3.14 -6.09 -10.86
C SER B 53 2.36 -4.87 -10.40
N LEU B 54 1.69 -4.19 -11.28
CA LEU B 54 0.91 -2.99 -10.88
C LEU B 54 -0.52 -3.41 -10.52
N ASP B 55 -1.00 -2.99 -9.39
CA ASP B 55 -2.38 -3.38 -8.97
C ASP B 55 -3.39 -2.38 -9.54
N THR B 56 -3.34 -1.15 -9.11
CA THR B 56 -4.31 -0.14 -9.61
C THR B 56 -3.69 0.61 -10.79
N GLN B 57 -4.48 1.42 -11.47
CA GLN B 57 -3.93 2.19 -12.61
C GLN B 57 -3.05 3.33 -12.10
N TYR B 58 -3.45 3.97 -11.04
CA TYR B 58 -2.62 5.08 -10.49
C TYR B 58 -1.23 4.52 -10.16
N SER B 59 -1.15 3.30 -9.72
CA SER B 59 0.18 2.71 -9.39
C SER B 59 1.07 2.78 -10.63
N LYS B 60 0.51 2.62 -11.79
CA LYS B 60 1.34 2.68 -13.03
C LYS B 60 1.74 4.13 -13.28
N VAL B 61 0.87 5.05 -12.97
CA VAL B 61 1.19 6.48 -13.18
C VAL B 61 2.26 6.92 -12.16
N LEU B 62 1.87 7.14 -10.94
CA LEU B 62 2.86 7.56 -9.90
C LEU B 62 4.13 6.71 -10.05
N ALA B 63 4.01 5.50 -10.51
CA ALA B 63 5.23 4.64 -10.67
C ALA B 63 6.25 5.39 -11.51
N LEU B 64 5.88 5.83 -12.67
CA LEU B 64 6.83 6.58 -13.54
C LEU B 64 7.06 7.96 -12.91
N TYR B 65 6.06 8.51 -12.32
CA TYR B 65 6.19 9.85 -11.68
C TYR B 65 7.45 9.87 -10.81
N ASN B 66 7.80 8.76 -10.23
CA ASN B 66 9.02 8.70 -9.39
C ASN B 66 10.20 8.22 -10.22
N GLN B 67 10.00 7.13 -10.93
CA GLN B 67 11.09 6.58 -11.79
C GLN B 67 11.64 7.67 -12.70
N HIS B 68 10.93 8.75 -12.84
CA HIS B 68 11.41 9.86 -13.72
C HIS B 68 12.22 10.85 -12.88
N ASN B 69 11.74 11.18 -11.72
CA ASN B 69 12.47 12.14 -10.85
C ASN B 69 13.20 11.39 -9.74
N PRO B 70 14.51 11.33 -9.82
CA PRO B 70 15.34 10.64 -8.82
C PRO B 70 15.47 11.50 -7.56
N GLY B 71 14.92 11.06 -6.47
CA GLY B 71 15.01 11.86 -5.21
C GLY B 71 13.61 12.21 -4.72
N ALA B 72 12.59 11.75 -5.41
CA ALA B 72 11.21 12.06 -4.97
C ALA B 72 10.71 10.94 -4.08
N SER B 73 10.32 11.27 -2.89
CA SER B 73 9.82 10.23 -1.94
C SER B 73 8.29 10.13 -2.05
N ALA B 74 7.77 10.10 -3.24
CA ALA B 74 6.29 9.98 -3.41
C ALA B 74 5.96 8.70 -4.17
N ALA B 75 6.90 7.81 -4.31
CA ALA B 75 6.64 6.53 -5.03
C ALA B 75 5.39 5.88 -4.46
N PRO B 76 5.06 4.71 -4.95
CA PRO B 76 3.87 3.96 -4.50
C PRO B 76 4.17 3.27 -3.18
N CYS B 77 3.40 2.27 -2.85
CA CYS B 77 3.63 1.55 -1.57
C CYS B 77 3.32 0.07 -1.72
N CYS B 78 4.32 -0.75 -1.92
CA CYS B 78 4.09 -2.22 -2.05
C CYS B 78 3.29 -2.69 -0.83
N VAL B 79 2.32 -3.56 -1.02
CA VAL B 79 1.51 -4.03 0.14
C VAL B 79 1.11 -5.50 -0.04
N PRO B 80 0.36 -6.03 0.89
CA PRO B 80 -0.09 -7.43 0.85
C PRO B 80 -1.31 -7.57 -0.08
N GLN B 81 -1.11 -8.02 -1.27
CA GLN B 81 -2.24 -8.17 -2.23
C GLN B 81 -3.13 -9.34 -1.79
N ALA B 82 -2.64 -10.55 -1.95
CA ALA B 82 -3.45 -11.73 -1.55
C ALA B 82 -3.17 -12.07 -0.08
N LEU B 83 -4.18 -12.13 0.73
CA LEU B 83 -3.96 -12.46 2.17
C LEU B 83 -4.52 -13.84 2.46
N GLU B 84 -4.65 -14.16 3.71
CA GLU B 84 -5.19 -15.48 4.11
C GLU B 84 -5.81 -15.36 5.50
N PRO B 85 -6.72 -16.25 5.81
CA PRO B 85 -7.41 -16.26 7.10
C PRO B 85 -6.49 -16.76 8.21
N LEU B 86 -7.03 -17.09 9.35
CA LEU B 86 -6.17 -17.57 10.46
C LEU B 86 -7.05 -18.23 11.54
N PRO B 87 -6.97 -19.53 11.64
CA PRO B 87 -7.74 -20.31 12.63
C PRO B 87 -7.13 -20.13 14.01
N ILE B 88 -7.80 -19.41 14.86
CA ILE B 88 -7.25 -19.18 16.23
C ILE B 88 -8.20 -19.73 17.28
N VAL B 89 -8.03 -19.26 18.48
CA VAL B 89 -8.89 -19.69 19.61
C VAL B 89 -8.73 -18.67 20.73
N TYR B 90 -9.73 -17.89 20.99
CA TYR B 90 -9.60 -16.87 22.06
C TYR B 90 -10.71 -17.06 23.10
N TYR B 91 -10.84 -16.14 24.01
CA TYR B 91 -11.89 -16.28 25.06
C TYR B 91 -12.69 -14.99 25.19
N VAL B 92 -13.99 -15.09 25.18
CA VAL B 92 -14.84 -13.90 25.35
C VAL B 92 -15.37 -13.90 26.77
N GLY B 93 -14.67 -13.27 27.68
CA GLY B 93 -15.12 -13.28 29.09
C GLY B 93 -14.74 -14.63 29.72
N ARG B 94 -15.49 -15.66 29.46
CA ARG B 94 -15.17 -16.98 30.04
C ARG B 94 -15.51 -18.12 29.06
N LYS B 95 -16.08 -17.81 27.92
CA LYS B 95 -16.43 -18.88 26.95
C LYS B 95 -15.35 -18.95 25.87
N PRO B 96 -14.89 -20.15 25.59
CA PRO B 96 -13.85 -20.37 24.57
C PRO B 96 -14.47 -20.31 23.17
N LYS B 97 -13.79 -19.71 22.23
CA LYS B 97 -14.37 -19.62 20.85
C LYS B 97 -13.26 -19.72 19.79
N VAL B 98 -13.35 -20.69 18.92
CA VAL B 98 -12.32 -20.83 17.86
C VAL B 98 -12.84 -20.13 16.60
N GLU B 99 -12.05 -19.29 15.99
CA GLU B 99 -12.54 -18.59 14.78
C GLU B 99 -11.50 -18.70 13.66
N GLN B 100 -11.62 -17.85 12.69
CA GLN B 100 -10.67 -17.87 11.56
C GLN B 100 -10.48 -16.44 11.07
N LEU B 101 -9.63 -15.70 11.71
CA LEU B 101 -9.41 -14.29 11.31
C LEU B 101 -9.33 -14.21 9.78
N SER B 102 -9.81 -13.15 9.22
CA SER B 102 -9.79 -13.02 7.73
C SER B 102 -8.64 -12.12 7.29
N ASN B 103 -8.01 -12.45 6.20
CA ASN B 103 -6.89 -11.60 5.68
C ASN B 103 -5.90 -11.32 6.80
N MET B 104 -5.71 -12.24 7.69
CA MET B 104 -4.74 -12.02 8.80
C MET B 104 -3.38 -12.60 8.40
N ILE B 105 -3.16 -12.83 7.14
CA ILE B 105 -1.85 -13.39 6.70
C ILE B 105 -1.49 -12.84 5.33
N VAL B 106 -0.25 -12.96 4.95
CA VAL B 106 0.17 -12.44 3.62
C VAL B 106 0.64 -13.61 2.74
N ARG B 107 0.34 -13.56 1.47
CA ARG B 107 0.76 -14.68 0.57
C ARG B 107 1.21 -14.09 -0.77
N SER B 108 1.43 -12.80 -0.81
CA SER B 108 1.87 -12.15 -2.07
C SER B 108 1.63 -10.64 -1.97
N CYS B 109 2.62 -9.85 -2.24
CA CYS B 109 2.43 -8.36 -2.14
C CYS B 109 2.05 -7.78 -3.50
N LYS B 110 2.06 -6.47 -3.62
CA LYS B 110 1.69 -5.84 -4.92
C LYS B 110 2.06 -4.35 -4.86
N CYS B 111 1.24 -3.49 -5.40
CA CYS B 111 1.58 -2.04 -5.37
C CYS B 111 0.29 -1.22 -5.31
N SER B 112 -0.22 -0.96 -4.14
CA SER B 112 -1.47 -0.15 -4.04
C SER B 112 -1.12 1.33 -4.05
N ALA A 1 -9.50 10.57 10.05
CA ALA A 1 -9.79 10.99 8.65
C ALA A 1 -8.49 10.99 7.84
N LEU A 2 -8.44 10.23 6.78
CA LEU A 2 -7.21 10.19 5.95
C LEU A 2 -7.55 10.49 4.49
N ASP A 3 -8.26 11.56 4.26
CA ASP A 3 -8.63 11.92 2.87
C ASP A 3 -7.79 13.12 2.41
N THR A 4 -8.03 13.58 1.22
CA THR A 4 -7.26 14.74 0.69
C THR A 4 -7.84 16.05 1.25
N ASN A 5 -8.71 15.97 2.21
CA ASN A 5 -9.28 17.21 2.80
C ASN A 5 -8.55 17.53 4.10
N TYR A 6 -8.40 16.54 4.95
CA TYR A 6 -7.69 16.76 6.24
C TYR A 6 -6.18 16.57 6.04
N CYS A 7 -5.80 15.90 4.99
CA CYS A 7 -4.34 15.67 4.74
C CYS A 7 -3.73 16.92 4.10
N PHE A 8 -4.54 17.84 3.67
CA PHE A 8 -4.02 19.09 3.05
C PHE A 8 -3.63 20.10 4.13
N SER A 9 -3.00 19.64 5.19
CA SER A 9 -2.60 20.58 6.27
C SER A 9 -1.09 20.47 6.49
N SER A 10 -0.64 20.65 7.71
CA SER A 10 0.82 20.55 7.98
C SER A 10 1.06 19.64 9.19
N THR A 11 0.02 19.10 9.76
CA THR A 11 0.19 18.20 10.93
C THR A 11 0.00 16.74 10.51
N GLU A 12 0.06 15.83 11.44
CA GLU A 12 -0.12 14.40 11.09
C GLU A 12 0.97 13.97 10.10
N LYS A 13 1.80 13.04 10.49
CA LYS A 13 2.89 12.59 9.58
C LYS A 13 2.74 11.09 9.30
N ASN A 14 1.54 10.58 9.41
CA ASN A 14 1.33 9.12 9.16
C ASN A 14 0.63 8.94 7.80
N CYS A 15 -0.07 7.85 7.63
CA CYS A 15 -0.76 7.61 6.33
C CYS A 15 -1.62 8.84 5.99
N CYS A 16 -1.06 9.79 5.29
CA CYS A 16 -1.85 10.99 4.93
C CYS A 16 -1.67 11.29 3.43
N VAL A 17 -2.74 11.28 2.70
CA VAL A 17 -2.64 11.57 1.24
C VAL A 17 -1.96 12.93 1.05
N ARG A 18 -1.46 13.21 -0.13
CA ARG A 18 -0.78 14.52 -0.36
C ARG A 18 -1.05 14.97 -1.80
N GLN A 19 -1.10 16.25 -2.03
CA GLN A 19 -1.36 16.74 -3.42
C GLN A 19 -0.29 16.19 -4.36
N LEU A 20 -0.70 15.68 -5.49
CA LEU A 20 0.30 15.14 -6.45
C LEU A 20 -0.19 15.35 -7.88
N TYR A 21 -0.58 16.55 -8.23
CA TYR A 21 -1.05 16.78 -9.62
C TYR A 21 -0.03 16.18 -10.58
N ILE A 22 -0.47 15.50 -11.60
CA ILE A 22 0.50 14.89 -12.55
C ILE A 22 0.13 15.31 -13.98
N ASP A 23 1.00 16.04 -14.63
CA ASP A 23 0.71 16.46 -16.02
C ASP A 23 1.13 15.33 -16.94
N PHE A 24 0.17 14.52 -17.33
CA PHE A 24 0.42 13.34 -18.22
C PHE A 24 1.81 13.35 -18.84
N ARG A 25 2.15 14.39 -19.57
CA ARG A 25 3.48 14.42 -20.24
C ARG A 25 4.56 15.04 -19.35
N LYS A 26 4.23 16.04 -18.58
CA LYS A 26 5.28 16.68 -17.72
C LYS A 26 5.85 15.66 -16.73
N ASP A 27 4.99 14.95 -16.06
CA ASP A 27 5.47 13.97 -15.04
C ASP A 27 5.70 12.59 -15.67
N LEU A 28 4.69 11.98 -16.23
CA LEU A 28 4.88 10.62 -16.82
C LEU A 28 5.33 10.72 -18.28
N GLY A 29 5.23 11.86 -18.88
CA GLY A 29 5.66 11.96 -20.31
C GLY A 29 4.79 11.03 -21.15
N TRP A 30 3.70 10.55 -20.59
CA TRP A 30 2.81 9.63 -21.34
C TRP A 30 2.60 10.12 -22.77
N LYS A 31 2.76 9.26 -23.72
CA LYS A 31 2.57 9.65 -25.13
C LYS A 31 1.34 8.97 -25.70
N TRP A 32 0.78 8.03 -24.99
CA TRP A 32 -0.41 7.32 -25.50
C TRP A 32 -1.68 8.08 -25.12
N ILE A 33 -1.55 9.14 -24.38
CA ILE A 33 -2.76 9.92 -23.98
C ILE A 33 -2.61 11.37 -24.44
N HIS A 34 -3.64 11.90 -25.05
CA HIS A 34 -3.59 13.30 -25.53
C HIS A 34 -4.26 14.22 -24.48
N GLU A 35 -5.46 13.88 -24.08
CA GLU A 35 -6.15 14.72 -23.06
C GLU A 35 -6.64 13.82 -21.92
N PRO A 36 -6.78 14.40 -20.76
CA PRO A 36 -6.49 15.82 -20.53
C PRO A 36 -4.98 16.05 -20.40
N LYS A 37 -4.57 17.27 -20.26
CA LYS A 37 -3.12 17.55 -20.13
C LYS A 37 -2.60 16.91 -18.84
N GLY A 38 -3.42 16.90 -17.83
CA GLY A 38 -2.99 16.30 -16.52
C GLY A 38 -4.22 16.05 -15.65
N TYR A 39 -4.02 15.79 -14.39
CA TYR A 39 -5.20 15.54 -13.49
C TYR A 39 -4.72 15.47 -12.04
N HIS A 40 -5.63 15.50 -11.11
CA HIS A 40 -5.23 15.43 -9.67
C HIS A 40 -5.01 13.97 -9.29
N ALA A 41 -3.86 13.43 -9.58
CA ALA A 41 -3.58 12.01 -9.24
C ALA A 41 -3.52 11.83 -7.73
N ASN A 42 -2.89 12.75 -7.03
CA ASN A 42 -2.81 12.62 -5.55
C ASN A 42 -2.02 11.37 -5.19
N PHE A 43 -1.81 11.12 -3.92
CA PHE A 43 -1.05 9.92 -3.51
C PHE A 43 -0.94 9.86 -1.98
N CYS A 44 -0.10 9.02 -1.46
CA CYS A 44 0.00 8.93 0.03
C CYS A 44 1.47 8.73 0.44
N LEU A 45 1.82 9.12 1.63
CA LEU A 45 3.23 8.95 2.09
C LEU A 45 3.24 8.64 3.59
N GLY A 46 4.23 7.91 4.04
CA GLY A 46 4.31 7.58 5.49
C GLY A 46 3.39 6.39 5.80
N PRO A 47 3.82 5.57 6.74
CA PRO A 47 3.07 4.39 7.17
C PRO A 47 1.92 4.79 8.10
N CYS A 48 1.26 3.82 8.69
CA CYS A 48 0.14 4.16 9.62
C CYS A 48 0.08 3.15 10.77
N PRO A 49 -0.40 3.62 11.89
CA PRO A 49 -0.55 2.79 13.10
C PRO A 49 -1.77 1.86 12.93
N TYR A 50 -2.58 1.66 13.95
CA TYR A 50 -3.75 0.75 13.80
C TYR A 50 -5.01 1.56 13.49
N ILE A 51 -5.69 2.03 14.49
CA ILE A 51 -6.95 2.81 14.28
C ILE A 51 -6.83 3.71 13.05
N TRP A 52 -5.64 4.13 12.70
CA TRP A 52 -5.49 5.01 11.51
C TRP A 52 -6.06 4.33 10.26
N SER A 53 -7.33 4.52 10.01
CA SER A 53 -8.00 3.93 8.81
C SER A 53 -7.33 2.60 8.41
N LEU A 54 -7.89 1.49 8.83
CA LEU A 54 -7.29 0.18 8.46
C LEU A 54 -8.11 -0.43 7.31
N ASP A 55 -7.45 -0.87 6.27
CA ASP A 55 -8.18 -1.47 5.13
C ASP A 55 -8.23 -3.00 5.27
N THR A 56 -7.10 -3.64 5.24
CA THR A 56 -7.09 -5.13 5.38
C THR A 56 -6.87 -5.51 6.85
N GLN A 57 -7.21 -6.72 7.20
CA GLN A 57 -7.03 -7.15 8.61
C GLN A 57 -5.53 -7.18 8.94
N TYR A 58 -4.71 -7.59 8.02
CA TYR A 58 -3.24 -7.63 8.28
C TYR A 58 -2.73 -6.20 8.48
N SER A 59 -3.55 -5.22 8.19
CA SER A 59 -3.09 -3.81 8.37
C SER A 59 -3.06 -3.46 9.86
N LYS A 60 -4.02 -3.90 10.61
CA LYS A 60 -4.03 -3.61 12.06
C LYS A 60 -3.07 -4.55 12.79
N VAL A 61 -2.84 -5.71 12.25
CA VAL A 61 -1.91 -6.67 12.89
C VAL A 61 -0.47 -6.18 12.72
N LEU A 62 -0.12 -5.78 11.53
CA LEU A 62 1.26 -5.28 11.28
C LEU A 62 1.39 -3.86 11.82
N ALA A 63 0.31 -3.11 11.84
CA ALA A 63 0.38 -1.72 12.37
C ALA A 63 0.88 -1.78 13.82
N LEU A 64 0.30 -2.65 14.61
CA LEU A 64 0.76 -2.78 16.03
C LEU A 64 2.11 -3.48 16.03
N TYR A 65 2.24 -4.48 15.21
CA TYR A 65 3.53 -5.23 15.14
C TYR A 65 4.70 -4.25 15.15
N ASN A 66 4.64 -3.24 14.33
CA ASN A 66 5.73 -2.23 14.28
C ASN A 66 5.65 -1.33 15.52
N GLN A 67 4.47 -0.82 15.80
CA GLN A 67 4.29 0.06 16.98
C GLN A 67 4.71 -0.67 18.26
N HIS A 68 4.93 -1.94 18.17
CA HIS A 68 5.33 -2.72 19.38
C HIS A 68 6.84 -2.96 19.36
N ASN A 69 7.40 -3.20 18.21
CA ASN A 69 8.86 -3.45 18.13
C ASN A 69 9.60 -2.14 17.82
N PRO A 70 10.46 -1.73 18.72
CA PRO A 70 11.24 -0.49 18.57
C PRO A 70 12.41 -0.73 17.60
N GLY A 71 12.43 -0.04 16.49
CA GLY A 71 13.54 -0.23 15.52
C GLY A 71 13.05 -1.12 14.37
N ALA A 72 11.75 -1.28 14.24
CA ALA A 72 11.22 -2.13 13.15
C ALA A 72 10.53 -1.24 12.12
N SER A 73 10.88 -1.40 10.88
CA SER A 73 10.25 -0.57 9.81
C SER A 73 9.31 -1.44 8.98
N ALA A 74 8.81 -2.49 9.55
CA ALA A 74 7.89 -3.38 8.78
C ALA A 74 6.46 -2.85 8.86
N ALA A 75 6.29 -1.62 9.25
CA ALA A 75 4.92 -1.04 9.35
C ALA A 75 4.18 -1.30 8.03
N PRO A 76 2.95 -0.83 7.95
CA PRO A 76 2.12 -1.02 6.75
C PRO A 76 2.55 -0.05 5.66
N CYS A 77 1.73 0.12 4.65
CA CYS A 77 2.09 1.07 3.56
C CYS A 77 0.86 1.87 3.15
N CYS A 78 0.73 3.06 3.64
CA CYS A 78 -0.44 3.91 3.28
C CYS A 78 -0.58 3.95 1.74
N VAL A 79 -1.77 3.77 1.23
CA VAL A 79 -1.96 3.78 -0.26
C VAL A 79 -3.32 4.42 -0.60
N PRO A 80 -3.66 4.46 -1.86
CA PRO A 80 -4.93 5.04 -2.31
C PRO A 80 -6.07 4.04 -2.11
N GLN A 81 -6.82 4.19 -1.06
CA GLN A 81 -7.94 3.25 -0.79
C GLN A 81 -8.98 3.35 -1.89
N ALA A 82 -9.71 4.43 -1.94
CA ALA A 82 -10.75 4.58 -3.00
C ALA A 82 -10.19 5.43 -4.14
N LEU A 83 -9.99 4.85 -5.29
CA LEU A 83 -9.46 5.62 -6.43
C LEU A 83 -10.61 6.19 -7.23
N GLU A 84 -10.31 6.66 -8.41
CA GLU A 84 -11.38 7.23 -9.28
C GLU A 84 -10.97 7.02 -10.74
N PRO A 85 -11.92 7.10 -11.62
CA PRO A 85 -11.67 6.90 -13.05
C PRO A 85 -10.97 8.13 -13.65
N LEU A 86 -10.93 8.24 -14.94
CA LEU A 86 -10.23 9.39 -15.57
C LEU A 86 -10.64 9.50 -17.05
N PRO A 87 -11.39 10.53 -17.37
CA PRO A 87 -11.85 10.78 -18.74
C PRO A 87 -10.70 11.34 -19.59
N ILE A 88 -10.22 10.57 -20.52
CA ILE A 88 -9.09 11.04 -21.36
C ILE A 88 -9.46 10.98 -22.83
N VAL A 89 -8.46 11.00 -23.66
CA VAL A 89 -8.66 10.92 -25.13
C VAL A 89 -7.32 10.58 -25.77
N TYR A 90 -7.18 9.39 -26.27
CA TYR A 90 -5.89 9.03 -26.91
C TYR A 90 -6.12 8.65 -28.37
N TYR A 91 -5.11 8.17 -29.04
CA TYR A 91 -5.26 7.79 -30.46
C TYR A 91 -4.75 6.39 -30.71
N VAL A 92 -5.54 5.57 -31.36
CA VAL A 92 -5.09 4.19 -31.69
C VAL A 92 -4.75 4.17 -33.18
N GLY A 93 -3.51 4.40 -33.52
CA GLY A 93 -3.13 4.42 -34.95
C GLY A 93 -3.58 5.75 -35.55
N ARG A 94 -4.84 5.87 -35.89
CA ARG A 94 -5.35 7.13 -36.49
C ARG A 94 -6.77 7.44 -36.01
N LYS A 95 -7.35 6.59 -35.23
CA LYS A 95 -8.74 6.84 -34.75
C LYS A 95 -8.70 7.40 -33.31
N PRO A 96 -9.38 8.49 -33.09
CA PRO A 96 -9.44 9.12 -31.77
C PRO A 96 -10.43 8.35 -30.87
N LYS A 97 -10.08 8.09 -29.64
CA LYS A 97 -11.00 7.34 -28.76
C LYS A 97 -10.97 7.92 -27.34
N VAL A 98 -12.07 8.46 -26.89
CA VAL A 98 -12.11 9.01 -25.50
C VAL A 98 -12.53 7.90 -24.55
N GLU A 99 -11.80 7.69 -23.48
CA GLU A 99 -12.19 6.60 -22.56
C GLU A 99 -12.26 7.14 -21.13
N GLN A 100 -12.22 6.26 -20.18
CA GLN A 100 -12.28 6.66 -18.76
C GLN A 100 -11.40 5.72 -17.95
N LEU A 101 -10.13 5.97 -17.89
CA LEU A 101 -9.23 5.08 -17.13
C LEU A 101 -9.87 4.72 -15.80
N SER A 102 -9.64 3.54 -15.33
CA SER A 102 -10.25 3.10 -14.04
C SER A 102 -9.23 3.21 -12.90
N ASN A 103 -9.62 3.77 -11.79
CA ASN A 103 -8.68 3.89 -10.65
C ASN A 103 -7.46 4.70 -11.07
N MET A 104 -7.64 5.64 -11.96
CA MET A 104 -6.50 6.46 -12.42
C MET A 104 -6.45 7.73 -11.58
N ILE A 105 -7.08 7.73 -10.44
CA ILE A 105 -7.07 8.93 -9.57
C ILE A 105 -7.17 8.50 -8.10
N VAL A 106 -6.86 9.37 -7.20
CA VAL A 106 -6.93 9.01 -5.76
C VAL A 106 -7.98 9.87 -5.06
N ARG A 107 -8.80 9.28 -4.24
CA ARG A 107 -9.85 10.07 -3.53
C ARG A 107 -9.58 9.98 -2.02
N SER A 108 -8.83 9.00 -1.60
CA SER A 108 -8.53 8.86 -0.15
C SER A 108 -7.49 7.76 0.03
N CYS A 109 -6.69 7.84 1.05
CA CYS A 109 -5.64 6.79 1.26
C CYS A 109 -6.10 5.80 2.34
N LYS A 110 -5.25 4.88 2.71
CA LYS A 110 -5.62 3.88 3.75
C LYS A 110 -4.37 3.11 4.18
N CYS A 111 -4.45 1.81 4.33
CA CYS A 111 -3.24 1.05 4.75
C CYS A 111 -3.32 -0.38 4.21
N SER A 112 -2.79 -0.61 3.04
CA SER A 112 -2.83 -1.99 2.47
C SER A 112 -1.65 -2.80 3.02
N ALA B 1 8.23 -11.22 -10.51
CA ALA B 1 7.64 -12.03 -9.40
C ALA B 1 7.83 -11.30 -8.07
N LEU B 2 6.77 -11.05 -7.36
CA LEU B 2 6.89 -10.34 -6.06
C LEU B 2 6.19 -11.15 -4.97
N ASP B 3 6.49 -12.41 -4.88
CA ASP B 3 5.83 -13.27 -3.85
C ASP B 3 6.84 -13.57 -2.74
N THR B 4 6.43 -14.35 -1.77
CA THR B 4 7.35 -14.69 -0.66
C THR B 4 8.30 -15.83 -1.08
N ASN B 5 8.33 -16.15 -2.34
CA ASN B 5 9.25 -17.23 -2.80
C ASN B 5 10.49 -16.59 -3.41
N TYR B 6 10.32 -15.62 -4.27
CA TYR B 6 11.48 -14.94 -4.89
C TYR B 6 11.95 -13.80 -3.99
N CYS B 7 11.11 -13.34 -3.10
CA CYS B 7 11.51 -12.22 -2.20
C CYS B 7 12.35 -12.77 -1.05
N PHE B 8 12.39 -14.07 -0.89
CA PHE B 8 13.20 -14.67 0.21
C PHE B 8 14.67 -14.79 -0.22
N SER B 9 15.20 -13.78 -0.86
CA SER B 9 16.62 -13.84 -1.30
C SER B 9 17.37 -12.65 -0.73
N SER B 10 18.34 -12.13 -1.44
CA SER B 10 19.11 -10.96 -0.93
C SER B 10 19.20 -9.89 -2.01
N THR B 11 18.62 -10.13 -3.16
CA THR B 11 18.68 -9.12 -4.26
C THR B 11 17.33 -8.40 -4.37
N GLU B 12 17.21 -7.53 -5.33
CA GLU B 12 15.92 -6.80 -5.50
C GLU B 12 15.62 -5.99 -4.23
N LYS B 13 15.56 -4.69 -4.36
CA LYS B 13 15.27 -3.84 -3.15
C LYS B 13 13.99 -3.04 -3.39
N ASN B 14 13.12 -3.53 -4.23
CA ASN B 14 11.85 -2.79 -4.50
C ASN B 14 10.69 -3.50 -3.80
N CYS B 15 9.50 -3.31 -4.29
CA CYS B 15 8.32 -3.98 -3.65
C CYS B 15 8.61 -5.47 -3.52
N CYS B 16 9.17 -5.88 -2.42
CA CYS B 16 9.46 -7.33 -2.23
C CYS B 16 8.98 -7.77 -0.85
N VAL B 17 8.09 -8.71 -0.80
CA VAL B 17 7.58 -9.20 0.52
C VAL B 17 8.78 -9.65 1.37
N ARG B 18 8.60 -9.78 2.66
CA ARG B 18 9.71 -10.22 3.53
C ARG B 18 9.16 -11.06 4.67
N GLN B 19 9.92 -12.00 5.16
CA GLN B 19 9.42 -12.85 6.27
C GLN B 19 9.05 -11.98 7.46
N LEU B 20 7.91 -12.21 8.06
CA LEU B 20 7.49 -11.39 9.21
C LEU B 20 6.66 -12.23 10.18
N TYR B 21 7.14 -13.38 10.55
CA TYR B 21 6.36 -14.22 11.50
C TYR B 21 5.92 -13.34 12.67
N ILE B 22 4.70 -13.46 13.09
CA ILE B 22 4.23 -12.62 14.23
C ILE B 22 3.61 -13.50 15.30
N ASP B 23 4.20 -13.53 16.47
CA ASP B 23 3.63 -14.36 17.56
C ASP B 23 2.54 -13.55 18.25
N PHE B 24 1.32 -13.79 17.86
CA PHE B 24 0.13 -13.05 18.42
C PHE B 24 0.48 -12.24 19.67
N ARG B 25 0.99 -12.87 20.68
CA ARG B 25 1.31 -12.12 21.94
C ARG B 25 2.71 -11.54 21.93
N LYS B 26 3.68 -12.24 21.38
CA LYS B 26 5.07 -11.69 21.39
C LYS B 26 5.13 -10.37 20.62
N ASP B 27 4.57 -10.34 19.45
CA ASP B 27 4.63 -9.11 18.62
C ASP B 27 3.44 -8.19 18.91
N LEU B 28 2.24 -8.64 18.68
CA LEU B 28 1.05 -7.76 18.92
C LEU B 28 0.57 -7.87 20.36
N GLY B 29 1.02 -8.84 21.10
CA GLY B 29 0.55 -8.97 22.51
C GLY B 29 -0.96 -9.16 22.51
N TRP B 30 -1.52 -9.49 21.37
CA TRP B 30 -2.99 -9.70 21.27
C TRP B 30 -3.48 -10.53 22.46
N LYS B 31 -4.52 -10.09 23.10
CA LYS B 31 -5.06 -10.83 24.26
C LYS B 31 -6.44 -11.40 23.90
N TRP B 32 -7.00 -11.00 22.79
CA TRP B 32 -8.33 -11.51 22.40
C TRP B 32 -8.19 -12.81 21.62
N ILE B 33 -6.99 -13.23 21.36
CA ILE B 33 -6.80 -14.50 20.59
C ILE B 33 -5.94 -15.47 21.41
N HIS B 34 -6.38 -16.70 21.51
CA HIS B 34 -5.60 -17.72 22.27
C HIS B 34 -4.73 -18.52 21.31
N GLU B 35 -5.32 -19.06 20.28
CA GLU B 35 -4.53 -19.84 19.29
C GLU B 35 -4.80 -19.32 17.88
N PRO B 36 -3.85 -19.50 17.00
CA PRO B 36 -2.58 -20.18 17.32
C PRO B 36 -1.64 -19.21 18.06
N LYS B 37 -0.51 -19.70 18.48
CA LYS B 37 0.45 -18.82 19.19
C LYS B 37 0.91 -17.71 18.26
N GLY B 38 1.05 -18.03 17.00
CA GLY B 38 1.49 -17.01 16.01
C GLY B 38 1.19 -17.50 14.59
N TYR B 39 1.75 -16.87 13.60
CA TYR B 39 1.49 -17.30 12.20
C TYR B 39 2.43 -16.56 11.25
N HIS B 40 2.51 -16.99 10.01
CA HIS B 40 3.40 -16.30 9.04
C HIS B 40 2.66 -15.08 8.47
N ALA B 41 2.68 -13.99 9.18
CA ALA B 41 1.98 -12.77 8.68
C ALA B 41 2.67 -12.24 7.43
N ASN B 42 3.98 -12.22 7.42
CA ASN B 42 4.70 -11.71 6.23
C ASN B 42 4.38 -10.23 6.02
N PHE B 43 4.98 -9.60 5.04
CA PHE B 43 4.68 -8.16 4.80
C PHE B 43 5.49 -7.67 3.60
N CYS B 44 5.57 -6.38 3.39
CA CYS B 44 6.33 -5.88 2.21
C CYS B 44 7.09 -4.61 2.59
N LEU B 45 8.16 -4.32 1.89
CA LEU B 45 8.94 -3.09 2.21
C LEU B 45 9.52 -2.50 0.92
N GLY B 46 9.70 -1.21 0.89
CA GLY B 46 10.26 -0.56 -0.34
C GLY B 46 9.14 -0.35 -1.37
N PRO B 47 9.25 0.72 -2.11
CA PRO B 47 8.27 1.08 -3.15
C PRO B 47 8.51 0.23 -4.42
N CYS B 48 7.82 0.54 -5.49
CA CYS B 48 8.00 -0.25 -6.74
C CYS B 48 7.87 0.66 -7.96
N PRO B 49 8.56 0.29 -9.01
CA PRO B 49 8.53 1.04 -10.29
C PRO B 49 7.21 0.75 -11.02
N TYR B 50 7.22 0.56 -12.31
CA TYR B 50 5.93 0.28 -13.03
C TYR B 50 5.75 -1.22 -13.23
N ILE B 51 6.29 -1.75 -14.29
CA ILE B 51 6.14 -3.22 -14.57
C ILE B 51 6.18 -4.04 -13.28
N TRP B 52 6.86 -3.56 -12.27
CA TRP B 52 6.93 -4.33 -10.99
C TRP B 52 5.53 -4.60 -10.44
N SER B 53 4.93 -5.69 -10.85
CA SER B 53 3.56 -6.06 -10.37
C SER B 53 2.73 -4.81 -10.03
N LEU B 54 1.90 -4.39 -10.94
CA LEU B 54 1.06 -3.18 -10.66
C LEU B 54 -0.36 -3.64 -10.32
N ASP B 55 -0.90 -3.15 -9.22
CA ASP B 55 -2.27 -3.57 -8.83
C ASP B 55 -3.30 -2.56 -9.35
N THR B 56 -3.23 -1.34 -8.91
CA THR B 56 -4.21 -0.32 -9.39
C THR B 56 -3.62 0.45 -10.56
N GLN B 57 -4.45 1.11 -11.33
CA GLN B 57 -3.93 1.88 -12.50
C GLN B 57 -3.07 3.04 -12.00
N TYR B 58 -3.46 3.66 -10.91
CA TYR B 58 -2.65 4.79 -10.38
C TYR B 58 -1.29 4.26 -9.92
N SER B 59 -1.13 2.97 -9.87
CA SER B 59 0.18 2.41 -9.41
C SER B 59 1.22 2.58 -10.53
N LYS B 60 0.83 2.37 -11.75
CA LYS B 60 1.80 2.53 -12.87
C LYS B 60 1.97 4.01 -13.20
N VAL B 61 0.97 4.81 -12.91
CA VAL B 61 1.06 6.27 -13.19
C VAL B 61 2.02 6.91 -12.18
N LEU B 62 1.84 6.60 -10.92
CA LEU B 62 2.72 7.19 -9.88
C LEU B 62 4.08 6.47 -9.90
N ALA B 63 4.10 5.23 -10.29
CA ALA B 63 5.40 4.49 -10.34
C ALA B 63 6.35 5.25 -11.27
N LEU B 64 5.88 5.62 -12.43
CA LEU B 64 6.73 6.38 -13.39
C LEU B 64 6.87 7.80 -12.87
N TYR B 65 5.80 8.35 -12.38
CA TYR B 65 5.83 9.74 -11.84
C TYR B 65 7.10 9.92 -10.98
N ASN B 66 7.36 9.00 -10.11
CA ASN B 66 8.57 9.10 -9.24
C ASN B 66 9.80 8.76 -10.06
N GLN B 67 9.75 7.67 -10.76
CA GLN B 67 10.91 7.25 -11.61
C GLN B 67 11.26 8.34 -12.61
N HIS B 68 10.42 9.31 -12.75
CA HIS B 68 10.68 10.41 -13.72
C HIS B 68 11.22 11.64 -12.98
N ASN B 69 10.72 11.91 -11.81
CA ASN B 69 11.19 13.09 -11.04
C ASN B 69 12.31 12.67 -10.08
N PRO B 70 13.47 13.24 -10.26
CA PRO B 70 14.64 12.94 -9.41
C PRO B 70 14.53 13.68 -8.08
N GLY B 71 14.45 12.97 -6.99
CA GLY B 71 14.32 13.63 -5.67
C GLY B 71 12.87 13.58 -5.21
N ALA B 72 12.07 12.74 -5.82
CA ALA B 72 10.65 12.64 -5.44
C ALA B 72 10.42 11.31 -4.73
N SER B 73 9.82 11.35 -3.57
CA SER B 73 9.56 10.09 -2.82
C SER B 73 8.07 9.79 -2.84
N ALA B 74 7.37 10.27 -3.84
CA ALA B 74 5.90 10.01 -3.91
C ALA B 74 5.64 8.66 -4.59
N ALA B 75 6.65 7.84 -4.69
CA ALA B 75 6.45 6.50 -5.34
C ALA B 75 5.23 5.82 -4.72
N PRO B 76 4.93 4.63 -5.18
CA PRO B 76 3.78 3.86 -4.67
C PRO B 76 4.10 3.24 -3.31
N CYS B 77 3.32 2.30 -2.88
CA CYS B 77 3.59 1.67 -1.56
C CYS B 77 3.36 0.16 -1.67
N CYS B 78 4.40 -0.60 -1.83
CA CYS B 78 4.24 -2.08 -1.94
C CYS B 78 3.41 -2.59 -0.74
N VAL B 79 2.45 -3.44 -0.99
CA VAL B 79 1.60 -3.96 0.12
C VAL B 79 1.23 -5.42 -0.15
N PRO B 80 0.44 -6.01 0.72
CA PRO B 80 0.01 -7.41 0.58
C PRO B 80 -1.13 -7.51 -0.44
N GLN B 81 -0.83 -7.86 -1.65
CA GLN B 81 -1.89 -7.98 -2.69
C GLN B 81 -2.90 -9.07 -2.30
N ALA B 82 -2.50 -10.31 -2.38
CA ALA B 82 -3.43 -11.42 -2.02
C ALA B 82 -3.16 -11.86 -0.59
N LEU B 83 -4.08 -11.62 0.31
CA LEU B 83 -3.87 -12.03 1.71
C LEU B 83 -4.44 -13.44 1.92
N GLU B 84 -4.57 -13.83 3.14
CA GLU B 84 -5.12 -15.18 3.45
C GLU B 84 -5.84 -15.10 4.79
N PRO B 85 -6.70 -16.05 5.04
CA PRO B 85 -7.47 -16.11 6.29
C PRO B 85 -6.58 -16.56 7.45
N LEU B 86 -7.16 -16.93 8.55
CA LEU B 86 -6.33 -17.35 9.72
C LEU B 86 -7.22 -18.09 10.74
N PRO B 87 -7.01 -19.37 10.87
CA PRO B 87 -7.77 -20.22 11.81
C PRO B 87 -7.27 -19.98 13.23
N ILE B 88 -8.07 -19.37 14.06
CA ILE B 88 -7.64 -19.09 15.44
C ILE B 88 -8.63 -19.68 16.44
N VAL B 89 -8.57 -19.19 17.65
CA VAL B 89 -9.49 -19.65 18.71
C VAL B 89 -9.44 -18.62 19.85
N TYR B 90 -10.47 -17.87 20.03
CA TYR B 90 -10.45 -16.87 21.13
C TYR B 90 -11.59 -17.15 22.11
N TYR B 91 -11.80 -16.28 23.06
CA TYR B 91 -12.88 -16.51 24.05
C TYR B 91 -13.77 -15.27 24.17
N VAL B 92 -15.05 -15.46 24.09
CA VAL B 92 -15.99 -14.32 24.24
C VAL B 92 -16.63 -14.43 25.62
N GLY B 93 -16.05 -13.79 26.59
CA GLY B 93 -16.61 -13.90 27.97
C GLY B 93 -16.20 -15.25 28.56
N ARG B 94 -16.89 -16.29 28.21
CA ARG B 94 -16.54 -17.65 28.75
C ARG B 94 -16.74 -18.73 27.70
N LYS B 95 -17.22 -18.39 26.54
CA LYS B 95 -17.44 -19.42 25.49
C LYS B 95 -16.29 -19.39 24.48
N PRO B 96 -15.72 -20.55 24.22
CA PRO B 96 -14.61 -20.67 23.27
C PRO B 96 -15.16 -20.64 21.84
N LYS B 97 -14.53 -19.91 20.95
CA LYS B 97 -15.03 -19.86 19.55
C LYS B 97 -13.87 -19.85 18.56
N VAL B 98 -13.77 -20.88 17.75
CA VAL B 98 -12.68 -20.92 16.74
C VAL B 98 -13.16 -20.25 15.46
N GLU B 99 -12.42 -19.33 14.93
CA GLU B 99 -12.89 -18.66 13.68
C GLU B 99 -11.79 -18.69 12.63
N GLN B 100 -11.91 -17.85 11.64
CA GLN B 100 -10.91 -17.80 10.56
C GLN B 100 -10.74 -16.36 10.12
N LEU B 101 -9.92 -15.61 10.80
CA LEU B 101 -9.73 -14.19 10.43
C LEU B 101 -9.60 -14.08 8.91
N SER B 102 -10.08 -13.01 8.36
CA SER B 102 -10.01 -12.84 6.87
C SER B 102 -8.86 -11.90 6.50
N ASN B 103 -8.06 -12.28 5.53
CA ASN B 103 -6.93 -11.40 5.12
C ASN B 103 -6.00 -11.17 6.31
N MET B 104 -5.89 -12.14 7.17
CA MET B 104 -5.00 -11.98 8.35
C MET B 104 -3.63 -12.57 8.01
N ILE B 105 -3.35 -12.74 6.75
CA ILE B 105 -2.03 -13.30 6.35
C ILE B 105 -1.62 -12.72 5.00
N VAL B 106 -0.37 -12.85 4.64
CA VAL B 106 0.08 -12.31 3.35
C VAL B 106 0.56 -13.45 2.44
N ARG B 107 0.18 -13.43 1.20
CA ARG B 107 0.61 -14.51 0.27
C ARG B 107 1.45 -13.89 -0.85
N SER B 108 1.34 -12.61 -1.04
CA SER B 108 2.14 -11.93 -2.11
C SER B 108 1.95 -10.42 -1.98
N CYS B 109 2.92 -9.65 -2.38
CA CYS B 109 2.78 -8.17 -2.28
C CYS B 109 2.42 -7.57 -3.65
N LYS B 110 2.36 -6.26 -3.73
CA LYS B 110 2.01 -5.62 -5.02
C LYS B 110 2.30 -4.11 -4.92
N CYS B 111 1.41 -3.28 -5.41
CA CYS B 111 1.66 -1.81 -5.32
C CYS B 111 0.33 -1.06 -5.27
N SER B 112 -0.19 -0.82 -4.10
CA SER B 112 -1.48 -0.09 -4.00
C SER B 112 -1.22 1.42 -4.04
N ALA A 1 -11.22 9.63 8.71
CA ALA A 1 -11.32 10.42 7.45
C ALA A 1 -9.95 10.48 6.78
N LEU A 2 -9.71 9.66 5.80
CA LEU A 2 -8.40 9.68 5.10
C LEU A 2 -8.59 10.03 3.64
N ASP A 3 -9.24 11.13 3.37
CA ASP A 3 -9.47 11.54 1.95
C ASP A 3 -8.58 12.74 1.61
N THR A 4 -8.68 13.22 0.41
CA THR A 4 -7.84 14.39 0.01
C THR A 4 -8.45 15.68 0.56
N ASN A 5 -9.49 15.57 1.35
CA ASN A 5 -10.12 16.79 1.93
C ASN A 5 -9.54 17.02 3.34
N TYR A 6 -9.46 15.99 4.13
CA TYR A 6 -8.91 16.13 5.49
C TYR A 6 -7.40 15.96 5.46
N CYS A 7 -6.87 15.38 4.41
CA CYS A 7 -5.40 15.17 4.33
C CYS A 7 -4.73 16.45 3.82
N PHE A 8 -5.50 17.38 3.33
CA PHE A 8 -4.91 18.66 2.84
C PHE A 8 -4.71 19.63 4.00
N SER A 9 -4.23 19.14 5.11
CA SER A 9 -4.01 20.04 6.28
C SER A 9 -2.51 20.20 6.52
N SER A 10 -2.12 20.48 7.74
CA SER A 10 -0.67 20.64 8.04
C SER A 10 -0.27 19.70 9.17
N THR A 11 -1.22 19.03 9.76
CA THR A 11 -0.89 18.09 10.88
C THR A 11 -1.14 16.66 10.42
N GLU A 12 -0.85 15.70 11.26
CA GLU A 12 -1.07 14.27 10.89
C GLU A 12 -0.14 13.90 9.74
N LYS A 13 0.56 12.79 9.87
CA LYS A 13 1.48 12.37 8.77
C LYS A 13 1.31 10.87 8.51
N ASN A 14 0.33 10.26 9.12
CA ASN A 14 0.11 8.80 8.90
C ASN A 14 -0.54 8.59 7.54
N CYS A 15 -1.17 7.46 7.34
CA CYS A 15 -1.83 7.19 6.03
C CYS A 15 -2.72 8.38 5.66
N CYS A 16 -2.20 9.34 4.97
CA CYS A 16 -3.02 10.52 4.58
C CYS A 16 -2.72 10.88 3.13
N VAL A 17 -3.72 10.89 2.30
CA VAL A 17 -3.48 11.23 0.87
C VAL A 17 -2.96 12.67 0.76
N ARG A 18 -1.72 12.82 0.37
CA ARG A 18 -1.15 14.19 0.25
C ARG A 18 -1.28 14.68 -1.19
N GLN A 19 -1.14 15.97 -1.41
CA GLN A 19 -1.25 16.51 -2.79
C GLN A 19 -0.10 15.97 -3.64
N LEU A 20 -0.36 15.66 -4.87
CA LEU A 20 0.73 15.12 -5.73
C LEU A 20 0.50 15.54 -7.18
N TYR A 21 0.19 16.78 -7.43
CA TYR A 21 -0.02 17.20 -8.84
C TYR A 21 1.11 16.64 -9.70
N ILE A 22 0.79 16.09 -10.83
CA ILE A 22 1.86 15.52 -11.69
C ILE A 22 1.79 16.19 -13.07
N ASP A 23 2.81 16.90 -13.44
CA ASP A 23 2.81 17.56 -14.78
C ASP A 23 3.28 16.53 -15.81
N PHE A 24 2.33 15.86 -16.40
CA PHE A 24 2.63 14.81 -17.43
C PHE A 24 4.08 14.83 -17.90
N ARG A 25 4.55 15.94 -18.41
CA ARG A 25 5.94 16.00 -18.93
C ARG A 25 6.95 16.32 -17.83
N LYS A 26 6.63 17.21 -16.92
CA LYS A 26 7.61 17.57 -15.87
C LYS A 26 7.93 16.36 -14.98
N ASP A 27 6.92 15.68 -14.51
CA ASP A 27 7.14 14.53 -13.60
C ASP A 27 7.31 13.22 -14.39
N LEU A 28 6.34 12.82 -15.15
CA LEU A 28 6.46 11.53 -15.88
C LEU A 28 7.12 11.74 -17.25
N GLY A 29 7.18 12.95 -17.73
CA GLY A 29 7.79 13.18 -19.06
C GLY A 29 6.96 12.43 -20.11
N TRP A 30 5.78 12.00 -19.75
CA TRP A 30 4.92 11.25 -20.70
C TRP A 30 4.92 11.95 -22.06
N LYS A 31 5.24 11.23 -23.10
CA LYS A 31 5.28 11.82 -24.46
C LYS A 31 4.06 11.36 -25.25
N TRP A 32 3.33 10.39 -24.75
CA TRP A 32 2.15 9.90 -25.50
C TRP A 32 0.92 10.74 -25.15
N ILE A 33 1.07 11.69 -24.26
CA ILE A 33 -0.09 12.53 -23.89
C ILE A 33 0.27 14.01 -24.10
N HIS A 34 -0.57 14.74 -24.77
CA HIS A 34 -0.29 16.18 -25.03
C HIS A 34 -0.97 17.03 -23.95
N GLU A 35 -2.22 16.77 -23.69
CA GLU A 35 -2.94 17.57 -22.65
C GLU A 35 -3.72 16.63 -21.72
N PRO A 36 -4.01 17.12 -20.54
CA PRO A 36 -3.61 18.46 -20.11
C PRO A 36 -2.14 18.48 -19.69
N LYS A 37 -1.62 19.63 -19.35
CA LYS A 37 -0.21 19.71 -18.93
C LYS A 37 0.03 18.75 -17.78
N GLY A 38 -0.94 18.60 -16.92
CA GLY A 38 -0.80 17.68 -15.77
C GLY A 38 -2.16 17.45 -15.12
N TYR A 39 -2.20 17.21 -13.84
CA TYR A 39 -3.51 16.99 -13.16
C TYR A 39 -3.26 16.71 -11.68
N HIS A 40 -4.31 16.55 -10.92
CA HIS A 40 -4.15 16.27 -9.47
C HIS A 40 -4.04 14.76 -9.24
N ALA A 41 -2.89 14.20 -9.48
CA ALA A 41 -2.73 12.73 -9.30
C ALA A 41 -2.89 12.36 -7.83
N ASN A 42 -2.43 13.21 -6.94
CA ASN A 42 -2.56 12.90 -5.49
C ASN A 42 -1.86 11.57 -5.19
N PHE A 43 -1.82 11.17 -3.95
CA PHE A 43 -1.16 9.90 -3.58
C PHE A 43 -1.24 9.69 -2.07
N CYS A 44 -0.75 8.58 -1.58
CA CYS A 44 -0.84 8.34 -0.11
C CYS A 44 0.56 8.12 0.47
N LEU A 45 0.79 8.59 1.67
CA LEU A 45 2.13 8.40 2.32
C LEU A 45 1.92 8.10 3.80
N GLY A 46 2.99 7.88 4.52
CA GLY A 46 2.85 7.58 5.98
C GLY A 46 2.30 6.16 6.17
N PRO A 47 2.71 5.53 7.24
CA PRO A 47 2.28 4.17 7.58
C PRO A 47 0.88 4.18 8.19
N CYS A 48 0.53 3.15 8.92
CA CYS A 48 -0.83 3.10 9.55
C CYS A 48 -0.72 2.42 10.91
N PRO A 49 -1.12 3.13 11.94
CA PRO A 49 -1.09 2.59 13.31
C PRO A 49 -2.19 1.53 13.50
N TYR A 50 -3.04 1.65 14.49
CA TYR A 50 -4.08 0.59 14.68
C TYR A 50 -5.45 1.04 14.15
N ILE A 51 -6.15 1.86 14.89
CA ILE A 51 -7.52 2.29 14.45
C ILE A 51 -7.47 3.22 13.23
N TRP A 52 -6.33 3.48 12.69
CA TRP A 52 -6.27 4.39 11.51
C TRP A 52 -6.79 3.67 10.27
N SER A 53 -8.08 3.64 10.08
CA SER A 53 -8.68 2.97 8.89
C SER A 53 -7.93 1.66 8.61
N LEU A 54 -8.40 0.57 9.15
CA LEU A 54 -7.71 -0.74 8.91
C LEU A 54 -8.46 -1.49 7.81
N ASP A 55 -7.75 -1.97 6.83
CA ASP A 55 -8.43 -2.70 5.71
C ASP A 55 -8.41 -4.21 5.99
N THR A 56 -7.25 -4.81 5.93
CA THR A 56 -7.17 -6.28 6.18
C THR A 56 -6.80 -6.53 7.65
N GLN A 57 -7.04 -7.73 8.13
CA GLN A 57 -6.72 -8.05 9.55
C GLN A 57 -5.20 -7.93 9.76
N TYR A 58 -4.43 -8.24 8.76
CA TYR A 58 -2.95 -8.14 8.91
C TYR A 58 -2.56 -6.67 9.15
N SER A 59 -3.38 -5.76 8.71
CA SER A 59 -3.06 -4.32 8.92
C SER A 59 -3.16 -3.97 10.40
N LYS A 60 -3.90 -4.73 11.15
CA LYS A 60 -4.04 -4.45 12.61
C LYS A 60 -2.82 -5.03 13.34
N VAL A 61 -2.36 -6.18 12.92
CA VAL A 61 -1.19 -6.80 13.57
C VAL A 61 0.06 -6.01 13.20
N LEU A 62 0.52 -6.13 11.98
CA LEU A 62 1.74 -5.38 11.57
C LEU A 62 1.66 -3.94 12.09
N ALA A 63 0.47 -3.42 12.24
CA ALA A 63 0.33 -2.03 12.76
C ALA A 63 1.12 -1.90 14.05
N LEU A 64 0.84 -2.75 15.00
CA LEU A 64 1.58 -2.68 16.30
C LEU A 64 3.00 -3.21 16.09
N TYR A 65 3.16 -4.13 15.19
CA TYR A 65 4.52 -4.69 14.92
C TYR A 65 5.50 -3.54 14.66
N ASN A 66 5.03 -2.48 14.04
CA ASN A 66 5.91 -1.33 13.76
C ASN A 66 5.83 -0.34 14.92
N GLN A 67 4.63 -0.02 15.32
CA GLN A 67 4.43 0.93 16.46
C GLN A 67 5.17 0.42 17.70
N HIS A 68 5.57 -0.82 17.68
CA HIS A 68 6.29 -1.38 18.87
C HIS A 68 7.80 -1.36 18.61
N ASN A 69 8.23 -1.69 17.43
CA ASN A 69 9.68 -1.70 17.13
C ASN A 69 10.09 -0.36 16.50
N PRO A 70 10.96 0.36 17.17
CA PRO A 70 11.45 1.66 16.68
C PRO A 70 12.50 1.46 15.59
N GLY A 71 12.32 2.05 14.45
CA GLY A 71 13.31 1.89 13.35
C GLY A 71 12.84 0.79 12.40
N ALA A 72 11.69 0.22 12.64
CA ALA A 72 11.19 -0.85 11.74
C ALA A 72 10.36 -0.20 10.63
N SER A 73 10.75 -0.41 9.42
CA SER A 73 10.00 0.19 8.27
C SER A 73 9.08 -0.86 7.66
N ALA A 74 8.74 -1.88 8.41
CA ALA A 74 7.84 -2.93 7.86
C ALA A 74 6.38 -2.56 8.15
N ALA A 75 6.14 -1.33 8.53
CA ALA A 75 4.74 -0.89 8.81
C ALA A 75 3.86 -1.24 7.60
N PRO A 76 2.62 -0.83 7.62
CA PRO A 76 1.70 -1.12 6.52
C PRO A 76 1.99 -0.18 5.35
N CYS A 77 1.08 -0.04 4.43
CA CYS A 77 1.35 0.86 3.29
C CYS A 77 0.06 1.56 2.85
N CYS A 78 -0.15 2.77 3.31
CA CYS A 78 -1.37 3.51 2.89
C CYS A 78 -1.43 3.54 1.36
N VAL A 79 -2.60 3.38 0.78
CA VAL A 79 -2.68 3.36 -0.71
C VAL A 79 -3.98 4.03 -1.20
N PRO A 80 -4.04 4.31 -2.48
CA PRO A 80 -5.22 4.95 -3.09
C PRO A 80 -6.35 3.94 -3.28
N GLN A 81 -7.25 3.86 -2.35
CA GLN A 81 -8.37 2.90 -2.48
C GLN A 81 -9.25 3.30 -3.67
N ALA A 82 -9.90 4.43 -3.58
CA ALA A 82 -10.76 4.88 -4.70
C ALA A 82 -9.93 5.76 -5.65
N LEU A 83 -10.29 5.80 -6.90
CA LEU A 83 -9.52 6.63 -7.86
C LEU A 83 -10.46 7.43 -8.75
N GLU A 84 -9.92 8.01 -9.78
CA GLU A 84 -10.75 8.81 -10.72
C GLU A 84 -10.11 8.73 -12.10
N PRO A 85 -10.89 8.99 -13.11
CA PRO A 85 -10.41 8.96 -14.50
C PRO A 85 -9.55 10.19 -14.81
N LEU A 86 -9.36 10.50 -16.06
CA LEU A 86 -8.51 11.65 -16.42
C LEU A 86 -8.73 12.03 -17.90
N PRO A 87 -9.35 13.15 -18.13
CA PRO A 87 -9.62 13.64 -19.50
C PRO A 87 -8.33 14.19 -20.12
N ILE A 88 -7.83 13.53 -21.12
CA ILE A 88 -6.56 13.99 -21.75
C ILE A 88 -6.75 14.21 -23.25
N VAL A 89 -5.65 14.25 -23.94
CA VAL A 89 -5.70 14.43 -25.42
C VAL A 89 -4.33 14.04 -25.99
N TYR A 90 -4.24 12.96 -26.70
CA TYR A 90 -2.92 12.56 -27.26
C TYR A 90 -2.99 12.53 -28.78
N TYR A 91 -2.00 11.99 -29.43
CA TYR A 91 -2.02 11.95 -30.91
C TYR A 91 -1.60 10.57 -31.41
N VAL A 92 -2.22 10.14 -32.47
CA VAL A 92 -1.88 8.83 -33.07
C VAL A 92 -1.43 9.07 -34.50
N GLY A 93 -0.16 9.21 -34.71
CA GLY A 93 0.34 9.50 -36.09
C GLY A 93 0.04 10.96 -36.41
N ARG A 94 -1.16 11.25 -36.83
CA ARG A 94 -1.52 12.66 -37.17
C ARG A 94 -2.95 12.99 -36.73
N LYS A 95 -3.67 12.03 -36.23
CA LYS A 95 -5.08 12.31 -35.79
C LYS A 95 -5.11 12.49 -34.27
N PRO A 96 -5.68 13.58 -33.83
CA PRO A 96 -5.80 13.89 -32.39
C PRO A 96 -6.92 13.06 -31.76
N LYS A 97 -6.75 12.63 -30.54
CA LYS A 97 -7.80 11.80 -29.90
C LYS A 97 -7.89 12.14 -28.40
N VAL A 98 -9.06 12.54 -27.94
CA VAL A 98 -9.22 12.87 -26.51
C VAL A 98 -9.82 11.66 -25.80
N GLU A 99 -9.33 11.31 -24.64
CA GLU A 99 -9.90 10.14 -23.93
C GLU A 99 -10.10 10.48 -22.46
N GLN A 100 -10.20 9.46 -21.64
CA GLN A 100 -10.39 9.68 -20.19
C GLN A 100 -9.73 8.53 -19.43
N LEU A 101 -8.46 8.63 -19.21
CA LEU A 101 -7.75 7.53 -18.50
C LEU A 101 -8.57 7.10 -17.29
N SER A 102 -8.53 5.84 -16.97
CA SER A 102 -9.33 5.33 -15.82
C SER A 102 -8.44 5.15 -14.58
N ASN A 103 -8.95 5.46 -13.42
CA ASN A 103 -8.15 5.28 -12.18
C ASN A 103 -6.81 6.01 -12.32
N MET A 104 -6.79 7.09 -13.03
CA MET A 104 -5.52 7.83 -13.20
C MET A 104 -5.44 8.94 -12.14
N ILE A 105 -6.29 8.86 -11.14
CA ILE A 105 -6.26 9.90 -10.07
C ILE A 105 -6.63 9.24 -8.74
N VAL A 106 -6.41 9.93 -7.65
CA VAL A 106 -6.74 9.35 -6.32
C VAL A 106 -7.90 10.13 -5.70
N ARG A 107 -8.84 9.45 -5.11
CA ARG A 107 -9.99 10.15 -4.47
C ARG A 107 -10.12 9.72 -3.02
N SER A 108 -9.33 8.76 -2.60
CA SER A 108 -9.40 8.29 -1.18
C SER A 108 -8.35 7.19 -0.97
N CYS A 109 -7.54 7.33 0.03
CA CYS A 109 -6.49 6.29 0.28
C CYS A 109 -6.99 5.28 1.31
N LYS A 110 -6.10 4.46 1.82
CA LYS A 110 -6.50 3.44 2.83
C LYS A 110 -5.22 2.83 3.41
N CYS A 111 -5.26 1.59 3.81
CA CYS A 111 -4.02 0.97 4.37
C CYS A 111 -4.01 -0.54 4.08
N SER A 112 -3.49 -0.93 2.96
CA SER A 112 -3.46 -2.39 2.63
C SER A 112 -2.18 -3.02 3.20
N ALA B 1 6.03 -12.13 -10.55
CA ALA B 1 5.88 -13.04 -9.37
C ALA B 1 6.23 -12.27 -8.09
N LEU B 2 5.24 -11.81 -7.38
CA LEU B 2 5.52 -11.06 -6.11
C LEU B 2 4.92 -11.80 -4.94
N ASP B 3 5.24 -13.05 -4.78
CA ASP B 3 4.69 -13.83 -3.64
C ASP B 3 5.78 -14.08 -2.60
N THR B 4 5.46 -14.78 -1.54
CA THR B 4 6.47 -15.05 -0.49
C THR B 4 7.38 -16.20 -0.94
N ASN B 5 7.23 -16.66 -2.15
CA ASN B 5 8.10 -17.76 -2.64
C ASN B 5 9.27 -17.16 -3.42
N TYR B 6 8.98 -16.23 -4.29
CA TYR B 6 10.06 -15.58 -5.09
C TYR B 6 10.64 -14.40 -4.32
N CYS B 7 9.93 -13.91 -3.33
CA CYS B 7 10.44 -12.75 -2.55
C CYS B 7 11.40 -13.25 -1.47
N PHE B 8 11.44 -14.53 -1.24
CA PHE B 8 12.36 -15.07 -0.20
C PHE B 8 13.75 -15.28 -0.80
N SER B 9 14.22 -14.34 -1.58
CA SER B 9 15.57 -14.49 -2.19
C SER B 9 16.53 -13.47 -1.57
N SER B 10 17.54 -13.07 -2.29
CA SER B 10 18.50 -12.08 -1.73
C SER B 10 18.61 -10.88 -2.68
N THR B 11 18.00 -10.97 -3.83
CA THR B 11 18.06 -9.84 -4.81
C THR B 11 16.68 -9.18 -4.92
N GLU B 12 16.59 -8.14 -5.70
CA GLU B 12 15.28 -7.45 -5.86
C GLU B 12 14.85 -6.83 -4.54
N LYS B 13 14.47 -5.58 -4.56
CA LYS B 13 14.04 -4.92 -3.29
C LYS B 13 12.75 -4.12 -3.53
N ASN B 14 12.18 -4.25 -4.70
CA ASN B 14 10.93 -3.50 -5.00
C ASN B 14 9.75 -4.16 -4.27
N CYS B 15 8.55 -3.91 -4.73
CA CYS B 15 7.37 -4.53 -4.07
C CYS B 15 7.58 -6.04 -3.95
N CYS B 16 8.17 -6.48 -2.86
CA CYS B 16 8.41 -7.94 -2.68
C CYS B 16 8.05 -8.32 -1.25
N VAL B 17 7.14 -9.25 -1.08
CA VAL B 17 6.74 -9.67 0.28
C VAL B 17 7.95 -10.26 1.01
N ARG B 18 8.45 -9.59 2.01
CA ARG B 18 9.63 -10.12 2.75
C ARG B 18 9.17 -10.90 3.98
N GLN B 19 10.03 -11.70 4.55
CA GLN B 19 9.65 -12.48 5.76
C GLN B 19 9.37 -11.52 6.92
N LEU B 20 8.37 -11.79 7.71
CA LEU B 20 8.06 -10.88 8.85
C LEU B 20 7.49 -11.68 10.01
N TYR B 21 8.09 -12.79 10.37
CA TYR B 21 7.56 -13.57 11.50
C TYR B 21 7.26 -12.62 12.66
N ILE B 22 6.12 -12.76 13.27
CA ILE B 22 5.77 -11.85 14.40
C ILE B 22 5.51 -12.68 15.65
N ASP B 23 6.30 -12.51 16.66
CA ASP B 23 6.08 -13.28 17.91
C ASP B 23 5.04 -12.54 18.75
N PHE B 24 3.79 -12.92 18.57
CA PHE B 24 2.65 -12.27 19.29
C PHE B 24 3.11 -11.37 20.44
N ARG B 25 3.85 -11.91 21.38
CA ARG B 25 4.28 -11.08 22.55
C ARG B 25 5.56 -10.30 22.26
N LYS B 26 6.51 -10.88 21.57
CA LYS B 26 7.79 -10.14 21.31
C LYS B 26 7.53 -8.91 20.45
N ASP B 27 6.82 -9.07 19.37
CA ASP B 27 6.58 -7.92 18.46
C ASP B 27 5.32 -7.13 18.85
N LEU B 28 4.18 -7.75 18.87
CA LEU B 28 2.94 -6.99 19.21
C LEU B 28 2.70 -7.01 20.72
N GLY B 29 3.33 -7.89 21.44
CA GLY B 29 3.09 -7.94 22.90
C GLY B 29 1.62 -8.29 23.14
N TRP B 30 0.94 -8.75 22.12
CA TRP B 30 -0.49 -9.11 22.26
C TRP B 30 -0.71 -9.91 23.55
N LYS B 31 -1.62 -9.47 24.37
CA LYS B 31 -1.87 -10.17 25.64
C LYS B 31 -3.20 -10.94 25.55
N TRP B 32 -3.97 -10.68 24.52
CA TRP B 32 -5.27 -11.40 24.39
C TRP B 32 -5.07 -12.74 23.68
N ILE B 33 -3.87 -13.02 23.27
CA ILE B 33 -3.62 -14.31 22.58
C ILE B 33 -2.52 -15.09 23.30
N HIS B 34 -2.75 -16.34 23.61
CA HIS B 34 -1.73 -17.14 24.32
C HIS B 34 -0.89 -17.92 23.30
N GLU B 35 -1.53 -18.58 22.36
CA GLU B 35 -0.77 -19.35 21.34
C GLU B 35 -1.31 -19.05 19.95
N PRO B 36 -0.48 -19.28 18.96
CA PRO B 36 0.89 -19.77 19.15
C PRO B 36 1.81 -18.64 19.58
N LYS B 37 3.05 -18.94 19.87
CA LYS B 37 4.00 -17.89 20.28
C LYS B 37 4.02 -16.79 19.22
N GLY B 38 3.90 -17.17 17.98
CA GLY B 38 3.92 -16.17 16.87
C GLY B 38 3.44 -16.83 15.58
N TYR B 39 3.93 -16.37 14.45
CA TYR B 39 3.50 -16.98 13.17
C TYR B 39 4.19 -16.27 12.01
N HIS B 40 3.98 -16.72 10.80
CA HIS B 40 4.62 -16.05 9.64
C HIS B 40 3.72 -14.92 9.13
N ALA B 41 3.73 -13.79 9.78
CA ALA B 41 2.86 -12.66 9.35
C ALA B 41 3.30 -12.17 7.97
N ASN B 42 4.58 -12.17 7.71
CA ASN B 42 5.05 -11.70 6.37
C ASN B 42 4.61 -10.25 6.16
N PHE B 43 5.00 -9.65 5.06
CA PHE B 43 4.59 -8.25 4.79
C PHE B 43 5.19 -7.79 3.47
N CYS B 44 4.90 -6.59 3.04
CA CYS B 44 5.45 -6.12 1.73
C CYS B 44 6.26 -4.84 1.94
N LEU B 45 7.33 -4.69 1.20
CA LEU B 45 8.16 -3.46 1.31
C LEU B 45 8.62 -3.03 -0.07
N GLY B 46 9.35 -1.95 -0.16
CA GLY B 46 9.83 -1.47 -1.49
C GLY B 46 8.66 -0.89 -2.29
N PRO B 47 8.98 0.09 -3.11
CA PRO B 47 7.98 0.77 -3.95
C PRO B 47 7.64 -0.09 -5.18
N CYS B 48 7.12 0.52 -6.20
CA CYS B 48 6.77 -0.24 -7.44
C CYS B 48 7.05 0.61 -8.67
N PRO B 49 7.90 0.12 -9.55
CA PRO B 49 8.25 0.85 -10.79
C PRO B 49 7.08 0.81 -11.77
N TYR B 50 7.26 0.38 -13.00
CA TYR B 50 6.12 0.39 -13.96
C TYR B 50 5.51 -1.02 -14.13
N ILE B 51 6.15 -1.88 -14.89
CA ILE B 51 5.58 -3.23 -15.14
C ILE B 51 5.62 -4.11 -13.88
N TRP B 52 6.07 -3.61 -12.77
CA TRP B 52 6.11 -4.46 -11.56
C TRP B 52 4.72 -4.67 -11.00
N SER B 53 3.99 -5.62 -11.53
CA SER B 53 2.60 -5.88 -11.04
C SER B 53 1.89 -4.55 -10.75
N LEU B 54 1.17 -4.04 -11.71
CA LEU B 54 0.45 -2.76 -11.48
C LEU B 54 -1.01 -3.07 -11.16
N ASP B 55 -1.54 -2.50 -10.11
CA ASP B 55 -2.95 -2.77 -9.74
C ASP B 55 -3.86 -1.70 -10.33
N THR B 56 -3.77 -0.50 -9.83
CA THR B 56 -4.64 0.60 -10.37
C THR B 56 -3.89 1.38 -11.43
N GLN B 57 -4.60 2.13 -12.24
CA GLN B 57 -3.93 2.93 -13.31
C GLN B 57 -3.02 3.98 -12.67
N TYR B 58 -3.38 4.48 -11.52
CA TYR B 58 -2.54 5.51 -10.85
C TYR B 58 -1.18 4.87 -10.48
N SER B 59 -1.15 3.57 -10.32
CA SER B 59 0.12 2.90 -9.95
C SER B 59 1.10 2.97 -11.13
N LYS B 60 0.60 3.14 -12.32
CA LYS B 60 1.50 3.22 -13.51
C LYS B 60 2.04 4.65 -13.62
N VAL B 61 1.23 5.62 -13.32
CA VAL B 61 1.68 7.04 -13.40
C VAL B 61 2.64 7.32 -12.25
N LEU B 62 2.14 7.40 -11.05
CA LEU B 62 3.03 7.67 -9.89
C LEU B 62 4.28 6.79 -9.98
N ALA B 63 4.17 5.65 -10.61
CA ALA B 63 5.36 4.76 -10.74
C ALA B 63 6.50 5.55 -11.36
N LEU B 64 6.27 6.16 -12.49
CA LEU B 64 7.34 6.96 -13.15
C LEU B 64 7.53 8.26 -12.37
N TYR B 65 6.49 8.76 -11.77
CA TYR B 65 6.60 10.03 -10.99
C TYR B 65 7.74 9.89 -9.98
N ASN B 66 7.93 8.71 -9.46
CA ASN B 66 9.03 8.50 -8.48
C ASN B 66 10.30 8.08 -9.22
N GLN B 67 10.16 7.13 -10.10
CA GLN B 67 11.33 6.64 -10.89
C GLN B 67 11.96 7.81 -11.65
N HIS B 68 11.28 8.91 -11.72
CA HIS B 68 11.83 10.09 -12.45
C HIS B 68 12.44 11.09 -11.47
N ASN B 69 11.78 11.31 -10.36
CA ASN B 69 12.31 12.28 -9.36
C ASN B 69 13.13 11.53 -8.30
N PRO B 70 14.40 11.84 -8.21
CA PRO B 70 15.30 11.20 -7.23
C PRO B 70 15.10 11.80 -5.84
N GLY B 71 14.83 10.99 -4.86
CA GLY B 71 14.62 11.53 -3.49
C GLY B 71 13.11 11.68 -3.21
N ALA B 72 12.29 11.31 -4.16
CA ALA B 72 10.82 11.43 -3.96
C ALA B 72 10.31 10.14 -3.33
N SER B 73 9.71 10.25 -2.18
CA SER B 73 9.19 9.04 -1.49
C SER B 73 7.68 8.92 -1.74
N ALA B 74 7.19 9.54 -2.79
CA ALA B 74 5.74 9.44 -3.07
C ALA B 74 5.46 8.24 -3.98
N ALA B 75 6.41 7.35 -4.10
CA ALA B 75 6.21 6.15 -4.94
C ALA B 75 4.90 5.46 -4.50
N PRO B 76 4.62 4.30 -5.07
CA PRO B 76 3.40 3.56 -4.72
C PRO B 76 3.60 2.87 -3.38
N CYS B 77 2.79 1.89 -3.07
CA CYS B 77 2.95 1.20 -1.77
C CYS B 77 2.61 -0.28 -1.90
N CYS B 78 3.60 -1.11 -2.08
CA CYS B 78 3.34 -2.57 -2.20
C CYS B 78 2.52 -3.01 -0.97
N VAL B 79 1.56 -3.88 -1.14
CA VAL B 79 0.72 -4.30 0.02
C VAL B 79 0.33 -5.78 -0.09
N PRO B 80 -0.17 -6.34 0.99
CA PRO B 80 -0.59 -7.75 1.04
C PRO B 80 -1.94 -7.92 0.35
N GLN B 81 -1.94 -8.28 -0.90
CA GLN B 81 -3.24 -8.47 -1.62
C GLN B 81 -3.98 -9.66 -1.01
N ALA B 82 -3.43 -10.84 -1.14
CA ALA B 82 -4.10 -12.03 -0.56
C ALA B 82 -3.59 -12.25 0.87
N LEU B 83 -4.38 -12.86 1.71
CA LEU B 83 -3.92 -13.09 3.11
C LEU B 83 -4.27 -14.52 3.54
N GLU B 84 -4.14 -14.77 4.81
CA GLU B 84 -4.47 -16.12 5.34
C GLU B 84 -4.94 -15.96 6.79
N PRO B 85 -5.64 -16.95 7.27
CA PRO B 85 -6.17 -16.92 8.64
C PRO B 85 -5.05 -17.20 9.64
N LEU B 86 -5.39 -17.58 10.85
CA LEU B 86 -4.35 -17.83 11.88
C LEU B 86 -4.97 -18.60 13.06
N PRO B 87 -4.57 -19.85 13.21
CA PRO B 87 -5.08 -20.70 14.31
C PRO B 87 -4.41 -20.30 15.62
N ILE B 88 -5.16 -19.76 16.54
CA ILE B 88 -4.55 -19.34 17.82
C ILE B 88 -5.27 -19.99 19.00
N VAL B 89 -5.09 -19.42 20.16
CA VAL B 89 -5.74 -19.92 21.38
C VAL B 89 -5.66 -18.84 22.45
N TYR B 90 -6.76 -18.25 22.81
CA TYR B 90 -6.71 -17.19 23.85
C TYR B 90 -7.57 -17.60 25.05
N TYR B 91 -7.81 -16.71 25.97
CA TYR B 91 -8.62 -17.06 27.15
C TYR B 91 -9.66 -15.98 27.44
N VAL B 92 -10.82 -16.41 27.86
CA VAL B 92 -11.90 -15.44 28.20
C VAL B 92 -12.25 -15.64 29.67
N GLY B 93 -11.65 -14.88 30.54
CA GLY B 93 -11.93 -15.06 31.99
C GLY B 93 -11.21 -16.33 32.47
N ARG B 94 -11.80 -17.47 32.25
CA ARG B 94 -11.14 -18.74 32.70
C ARG B 94 -11.36 -19.86 31.67
N LYS B 95 -12.12 -19.62 30.64
CA LYS B 95 -12.36 -20.68 29.63
C LYS B 95 -11.46 -20.45 28.42
N PRO B 96 -10.73 -21.47 28.02
CA PRO B 96 -9.81 -21.39 26.87
C PRO B 96 -10.60 -21.48 25.57
N LYS B 97 -10.20 -20.76 24.56
CA LYS B 97 -10.95 -20.81 23.27
C LYS B 97 -9.97 -20.73 22.09
N VAL B 98 -10.00 -21.69 21.21
CA VAL B 98 -9.08 -21.66 20.03
C VAL B 98 -9.86 -21.12 18.84
N GLU B 99 -9.26 -20.25 18.07
CA GLU B 99 -10.00 -19.71 16.89
C GLU B 99 -9.10 -19.70 15.67
N GLN B 100 -9.43 -18.90 14.71
CA GLN B 100 -8.62 -18.82 13.47
C GLN B 100 -8.71 -17.40 12.91
N LEU B 101 -7.93 -16.50 13.43
CA LEU B 101 -8.00 -15.10 12.94
C LEU B 101 -8.06 -15.10 11.41
N SER B 102 -8.76 -14.15 10.87
CA SER B 102 -8.91 -14.09 9.37
C SER B 102 -7.97 -13.04 8.78
N ASN B 103 -7.39 -13.31 7.64
CA ASN B 103 -6.48 -12.32 7.00
C ASN B 103 -5.41 -11.87 7.99
N MET B 104 -5.01 -12.75 8.86
CA MET B 104 -3.96 -12.38 9.85
C MET B 104 -2.59 -12.79 9.30
N ILE B 105 -2.53 -13.10 8.03
CA ILE B 105 -1.22 -13.49 7.42
C ILE B 105 -1.16 -12.99 5.97
N VAL B 106 0.00 -13.01 5.38
CA VAL B 106 0.12 -12.53 3.99
C VAL B 106 0.46 -13.71 3.07
N ARG B 107 -0.18 -13.78 1.93
CA ARG B 107 0.11 -14.91 0.99
C ARG B 107 0.49 -14.34 -0.38
N SER B 108 0.41 -13.05 -0.54
CA SER B 108 0.78 -12.43 -1.86
C SER B 108 0.61 -10.92 -1.76
N CYS B 109 1.62 -10.18 -2.12
CA CYS B 109 1.52 -8.69 -2.04
C CYS B 109 1.09 -8.11 -3.39
N LYS B 110 1.20 -6.82 -3.55
CA LYS B 110 0.81 -6.17 -4.84
C LYS B 110 1.29 -4.72 -4.80
N CYS B 111 0.60 -3.82 -5.44
CA CYS B 111 1.04 -2.40 -5.42
C CYS B 111 -0.17 -1.48 -5.56
N SER B 112 -0.79 -1.13 -4.46
CA SER B 112 -1.97 -0.22 -4.54
C SER B 112 -1.51 1.24 -4.51
N ALA A 1 -12.55 10.54 8.04
CA ALA A 1 -12.28 9.59 6.93
C ALA A 1 -10.96 9.97 6.25
N LEU A 2 -10.38 9.07 5.50
CA LEU A 2 -9.11 9.39 4.81
C LEU A 2 -9.39 9.67 3.33
N ASP A 3 -10.10 10.73 3.05
CA ASP A 3 -10.41 11.06 1.64
C ASP A 3 -9.62 12.30 1.21
N THR A 4 -9.72 12.66 -0.04
CA THR A 4 -8.98 13.85 -0.54
C THR A 4 -9.69 15.12 -0.10
N ASN A 5 -10.74 15.01 0.67
CA ASN A 5 -11.47 16.22 1.13
C ASN A 5 -11.06 16.54 2.57
N TYR A 6 -10.80 15.54 3.36
CA TYR A 6 -10.40 15.78 4.77
C TYR A 6 -8.88 15.98 4.85
N CYS A 7 -8.14 15.46 3.91
CA CYS A 7 -6.66 15.62 3.95
C CYS A 7 -6.29 16.99 3.39
N PHE A 8 -7.16 17.61 2.64
CA PHE A 8 -6.86 18.94 2.07
C PHE A 8 -7.30 20.03 3.04
N SER A 9 -7.38 19.71 4.30
CA SER A 9 -7.82 20.72 5.31
C SER A 9 -7.09 20.49 6.64
N SER A 10 -7.22 19.31 7.19
CA SER A 10 -6.54 19.03 8.49
C SER A 10 -5.15 18.43 8.22
N THR A 11 -4.28 18.49 9.19
CA THR A 11 -2.91 17.94 8.99
C THR A 11 -2.89 16.49 9.44
N GLU A 12 -2.76 16.27 10.72
CA GLU A 12 -2.73 14.86 11.24
C GLU A 12 -1.38 14.22 10.89
N LYS A 13 -1.00 13.20 11.62
CA LYS A 13 0.31 12.54 11.34
C LYS A 13 0.06 11.17 10.68
N ASN A 14 -0.99 10.50 11.08
CA ASN A 14 -1.29 9.17 10.48
C ASN A 14 -1.37 9.32 8.96
N CYS A 15 -1.84 8.31 8.27
CA CYS A 15 -1.93 8.41 6.78
C CYS A 15 -2.86 9.57 6.42
N CYS A 16 -2.73 10.09 5.23
CA CYS A 16 -3.60 11.22 4.79
C CYS A 16 -3.34 11.48 3.32
N VAL A 17 -4.31 11.21 2.47
CA VAL A 17 -4.09 11.46 1.02
C VAL A 17 -3.58 12.90 0.82
N ARG A 18 -2.32 13.05 0.54
CA ARG A 18 -1.76 14.41 0.36
C ARG A 18 -1.92 14.85 -1.10
N GLN A 19 -1.94 16.14 -1.34
CA GLN A 19 -2.08 16.64 -2.73
C GLN A 19 -0.89 16.15 -3.54
N LEU A 20 -1.08 15.88 -4.80
CA LEU A 20 0.06 15.39 -5.63
C LEU A 20 -0.14 15.77 -7.09
N TYR A 21 -0.56 16.98 -7.35
CA TYR A 21 -0.74 17.37 -8.78
C TYR A 21 0.49 16.94 -9.56
N ILE A 22 0.32 16.31 -10.68
CA ILE A 22 1.50 15.86 -11.46
C ILE A 22 1.46 16.48 -12.85
N ASP A 23 2.43 17.31 -13.17
CA ASP A 23 2.45 17.91 -14.53
C ASP A 23 3.12 16.91 -15.47
N PHE A 24 2.32 16.11 -16.11
CA PHE A 24 2.81 15.05 -17.04
C PHE A 24 4.29 15.21 -17.39
N ARG A 25 4.68 16.33 -17.92
CA ARG A 25 6.11 16.52 -18.32
C ARG A 25 6.96 16.99 -17.13
N LYS A 26 6.46 17.88 -16.31
CA LYS A 26 7.28 18.38 -15.17
C LYS A 26 7.64 17.24 -14.21
N ASP A 27 6.68 16.45 -13.83
CA ASP A 27 6.95 15.35 -12.86
C ASP A 27 7.36 14.05 -13.57
N LEU A 28 6.51 13.48 -14.37
CA LEU A 28 6.86 12.20 -15.04
C LEU A 28 7.59 12.46 -16.35
N GLY A 29 7.59 13.67 -16.83
CA GLY A 29 8.28 13.95 -18.12
C GLY A 29 7.62 13.13 -19.22
N TRP A 30 6.47 12.58 -18.95
CA TRP A 30 5.76 11.76 -19.98
C TRP A 30 5.81 12.46 -21.33
N LYS A 31 6.23 11.78 -22.35
CA LYS A 31 6.31 12.39 -23.69
C LYS A 31 5.22 11.80 -24.59
N TRP A 32 4.59 10.75 -24.15
CA TRP A 32 3.52 10.13 -24.99
C TRP A 32 2.18 10.83 -24.75
N ILE A 33 2.16 11.80 -23.88
CA ILE A 33 0.88 12.51 -23.61
C ILE A 33 1.08 14.02 -23.81
N HIS A 34 0.21 14.63 -24.57
CA HIS A 34 0.33 16.10 -24.82
C HIS A 34 -0.57 16.85 -23.82
N GLU A 35 -1.80 16.45 -23.70
CA GLU A 35 -2.72 17.14 -22.75
C GLU A 35 -3.45 16.11 -21.89
N PRO A 36 -3.88 16.53 -20.73
CA PRO A 36 -3.69 17.91 -20.26
C PRO A 36 -2.26 18.09 -19.74
N LYS A 37 -1.90 19.31 -19.41
CA LYS A 37 -0.53 19.56 -18.90
C LYS A 37 -0.27 18.69 -17.68
N GLY A 38 -1.29 18.49 -16.88
CA GLY A 38 -1.11 17.64 -15.66
C GLY A 38 -2.49 17.27 -15.11
N TYR A 39 -2.58 17.03 -13.83
CA TYR A 39 -3.91 16.66 -13.24
C TYR A 39 -3.75 16.44 -11.73
N HIS A 40 -4.83 16.24 -11.03
CA HIS A 40 -4.74 16.01 -9.56
C HIS A 40 -4.52 14.53 -9.30
N ALA A 41 -3.30 14.07 -9.37
CA ALA A 41 -3.02 12.63 -9.15
C ALA A 41 -3.27 12.27 -7.67
N ASN A 42 -2.88 13.12 -6.77
CA ASN A 42 -3.10 12.81 -5.33
C ASN A 42 -2.33 11.55 -4.93
N PHE A 43 -2.32 11.24 -3.66
CA PHE A 43 -1.59 10.01 -3.19
C PHE A 43 -1.69 9.91 -1.68
N CYS A 44 -1.29 8.82 -1.10
CA CYS A 44 -1.40 8.67 0.38
C CYS A 44 0.00 8.59 1.01
N LEU A 45 0.23 9.37 2.04
CA LEU A 45 1.56 9.32 2.71
C LEU A 45 1.36 8.95 4.18
N GLY A 46 2.39 9.09 4.99
CA GLY A 46 2.24 8.74 6.43
C GLY A 46 1.95 7.24 6.56
N PRO A 47 2.50 6.65 7.60
CA PRO A 47 2.33 5.21 7.86
C PRO A 47 0.96 4.93 8.50
N CYS A 48 0.49 3.72 8.39
CA CYS A 48 -0.84 3.37 8.98
C CYS A 48 -0.62 2.78 10.38
N PRO A 49 -1.09 3.47 11.39
CA PRO A 49 -0.96 3.02 12.79
C PRO A 49 -1.96 1.92 13.10
N TYR A 50 -2.25 1.69 14.36
CA TYR A 50 -3.21 0.62 14.73
C TYR A 50 -4.59 1.23 15.05
N ILE A 51 -4.85 2.42 14.54
CA ILE A 51 -6.17 3.05 14.82
C ILE A 51 -6.69 3.73 13.55
N TRP A 52 -5.82 4.33 12.80
CA TRP A 52 -6.25 5.02 11.55
C TRP A 52 -7.17 4.08 10.74
N SER A 53 -7.84 4.60 9.75
CA SER A 53 -8.75 3.76 8.93
C SER A 53 -8.02 2.49 8.48
N LEU A 54 -8.11 1.43 9.25
CA LEU A 54 -7.43 0.17 8.84
C LEU A 54 -8.44 -0.73 8.11
N ASP A 55 -8.06 -1.25 6.97
CA ASP A 55 -9.00 -2.12 6.21
C ASP A 55 -8.68 -3.59 6.44
N THR A 56 -7.44 -3.95 6.32
CA THR A 56 -7.05 -5.38 6.53
C THR A 56 -6.61 -5.59 7.97
N GLN A 57 -6.79 -6.76 8.50
CA GLN A 57 -6.37 -7.03 9.90
C GLN A 57 -4.84 -7.10 9.97
N TYR A 58 -4.20 -7.55 8.92
CA TYR A 58 -2.72 -7.62 8.94
C TYR A 58 -2.16 -6.20 9.07
N SER A 59 -2.90 -5.22 8.59
CA SER A 59 -2.42 -3.82 8.69
C SER A 59 -2.43 -3.38 10.15
N LYS A 60 -3.24 -4.01 10.96
CA LYS A 60 -3.29 -3.64 12.40
C LYS A 60 -2.11 -4.30 13.13
N VAL A 61 -1.83 -5.53 12.82
CA VAL A 61 -0.70 -6.23 13.48
C VAL A 61 0.62 -5.65 12.97
N LEU A 62 0.93 -5.87 11.73
CA LEU A 62 2.20 -5.32 11.17
C LEU A 62 2.35 -3.87 11.61
N ALA A 63 1.26 -3.20 11.88
CA ALA A 63 1.36 -1.77 12.33
C ALA A 63 2.23 -1.70 13.57
N LEU A 64 1.92 -2.49 14.57
CA LEU A 64 2.73 -2.49 15.82
C LEU A 64 4.07 -3.15 15.54
N TYR A 65 4.10 -4.10 14.65
CA TYR A 65 5.38 -4.79 14.33
C TYR A 65 6.45 -3.75 14.01
N ASN A 66 6.07 -2.67 13.40
CA ASN A 66 7.04 -1.60 13.05
C ASN A 66 7.10 -0.58 14.20
N GLN A 67 5.96 -0.09 14.60
CA GLN A 67 5.90 0.90 15.70
C GLN A 67 6.71 0.39 16.90
N HIS A 68 6.96 -0.89 16.94
CA HIS A 68 7.74 -1.47 18.07
C HIS A 68 9.22 -1.50 17.69
N ASN A 69 9.53 -1.88 16.49
CA ASN A 69 10.95 -1.93 16.06
C ASN A 69 11.27 -0.71 15.20
N PRO A 70 12.05 0.20 15.74
CA PRO A 70 12.44 1.43 15.04
C PRO A 70 13.55 1.14 14.02
N GLY A 71 13.26 1.28 12.76
CA GLY A 71 14.30 0.99 11.73
C GLY A 71 13.80 -0.11 10.79
N ALA A 72 12.60 -0.58 11.00
CA ALA A 72 12.07 -1.66 10.11
C ALA A 72 11.08 -1.04 9.12
N SER A 73 11.30 -1.24 7.86
CA SER A 73 10.39 -0.67 6.84
C SER A 73 9.26 -1.66 6.55
N ALA A 74 9.07 -2.63 7.41
CA ALA A 74 7.98 -3.62 7.17
C ALA A 74 6.63 -3.01 7.57
N ALA A 75 6.62 -1.76 7.95
CA ALA A 75 5.34 -1.10 8.34
C ALA A 75 4.29 -1.39 7.26
N PRO A 76 3.09 -0.91 7.49
CA PRO A 76 1.99 -1.11 6.53
C PRO A 76 2.18 -0.20 5.33
N CYS A 77 1.20 -0.06 4.48
CA CYS A 77 1.38 0.82 3.30
C CYS A 77 0.07 1.51 2.91
N CYS A 78 -0.15 2.71 3.38
CA CYS A 78 -1.39 3.44 2.98
C CYS A 78 -1.43 3.52 1.45
N VAL A 79 -2.58 3.40 0.84
CA VAL A 79 -2.63 3.43 -0.65
C VAL A 79 -3.92 4.11 -1.15
N PRO A 80 -4.06 4.20 -2.45
CA PRO A 80 -5.24 4.83 -3.08
C PRO A 80 -6.39 3.83 -3.18
N GLN A 81 -7.21 3.74 -2.17
CA GLN A 81 -8.36 2.79 -2.21
C GLN A 81 -9.02 2.85 -3.58
N ALA A 82 -9.72 3.91 -3.87
CA ALA A 82 -10.39 4.03 -5.19
C ALA A 82 -9.57 4.95 -6.10
N LEU A 83 -9.90 5.00 -7.37
CA LEU A 83 -9.14 5.87 -8.29
C LEU A 83 -10.08 6.54 -9.28
N GLU A 84 -9.54 7.12 -10.30
CA GLU A 84 -10.37 7.79 -11.33
C GLU A 84 -9.61 7.76 -12.66
N PRO A 85 -10.35 7.88 -13.73
CA PRO A 85 -9.77 7.86 -15.09
C PRO A 85 -9.05 9.18 -15.39
N LEU A 86 -8.79 9.46 -16.63
CA LEU A 86 -8.06 10.72 -16.97
C LEU A 86 -8.19 11.01 -18.47
N PRO A 87 -8.92 12.05 -18.80
CA PRO A 87 -9.13 12.47 -20.20
C PRO A 87 -7.87 13.16 -20.72
N ILE A 88 -7.19 12.56 -21.66
CA ILE A 88 -5.95 13.19 -22.18
C ILE A 88 -6.00 13.33 -23.69
N VAL A 89 -4.86 13.49 -24.29
CA VAL A 89 -4.75 13.60 -25.76
C VAL A 89 -3.29 13.37 -26.14
N TYR A 90 -3.00 12.31 -26.81
CA TYR A 90 -1.57 12.05 -27.18
C TYR A 90 -1.45 11.94 -28.70
N TYR A 91 -0.29 11.57 -29.18
CA TYR A 91 -0.10 11.48 -30.64
C TYR A 91 0.53 10.13 -31.00
N VAL A 92 0.03 9.50 -32.02
CA VAL A 92 0.62 8.21 -32.47
C VAL A 92 1.23 8.44 -33.84
N GLY A 93 2.49 8.73 -33.89
CA GLY A 93 3.13 9.01 -35.21
C GLY A 93 2.70 10.40 -35.66
N ARG A 94 1.54 10.52 -36.26
CA ARG A 94 1.06 11.85 -36.72
C ARG A 94 -0.45 12.00 -36.48
N LYS A 95 -1.11 10.98 -36.02
CA LYS A 95 -2.58 11.08 -35.78
C LYS A 95 -2.84 11.33 -34.30
N PRO A 96 -3.54 12.42 -34.00
CA PRO A 96 -3.87 12.78 -32.61
C PRO A 96 -5.04 11.92 -32.11
N LYS A 97 -4.97 11.44 -30.90
CA LYS A 97 -6.08 10.61 -30.37
C LYS A 97 -6.32 10.93 -28.89
N VAL A 98 -7.55 11.20 -28.53
CA VAL A 98 -7.85 11.52 -27.10
C VAL A 98 -8.39 10.26 -26.42
N GLU A 99 -8.06 10.04 -25.18
CA GLU A 99 -8.57 8.83 -24.49
C GLU A 99 -8.94 9.16 -23.05
N GLN A 100 -8.98 8.17 -22.22
CA GLN A 100 -9.34 8.40 -20.79
C GLN A 100 -8.59 7.39 -19.94
N LEU A 101 -7.36 7.66 -19.62
CA LEU A 101 -6.58 6.70 -18.80
C LEU A 101 -7.45 6.20 -17.64
N SER A 102 -7.27 4.97 -17.27
CA SER A 102 -8.09 4.39 -16.17
C SER A 102 -7.31 4.38 -14.86
N ASN A 103 -7.95 4.64 -13.75
CA ASN A 103 -7.22 4.62 -12.45
C ASN A 103 -6.01 5.52 -12.52
N MET A 104 -6.09 6.57 -13.30
CA MET A 104 -4.94 7.50 -13.41
C MET A 104 -5.12 8.63 -12.40
N ILE A 105 -5.90 8.39 -11.37
CA ILE A 105 -6.12 9.45 -10.35
C ILE A 105 -6.51 8.77 -9.02
N VAL A 106 -6.50 9.51 -7.95
CA VAL A 106 -6.86 8.91 -6.63
C VAL A 106 -8.14 9.56 -6.12
N ARG A 107 -9.01 8.78 -5.53
CA ARG A 107 -10.29 9.33 -5.00
C ARG A 107 -10.41 9.03 -3.51
N SER A 108 -9.64 8.11 -3.00
CA SER A 108 -9.72 7.77 -1.56
C SER A 108 -8.53 6.88 -1.17
N CYS A 109 -8.02 7.03 0.02
CA CYS A 109 -6.85 6.20 0.44
C CYS A 109 -7.30 5.11 1.41
N LYS A 110 -6.37 4.27 1.83
CA LYS A 110 -6.71 3.17 2.77
C LYS A 110 -5.41 2.59 3.32
N CYS A 111 -5.45 1.45 3.93
CA CYS A 111 -4.19 0.86 4.47
C CYS A 111 -4.09 -0.61 4.06
N SER A 112 -3.55 -0.88 2.89
CA SER A 112 -3.43 -2.29 2.46
C SER A 112 -2.15 -2.90 3.04
N ALA B 1 5.68 -13.82 -10.47
CA ALA B 1 4.56 -13.30 -9.65
C ALA B 1 5.10 -12.80 -8.31
N LEU B 2 4.35 -11.96 -7.63
CA LEU B 2 4.82 -11.45 -6.32
C LEU B 2 4.12 -12.19 -5.19
N ASP B 3 4.38 -13.46 -5.08
CA ASP B 3 3.74 -14.27 -4.00
C ASP B 3 4.77 -14.63 -2.93
N THR B 4 4.33 -15.24 -1.86
CA THR B 4 5.26 -15.63 -0.77
C THR B 4 6.06 -16.88 -1.17
N ASN B 5 5.87 -17.34 -2.39
CA ASN B 5 6.63 -18.54 -2.84
C ASN B 5 7.80 -18.11 -3.72
N TYR B 6 7.62 -17.06 -4.47
CA TYR B 6 8.71 -16.59 -5.36
C TYR B 6 9.63 -15.61 -4.59
N CYS B 7 9.11 -14.99 -3.57
CA CYS B 7 9.96 -14.04 -2.79
C CYS B 7 10.82 -14.82 -1.79
N PHE B 8 10.44 -16.03 -1.49
CA PHE B 8 11.23 -16.84 -0.52
C PHE B 8 12.29 -17.64 -1.29
N SER B 9 12.70 -17.15 -2.43
CA SER B 9 13.73 -17.89 -3.22
C SER B 9 14.60 -16.89 -3.98
N SER B 10 14.00 -16.06 -4.80
CA SER B 10 14.79 -15.07 -5.58
C SER B 10 14.90 -13.76 -4.79
N THR B 11 15.87 -12.94 -5.11
CA THR B 11 16.02 -11.65 -4.37
C THR B 11 15.24 -10.57 -5.09
N GLU B 12 15.80 -10.01 -6.11
CA GLU B 12 15.10 -8.93 -6.87
C GLU B 12 15.11 -7.63 -6.05
N LYS B 13 14.93 -6.52 -6.70
CA LYS B 13 14.92 -5.21 -5.97
C LYS B 13 13.49 -4.68 -5.90
N ASN B 14 12.73 -4.85 -6.94
CA ASN B 14 11.33 -4.35 -6.94
C ASN B 14 10.61 -4.90 -5.70
N CYS B 15 9.31 -4.72 -5.63
CA CYS B 15 8.57 -5.23 -4.44
C CYS B 15 8.77 -6.74 -4.32
N CYS B 16 8.58 -7.28 -3.16
CA CYS B 16 8.73 -8.75 -2.98
C CYS B 16 8.27 -9.12 -1.57
N VAL B 17 7.19 -9.84 -1.45
CA VAL B 17 6.70 -10.21 -0.09
C VAL B 17 7.86 -10.83 0.68
N ARG B 18 8.42 -10.12 1.62
CA ARG B 18 9.57 -10.67 2.40
C ARG B 18 9.04 -11.43 3.62
N GLN B 19 9.82 -12.36 4.11
CA GLN B 19 9.39 -13.13 5.30
C GLN B 19 9.19 -12.18 6.47
N LEU B 20 8.23 -12.44 7.32
CA LEU B 20 8.01 -11.52 8.47
C LEU B 20 7.42 -12.28 9.65
N TYR B 21 7.94 -13.44 9.96
CA TYR B 21 7.39 -14.19 11.13
C TYR B 21 7.26 -13.22 12.29
N ILE B 22 6.15 -13.22 12.96
CA ILE B 22 5.99 -12.27 14.10
C ILE B 22 5.68 -13.06 15.38
N ASP B 23 6.56 -13.00 16.34
CA ASP B 23 6.29 -13.71 17.61
C ASP B 23 5.41 -12.82 18.47
N PHE B 24 4.12 -13.02 18.38
CA PHE B 24 3.11 -12.20 19.14
C PHE B 24 3.76 -11.34 20.24
N ARG B 25 4.46 -11.95 21.16
CA ARG B 25 5.07 -11.16 22.26
C ARG B 25 6.43 -10.56 21.86
N LYS B 26 7.24 -11.30 21.14
CA LYS B 26 8.58 -10.76 20.77
C LYS B 26 8.45 -9.52 19.89
N ASP B 27 7.63 -9.59 18.88
CA ASP B 27 7.48 -8.43 17.96
C ASP B 27 6.39 -7.46 18.42
N LEU B 28 5.16 -7.89 18.49
CA LEU B 28 4.08 -6.95 18.89
C LEU B 28 3.91 -6.93 20.41
N GLY B 29 4.53 -7.85 21.10
CA GLY B 29 4.39 -7.87 22.59
C GLY B 29 2.91 -8.07 22.94
N TRP B 30 2.12 -8.47 21.98
CA TRP B 30 0.67 -8.68 22.24
C TRP B 30 0.48 -9.45 23.55
N LYS B 31 -0.34 -8.94 24.43
CA LYS B 31 -0.56 -9.62 25.72
C LYS B 31 -1.97 -10.23 25.74
N TRP B 32 -2.79 -9.89 24.78
CA TRP B 32 -4.17 -10.45 24.77
C TRP B 32 -4.19 -11.79 24.05
N ILE B 33 -3.05 -12.23 23.55
CA ILE B 33 -3.03 -13.55 22.85
C ILE B 33 -1.97 -14.45 23.50
N HIS B 34 -2.34 -15.65 23.81
CA HIS B 34 -1.37 -16.60 24.44
C HIS B 34 -0.75 -17.48 23.36
N GLU B 35 -1.56 -18.06 22.51
CA GLU B 35 -1.01 -18.93 21.43
C GLU B 35 -1.64 -18.55 20.09
N PRO B 36 -0.94 -18.84 19.03
CA PRO B 36 0.37 -19.49 19.09
C PRO B 36 1.46 -18.48 19.45
N LYS B 37 2.66 -18.95 19.68
CA LYS B 37 3.76 -18.02 20.03
C LYS B 37 3.89 -16.95 18.96
N GLY B 38 3.70 -17.33 17.72
CA GLY B 38 3.82 -16.35 16.61
C GLY B 38 3.18 -16.94 15.35
N TYR B 39 3.63 -16.53 14.19
CA TYR B 39 3.05 -17.06 12.93
C TYR B 39 3.75 -16.43 11.73
N HIS B 40 3.46 -16.90 10.55
CA HIS B 40 4.12 -16.32 9.34
C HIS B 40 3.29 -15.11 8.87
N ALA B 41 3.52 -13.97 9.45
CA ALA B 41 2.75 -12.76 9.05
C ALA B 41 3.13 -12.33 7.62
N ASN B 42 4.40 -12.38 7.30
CA ASN B 42 4.83 -11.98 5.93
C ASN B 42 4.50 -10.50 5.70
N PHE B 43 4.95 -9.97 4.59
CA PHE B 43 4.66 -8.53 4.28
C PHE B 43 5.35 -8.17 2.97
N CYS B 44 5.06 -7.01 2.43
CA CYS B 44 5.69 -6.62 1.13
C CYS B 44 6.62 -5.43 1.33
N LEU B 45 7.81 -5.51 0.80
CA LEU B 45 8.77 -4.37 0.93
C LEU B 45 9.17 -3.90 -0.46
N GLY B 46 10.17 -3.06 -0.56
CA GLY B 46 10.61 -2.57 -1.90
C GLY B 46 9.48 -1.75 -2.52
N PRO B 47 9.86 -0.72 -3.24
CA PRO B 47 8.91 0.17 -3.91
C PRO B 47 8.38 -0.45 -5.21
N CYS B 48 7.24 -0.01 -5.66
CA CYS B 48 6.67 -0.57 -6.92
C CYS B 48 7.08 0.33 -8.10
N PRO B 49 7.88 -0.20 -8.99
CA PRO B 49 8.36 0.53 -10.18
C PRO B 49 7.26 0.63 -11.24
N TYR B 50 7.62 0.89 -12.47
CA TYR B 50 6.60 1.00 -13.54
C TYR B 50 6.55 -0.29 -14.36
N ILE B 51 6.98 -1.38 -13.79
CA ILE B 51 6.95 -2.67 -14.54
C ILE B 51 6.53 -3.81 -13.60
N TRP B 52 6.97 -3.78 -12.39
CA TRP B 52 6.60 -4.85 -11.42
C TRP B 52 5.08 -5.08 -11.47
N SER B 53 4.62 -6.15 -10.90
CA SER B 53 3.16 -6.44 -10.92
C SER B 53 2.37 -5.21 -10.48
N LEU B 54 1.98 -4.38 -11.41
CA LEU B 54 1.20 -3.16 -11.05
C LEU B 54 -0.30 -3.47 -11.19
N ASP B 55 -1.08 -3.14 -10.21
CA ASP B 55 -2.54 -3.44 -10.28
C ASP B 55 -3.31 -2.17 -10.67
N THR B 56 -3.04 -1.08 -10.02
CA THR B 56 -3.76 0.18 -10.34
C THR B 56 -2.95 1.00 -11.34
N GLN B 57 -3.59 1.78 -12.16
CA GLN B 57 -2.85 2.61 -13.15
C GLN B 57 -2.15 3.75 -12.44
N TYR B 58 -2.69 4.23 -11.36
CA TYR B 58 -2.04 5.34 -10.62
C TYR B 58 -0.70 4.83 -10.07
N SER B 59 -0.60 3.54 -9.83
CA SER B 59 0.67 2.98 -9.30
C SER B 59 1.74 3.05 -10.39
N LYS B 60 1.34 3.11 -11.64
CA LYS B 60 2.32 3.18 -12.75
C LYS B 60 2.80 4.63 -12.89
N VAL B 61 1.89 5.56 -12.79
CA VAL B 61 2.27 6.99 -12.92
C VAL B 61 3.05 7.41 -11.67
N LEU B 62 2.40 7.48 -10.55
CA LEU B 62 3.11 7.88 -9.30
C LEU B 62 4.44 7.13 -9.21
N ALA B 63 4.53 5.98 -9.83
CA ALA B 63 5.81 5.22 -9.79
C ALA B 63 6.93 6.10 -10.34
N LEU B 64 6.75 6.64 -11.51
CA LEU B 64 7.79 7.52 -12.11
C LEU B 64 7.81 8.85 -11.34
N TYR B 65 6.69 9.27 -10.85
CA TYR B 65 6.64 10.56 -10.09
C TYR B 65 7.72 10.54 -9.01
N ASN B 66 7.98 9.40 -8.44
CA ASN B 66 9.03 9.31 -7.38
C ASN B 66 10.37 8.96 -8.03
N GLN B 67 10.38 7.93 -8.83
CA GLN B 67 11.63 7.51 -9.52
C GLN B 67 12.28 8.72 -10.21
N HIS B 68 11.52 9.75 -10.41
CA HIS B 68 12.07 10.96 -11.07
C HIS B 68 12.56 11.95 -10.01
N ASN B 69 11.79 12.11 -8.96
CA ASN B 69 12.21 13.05 -7.88
C ASN B 69 12.78 12.24 -6.69
N PRO B 70 14.08 12.34 -6.52
CA PRO B 70 14.77 11.62 -5.42
C PRO B 70 14.56 12.35 -4.10
N GLY B 71 13.88 11.73 -3.18
CA GLY B 71 13.62 12.40 -1.86
C GLY B 71 12.12 12.54 -1.63
N ALA B 72 11.33 12.06 -2.55
CA ALA B 72 9.85 12.17 -2.38
C ALA B 72 9.30 10.82 -1.93
N SER B 73 8.60 10.79 -0.83
CA SER B 73 8.04 9.51 -0.33
C SER B 73 6.65 9.29 -0.93
N ALA B 74 6.32 10.01 -1.96
CA ALA B 74 4.97 9.83 -2.58
C ALA B 74 4.97 8.58 -3.46
N ALA B 75 6.05 7.83 -3.47
CA ALA B 75 6.11 6.60 -4.31
C ALA B 75 4.84 5.77 -4.04
N PRO B 76 4.73 4.66 -4.72
CA PRO B 76 3.56 3.77 -4.57
C PRO B 76 3.68 3.00 -3.26
N CYS B 77 2.86 2.01 -3.05
CA CYS B 77 2.96 1.26 -1.77
C CYS B 77 2.61 -0.22 -1.96
N CYS B 78 3.60 -1.06 -2.15
CA CYS B 78 3.32 -2.51 -2.30
C CYS B 78 2.57 -2.97 -1.04
N VAL B 79 1.62 -3.86 -1.18
CA VAL B 79 0.84 -4.29 0.01
C VAL B 79 0.45 -5.77 -0.08
N PRO B 80 -0.24 -6.26 0.93
CA PRO B 80 -0.67 -7.67 0.99
C PRO B 80 -1.99 -7.84 0.22
N GLN B 81 -1.91 -8.12 -1.05
CA GLN B 81 -3.16 -8.31 -1.85
C GLN B 81 -4.14 -9.16 -1.06
N ALA B 82 -3.86 -10.44 -0.93
CA ALA B 82 -4.79 -11.32 -0.17
C ALA B 82 -4.23 -11.57 1.23
N LEU B 83 -5.00 -12.15 2.10
CA LEU B 83 -4.50 -12.42 3.48
C LEU B 83 -5.00 -13.77 3.96
N GLU B 84 -4.85 -14.02 5.22
CA GLU B 84 -5.31 -15.32 5.79
C GLU B 84 -5.67 -15.10 7.27
N PRO B 85 -6.50 -15.96 7.79
CA PRO B 85 -6.94 -15.88 9.19
C PRO B 85 -5.82 -16.32 10.13
N LEU B 86 -6.14 -16.63 11.36
CA LEU B 86 -5.08 -17.03 12.32
C LEU B 86 -5.71 -17.69 13.56
N PRO B 87 -5.50 -18.98 13.71
CA PRO B 87 -6.04 -19.74 14.85
C PRO B 87 -5.21 -19.45 16.10
N ILE B 88 -5.80 -18.79 17.07
CA ILE B 88 -5.04 -18.46 18.30
C ILE B 88 -5.75 -18.97 19.54
N VAL B 89 -5.41 -18.41 20.65
CA VAL B 89 -6.04 -18.79 21.95
C VAL B 89 -5.71 -17.69 22.96
N TYR B 90 -6.67 -16.94 23.39
CA TYR B 90 -6.37 -15.86 24.37
C TYR B 90 -7.19 -16.08 25.65
N TYR B 91 -7.14 -15.15 26.55
CA TYR B 91 -7.89 -15.30 27.83
C TYR B 91 -8.71 -14.06 28.12
N VAL B 92 -9.94 -14.25 28.52
CA VAL B 92 -10.81 -13.09 28.88
C VAL B 92 -11.07 -13.16 30.37
N GLY B 93 -10.28 -12.48 31.15
CA GLY B 93 -10.46 -12.53 32.62
C GLY B 93 -9.93 -13.88 33.13
N ARG B 94 -10.70 -14.91 33.01
CA ARG B 94 -10.24 -16.25 33.48
C ARG B 94 -10.73 -17.37 32.55
N LYS B 95 -11.52 -17.04 31.56
CA LYS B 95 -12.02 -18.09 30.63
C LYS B 95 -11.20 -18.08 29.34
N PRO B 96 -10.61 -19.20 29.01
CA PRO B 96 -9.79 -19.33 27.80
C PRO B 96 -10.68 -19.47 26.57
N LYS B 97 -10.36 -18.80 25.50
CA LYS B 97 -11.20 -18.90 24.27
C LYS B 97 -10.31 -18.92 23.02
N VAL B 98 -10.52 -19.87 22.15
CA VAL B 98 -9.70 -19.94 20.90
C VAL B 98 -10.50 -19.32 19.75
N GLU B 99 -9.84 -18.64 18.86
CA GLU B 99 -10.58 -18.02 17.73
C GLU B 99 -9.78 -18.16 16.44
N GLN B 100 -10.05 -17.31 15.49
CA GLN B 100 -9.32 -17.36 14.21
C GLN B 100 -9.24 -15.95 13.63
N LEU B 101 -8.30 -15.18 14.09
CA LEU B 101 -8.19 -13.78 13.58
C LEU B 101 -8.35 -13.78 12.06
N SER B 102 -8.95 -12.75 11.55
CA SER B 102 -9.17 -12.68 10.07
C SER B 102 -8.12 -11.77 9.41
N ASN B 103 -7.67 -12.13 8.24
CA ASN B 103 -6.66 -11.27 7.55
C ASN B 103 -5.48 -11.02 8.48
N MET B 104 -5.18 -11.97 9.32
CA MET B 104 -4.03 -11.80 10.25
C MET B 104 -2.78 -12.42 9.61
N ILE B 105 -2.79 -12.57 8.31
CA ILE B 105 -1.62 -13.16 7.62
C ILE B 105 -1.58 -12.66 6.17
N VAL B 106 -0.50 -12.87 5.49
CA VAL B 106 -0.41 -12.40 4.08
C VAL B 106 -0.30 -13.61 3.14
N ARG B 107 -0.95 -13.56 2.00
CA ARG B 107 -0.89 -14.70 1.05
C ARG B 107 -0.37 -14.21 -0.31
N SER B 108 -0.41 -12.92 -0.54
CA SER B 108 0.07 -12.40 -1.85
C SER B 108 0.21 -10.88 -1.75
N CYS B 109 1.18 -10.31 -2.43
CA CYS B 109 1.37 -8.84 -2.37
C CYS B 109 0.88 -8.18 -3.67
N LYS B 110 0.95 -6.87 -3.74
CA LYS B 110 0.50 -6.15 -4.96
C LYS B 110 1.00 -4.70 -4.88
N CYS B 111 0.48 -3.83 -5.69
CA CYS B 111 0.96 -2.41 -5.62
C CYS B 111 -0.26 -1.48 -5.60
N SER B 112 -0.80 -1.21 -4.44
CA SER B 112 -1.97 -0.30 -4.37
C SER B 112 -1.48 1.15 -4.32
N ALA A 1 -11.45 11.11 8.69
CA ALA A 1 -11.38 10.20 7.51
C ALA A 1 -9.98 10.28 6.88
N LEU A 2 -9.74 9.53 5.84
CA LEU A 2 -8.39 9.56 5.19
C LEU A 2 -8.55 9.95 3.73
N ASP A 3 -9.15 11.08 3.49
CA ASP A 3 -9.33 11.54 2.08
C ASP A 3 -8.38 12.69 1.79
N THR A 4 -8.43 13.22 0.60
CA THR A 4 -7.52 14.35 0.25
C THR A 4 -8.06 15.66 0.83
N ASN A 5 -9.11 15.58 1.60
CA ASN A 5 -9.68 16.82 2.21
C ASN A 5 -9.08 16.99 3.60
N TYR A 6 -9.05 15.95 4.39
CA TYR A 6 -8.48 16.05 5.76
C TYR A 6 -6.98 15.73 5.70
N CYS A 7 -6.51 15.25 4.59
CA CYS A 7 -5.07 14.91 4.47
C CYS A 7 -4.31 16.11 3.90
N PHE A 8 -5.01 17.10 3.42
CA PHE A 8 -4.32 18.30 2.87
C PHE A 8 -4.02 19.29 4.00
N SER A 9 -3.58 18.80 5.12
CA SER A 9 -3.27 19.72 6.25
C SER A 9 -1.75 19.78 6.46
N SER A 10 -1.31 20.16 7.63
CA SER A 10 0.16 20.24 7.88
C SER A 10 0.52 19.34 9.07
N THR A 11 -0.46 18.74 9.69
CA THR A 11 -0.17 17.86 10.85
C THR A 11 -0.56 16.42 10.51
N GLU A 12 -0.58 15.55 11.48
CA GLU A 12 -0.95 14.12 11.20
C GLU A 12 0.07 13.52 10.24
N LYS A 13 0.76 12.49 10.64
CA LYS A 13 1.75 11.85 9.75
C LYS A 13 1.43 10.37 9.58
N ASN A 14 0.17 10.04 9.42
CA ASN A 14 -0.20 8.61 9.25
C ASN A 14 -0.78 8.40 7.85
N CYS A 15 -1.32 7.22 7.60
CA CYS A 15 -1.91 6.95 6.25
C CYS A 15 -2.81 8.12 5.85
N CYS A 16 -2.28 9.07 5.13
CA CYS A 16 -3.10 10.23 4.70
C CYS A 16 -2.75 10.60 3.26
N VAL A 17 -3.74 10.70 2.41
CA VAL A 17 -3.46 11.04 0.99
C VAL A 17 -2.97 12.48 0.88
N ARG A 18 -1.76 12.67 0.41
CA ARG A 18 -1.22 14.05 0.27
C ARG A 18 -1.34 14.52 -1.18
N GLN A 19 -1.32 15.80 -1.42
CA GLN A 19 -1.44 16.32 -2.81
C GLN A 19 -0.29 15.77 -3.65
N LEU A 20 -0.52 15.57 -4.92
CA LEU A 20 0.57 15.05 -5.80
C LEU A 20 0.29 15.42 -7.25
N TYR A 21 -0.09 16.63 -7.51
CA TYR A 21 -0.36 17.01 -8.93
C TYR A 21 0.80 16.52 -9.78
N ILE A 22 0.52 15.90 -10.89
CA ILE A 22 1.60 15.40 -11.76
C ILE A 22 1.47 16.01 -13.16
N ASP A 23 2.43 16.79 -13.58
CA ASP A 23 2.35 17.40 -14.93
C ASP A 23 2.86 16.37 -15.94
N PHE A 24 1.95 15.62 -16.50
CA PHE A 24 2.31 14.55 -17.50
C PHE A 24 3.75 14.66 -18.00
N ARG A 25 4.11 15.79 -18.55
CA ARG A 25 5.50 15.95 -19.09
C ARG A 25 6.50 16.31 -17.99
N LYS A 26 6.15 17.20 -17.10
CA LYS A 26 7.12 17.61 -16.04
C LYS A 26 7.49 16.43 -15.13
N ASP A 27 6.52 15.73 -14.66
CA ASP A 27 6.79 14.60 -13.74
C ASP A 27 7.03 13.28 -14.48
N LEU A 28 6.07 12.79 -15.20
CA LEU A 28 6.26 11.49 -15.91
C LEU A 28 6.88 11.71 -17.29
N GLY A 29 6.90 12.92 -17.77
CA GLY A 29 7.47 13.16 -19.12
C GLY A 29 6.67 12.35 -20.15
N TRP A 30 5.52 11.86 -19.77
CA TRP A 30 4.68 11.06 -20.70
C TRP A 30 4.63 11.74 -22.06
N LYS A 31 4.97 11.04 -23.10
CA LYS A 31 4.94 11.63 -24.45
C LYS A 31 3.75 11.08 -25.23
N TRP A 32 3.10 10.06 -24.72
CA TRP A 32 1.94 9.48 -25.45
C TRP A 32 0.67 10.25 -25.09
N ILE A 33 0.78 11.23 -24.23
CA ILE A 33 -0.43 12.01 -23.85
C ILE A 33 -0.17 13.50 -24.08
N HIS A 34 -1.05 14.17 -24.76
CA HIS A 34 -0.86 15.62 -25.03
C HIS A 34 -1.59 16.44 -23.96
N GLU A 35 -2.82 16.10 -23.69
CA GLU A 35 -3.59 16.87 -22.66
C GLU A 35 -4.26 15.90 -21.69
N PRO A 36 -4.59 16.39 -20.52
CA PRO A 36 -4.34 17.80 -20.14
C PRO A 36 -2.88 17.99 -19.74
N LYS A 37 -2.49 19.20 -19.43
CA LYS A 37 -1.09 19.46 -19.02
C LYS A 37 -0.72 18.50 -17.89
N GLY A 38 -1.65 18.22 -17.02
CA GLY A 38 -1.37 17.30 -15.89
C GLY A 38 -2.69 16.94 -15.20
N TYR A 39 -2.66 16.72 -13.91
CA TYR A 39 -3.91 16.37 -13.19
C TYR A 39 -3.61 16.16 -11.70
N HIS A 40 -4.63 16.03 -10.90
CA HIS A 40 -4.39 15.82 -9.45
C HIS A 40 -4.24 14.32 -9.17
N ALA A 41 -3.09 13.77 -9.43
CA ALA A 41 -2.88 12.32 -9.19
C ALA A 41 -2.99 12.02 -7.70
N ASN A 42 -2.46 12.87 -6.87
CA ASN A 42 -2.54 12.61 -5.41
C ASN A 42 -1.81 11.31 -5.07
N PHE A 43 -1.76 10.96 -3.82
CA PHE A 43 -1.07 9.70 -3.43
C PHE A 43 -1.12 9.54 -1.91
N CYS A 44 -0.58 8.47 -1.39
CA CYS A 44 -0.62 8.26 0.08
C CYS A 44 0.81 8.15 0.64
N LEU A 45 1.01 8.64 1.83
CA LEU A 45 2.37 8.57 2.44
C LEU A 45 2.23 8.26 3.94
N GLY A 46 3.30 8.38 4.67
CA GLY A 46 3.23 8.10 6.14
C GLY A 46 2.79 6.65 6.35
N PRO A 47 3.10 6.13 7.50
CA PRO A 47 2.76 4.75 7.87
C PRO A 47 1.28 4.65 8.27
N CYS A 48 0.91 3.59 8.94
CA CYS A 48 -0.51 3.43 9.36
C CYS A 48 -0.54 2.74 10.73
N PRO A 49 -1.11 3.40 11.70
CA PRO A 49 -1.21 2.86 13.07
C PRO A 49 -2.30 1.77 13.13
N TYR A 50 -2.88 1.55 14.28
CA TYR A 50 -3.92 0.48 14.38
C TYR A 50 -5.32 1.07 14.18
N ILE A 51 -5.90 1.59 15.24
CA ILE A 51 -7.28 2.15 15.14
C ILE A 51 -7.47 2.88 13.80
N TRP A 52 -6.43 3.40 13.23
CA TRP A 52 -6.57 4.11 11.93
C TRP A 52 -7.45 3.27 11.00
N SER A 53 -7.97 3.86 9.96
CA SER A 53 -8.83 3.10 9.02
C SER A 53 -8.10 1.83 8.57
N LEU A 54 -8.24 0.75 9.29
CA LEU A 54 -7.55 -0.51 8.89
C LEU A 54 -8.36 -1.20 7.80
N ASP A 55 -7.72 -1.57 6.72
CA ASP A 55 -8.46 -2.26 5.62
C ASP A 55 -8.40 -3.78 5.85
N THR A 56 -7.23 -4.33 5.85
CA THR A 56 -7.12 -5.82 6.05
C THR A 56 -6.77 -6.09 7.52
N GLN A 57 -7.01 -7.29 7.97
CA GLN A 57 -6.69 -7.63 9.38
C GLN A 57 -5.19 -7.56 9.61
N TYR A 58 -4.41 -7.82 8.58
CA TYR A 58 -2.93 -7.76 8.73
C TYR A 58 -2.52 -6.31 9.04
N SER A 59 -3.24 -5.35 8.52
CA SER A 59 -2.88 -3.93 8.79
C SER A 59 -3.02 -3.64 10.29
N LYS A 60 -3.73 -4.47 11.01
CA LYS A 60 -3.88 -4.25 12.46
C LYS A 60 -2.70 -4.87 13.19
N VAL A 61 -2.27 -6.02 12.76
CA VAL A 61 -1.11 -6.68 13.42
C VAL A 61 0.16 -5.89 13.12
N LEU A 62 0.62 -5.90 11.90
CA LEU A 62 1.86 -5.15 11.55
C LEU A 62 1.75 -3.72 12.11
N ALA A 63 0.57 -3.19 12.19
CA ALA A 63 0.42 -1.81 12.74
C ALA A 63 1.17 -1.70 14.06
N LEU A 64 0.91 -2.59 14.97
CA LEU A 64 1.61 -2.55 16.29
C LEU A 64 3.03 -3.09 16.09
N TYR A 65 3.20 -4.01 15.19
CA TYR A 65 4.55 -4.59 14.94
C TYR A 65 5.55 -3.44 14.74
N ASN A 66 5.10 -2.36 14.15
CA ASN A 66 5.99 -1.19 13.92
C ASN A 66 5.88 -0.22 15.09
N GLN A 67 4.67 0.10 15.46
CA GLN A 67 4.44 1.04 16.59
C GLN A 67 5.16 0.53 17.84
N HIS A 68 5.57 -0.70 17.83
CA HIS A 68 6.29 -1.27 19.02
C HIS A 68 7.79 -1.14 18.83
N ASN A 69 8.29 -1.48 17.67
CA ASN A 69 9.76 -1.38 17.42
C ASN A 69 10.08 -0.04 16.77
N PRO A 70 10.75 0.83 17.50
CA PRO A 70 11.13 2.16 17.00
C PRO A 70 12.35 2.03 16.08
N GLY A 71 12.13 2.08 14.79
CA GLY A 71 13.27 1.95 13.84
C GLY A 71 13.04 0.74 12.93
N ALA A 72 11.83 0.27 12.85
CA ALA A 72 11.54 -0.90 11.97
C ALA A 72 10.99 -0.40 10.64
N SER A 73 11.61 -0.76 9.57
CA SER A 73 11.13 -0.32 8.23
C SER A 73 10.15 -1.34 7.65
N ALA A 74 9.24 -1.84 8.44
CA ALA A 74 8.27 -2.84 7.91
C ALA A 74 6.85 -2.38 8.22
N ALA A 75 6.67 -1.12 8.51
CA ALA A 75 5.30 -0.60 8.80
C ALA A 75 4.36 -1.01 7.66
N PRO A 76 3.13 -0.56 7.73
CA PRO A 76 2.13 -0.88 6.70
C PRO A 76 2.35 -0.02 5.47
N CYS A 77 1.37 0.07 4.60
CA CYS A 77 1.57 0.91 3.38
C CYS A 77 0.25 1.57 2.98
N CYS A 78 0.03 2.80 3.41
CA CYS A 78 -1.22 3.50 3.03
C CYS A 78 -1.29 3.58 1.49
N VAL A 79 -2.45 3.36 0.91
CA VAL A 79 -2.54 3.38 -0.58
C VAL A 79 -3.89 3.95 -1.05
N PRO A 80 -3.98 4.24 -2.32
CA PRO A 80 -5.20 4.79 -2.93
C PRO A 80 -6.25 3.70 -3.12
N GLN A 81 -7.19 3.59 -2.21
CA GLN A 81 -8.24 2.55 -2.34
C GLN A 81 -9.16 2.91 -3.49
N ALA A 82 -9.84 4.03 -3.40
CA ALA A 82 -10.76 4.44 -4.49
C ALA A 82 -9.98 5.32 -5.48
N LEU A 83 -10.31 5.25 -6.73
CA LEU A 83 -9.58 6.08 -7.73
C LEU A 83 -10.58 6.77 -8.65
N GLU A 84 -10.08 7.34 -9.71
CA GLU A 84 -10.96 8.03 -10.68
C GLU A 84 -10.31 7.97 -12.06
N PRO A 85 -11.10 8.18 -13.07
CA PRO A 85 -10.62 8.14 -14.46
C PRO A 85 -9.80 9.39 -14.79
N LEU A 86 -9.62 9.68 -16.05
CA LEU A 86 -8.82 10.87 -16.44
C LEU A 86 -9.07 11.19 -17.92
N PRO A 87 -9.74 12.29 -18.18
CA PRO A 87 -10.04 12.74 -19.55
C PRO A 87 -8.79 13.34 -20.19
N ILE A 88 -8.18 12.64 -21.10
CA ILE A 88 -6.95 13.18 -21.74
C ILE A 88 -7.15 13.35 -23.24
N VAL A 89 -6.07 13.43 -23.95
CA VAL A 89 -6.11 13.57 -25.42
C VAL A 89 -4.73 13.25 -25.98
N TYR A 90 -4.59 12.14 -26.64
CA TYR A 90 -3.26 11.78 -27.19
C TYR A 90 -3.35 11.69 -28.71
N TYR A 91 -2.32 11.21 -29.35
CA TYR A 91 -2.36 11.11 -30.84
C TYR A 91 -1.88 9.74 -31.31
N VAL A 92 -2.58 9.17 -32.25
CA VAL A 92 -2.17 7.86 -32.81
C VAL A 92 -1.68 8.09 -34.23
N GLY A 93 -0.41 8.30 -34.41
CA GLY A 93 0.12 8.56 -35.76
C GLY A 93 -0.18 10.02 -36.14
N ARG A 94 -1.40 10.31 -36.52
CA ARG A 94 -1.75 11.71 -36.91
C ARG A 94 -3.18 12.06 -36.50
N LYS A 95 -3.93 11.12 -35.99
CA LYS A 95 -5.33 11.43 -35.61
C LYS A 95 -5.40 11.66 -34.09
N PRO A 96 -6.17 12.64 -33.69
CA PRO A 96 -6.33 12.98 -32.27
C PRO A 96 -7.28 11.98 -31.60
N LYS A 97 -7.07 11.68 -30.35
CA LYS A 97 -7.96 10.70 -29.67
C LYS A 97 -8.15 11.08 -28.20
N VAL A 98 -9.31 11.58 -27.84
CA VAL A 98 -9.55 11.95 -26.41
C VAL A 98 -10.12 10.73 -25.69
N GLU A 99 -9.55 10.35 -24.58
CA GLU A 99 -10.09 9.16 -23.87
C GLU A 99 -10.32 9.50 -22.40
N GLN A 100 -10.39 8.50 -21.59
CA GLN A 100 -10.62 8.71 -20.13
C GLN A 100 -9.89 7.62 -19.36
N LEU A 101 -8.61 7.79 -19.16
CA LEU A 101 -7.85 6.76 -18.42
C LEU A 101 -8.65 6.33 -17.19
N SER A 102 -8.53 5.09 -16.83
CA SER A 102 -9.31 4.59 -15.65
C SER A 102 -8.41 4.49 -14.41
N ASN A 103 -8.94 4.82 -13.26
CA ASN A 103 -8.13 4.74 -12.01
C ASN A 103 -6.84 5.55 -12.17
N MET A 104 -6.88 6.59 -12.94
CA MET A 104 -5.66 7.42 -13.11
C MET A 104 -5.71 8.57 -12.11
N ILE A 105 -6.44 8.40 -11.05
CA ILE A 105 -6.52 9.48 -10.02
C ILE A 105 -6.84 8.86 -8.67
N VAL A 106 -6.67 9.60 -7.61
CA VAL A 106 -6.96 9.05 -6.27
C VAL A 106 -8.13 9.81 -5.63
N ARG A 107 -9.04 9.11 -5.01
CA ARG A 107 -10.19 9.80 -4.37
C ARG A 107 -10.16 9.52 -2.85
N SER A 108 -9.27 8.67 -2.43
CA SER A 108 -9.18 8.35 -0.98
C SER A 108 -8.16 7.22 -0.77
N CYS A 109 -7.31 7.35 0.21
CA CYS A 109 -6.28 6.30 0.45
C CYS A 109 -6.80 5.29 1.48
N LYS A 110 -5.94 4.45 1.98
CA LYS A 110 -6.37 3.44 2.99
C LYS A 110 -5.12 2.78 3.55
N CYS A 111 -5.23 1.64 4.15
CA CYS A 111 -4.01 0.98 4.70
C CYS A 111 -3.99 -0.49 4.26
N SER A 112 -3.45 -0.76 3.10
CA SER A 112 -3.39 -2.18 2.62
C SER A 112 -2.10 -2.83 3.14
N ALA B 1 6.96 -13.28 -10.26
CA ALA B 1 5.73 -12.92 -9.50
C ALA B 1 6.13 -12.13 -8.24
N LEU B 2 5.16 -11.73 -7.46
CA LEU B 2 5.48 -10.96 -6.22
C LEU B 2 4.93 -11.71 -5.00
N ASP B 3 5.31 -12.93 -4.83
CA ASP B 3 4.81 -13.71 -3.67
C ASP B 3 5.93 -13.86 -2.64
N THR B 4 5.68 -14.55 -1.57
CA THR B 4 6.72 -14.74 -0.53
C THR B 4 7.69 -15.85 -0.96
N ASN B 5 7.55 -16.34 -2.16
CA ASN B 5 8.47 -17.41 -2.64
C ASN B 5 9.60 -16.75 -3.42
N TYR B 6 9.28 -15.84 -4.30
CA TYR B 6 10.33 -15.15 -5.10
C TYR B 6 10.80 -13.90 -4.34
N CYS B 7 10.09 -13.52 -3.32
CA CYS B 7 10.48 -12.31 -2.55
C CYS B 7 11.41 -12.70 -1.39
N PHE B 8 11.52 -13.98 -1.12
CA PHE B 8 12.40 -14.42 -0.01
C PHE B 8 13.84 -14.58 -0.53
N SER B 9 14.29 -13.65 -1.33
CA SER B 9 15.68 -13.75 -1.87
C SER B 9 16.55 -12.67 -1.23
N SER B 10 17.63 -12.31 -1.86
CA SER B 10 18.51 -11.26 -1.28
C SER B 10 18.67 -10.11 -2.28
N THR B 11 18.11 -10.25 -3.45
CA THR B 11 18.23 -9.18 -4.47
C THR B 11 16.84 -8.59 -4.74
N GLU B 12 16.72 -7.80 -5.77
CA GLU B 12 15.39 -7.18 -6.09
C GLU B 12 14.94 -6.31 -4.92
N LYS B 13 14.75 -5.04 -5.16
CA LYS B 13 14.30 -4.14 -4.06
C LYS B 13 13.01 -3.43 -4.47
N ASN B 14 12.10 -4.14 -5.08
CA ASN B 14 10.82 -3.50 -5.50
C ASN B 14 9.66 -4.12 -4.72
N CYS B 15 8.45 -3.80 -5.07
CA CYS B 15 7.28 -4.37 -4.36
C CYS B 15 7.46 -5.89 -4.20
N CYS B 16 8.02 -6.31 -3.10
CA CYS B 16 8.22 -7.78 -2.89
C CYS B 16 7.90 -8.13 -1.45
N VAL B 17 7.06 -9.10 -1.24
CA VAL B 17 6.69 -9.50 0.15
C VAL B 17 7.89 -10.11 0.86
N ARG B 18 8.35 -9.50 1.92
CA ARG B 18 9.52 -10.06 2.66
C ARG B 18 9.03 -10.82 3.90
N GLN B 19 9.83 -11.71 4.42
CA GLN B 19 9.41 -12.49 5.63
C GLN B 19 9.12 -11.52 6.77
N LEU B 20 8.22 -11.88 7.65
CA LEU B 20 7.90 -10.97 8.79
C LEU B 20 7.28 -11.78 9.93
N TYR B 21 7.81 -12.92 10.24
CA TYR B 21 7.22 -13.70 11.35
C TYR B 21 6.97 -12.78 12.54
N ILE B 22 5.82 -12.85 13.14
CA ILE B 22 5.54 -11.96 14.29
C ILE B 22 5.18 -12.81 15.50
N ASP B 23 5.97 -12.75 16.55
CA ASP B 23 5.65 -13.54 17.76
C ASP B 23 4.65 -12.76 18.59
N PHE B 24 3.39 -13.04 18.39
CA PHE B 24 2.27 -12.34 19.12
C PHE B 24 2.79 -11.52 20.31
N ARG B 25 3.47 -12.14 21.23
CA ARG B 25 3.97 -11.41 22.44
C ARG B 25 5.27 -10.65 22.14
N LYS B 26 6.20 -11.26 21.46
CA LYS B 26 7.50 -10.58 21.20
C LYS B 26 7.31 -9.32 20.36
N ASP B 27 6.58 -9.42 19.29
CA ASP B 27 6.40 -8.25 18.39
C ASP B 27 5.19 -7.39 18.80
N LEU B 28 4.00 -7.94 18.76
CA LEU B 28 2.81 -7.12 19.11
C LEU B 28 2.54 -7.17 20.62
N GLY B 29 3.16 -8.08 21.32
CA GLY B 29 2.89 -8.17 22.78
C GLY B 29 1.41 -8.46 23.01
N TRP B 30 0.72 -8.86 21.97
CA TRP B 30 -0.74 -9.16 22.09
C TRP B 30 -0.99 -9.99 23.34
N LYS B 31 -1.87 -9.54 24.19
CA LYS B 31 -2.17 -10.29 25.43
C LYS B 31 -3.54 -10.97 25.30
N TRP B 32 -4.30 -10.62 24.29
CA TRP B 32 -5.64 -11.25 24.14
C TRP B 32 -5.51 -12.57 23.38
N ILE B 33 -4.32 -12.93 22.98
CA ILE B 33 -4.13 -14.20 22.23
C ILE B 33 -3.08 -15.04 22.93
N HIS B 34 -3.38 -16.29 23.19
CA HIS B 34 -2.40 -17.18 23.88
C HIS B 34 -1.61 -17.97 22.83
N GLU B 35 -2.29 -18.55 21.88
CA GLU B 35 -1.58 -19.35 20.83
C GLU B 35 -2.09 -18.94 19.45
N PRO B 36 -1.27 -19.20 18.45
CA PRO B 36 0.04 -19.85 18.63
C PRO B 36 1.08 -18.85 19.11
N LYS B 37 2.28 -19.29 19.36
CA LYS B 37 3.34 -18.36 19.82
C LYS B 37 3.43 -17.19 18.85
N GLY B 38 3.24 -17.46 17.59
CA GLY B 38 3.32 -16.37 16.58
C GLY B 38 2.79 -16.89 15.24
N TYR B 39 3.33 -16.40 14.15
CA TYR B 39 2.85 -16.88 12.81
C TYR B 39 3.62 -16.15 11.71
N HIS B 40 3.47 -16.58 10.49
CA HIS B 40 4.19 -15.92 9.37
C HIS B 40 3.34 -14.76 8.85
N ALA B 41 3.38 -13.64 9.53
CA ALA B 41 2.56 -12.47 9.09
C ALA B 41 3.06 -11.97 7.73
N ASN B 42 4.36 -11.95 7.54
CA ASN B 42 4.91 -11.48 6.24
C ASN B 42 4.50 -10.02 6.02
N PHE B 43 4.94 -9.43 4.94
CA PHE B 43 4.57 -8.01 4.67
C PHE B 43 5.22 -7.56 3.36
N CYS B 44 5.00 -6.34 2.96
CA CYS B 44 5.59 -5.87 1.68
C CYS B 44 6.48 -4.64 1.93
N LEU B 45 7.55 -4.53 1.20
CA LEU B 45 8.46 -3.35 1.39
C LEU B 45 8.96 -2.88 0.02
N GLY B 46 9.94 -2.02 0.00
CA GLY B 46 10.47 -1.52 -1.29
C GLY B 46 9.34 -0.82 -2.06
N PRO B 47 9.72 0.04 -2.97
CA PRO B 47 8.77 0.79 -3.80
C PRO B 47 8.21 -0.09 -4.92
N CYS B 48 7.64 0.51 -5.92
CA CYS B 48 7.06 -0.29 -7.04
C CYS B 48 7.27 0.50 -8.35
N PRO B 49 7.97 -0.11 -9.28
CA PRO B 49 8.25 0.53 -10.58
C PRO B 49 7.01 0.49 -11.46
N TYR B 50 7.17 0.50 -12.76
CA TYR B 50 5.97 0.50 -13.65
C TYR B 50 5.62 -0.93 -14.08
N ILE B 51 6.25 -1.42 -15.11
CA ILE B 51 5.96 -2.79 -15.60
C ILE B 51 5.68 -3.74 -14.43
N TRP B 52 6.25 -3.49 -13.29
CA TRP B 52 6.00 -4.39 -12.13
C TRP B 52 4.50 -4.69 -12.04
N SER B 53 4.13 -5.71 -11.32
CA SER B 53 2.69 -6.05 -11.20
C SER B 53 1.91 -4.81 -10.75
N LEU B 54 1.45 -4.03 -11.69
CA LEU B 54 0.68 -2.80 -11.33
C LEU B 54 -0.77 -3.19 -11.03
N ASP B 55 -1.29 -2.76 -9.92
CA ASP B 55 -2.69 -3.10 -9.57
C ASP B 55 -3.63 -2.02 -10.09
N THR B 56 -3.48 -0.81 -9.63
CA THR B 56 -4.35 0.29 -10.11
C THR B 56 -3.63 1.09 -11.20
N GLN B 57 -4.35 1.84 -11.98
CA GLN B 57 -3.70 2.63 -13.06
C GLN B 57 -2.81 3.71 -12.43
N TYR B 58 -3.16 4.17 -11.26
CA TYR B 58 -2.34 5.22 -10.60
C TYR B 58 -0.96 4.63 -10.28
N SER B 59 -0.90 3.37 -9.98
CA SER B 59 0.42 2.74 -9.66
C SER B 59 1.35 2.84 -10.88
N LYS B 60 0.79 3.06 -12.04
CA LYS B 60 1.63 3.16 -13.26
C LYS B 60 2.13 4.60 -13.39
N VAL B 61 1.30 5.56 -13.10
CA VAL B 61 1.72 6.98 -13.20
C VAL B 61 2.73 7.29 -12.10
N LEU B 62 2.30 7.30 -10.87
CA LEU B 62 3.25 7.60 -9.75
C LEU B 62 4.50 6.73 -9.90
N ALA B 63 4.36 5.56 -10.45
CA ALA B 63 5.55 4.68 -10.62
C ALA B 63 6.68 5.46 -11.29
N LEU B 64 6.38 6.09 -12.40
CA LEU B 64 7.43 6.89 -13.09
C LEU B 64 7.62 8.21 -12.33
N TYR B 65 6.58 8.71 -11.74
CA TYR B 65 6.70 9.98 -10.97
C TYR B 65 7.88 9.88 -10.01
N ASN B 66 8.12 8.72 -9.48
CA ASN B 66 9.25 8.52 -8.53
C ASN B 66 10.49 8.10 -9.32
N GLN B 67 10.34 7.11 -10.15
CA GLN B 67 11.48 6.62 -10.97
C GLN B 67 12.12 7.77 -11.74
N HIS B 68 11.43 8.88 -11.83
CA HIS B 68 11.99 10.05 -12.56
C HIS B 68 12.71 10.98 -11.59
N ASN B 69 12.09 11.27 -10.47
CA ASN B 69 12.74 12.18 -9.49
C ASN B 69 13.51 11.36 -8.44
N PRO B 70 14.81 11.45 -8.47
CA PRO B 70 15.67 10.72 -7.52
C PRO B 70 15.67 11.44 -6.17
N GLY B 71 14.94 10.93 -5.22
CA GLY B 71 14.89 11.58 -3.89
C GLY B 71 13.45 11.99 -3.56
N ALA B 72 12.50 11.43 -4.25
CA ALA B 72 11.08 11.77 -3.98
C ALA B 72 10.48 10.70 -3.06
N SER B 73 9.95 11.12 -1.96
CA SER B 73 9.34 10.15 -1.00
C SER B 73 7.84 9.99 -1.29
N ALA B 74 7.47 9.87 -2.54
CA ALA B 74 6.03 9.72 -2.87
C ALA B 74 5.84 8.48 -3.75
N ALA B 75 6.80 7.59 -3.75
CA ALA B 75 6.67 6.36 -4.57
C ALA B 75 5.34 5.67 -4.24
N PRO B 76 5.11 4.51 -4.82
CA PRO B 76 3.87 3.75 -4.59
C PRO B 76 3.94 3.04 -3.24
N CYS B 77 3.10 2.08 -3.02
CA CYS B 77 3.13 1.36 -1.72
C CYS B 77 2.78 -0.12 -1.91
N CYS B 78 3.76 -0.97 -2.06
CA CYS B 78 3.48 -2.42 -2.23
C CYS B 78 2.70 -2.90 -1.01
N VAL B 79 1.68 -3.73 -1.19
CA VAL B 79 0.88 -4.17 -0.01
C VAL B 79 0.41 -5.63 -0.19
N PRO B 80 -0.10 -6.20 0.89
CA PRO B 80 -0.61 -7.58 0.88
C PRO B 80 -1.98 -7.65 0.20
N GLN B 81 -2.02 -8.02 -1.04
CA GLN B 81 -3.33 -8.11 -1.76
C GLN B 81 -4.13 -9.30 -1.21
N ALA B 82 -3.60 -10.47 -1.35
CA ALA B 82 -4.32 -11.68 -0.83
C ALA B 82 -3.84 -11.96 0.58
N LEU B 83 -4.70 -12.46 1.43
CA LEU B 83 -4.29 -12.74 2.83
C LEU B 83 -4.75 -14.14 3.23
N GLU B 84 -4.66 -14.42 4.49
CA GLU B 84 -5.09 -15.75 5.00
C GLU B 84 -5.54 -15.58 6.45
N PRO B 85 -6.31 -16.54 6.92
CA PRO B 85 -6.83 -16.52 8.29
C PRO B 85 -5.72 -16.85 9.30
N LEU B 86 -6.10 -17.23 10.50
CA LEU B 86 -5.07 -17.53 11.53
C LEU B 86 -5.73 -18.28 12.70
N PRO B 87 -5.41 -19.55 12.82
CA PRO B 87 -5.95 -20.41 13.91
C PRO B 87 -5.25 -20.08 15.22
N ILE B 88 -5.93 -19.42 16.11
CA ILE B 88 -5.30 -19.05 17.41
C ILE B 88 -6.07 -19.69 18.57
N VAL B 89 -5.86 -19.16 19.73
CA VAL B 89 -6.55 -19.65 20.95
C VAL B 89 -6.41 -18.59 22.04
N TYR B 90 -7.47 -17.93 22.38
CA TYR B 90 -7.38 -16.89 23.43
C TYR B 90 -8.28 -17.27 24.60
N TYR B 91 -8.48 -16.39 25.54
CA TYR B 91 -9.34 -16.73 26.71
C TYR B 91 -10.33 -15.60 27.00
N VAL B 92 -11.56 -15.96 27.25
CA VAL B 92 -12.58 -14.94 27.60
C VAL B 92 -12.93 -15.11 29.07
N GLY B 93 -12.27 -14.38 29.92
CA GLY B 93 -12.54 -14.53 31.38
C GLY B 93 -11.84 -15.79 31.88
N ARG B 94 -12.41 -16.94 31.65
CA ARG B 94 -11.78 -18.20 32.13
C ARG B 94 -12.01 -19.36 31.14
N LYS B 95 -12.76 -19.13 30.09
CA LYS B 95 -13.01 -20.23 29.13
C LYS B 95 -12.08 -20.06 27.92
N PRO B 96 -11.55 -21.15 27.43
CA PRO B 96 -10.64 -21.13 26.27
C PRO B 96 -11.46 -20.97 24.99
N LYS B 97 -10.91 -20.32 24.00
CA LYS B 97 -11.67 -20.14 22.73
C LYS B 97 -10.72 -20.15 21.53
N VAL B 98 -10.74 -21.21 20.76
CA VAL B 98 -9.86 -21.27 19.56
C VAL B 98 -10.61 -20.69 18.37
N GLU B 99 -10.03 -19.76 17.66
CA GLU B 99 -10.76 -19.17 16.50
C GLU B 99 -9.86 -19.20 15.27
N GLN B 100 -10.19 -18.38 14.31
CA GLN B 100 -9.38 -18.32 13.07
C GLN B 100 -9.40 -16.90 12.54
N LEU B 101 -8.57 -16.05 13.08
CA LEU B 101 -8.55 -14.64 12.61
C LEU B 101 -8.61 -14.61 11.09
N SER B 102 -9.24 -13.62 10.54
CA SER B 102 -9.35 -13.55 9.06
C SER B 102 -8.34 -12.54 8.49
N ASN B 103 -7.76 -12.84 7.36
CA ASN B 103 -6.77 -11.88 6.75
C ASN B 103 -5.67 -11.56 7.76
N MET B 104 -5.37 -12.48 8.61
CA MET B 104 -4.30 -12.24 9.63
C MET B 104 -2.97 -12.77 9.06
N ILE B 105 -2.88 -12.88 7.77
CA ILE B 105 -1.62 -13.40 7.15
C ILE B 105 -1.51 -12.87 5.72
N VAL B 106 -0.35 -12.97 5.13
CA VAL B 106 -0.18 -12.47 3.75
C VAL B 106 0.14 -13.65 2.82
N ARG B 107 -0.45 -13.68 1.66
CA ARG B 107 -0.17 -14.79 0.70
C ARG B 107 0.43 -14.20 -0.57
N SER B 108 0.46 -12.90 -0.69
CA SER B 108 1.03 -12.26 -1.91
C SER B 108 0.83 -10.75 -1.81
N CYS B 109 1.84 -9.99 -2.15
CA CYS B 109 1.71 -8.50 -2.07
C CYS B 109 1.29 -7.95 -3.43
N LYS B 110 1.35 -6.65 -3.60
CA LYS B 110 0.95 -6.04 -4.90
C LYS B 110 1.38 -4.57 -4.86
N CYS B 111 0.82 -3.76 -5.71
CA CYS B 111 1.22 -2.32 -5.69
C CYS B 111 -0.02 -1.44 -5.69
N SER B 112 -0.58 -1.17 -4.53
CA SER B 112 -1.79 -0.32 -4.46
C SER B 112 -1.38 1.15 -4.38
N ALA A 1 -11.56 9.20 8.30
CA ALA A 1 -11.73 9.91 6.99
C ALA A 1 -10.36 10.10 6.34
N LEU A 2 -9.92 9.13 5.59
CA LEU A 2 -8.59 9.26 4.93
C LEU A 2 -8.79 9.56 3.44
N ASP A 3 -9.31 10.70 3.13
CA ASP A 3 -9.54 11.06 1.71
C ASP A 3 -8.79 12.35 1.38
N THR A 4 -9.01 12.88 0.22
CA THR A 4 -8.32 14.14 -0.19
C THR A 4 -9.05 15.34 0.39
N ASN A 5 -10.00 15.11 1.27
CA ASN A 5 -10.75 16.24 1.89
C ASN A 5 -10.19 16.52 3.28
N TYR A 6 -9.93 15.49 4.04
CA TYR A 6 -9.40 15.69 5.42
C TYR A 6 -7.87 15.75 5.38
N CYS A 7 -7.27 15.25 4.34
CA CYS A 7 -5.78 15.28 4.25
C CYS A 7 -5.32 16.61 3.65
N PHE A 8 -6.21 17.34 3.03
CA PHE A 8 -5.82 18.64 2.43
C PHE A 8 -5.94 19.74 3.50
N SER A 9 -6.11 19.37 4.73
CA SER A 9 -6.23 20.39 5.81
C SER A 9 -4.84 20.69 6.39
N SER A 10 -4.45 19.98 7.41
CA SER A 10 -3.10 20.21 8.01
C SER A 10 -2.18 19.04 7.69
N THR A 11 -1.28 18.72 8.56
CA THR A 11 -0.35 17.58 8.30
C THR A 11 -0.75 16.38 9.17
N GLU A 12 -0.08 15.28 9.02
CA GLU A 12 -0.43 14.07 9.83
C GLU A 12 0.70 13.04 9.72
N LYS A 13 0.57 11.95 10.40
CA LYS A 13 1.64 10.90 10.33
C LYS A 13 0.99 9.54 10.13
N ASN A 14 -0.07 9.47 9.38
CA ASN A 14 -0.75 8.16 9.14
C ASN A 14 -1.09 8.01 7.66
N CYS A 15 -2.06 7.19 7.35
CA CYS A 15 -2.45 6.99 5.92
C CYS A 15 -3.31 8.18 5.47
N CYS A 16 -2.69 9.30 5.18
CA CYS A 16 -3.46 10.48 4.74
C CYS A 16 -3.07 10.83 3.30
N VAL A 17 -4.02 10.86 2.41
CA VAL A 17 -3.71 11.20 0.99
C VAL A 17 -3.06 12.60 0.93
N ARG A 18 -1.85 12.68 0.44
CA ARG A 18 -1.19 14.02 0.36
C ARG A 18 -1.28 14.56 -1.06
N GLN A 19 -1.27 15.86 -1.22
CA GLN A 19 -1.36 16.45 -2.58
C GLN A 19 -0.19 15.94 -3.42
N LEU A 20 -0.41 15.72 -4.69
CA LEU A 20 0.70 15.21 -5.54
C LEU A 20 0.51 15.67 -6.98
N TYR A 21 0.18 16.90 -7.19
CA TYR A 21 0.00 17.38 -8.59
C TYR A 21 1.19 16.91 -9.41
N ILE A 22 0.96 16.36 -10.56
CA ILE A 22 2.10 15.88 -11.39
C ILE A 22 2.08 16.58 -12.75
N ASP A 23 3.09 17.34 -13.04
CA ASP A 23 3.14 18.03 -14.36
C ASP A 23 3.71 17.04 -15.37
N PHE A 24 2.83 16.31 -16.01
CA PHE A 24 3.23 15.27 -17.01
C PHE A 24 4.72 15.36 -17.39
N ARG A 25 5.16 16.48 -17.89
CA ARG A 25 6.59 16.61 -18.30
C ARG A 25 7.50 16.92 -17.11
N LYS A 26 7.10 17.79 -16.23
CA LYS A 26 7.98 18.13 -15.07
C LYS A 26 8.24 16.92 -14.18
N ASP A 27 7.21 16.20 -13.83
CA ASP A 27 7.38 15.04 -12.92
C ASP A 27 7.67 13.75 -13.70
N LEU A 28 6.75 13.28 -14.50
CA LEU A 28 6.99 12.01 -15.24
C LEU A 28 7.71 12.27 -16.56
N GLY A 29 7.79 13.50 -16.98
CA GLY A 29 8.46 13.79 -18.28
C GLY A 29 7.69 13.10 -19.40
N TRP A 30 6.51 12.63 -19.11
CA TRP A 30 5.69 11.94 -20.15
C TRP A 30 5.73 12.74 -21.45
N LYS A 31 6.10 12.09 -22.53
CA LYS A 31 6.18 12.79 -23.83
C LYS A 31 5.04 12.31 -24.72
N TRP A 32 4.35 11.28 -24.33
CA TRP A 32 3.24 10.77 -25.18
C TRP A 32 1.95 11.54 -24.86
N ILE A 33 2.00 12.44 -23.92
CA ILE A 33 0.78 13.22 -23.58
C ILE A 33 1.08 14.71 -23.72
N HIS A 34 0.24 15.42 -24.42
CA HIS A 34 0.45 16.88 -24.59
C HIS A 34 -0.34 17.65 -23.54
N GLU A 35 -1.62 17.40 -23.45
CA GLU A 35 -2.44 18.12 -22.43
C GLU A 35 -3.25 17.11 -21.61
N PRO A 36 -3.56 17.48 -20.40
CA PRO A 36 -3.17 18.78 -19.83
C PRO A 36 -1.69 18.75 -19.41
N LYS A 37 -1.13 19.89 -19.13
CA LYS A 37 0.29 19.94 -18.70
C LYS A 37 0.48 19.01 -17.51
N GLY A 38 -0.47 18.97 -16.63
CA GLY A 38 -0.35 18.08 -15.44
C GLY A 38 -1.74 17.79 -14.88
N TYR A 39 -1.84 17.51 -13.61
CA TYR A 39 -3.17 17.22 -13.01
C TYR A 39 -3.01 16.93 -11.52
N HIS A 40 -4.08 16.62 -10.84
CA HIS A 40 -3.98 16.31 -9.39
C HIS A 40 -3.87 14.81 -9.19
N ALA A 41 -2.72 14.25 -9.44
CA ALA A 41 -2.54 12.78 -9.28
C ALA A 41 -2.80 12.39 -7.83
N ASN A 42 -2.34 13.18 -6.89
CA ASN A 42 -2.56 12.85 -5.47
C ASN A 42 -1.90 11.52 -5.13
N PHE A 43 -1.94 11.13 -3.88
CA PHE A 43 -1.33 9.84 -3.47
C PHE A 43 -1.46 9.69 -1.96
N CYS A 44 -0.70 8.84 -1.35
CA CYS A 44 -0.82 8.67 0.13
C CYS A 44 0.55 8.45 0.75
N LEU A 45 0.69 8.76 2.01
CA LEU A 45 2.00 8.56 2.69
C LEU A 45 1.75 8.24 4.17
N GLY A 46 2.79 7.91 4.90
CA GLY A 46 2.61 7.58 6.34
C GLY A 46 1.79 6.29 6.49
N PRO A 47 2.14 5.50 7.45
CA PRO A 47 1.47 4.22 7.73
C PRO A 47 0.17 4.47 8.51
N CYS A 48 -0.33 3.47 9.19
CA CYS A 48 -1.58 3.66 9.98
C CYS A 48 -1.51 2.86 11.28
N PRO A 49 -2.09 3.41 12.31
CA PRO A 49 -2.13 2.77 13.65
C PRO A 49 -3.13 1.62 13.65
N TYR A 50 -3.63 1.24 14.81
CA TYR A 50 -4.61 0.13 14.87
C TYR A 50 -6.04 0.68 14.99
N ILE A 51 -6.30 1.79 14.35
CA ILE A 51 -7.67 2.38 14.43
C ILE A 51 -7.91 3.28 13.21
N TRP A 52 -7.14 3.12 12.18
CA TRP A 52 -7.31 3.97 10.98
C TRP A 52 -8.15 3.23 9.93
N SER A 53 -9.41 3.02 10.20
CA SER A 53 -10.29 2.31 9.23
C SER A 53 -9.53 1.13 8.62
N LEU A 54 -8.79 0.42 9.42
CA LEU A 54 -8.03 -0.75 8.89
C LEU A 54 -8.98 -1.67 8.10
N ASP A 55 -8.62 -2.03 6.91
CA ASP A 55 -9.50 -2.92 6.10
C ASP A 55 -9.08 -4.37 6.30
N THR A 56 -7.81 -4.63 6.43
CA THR A 56 -7.33 -6.02 6.63
C THR A 56 -6.91 -6.21 8.09
N GLN A 57 -6.91 -7.43 8.56
CA GLN A 57 -6.50 -7.67 9.97
C GLN A 57 -4.97 -7.60 10.09
N TYR A 58 -4.27 -7.92 9.02
CA TYR A 58 -2.78 -7.85 9.08
C TYR A 58 -2.36 -6.40 9.31
N SER A 59 -3.04 -5.47 8.70
CA SER A 59 -2.67 -4.04 8.89
C SER A 59 -2.75 -3.67 10.37
N LYS A 60 -3.43 -4.46 11.15
CA LYS A 60 -3.53 -4.16 12.60
C LYS A 60 -2.32 -4.73 13.33
N VAL A 61 -1.97 -5.95 13.03
CA VAL A 61 -0.79 -6.57 13.70
C VAL A 61 0.48 -5.81 13.27
N LEU A 62 0.83 -5.90 12.03
CA LEU A 62 2.05 -5.20 11.55
C LEU A 62 2.01 -3.73 12.01
N ALA A 63 0.84 -3.18 12.16
CA ALA A 63 0.74 -1.76 12.61
C ALA A 63 1.52 -1.60 13.91
N LEU A 64 1.31 -2.49 14.86
CA LEU A 64 2.05 -2.41 16.14
C LEU A 64 3.48 -2.88 15.93
N TYR A 65 3.66 -3.87 15.10
CA TYR A 65 5.03 -4.39 14.83
C TYR A 65 5.98 -3.20 14.58
N ASN A 66 5.46 -2.12 14.05
CA ASN A 66 6.30 -0.93 13.80
C ASN A 66 6.13 0.07 14.93
N GLN A 67 4.91 0.41 15.23
CA GLN A 67 4.63 1.38 16.33
C GLN A 67 5.39 1.00 17.59
N HIS A 68 5.85 -0.21 17.67
CA HIS A 68 6.59 -0.66 18.88
C HIS A 68 8.08 -0.35 18.71
N ASN A 69 8.64 -0.69 17.58
CA ASN A 69 10.09 -0.42 17.35
C ASN A 69 10.24 0.88 16.56
N PRO A 70 10.96 1.82 17.12
CA PRO A 70 11.20 3.12 16.47
C PRO A 70 12.28 2.99 15.39
N GLY A 71 11.88 2.79 14.16
CA GLY A 71 12.89 2.64 13.07
C GLY A 71 12.71 1.27 12.40
N ALA A 72 11.51 0.76 12.39
CA ALA A 72 11.27 -0.56 11.74
C ALA A 72 10.89 -0.34 10.29
N SER A 73 11.58 -0.96 9.40
CA SER A 73 11.28 -0.80 7.95
C SER A 73 10.21 -1.81 7.52
N ALA A 74 9.29 -2.12 8.38
CA ALA A 74 8.22 -3.10 8.01
C ALA A 74 6.86 -2.58 8.46
N ALA A 75 6.49 -1.41 7.99
CA ALA A 75 5.17 -0.82 8.38
C ALA A 75 4.11 -1.27 7.36
N PRO A 76 2.91 -0.78 7.53
CA PRO A 76 1.79 -1.11 6.62
C PRO A 76 1.97 -0.34 5.31
N CYS A 77 0.95 -0.26 4.50
CA CYS A 77 1.13 0.47 3.22
C CYS A 77 -0.15 1.21 2.82
N CYS A 78 -0.26 2.46 3.20
CA CYS A 78 -1.47 3.24 2.81
C CYS A 78 -1.52 3.31 1.27
N VAL A 79 -2.69 3.19 0.68
CA VAL A 79 -2.77 3.21 -0.81
C VAL A 79 -4.03 3.93 -1.30
N PRO A 80 -4.04 4.26 -2.57
CA PRO A 80 -5.18 4.94 -3.21
C PRO A 80 -6.33 3.96 -3.45
N GLN A 81 -7.23 3.86 -2.51
CA GLN A 81 -8.37 2.91 -2.68
C GLN A 81 -9.13 3.25 -3.96
N ALA A 82 -9.86 4.33 -3.96
CA ALA A 82 -10.62 4.71 -5.18
C ALA A 82 -9.74 5.60 -6.07
N LEU A 83 -10.01 5.64 -7.35
CA LEU A 83 -9.19 6.49 -8.24
C LEU A 83 -10.10 7.27 -9.19
N GLU A 84 -9.52 7.86 -10.19
CA GLU A 84 -10.31 8.64 -11.17
C GLU A 84 -9.59 8.63 -12.51
N PRO A 85 -10.33 8.85 -13.56
CA PRO A 85 -9.78 8.86 -14.93
C PRO A 85 -8.99 10.14 -15.17
N LEU A 86 -8.76 10.49 -16.41
CA LEU A 86 -7.96 11.71 -16.71
C LEU A 86 -8.13 12.08 -18.19
N PRO A 87 -8.79 13.19 -18.44
CA PRO A 87 -9.02 13.69 -19.80
C PRO A 87 -7.73 14.33 -20.34
N ILE A 88 -7.10 13.69 -21.29
CA ILE A 88 -5.83 14.25 -21.83
C ILE A 88 -5.95 14.52 -23.32
N VAL A 89 -4.82 14.62 -23.95
CA VAL A 89 -4.78 14.85 -25.42
C VAL A 89 -3.37 14.54 -25.89
N TYR A 90 -3.18 13.47 -26.62
CA TYR A 90 -1.82 13.15 -27.10
C TYR A 90 -1.79 13.17 -28.63
N TYR A 91 -0.71 12.73 -29.21
CA TYR A 91 -0.63 12.75 -30.70
C TYR A 91 0.09 11.51 -31.22
N VAL A 92 -0.47 10.89 -32.24
CA VAL A 92 0.19 9.70 -32.84
C VAL A 92 0.81 10.14 -34.15
N GLY A 93 2.04 10.56 -34.12
CA GLY A 93 2.70 11.04 -35.36
C GLY A 93 2.22 12.48 -35.63
N ARG A 94 1.04 12.63 -36.16
CA ARG A 94 0.51 14.01 -36.45
C ARG A 94 -0.99 14.08 -36.17
N LYS A 95 -1.63 12.99 -35.86
CA LYS A 95 -3.09 13.04 -35.59
C LYS A 95 -3.34 13.25 -34.09
N PRO A 96 -4.25 14.14 -33.78
CA PRO A 96 -4.59 14.45 -32.38
C PRO A 96 -5.51 13.35 -31.82
N LYS A 97 -5.36 13.01 -30.57
CA LYS A 97 -6.23 11.95 -29.99
C LYS A 97 -6.52 12.26 -28.51
N VAL A 98 -7.71 12.71 -28.22
CA VAL A 98 -8.05 13.01 -26.80
C VAL A 98 -8.67 11.77 -26.17
N GLU A 99 -8.32 11.47 -24.94
CA GLU A 99 -8.91 10.26 -24.29
C GLU A 99 -9.20 10.54 -22.83
N GLN A 100 -9.28 9.51 -22.05
CA GLN A 100 -9.57 9.68 -20.60
C GLN A 100 -8.86 8.56 -19.83
N LEU A 101 -7.61 8.73 -19.54
CA LEU A 101 -6.88 7.67 -18.81
C LEU A 101 -7.74 7.18 -17.64
N SER A 102 -7.62 5.93 -17.32
CA SER A 102 -8.45 5.37 -16.21
C SER A 102 -7.62 5.22 -14.92
N ASN A 103 -8.24 5.41 -13.79
CA ASN A 103 -7.51 5.27 -12.49
C ASN A 103 -6.19 6.06 -12.56
N MET A 104 -6.18 7.13 -13.28
CA MET A 104 -4.95 7.95 -13.37
C MET A 104 -5.00 9.05 -12.31
N ILE A 105 -5.81 8.86 -11.30
CA ILE A 105 -5.91 9.89 -10.22
C ILE A 105 -6.32 9.21 -8.92
N VAL A 106 -6.20 9.90 -7.81
CA VAL A 106 -6.57 9.28 -6.52
C VAL A 106 -7.78 10.03 -5.92
N ARG A 107 -8.73 9.30 -5.41
CA ARG A 107 -9.93 9.96 -4.82
C ARG A 107 -9.99 9.65 -3.32
N SER A 108 -9.32 8.61 -2.90
CA SER A 108 -9.33 8.25 -1.46
C SER A 108 -8.26 7.17 -1.19
N CYS A 109 -7.57 7.27 -0.10
CA CYS A 109 -6.51 6.26 0.22
C CYS A 109 -7.07 5.18 1.14
N LYS A 110 -6.21 4.34 1.65
CA LYS A 110 -6.66 3.25 2.57
C LYS A 110 -5.43 2.61 3.19
N CYS A 111 -5.56 1.45 3.77
CA CYS A 111 -4.36 0.80 4.37
C CYS A 111 -4.36 -0.70 4.05
N SER A 112 -3.84 -1.07 2.91
CA SER A 112 -3.80 -2.50 2.55
C SER A 112 -2.53 -3.14 3.11
N ALA B 1 5.33 -12.18 -10.50
CA ALA B 1 5.08 -13.10 -9.35
C ALA B 1 5.53 -12.42 -8.05
N LEU B 2 4.66 -11.65 -7.44
CA LEU B 2 5.04 -10.96 -6.18
C LEU B 2 4.39 -11.66 -4.99
N ASP B 3 4.78 -12.88 -4.74
CA ASP B 3 4.18 -13.63 -3.60
C ASP B 3 5.28 -14.03 -2.63
N THR B 4 4.95 -14.82 -1.65
CA THR B 4 5.96 -15.27 -0.65
C THR B 4 6.77 -16.44 -1.21
N ASN B 5 6.61 -16.73 -2.47
CA ASN B 5 7.37 -17.86 -3.08
C ASN B 5 8.56 -17.30 -3.86
N TYR B 6 8.36 -16.25 -4.61
CA TYR B 6 9.47 -15.66 -5.40
C TYR B 6 10.21 -14.62 -4.56
N CYS B 7 9.60 -14.14 -3.52
CA CYS B 7 10.29 -13.12 -2.67
C CYS B 7 11.15 -13.82 -1.61
N PHE B 8 10.91 -15.08 -1.38
CA PHE B 8 11.72 -15.81 -0.37
C PHE B 8 12.99 -16.36 -1.01
N SER B 9 13.28 -15.93 -2.21
CA SER B 9 14.52 -16.41 -2.90
C SER B 9 15.68 -15.48 -2.57
N SER B 10 15.90 -14.48 -3.37
CA SER B 10 17.02 -13.53 -3.10
C SER B 10 16.46 -12.18 -2.66
N THR B 11 17.12 -11.12 -2.98
CA THR B 11 16.61 -9.78 -2.56
C THR B 11 16.02 -9.05 -3.78
N GLU B 12 15.48 -7.88 -3.58
CA GLU B 12 14.90 -7.13 -4.73
C GLU B 12 14.65 -5.69 -4.31
N LYS B 13 14.15 -4.88 -5.20
CA LYS B 13 13.89 -3.45 -4.86
C LYS B 13 12.50 -3.05 -5.36
N ASN B 14 11.56 -3.96 -5.33
CA ASN B 14 10.19 -3.62 -5.81
C ASN B 14 9.15 -4.14 -4.81
N CYS B 15 7.94 -4.36 -5.26
CA CYS B 15 6.89 -4.87 -4.36
C CYS B 15 7.08 -6.37 -4.14
N CYS B 16 8.01 -6.74 -3.31
CA CYS B 16 8.25 -8.19 -3.05
C CYS B 16 7.93 -8.50 -1.58
N VAL B 17 7.05 -9.41 -1.35
CA VAL B 17 6.69 -9.77 0.06
C VAL B 17 7.95 -10.25 0.79
N ARG B 18 8.34 -9.58 1.85
CA ARG B 18 9.55 -10.00 2.58
C ARG B 18 9.15 -10.79 3.83
N GLN B 19 10.00 -11.67 4.29
CA GLN B 19 9.66 -12.47 5.51
C GLN B 19 9.42 -11.51 6.67
N LEU B 20 8.50 -11.84 7.54
CA LEU B 20 8.22 -10.93 8.68
C LEU B 20 7.71 -11.73 9.87
N TYR B 21 8.33 -12.84 10.18
CA TYR B 21 7.84 -13.63 11.35
C TYR B 21 7.65 -12.67 12.53
N ILE B 22 6.55 -12.77 13.21
CA ILE B 22 6.31 -11.85 14.36
C ILE B 22 6.10 -12.66 15.63
N ASP B 23 6.97 -12.53 16.59
CA ASP B 23 6.79 -13.27 17.86
C ASP B 23 5.83 -12.47 18.73
N PHE B 24 4.56 -12.77 18.62
CA PHE B 24 3.50 -12.04 19.39
C PHE B 24 4.08 -11.15 20.50
N ARG B 25 4.82 -11.72 21.41
CA ARG B 25 5.37 -10.89 22.52
C ARG B 25 6.65 -10.14 22.10
N LYS B 26 7.53 -10.77 21.39
CA LYS B 26 8.80 -10.09 20.99
C LYS B 26 8.52 -8.88 20.10
N ASP B 27 7.71 -9.05 19.10
CA ASP B 27 7.44 -7.94 18.16
C ASP B 27 6.26 -7.07 18.62
N LEU B 28 5.08 -7.61 18.68
CA LEU B 28 3.90 -6.79 19.09
C LEU B 28 3.74 -6.79 20.61
N GLY B 29 4.43 -7.65 21.30
CA GLY B 29 4.28 -7.69 22.78
C GLY B 29 2.84 -8.06 23.12
N TRP B 30 2.09 -8.52 22.15
CA TRP B 30 0.67 -8.90 22.39
C TRP B 30 0.58 -9.73 23.68
N LYS B 31 -0.25 -9.30 24.59
CA LYS B 31 -0.41 -10.03 25.87
C LYS B 31 -1.75 -10.76 25.88
N TRP B 32 -2.61 -10.45 24.95
CA TRP B 32 -3.94 -11.13 24.92
C TRP B 32 -3.84 -12.46 24.20
N ILE B 33 -2.69 -12.79 23.68
CA ILE B 33 -2.55 -14.08 22.96
C ILE B 33 -1.41 -14.89 23.59
N HIS B 34 -1.68 -16.13 23.91
CA HIS B 34 -0.63 -16.99 24.53
C HIS B 34 0.09 -17.79 23.44
N GLU B 35 -0.65 -18.50 22.63
CA GLU B 35 -0.01 -19.31 21.55
C GLU B 35 -0.69 -19.01 20.22
N PRO B 36 0.07 -19.17 19.15
CA PRO B 36 1.48 -19.60 19.22
C PRO B 36 2.37 -18.44 19.64
N LYS B 37 3.60 -18.73 20.00
CA LYS B 37 4.52 -17.64 20.40
C LYS B 37 4.59 -16.59 19.30
N GLY B 38 4.56 -17.01 18.07
CA GLY B 38 4.61 -16.05 16.94
C GLY B 38 4.03 -16.70 15.68
N TYR B 39 4.45 -16.27 14.52
CA TYR B 39 3.92 -16.88 13.26
C TYR B 39 4.57 -16.19 12.06
N HIS B 40 4.18 -16.57 10.88
CA HIS B 40 4.77 -15.95 9.66
C HIS B 40 3.86 -14.82 9.18
N ALA B 41 3.88 -13.70 9.85
CA ALA B 41 3.02 -12.56 9.43
C ALA B 41 3.38 -12.12 8.02
N ASN B 42 4.64 -12.08 7.70
CA ASN B 42 5.04 -11.66 6.33
C ASN B 42 4.58 -10.24 6.07
N PHE B 43 4.95 -9.69 4.94
CA PHE B 43 4.53 -8.30 4.60
C PHE B 43 5.15 -7.92 3.27
N CYS B 44 5.23 -6.66 2.95
CA CYS B 44 5.82 -6.27 1.64
C CYS B 44 6.65 -5.00 1.79
N LEU B 45 7.59 -4.79 0.91
CA LEU B 45 8.44 -3.56 0.98
C LEU B 45 8.85 -3.15 -0.43
N GLY B 46 9.49 -2.02 -0.56
CA GLY B 46 9.92 -1.56 -1.92
C GLY B 46 8.69 -1.26 -2.78
N PRO B 47 8.81 -0.24 -3.59
CA PRO B 47 7.72 0.19 -4.49
C PRO B 47 7.67 -0.69 -5.74
N CYS B 48 7.10 -0.22 -6.80
CA CYS B 48 7.04 -1.04 -8.05
C CYS B 48 7.19 -0.12 -9.27
N PRO B 49 7.84 -0.65 -10.29
CA PRO B 49 8.06 0.08 -11.55
C PRO B 49 6.77 0.14 -12.37
N TYR B 50 6.87 0.31 -13.66
CA TYR B 50 5.65 0.38 -14.51
C TYR B 50 5.43 -0.96 -15.21
N ILE B 51 5.75 -2.05 -14.54
CA ILE B 51 5.56 -3.38 -15.17
C ILE B 51 5.45 -4.46 -14.08
N TRP B 52 5.15 -4.06 -12.87
CA TRP B 52 5.05 -5.05 -11.77
C TRP B 52 3.58 -5.42 -11.54
N SER B 53 2.98 -6.10 -12.48
CA SER B 53 1.55 -6.49 -12.31
C SER B 53 0.75 -5.34 -11.71
N LEU B 54 1.01 -4.14 -12.16
CA LEU B 54 0.27 -2.97 -11.61
C LEU B 54 -1.23 -3.23 -11.70
N ASP B 55 -1.94 -3.03 -10.62
CA ASP B 55 -3.41 -3.27 -10.65
C ASP B 55 -4.14 -1.96 -10.96
N THR B 56 -3.64 -0.87 -10.46
CA THR B 56 -4.31 0.44 -10.73
C THR B 56 -3.48 1.23 -11.74
N GLN B 57 -4.08 2.16 -12.43
CA GLN B 57 -3.33 2.96 -13.43
C GLN B 57 -2.50 4.02 -12.71
N TYR B 58 -2.94 4.46 -11.56
CA TYR B 58 -2.15 5.49 -10.82
C TYR B 58 -0.80 4.89 -10.42
N SER B 59 -0.77 3.64 -10.04
CA SER B 59 0.51 3.01 -9.64
C SER B 59 1.50 3.07 -10.81
N LYS B 60 1.01 3.31 -12.00
CA LYS B 60 1.91 3.40 -13.17
C LYS B 60 2.47 4.82 -13.27
N VAL B 61 1.64 5.80 -13.14
CA VAL B 61 2.11 7.21 -13.22
C VAL B 61 3.03 7.50 -12.02
N LEU B 62 2.49 7.50 -10.84
CA LEU B 62 3.32 7.78 -9.64
C LEU B 62 4.57 6.89 -9.68
N ALA B 63 4.48 5.73 -10.27
CA ALA B 63 5.67 4.84 -10.33
C ALA B 63 6.84 5.62 -10.96
N LEU B 64 6.61 6.29 -12.05
CA LEU B 64 7.69 7.08 -12.70
C LEU B 64 7.92 8.35 -11.89
N TYR B 65 6.87 8.93 -11.38
CA TYR B 65 7.02 10.17 -10.58
C TYR B 65 8.18 10.00 -9.58
N ASN B 66 8.41 8.80 -9.15
CA ASN B 66 9.53 8.53 -8.19
C ASN B 66 10.75 8.04 -8.95
N GLN B 67 10.57 7.03 -9.76
CA GLN B 67 11.69 6.45 -10.55
C GLN B 67 12.44 7.56 -11.29
N HIS B 68 11.85 8.71 -11.41
CA HIS B 68 12.52 9.83 -12.13
C HIS B 68 13.35 10.64 -11.13
N ASN B 69 12.78 10.98 -10.01
CA ASN B 69 13.55 11.77 -9.01
C ASN B 69 14.13 10.82 -7.95
N PRO B 70 15.44 10.84 -7.79
CA PRO B 70 16.13 9.99 -6.82
C PRO B 70 15.98 10.59 -5.41
N GLY B 71 15.02 10.12 -4.66
CA GLY B 71 14.82 10.65 -3.29
C GLY B 71 13.42 11.27 -3.17
N ALA B 72 12.47 10.75 -3.91
CA ALA B 72 11.09 11.30 -3.84
C ALA B 72 10.31 10.52 -2.80
N SER B 73 9.73 11.21 -1.86
CA SER B 73 8.95 10.52 -0.80
C SER B 73 7.51 10.31 -1.26
N ALA B 74 7.29 10.09 -2.52
CA ALA B 74 5.90 9.88 -3.01
C ALA B 74 5.86 8.68 -3.96
N ALA B 75 6.26 7.53 -3.49
CA ALA B 75 6.25 6.31 -4.33
C ALA B 75 4.91 5.60 -4.17
N PRO B 76 4.76 4.47 -4.82
CA PRO B 76 3.52 3.66 -4.74
C PRO B 76 3.47 2.96 -3.38
N CYS B 77 2.62 1.98 -3.22
CA CYS B 77 2.55 1.30 -1.90
C CYS B 77 2.26 -0.19 -2.07
N CYS B 78 3.28 -1.01 -2.12
CA CYS B 78 3.07 -2.48 -2.24
C CYS B 78 2.28 -2.95 -1.01
N VAL B 79 1.34 -3.84 -1.16
CA VAL B 79 0.54 -4.27 0.03
C VAL B 79 0.20 -5.76 -0.05
N PRO B 80 -0.24 -6.31 1.06
CA PRO B 80 -0.63 -7.73 1.16
C PRO B 80 -2.00 -7.96 0.51
N GLN B 81 -2.02 -8.29 -0.76
CA GLN B 81 -3.32 -8.51 -1.46
C GLN B 81 -4.10 -9.60 -0.72
N ALA B 82 -3.69 -10.83 -0.82
CA ALA B 82 -4.41 -11.93 -0.13
C ALA B 82 -3.83 -12.11 1.28
N LEU B 83 -4.59 -12.66 2.18
CA LEU B 83 -4.07 -12.85 3.56
C LEU B 83 -4.43 -14.25 4.05
N GLU B 84 -4.28 -14.48 5.32
CA GLU B 84 -4.61 -15.80 5.90
C GLU B 84 -4.97 -15.62 7.37
N PRO B 85 -5.71 -16.56 7.90
CA PRO B 85 -6.15 -16.52 9.30
C PRO B 85 -4.99 -16.86 10.24
N LEU B 86 -5.29 -17.23 11.45
CA LEU B 86 -4.20 -17.55 12.42
C LEU B 86 -4.79 -18.29 13.63
N PRO B 87 -4.44 -19.55 13.76
CA PRO B 87 -4.91 -20.39 14.89
C PRO B 87 -4.13 -20.03 16.15
N ILE B 88 -4.76 -19.39 17.09
CA ILE B 88 -4.04 -18.99 18.33
C ILE B 88 -4.69 -19.64 19.54
N VAL B 89 -4.41 -19.06 20.69
CA VAL B 89 -4.99 -19.54 21.96
C VAL B 89 -4.78 -18.46 23.01
N TYR B 90 -5.83 -17.83 23.44
CA TYR B 90 -5.67 -16.75 24.46
C TYR B 90 -6.44 -17.13 25.71
N TYR B 91 -6.54 -16.23 26.65
CA TYR B 91 -7.25 -16.55 27.91
C TYR B 91 -8.07 -15.35 28.39
N VAL B 92 -9.29 -15.59 28.78
CA VAL B 92 -10.13 -14.50 29.32
C VAL B 92 -10.21 -14.67 30.83
N GLY B 93 -9.31 -14.07 31.55
CA GLY B 93 -9.31 -14.24 33.03
C GLY B 93 -8.66 -15.58 33.36
N ARG B 94 -9.40 -16.66 33.20
CA ARG B 94 -8.83 -18.00 33.51
C ARG B 94 -9.34 -19.06 32.52
N LYS B 95 -10.25 -18.71 31.66
CA LYS B 95 -10.78 -19.72 30.69
C LYS B 95 -9.96 -19.66 29.40
N PRO B 96 -9.60 -20.80 28.89
CA PRO B 96 -8.82 -20.90 27.65
C PRO B 96 -9.74 -20.69 26.43
N LYS B 97 -9.26 -20.04 25.41
CA LYS B 97 -10.12 -19.81 24.21
C LYS B 97 -9.28 -19.85 22.94
N VAL B 98 -9.36 -20.92 22.18
CA VAL B 98 -8.57 -21.01 20.93
C VAL B 98 -9.42 -20.46 19.77
N GLU B 99 -8.83 -19.71 18.88
CA GLU B 99 -9.62 -19.17 17.75
C GLU B 99 -8.81 -19.19 16.47
N GLN B 100 -9.16 -18.37 15.53
CA GLN B 100 -8.42 -18.32 14.25
C GLN B 100 -8.47 -16.90 13.70
N LEU B 101 -7.62 -16.04 14.16
CA LEU B 101 -7.64 -14.64 13.68
C LEU B 101 -7.78 -14.64 12.16
N SER B 102 -8.44 -13.65 11.65
CA SER B 102 -8.66 -13.58 10.17
C SER B 102 -7.70 -12.58 9.52
N ASN B 103 -7.27 -12.87 8.30
CA ASN B 103 -6.34 -11.93 7.61
C ASN B 103 -5.20 -11.53 8.53
N MET B 104 -4.80 -12.42 9.40
CA MET B 104 -3.68 -12.10 10.32
C MET B 104 -2.39 -12.60 9.70
N ILE B 105 -2.37 -12.79 8.41
CA ILE B 105 -1.14 -13.28 7.74
C ILE B 105 -1.13 -12.79 6.29
N VAL B 106 -0.01 -12.88 5.62
CA VAL B 106 0.05 -12.41 4.22
C VAL B 106 0.32 -13.61 3.29
N ARG B 107 -0.38 -13.68 2.19
CA ARG B 107 -0.18 -14.81 1.25
C ARG B 107 0.35 -14.28 -0.09
N SER B 108 0.15 -13.01 -0.33
CA SER B 108 0.65 -12.41 -1.62
C SER B 108 0.53 -10.88 -1.54
N CYS B 109 1.50 -10.18 -2.05
CA CYS B 109 1.45 -8.70 -2.00
C CYS B 109 0.90 -8.14 -3.32
N LYS B 110 0.98 -6.84 -3.50
CA LYS B 110 0.47 -6.22 -4.76
C LYS B 110 0.92 -4.76 -4.78
N CYS B 111 0.35 -3.94 -5.61
CA CYS B 111 0.77 -2.52 -5.64
C CYS B 111 -0.45 -1.61 -5.75
N SER B 112 -1.06 -1.28 -4.64
CA SER B 112 -2.26 -0.40 -4.68
C SER B 112 -1.80 1.06 -4.64
N ALA A 1 -10.86 12.09 8.86
CA ALA A 1 -10.83 10.92 7.94
C ALA A 1 -9.49 10.88 7.20
N LEU A 2 -9.36 10.04 6.23
CA LEU A 2 -8.08 9.95 5.48
C LEU A 2 -8.34 10.12 3.99
N ASP A 3 -9.10 11.11 3.62
CA ASP A 3 -9.39 11.34 2.19
C ASP A 3 -8.57 12.54 1.69
N THR A 4 -8.74 12.89 0.45
CA THR A 4 -7.98 14.05 -0.09
C THR A 4 -8.64 15.36 0.34
N ASN A 5 -9.60 15.29 1.22
CA ASN A 5 -10.27 16.54 1.69
C ASN A 5 -9.71 16.93 3.05
N TYR A 6 -9.49 15.97 3.92
CA TYR A 6 -8.94 16.28 5.26
C TYR A 6 -7.42 16.40 5.18
N CYS A 7 -6.81 15.77 4.22
CA CYS A 7 -5.33 15.84 4.10
C CYS A 7 -4.94 17.13 3.38
N PHE A 8 -5.87 17.77 2.72
CA PHE A 8 -5.55 19.04 2.00
C PHE A 8 -5.72 20.21 2.95
N SER A 9 -5.87 19.94 4.23
CA SER A 9 -6.04 21.05 5.21
C SER A 9 -4.97 20.93 6.30
N SER A 10 -5.10 19.96 7.16
CA SER A 10 -4.09 19.78 8.25
C SER A 10 -3.02 18.80 7.79
N THR A 11 -1.84 18.88 8.35
CA THR A 11 -0.76 17.95 7.94
C THR A 11 -0.56 16.89 9.03
N GLU A 12 -0.05 15.74 8.67
CA GLU A 12 0.16 14.66 9.69
C GLU A 12 1.28 13.74 9.21
N LYS A 13 1.54 12.69 9.95
CA LYS A 13 2.62 11.75 9.54
C LYS A 13 2.04 10.33 9.44
N ASN A 14 0.75 10.21 9.41
CA ASN A 14 0.13 8.86 9.31
C ASN A 14 -0.41 8.64 7.90
N CYS A 15 -1.09 7.55 7.68
CA CYS A 15 -1.66 7.28 6.33
C CYS A 15 -2.45 8.50 5.86
N CYS A 16 -1.80 9.43 5.20
CA CYS A 16 -2.52 10.64 4.75
C CYS A 16 -2.27 10.86 3.25
N VAL A 17 -3.30 11.19 2.53
CA VAL A 17 -3.14 11.44 1.08
C VAL A 17 -2.63 12.87 0.88
N ARG A 18 -1.36 13.02 0.61
CA ARG A 18 -0.80 14.39 0.46
C ARG A 18 -0.89 14.85 -0.99
N GLN A 19 -0.91 16.13 -1.20
CA GLN A 19 -0.99 16.67 -2.60
C GLN A 19 0.15 16.12 -3.44
N LEU A 20 -0.07 15.99 -4.72
CA LEU A 20 1.00 15.45 -5.60
C LEU A 20 0.62 15.71 -7.06
N TYR A 21 0.21 16.91 -7.38
CA TYR A 21 -0.16 17.20 -8.79
C TYR A 21 0.92 16.63 -9.71
N ILE A 22 0.53 15.94 -10.74
CA ILE A 22 1.54 15.36 -11.66
C ILE A 22 1.32 15.88 -13.08
N ASP A 23 2.27 16.58 -13.62
CA ASP A 23 2.11 17.10 -15.00
C ASP A 23 2.51 16.00 -15.98
N PHE A 24 1.53 15.27 -16.45
CA PHE A 24 1.77 14.14 -17.40
C PHE A 24 3.19 14.11 -17.96
N ARG A 25 3.60 15.16 -18.61
CA ARG A 25 4.97 15.17 -19.23
C ARG A 25 6.04 15.64 -18.23
N LYS A 26 5.74 16.61 -17.41
CA LYS A 26 6.78 17.11 -16.47
C LYS A 26 7.22 16.01 -15.50
N ASP A 27 6.28 15.33 -14.91
CA ASP A 27 6.63 14.27 -13.93
C ASP A 27 6.81 12.91 -14.60
N LEU A 28 5.79 12.38 -15.23
CA LEU A 28 5.93 11.03 -15.86
C LEU A 28 6.45 11.16 -17.28
N GLY A 29 6.46 12.34 -17.84
CA GLY A 29 6.96 12.49 -19.22
C GLY A 29 6.11 11.60 -20.15
N TRP A 30 4.96 11.18 -19.68
CA TRP A 30 4.09 10.31 -20.51
C TRP A 30 3.99 10.88 -21.92
N LYS A 31 4.34 10.09 -22.91
CA LYS A 31 4.28 10.57 -24.30
C LYS A 31 3.03 10.01 -24.99
N TRP A 32 2.38 9.06 -24.37
CA TRP A 32 1.15 8.48 -24.99
C TRP A 32 -0.07 9.32 -24.64
N ILE A 33 0.13 10.42 -23.96
CA ILE A 33 -1.03 11.26 -23.58
C ILE A 33 -0.74 12.72 -23.95
N HIS A 34 -1.64 13.36 -24.65
CA HIS A 34 -1.42 14.78 -25.04
C HIS A 34 -2.08 15.70 -24.02
N GLU A 35 -3.34 15.49 -23.75
CA GLU A 35 -4.04 16.37 -22.76
C GLU A 35 -4.76 15.48 -21.74
N PRO A 36 -5.02 16.04 -20.58
CA PRO A 36 -4.64 17.43 -20.26
C PRO A 36 -3.15 17.51 -19.92
N LYS A 37 -2.64 18.69 -19.73
CA LYS A 37 -1.20 18.85 -19.39
C LYS A 37 -0.86 17.96 -18.21
N GLY A 38 -1.77 17.84 -17.27
CA GLY A 38 -1.51 16.99 -16.08
C GLY A 38 -2.82 16.79 -15.30
N TYR A 39 -2.72 16.63 -14.01
CA TYR A 39 -3.96 16.44 -13.19
C TYR A 39 -3.58 16.27 -11.72
N HIS A 40 -4.54 16.19 -10.85
CA HIS A 40 -4.23 16.03 -9.40
C HIS A 40 -4.23 14.53 -9.07
N ALA A 41 -3.13 13.88 -9.31
CA ALA A 41 -3.06 12.41 -9.02
C ALA A 41 -3.11 12.16 -7.52
N ASN A 42 -2.71 13.10 -6.71
CA ASN A 42 -2.73 12.87 -5.25
C ASN A 42 -1.94 11.59 -4.95
N PHE A 43 -1.71 11.27 -3.72
CA PHE A 43 -0.96 10.02 -3.43
C PHE A 43 -1.00 9.72 -1.93
N CYS A 44 -0.95 8.46 -1.59
CA CYS A 44 -0.98 8.07 -0.15
C CYS A 44 0.40 7.56 0.23
N LEU A 45 0.99 8.10 1.26
CA LEU A 45 2.35 7.62 1.63
C LEU A 45 2.28 6.21 2.23
N GLY A 46 3.31 5.77 2.90
CA GLY A 46 3.32 4.38 3.46
C GLY A 46 3.08 4.30 4.99
N PRO A 47 3.21 5.39 5.73
CA PRO A 47 3.02 5.34 7.20
C PRO A 47 1.54 5.23 7.55
N CYS A 48 1.18 4.20 8.29
CA CYS A 48 -0.24 4.03 8.70
C CYS A 48 -0.28 3.40 10.10
N PRO A 49 -0.81 4.13 11.05
CA PRO A 49 -0.92 3.67 12.45
C PRO A 49 -2.09 2.69 12.59
N TYR A 50 -2.60 2.53 13.79
CA TYR A 50 -3.74 1.60 14.00
C TYR A 50 -5.05 2.36 13.85
N ILE A 51 -6.05 1.74 13.28
CA ILE A 51 -7.39 2.41 13.07
C ILE A 51 -7.33 3.40 11.90
N TRP A 52 -6.19 3.97 11.63
CA TRP A 52 -6.09 4.95 10.51
C TRP A 52 -6.49 4.27 9.19
N SER A 53 -7.76 4.30 8.87
CA SER A 53 -8.23 3.67 7.60
C SER A 53 -7.50 2.35 7.37
N LEU A 54 -7.98 1.28 7.93
CA LEU A 54 -7.32 -0.04 7.73
C LEU A 54 -8.08 -0.84 6.67
N ASP A 55 -7.38 -1.48 5.78
CA ASP A 55 -8.07 -2.27 4.71
C ASP A 55 -8.07 -3.75 5.09
N THR A 56 -6.92 -4.37 5.12
CA THR A 56 -6.88 -5.82 5.46
C THR A 56 -6.60 -5.99 6.96
N GLN A 57 -6.88 -7.15 7.50
CA GLN A 57 -6.62 -7.37 8.95
C GLN A 57 -5.12 -7.34 9.21
N TYR A 58 -4.34 -7.77 8.25
CA TYR A 58 -2.86 -7.76 8.44
C TYR A 58 -2.37 -6.31 8.59
N SER A 59 -3.20 -5.35 8.26
CA SER A 59 -2.78 -3.93 8.41
C SER A 59 -2.74 -3.55 9.89
N LYS A 60 -3.74 -3.92 10.63
CA LYS A 60 -3.75 -3.58 12.08
C LYS A 60 -2.66 -4.39 12.79
N VAL A 61 -2.20 -5.44 12.16
CA VAL A 61 -1.14 -6.27 12.78
C VAL A 61 0.23 -5.65 12.46
N LEU A 62 0.75 -5.88 11.28
CA LEU A 62 2.07 -5.30 10.91
C LEU A 62 2.11 -3.84 11.39
N ALA A 63 0.98 -3.20 11.48
CA ALA A 63 0.96 -1.79 11.94
C ALA A 63 1.58 -1.71 13.33
N LEU A 64 1.02 -2.41 14.28
CA LEU A 64 1.59 -2.38 15.66
C LEU A 64 3.00 -2.98 15.64
N TYR A 65 3.20 -4.00 14.85
CA TYR A 65 4.54 -4.63 14.76
C TYR A 65 5.61 -3.55 14.60
N ASN A 66 5.30 -2.50 13.89
CA ASN A 66 6.29 -1.41 13.69
C ASN A 66 6.16 -0.40 14.82
N GLN A 67 4.96 0.05 15.06
CA GLN A 67 4.72 1.04 16.15
C GLN A 67 5.32 0.54 17.46
N HIS A 68 5.63 -0.72 17.53
CA HIS A 68 6.23 -1.27 18.78
C HIS A 68 7.75 -1.25 18.68
N ASN A 69 8.29 -1.56 17.54
CA ASN A 69 9.77 -1.54 17.39
C ASN A 69 10.20 -0.27 16.64
N PRO A 70 10.97 0.56 17.30
CA PRO A 70 11.46 1.82 16.72
C PRO A 70 12.64 1.54 15.78
N GLY A 71 12.51 1.88 14.53
CA GLY A 71 13.63 1.63 13.57
C GLY A 71 13.23 0.51 12.61
N ALA A 72 12.01 0.04 12.69
CA ALA A 72 11.56 -1.04 11.78
C ALA A 72 10.86 -0.41 10.57
N SER A 73 11.31 -0.74 9.40
CA SER A 73 10.68 -0.17 8.17
C SER A 73 9.66 -1.16 7.62
N ALA A 74 9.19 -2.07 8.42
CA ALA A 74 8.20 -3.06 7.93
C ALA A 74 6.79 -2.53 8.17
N ALA A 75 6.66 -1.31 8.62
CA ALA A 75 5.31 -0.73 8.86
C ALA A 75 4.40 -1.01 7.66
N PRO A 76 3.15 -0.60 7.78
CA PRO A 76 2.15 -0.80 6.71
C PRO A 76 2.41 0.18 5.56
N CYS A 77 1.47 0.31 4.66
CA CYS A 77 1.70 1.24 3.53
C CYS A 77 0.39 1.92 3.12
N CYS A 78 0.14 3.10 3.60
CA CYS A 78 -1.12 3.82 3.21
C CYS A 78 -1.21 3.85 1.67
N VAL A 79 -2.37 3.60 1.11
CA VAL A 79 -2.49 3.61 -0.37
C VAL A 79 -3.87 4.16 -0.80
N PRO A 80 -4.08 4.22 -2.09
CA PRO A 80 -5.35 4.73 -2.65
C PRO A 80 -6.42 3.62 -2.65
N GLN A 81 -7.66 3.99 -2.54
CA GLN A 81 -8.75 2.98 -2.53
C GLN A 81 -9.84 3.43 -3.52
N ALA A 82 -10.47 4.54 -3.25
CA ALA A 82 -11.52 5.04 -4.17
C ALA A 82 -10.88 6.03 -5.15
N LEU A 83 -10.35 5.54 -6.23
CA LEU A 83 -9.69 6.44 -7.22
C LEU A 83 -10.75 7.15 -8.04
N GLU A 84 -10.32 7.78 -9.09
CA GLU A 84 -11.27 8.50 -9.99
C GLU A 84 -10.73 8.39 -11.42
N PRO A 85 -11.59 8.58 -12.37
CA PRO A 85 -11.22 8.49 -13.79
C PRO A 85 -10.41 9.73 -14.22
N LEU A 86 -10.18 9.88 -15.50
CA LEU A 86 -9.37 11.03 -15.98
C LEU A 86 -9.62 11.23 -17.49
N PRO A 87 -10.28 12.31 -17.83
CA PRO A 87 -10.58 12.64 -19.24
C PRO A 87 -9.32 13.16 -19.92
N ILE A 88 -8.79 12.41 -20.85
CA ILE A 88 -7.54 12.86 -21.54
C ILE A 88 -7.75 12.90 -23.04
N VAL A 89 -6.67 12.89 -23.75
CA VAL A 89 -6.72 12.90 -25.24
C VAL A 89 -5.36 12.47 -25.77
N TYR A 90 -5.26 11.31 -26.34
CA TYR A 90 -3.94 10.87 -26.87
C TYR A 90 -4.04 10.64 -28.37
N TYR A 91 -3.03 10.06 -28.97
CA TYR A 91 -3.07 9.84 -30.43
C TYR A 91 -2.53 8.46 -30.80
N VAL A 92 -3.19 7.79 -31.69
CA VAL A 92 -2.71 6.46 -32.13
C VAL A 92 -2.27 6.58 -33.59
N GLY A 93 -1.02 6.84 -33.82
CA GLY A 93 -0.54 7.01 -35.22
C GLY A 93 -0.96 8.39 -35.71
N ARG A 94 -2.20 8.52 -36.14
CA ARG A 94 -2.68 9.84 -36.64
C ARG A 94 -4.13 10.11 -36.23
N LYS A 95 -4.77 9.16 -35.59
CA LYS A 95 -6.17 9.38 -35.16
C LYS A 95 -6.21 9.84 -33.71
N PRO A 96 -6.95 10.89 -33.44
CA PRO A 96 -7.08 11.44 -32.09
C PRO A 96 -8.03 10.56 -31.27
N LYS A 97 -7.79 10.42 -29.99
CA LYS A 97 -8.70 9.56 -29.18
C LYS A 97 -8.87 10.13 -27.77
N VAL A 98 -10.03 10.66 -27.47
CA VAL A 98 -10.26 11.18 -26.10
C VAL A 98 -10.85 10.07 -25.24
N GLU A 99 -10.31 9.82 -24.09
CA GLU A 99 -10.87 8.73 -23.25
C GLU A 99 -11.02 9.19 -21.81
N GLN A 100 -11.07 8.26 -20.91
CA GLN A 100 -11.22 8.61 -19.48
C GLN A 100 -10.49 7.54 -18.66
N LEU A 101 -9.22 7.71 -18.47
CA LEU A 101 -8.45 6.70 -17.69
C LEU A 101 -9.25 6.32 -16.44
N SER A 102 -9.15 5.08 -16.05
CA SER A 102 -9.93 4.63 -14.85
C SER A 102 -9.04 4.54 -13.62
N ASN A 103 -9.50 5.08 -12.51
CA ASN A 103 -8.69 5.00 -11.25
C ASN A 103 -7.33 5.67 -11.45
N MET A 104 -7.28 6.74 -12.18
CA MET A 104 -5.99 7.44 -12.39
C MET A 104 -5.85 8.55 -11.34
N ILE A 105 -6.88 8.78 -10.56
CA ILE A 105 -6.79 9.84 -9.52
C ILE A 105 -7.09 9.23 -8.15
N VAL A 106 -6.75 9.93 -7.10
CA VAL A 106 -7.01 9.38 -5.74
C VAL A 106 -8.06 10.24 -5.03
N ARG A 107 -9.06 9.63 -4.48
CA ARG A 107 -10.11 10.41 -3.76
C ARG A 107 -10.06 10.06 -2.27
N SER A 108 -9.43 8.97 -1.94
CA SER A 108 -9.33 8.56 -0.50
C SER A 108 -8.31 7.43 -0.38
N CYS A 109 -7.59 7.37 0.71
CA CYS A 109 -6.58 6.29 0.87
C CYS A 109 -6.96 5.35 2.01
N LYS A 110 -6.06 4.47 2.40
CA LYS A 110 -6.36 3.51 3.49
C LYS A 110 -5.05 2.85 3.93
N CYS A 111 -5.06 1.58 4.19
CA CYS A 111 -3.79 0.92 4.62
C CYS A 111 -3.74 -0.51 4.11
N SER A 112 -3.12 -0.73 2.99
CA SER A 112 -3.03 -2.13 2.45
C SER A 112 -1.75 -2.78 2.97
N ALA B 1 8.01 -13.45 -9.88
CA ALA B 1 6.72 -12.89 -9.39
C ALA B 1 6.95 -12.10 -8.11
N LEU B 2 5.90 -11.69 -7.45
CA LEU B 2 6.06 -10.91 -6.19
C LEU B 2 5.27 -11.59 -5.07
N ASP B 3 5.43 -12.86 -4.92
CA ASP B 3 4.71 -13.59 -3.84
C ASP B 3 5.69 -13.93 -2.72
N THR B 4 5.22 -14.58 -1.71
CA THR B 4 6.11 -14.95 -0.57
C THR B 4 6.96 -16.17 -0.94
N ASN B 5 6.90 -16.59 -2.18
CA ASN B 5 7.71 -17.76 -2.61
C ASN B 5 8.97 -17.28 -3.33
N TYR B 6 8.85 -16.27 -4.15
CA TYR B 6 10.03 -15.76 -4.89
C TYR B 6 10.79 -14.76 -4.00
N CYS B 7 10.13 -14.17 -3.05
CA CYS B 7 10.82 -13.20 -2.16
C CYS B 7 11.54 -13.96 -1.05
N PHE B 8 11.21 -15.20 -0.84
CA PHE B 8 11.88 -15.99 0.23
C PHE B 8 13.14 -16.65 -0.35
N SER B 9 13.54 -16.26 -1.52
CA SER B 9 14.76 -16.85 -2.14
C SER B 9 15.75 -15.74 -2.50
N SER B 10 15.45 -14.98 -3.52
CA SER B 10 16.37 -13.88 -3.91
C SER B 10 15.95 -12.58 -3.23
N THR B 11 16.86 -11.66 -3.06
CA THR B 11 16.51 -10.38 -2.39
C THR B 11 16.41 -9.27 -3.43
N GLU B 12 15.64 -8.24 -3.17
CA GLU B 12 15.51 -7.13 -4.14
C GLU B 12 15.13 -5.84 -3.41
N LYS B 13 14.89 -4.79 -4.14
CA LYS B 13 14.52 -3.50 -3.48
C LYS B 13 13.20 -3.00 -4.04
N ASN B 14 12.49 -3.84 -4.74
CA ASN B 14 11.19 -3.41 -5.32
C ASN B 14 10.04 -4.01 -4.50
N CYS B 15 8.82 -3.83 -4.94
CA CYS B 15 7.66 -4.39 -4.20
C CYS B 15 7.91 -5.87 -3.93
N CYS B 16 8.53 -6.19 -2.84
CA CYS B 16 8.82 -7.61 -2.52
C CYS B 16 8.31 -7.95 -1.12
N VAL B 17 7.68 -9.09 -0.99
CA VAL B 17 7.17 -9.51 0.34
C VAL B 17 8.34 -10.13 1.13
N ARG B 18 8.90 -9.40 2.04
CA ARG B 18 10.05 -9.94 2.80
C ARG B 18 9.58 -10.67 4.06
N GLN B 19 10.37 -11.59 4.54
CA GLN B 19 9.99 -12.36 5.77
C GLN B 19 9.70 -11.39 6.91
N LEU B 20 8.83 -11.78 7.81
CA LEU B 20 8.50 -10.89 8.95
C LEU B 20 7.75 -11.69 10.02
N TYR B 21 8.23 -12.86 10.36
CA TYR B 21 7.53 -13.66 11.39
C TYR B 21 7.16 -12.75 12.55
N ILE B 22 5.95 -12.83 13.03
CA ILE B 22 5.54 -11.97 14.16
C ILE B 22 5.06 -12.84 15.32
N ASP B 23 5.73 -12.75 16.44
CA ASP B 23 5.31 -13.55 17.61
C ASP B 23 4.20 -12.79 18.35
N PHE B 24 2.98 -13.11 18.03
CA PHE B 24 1.78 -12.44 18.64
C PHE B 24 2.16 -11.56 19.84
N ARG B 25 2.75 -12.12 20.86
CA ARG B 25 3.09 -11.32 22.07
C ARG B 25 4.45 -10.62 21.93
N LYS B 26 5.42 -11.26 21.35
CA LYS B 26 6.77 -10.63 21.25
C LYS B 26 6.70 -9.34 20.42
N ASP B 27 6.08 -9.41 19.27
CA ASP B 27 6.00 -8.22 18.40
C ASP B 27 4.77 -7.36 18.69
N LEU B 28 3.59 -7.89 18.55
CA LEU B 28 2.38 -7.06 18.79
C LEU B 28 1.96 -7.14 20.26
N GLY B 29 2.52 -8.04 21.00
CA GLY B 29 2.14 -8.14 22.45
C GLY B 29 0.62 -8.39 22.53
N TRP B 30 0.03 -8.81 21.44
CA TRP B 30 -1.44 -9.07 21.44
C TRP B 30 -1.82 -9.86 22.69
N LYS B 31 -2.73 -9.34 23.47
CA LYS B 31 -3.15 -10.05 24.70
C LYS B 31 -4.50 -10.73 24.47
N TRP B 32 -5.16 -10.41 23.38
CA TRP B 32 -6.48 -11.06 23.11
C TRP B 32 -6.27 -12.39 22.39
N ILE B 33 -5.05 -12.80 22.23
CA ILE B 33 -4.80 -14.09 21.52
C ILE B 33 -3.82 -14.93 22.34
N HIS B 34 -4.15 -16.16 22.59
CA HIS B 34 -3.25 -17.04 23.39
C HIS B 34 -2.38 -17.86 22.44
N GLU B 35 -2.98 -18.55 21.50
CA GLU B 35 -2.19 -19.37 20.55
C GLU B 35 -2.62 -19.05 19.12
N PRO B 36 -1.74 -19.31 18.19
CA PRO B 36 -0.41 -19.87 18.47
C PRO B 36 0.53 -18.78 18.99
N LYS B 37 1.72 -19.15 19.40
CA LYS B 37 2.67 -18.14 19.91
C LYS B 37 2.83 -17.02 18.89
N GLY B 38 2.80 -17.35 17.62
CA GLY B 38 2.94 -16.31 16.58
C GLY B 38 2.59 -16.91 15.21
N TYR B 39 3.19 -16.41 14.16
CA TYR B 39 2.90 -16.96 12.81
C TYR B 39 3.72 -16.21 11.76
N HIS B 40 3.66 -16.63 10.54
CA HIS B 40 4.44 -15.93 9.47
C HIS B 40 3.56 -14.86 8.83
N ALA B 41 3.50 -13.71 9.43
CA ALA B 41 2.65 -12.62 8.87
C ALA B 41 3.22 -12.11 7.56
N ASN B 42 4.50 -12.25 7.35
CA ASN B 42 5.08 -11.74 6.07
C ASN B 42 4.71 -10.26 5.93
N PHE B 43 5.23 -9.58 4.95
CA PHE B 43 4.86 -8.15 4.80
C PHE B 43 5.40 -7.61 3.48
N CYS B 44 4.71 -6.65 2.92
CA CYS B 44 5.16 -6.06 1.63
C CYS B 44 5.67 -4.64 1.92
N LEU B 45 6.86 -4.33 1.52
CA LEU B 45 7.36 -2.95 1.79
C LEU B 45 6.64 -1.92 0.92
N GLY B 46 7.17 -0.73 0.81
CA GLY B 46 6.47 0.32 0.01
C GLY B 46 7.10 0.59 -1.38
N PRO B 47 8.32 0.16 -1.65
CA PRO B 47 8.96 0.43 -2.96
C PRO B 47 8.36 -0.46 -4.05
N CYS B 48 7.85 0.14 -5.09
CA CYS B 48 7.27 -0.65 -6.21
C CYS B 48 7.53 0.08 -7.53
N PRO B 49 8.30 -0.53 -8.40
CA PRO B 49 8.64 0.05 -9.72
C PRO B 49 7.47 -0.10 -10.69
N TYR B 50 7.74 -0.05 -11.97
CA TYR B 50 6.63 -0.19 -12.97
C TYR B 50 6.48 -1.67 -13.34
N ILE B 51 5.27 -2.11 -13.55
CA ILE B 51 4.99 -3.54 -13.92
C ILE B 51 5.12 -4.45 -12.68
N TRP B 52 5.92 -4.09 -11.72
CA TRP B 52 6.08 -4.95 -10.52
C TRP B 52 4.73 -5.12 -9.82
N SER B 53 3.97 -6.12 -10.21
CA SER B 53 2.64 -6.36 -9.57
C SER B 53 1.93 -5.02 -9.33
N LEU B 54 1.24 -4.51 -10.31
CA LEU B 54 0.52 -3.23 -10.13
C LEU B 54 -0.97 -3.51 -9.86
N ASP B 55 -1.56 -2.81 -8.93
CA ASP B 55 -3.00 -3.04 -8.62
C ASP B 55 -3.86 -1.98 -9.30
N THR B 56 -3.74 -0.74 -8.89
CA THR B 56 -4.56 0.34 -9.50
C THR B 56 -3.77 1.02 -10.62
N GLN B 57 -4.44 1.72 -11.50
CA GLN B 57 -3.73 2.42 -12.60
C GLN B 57 -2.85 3.52 -12.01
N TYR B 58 -3.28 4.12 -10.93
CA TYR B 58 -2.47 5.21 -10.31
C TYR B 58 -1.13 4.63 -9.83
N SER B 59 -1.02 3.33 -9.75
CA SER B 59 0.27 2.73 -9.28
C SER B 59 1.33 2.88 -10.38
N LYS B 60 0.96 2.60 -11.61
CA LYS B 60 1.95 2.74 -12.71
C LYS B 60 2.27 4.22 -12.91
N VAL B 61 1.42 5.08 -12.42
CA VAL B 61 1.67 6.54 -12.58
C VAL B 61 2.59 7.01 -11.46
N LEU B 62 2.05 7.23 -10.28
CA LEU B 62 2.90 7.69 -9.14
C LEU B 62 4.21 6.89 -9.15
N ALA B 63 4.17 5.69 -9.65
CA ALA B 63 5.40 4.85 -9.69
C ALA B 63 6.48 5.59 -10.49
N LEU B 64 6.21 5.89 -11.73
CA LEU B 64 7.22 6.62 -12.54
C LEU B 64 7.45 8.01 -11.94
N TYR B 65 6.41 8.62 -11.45
CA TYR B 65 6.56 9.97 -10.83
C TYR B 65 7.74 9.98 -9.87
N ASN B 66 7.97 8.89 -9.18
CA ASN B 66 9.11 8.82 -8.23
C ASN B 66 10.36 8.35 -8.97
N GLN B 67 10.23 7.27 -9.69
CA GLN B 67 11.39 6.71 -10.45
C GLN B 67 12.00 7.79 -11.33
N HIS B 68 11.29 8.86 -11.54
CA HIS B 68 11.83 9.97 -12.39
C HIS B 68 12.52 11.00 -11.51
N ASN B 69 11.96 11.30 -10.37
CA ASN B 69 12.59 12.30 -9.47
C ASN B 69 13.31 11.58 -8.31
N PRO B 70 14.61 11.74 -8.25
CA PRO B 70 15.43 11.13 -7.20
C PRO B 70 15.30 11.91 -5.89
N GLY B 71 14.84 11.27 -4.85
CA GLY B 71 14.69 11.98 -3.55
C GLY B 71 13.21 12.20 -3.24
N ALA B 72 12.34 11.68 -4.07
CA ALA B 72 10.89 11.83 -3.83
C ALA B 72 10.37 10.62 -3.05
N SER B 73 9.73 10.86 -1.95
CA SER B 73 9.20 9.71 -1.15
C SER B 73 7.72 9.50 -1.47
N ALA B 74 7.28 10.00 -2.60
CA ALA B 74 5.84 9.81 -2.96
C ALA B 74 5.67 8.52 -3.76
N ALA B 75 6.71 7.74 -3.88
CA ALA B 75 6.62 6.47 -4.64
C ALA B 75 5.36 5.70 -4.20
N PRO B 76 5.12 4.59 -4.84
CA PRO B 76 3.94 3.74 -4.55
C PRO B 76 4.16 2.98 -3.24
N CYS B 77 3.34 2.01 -2.95
CA CYS B 77 3.52 1.27 -1.68
C CYS B 77 3.16 -0.21 -1.85
N CYS B 78 4.14 -1.05 -2.09
CA CYS B 78 3.85 -2.51 -2.25
C CYS B 78 3.02 -2.98 -1.03
N VAL B 79 2.00 -3.78 -1.24
CA VAL B 79 1.18 -4.25 -0.08
C VAL B 79 0.68 -5.69 -0.31
N PRO B 80 -0.05 -6.21 0.63
CA PRO B 80 -0.58 -7.59 0.56
C PRO B 80 -1.88 -7.61 -0.27
N GLN B 81 -2.14 -8.70 -0.94
CA GLN B 81 -3.38 -8.80 -1.75
C GLN B 81 -4.08 -10.11 -1.40
N ALA B 82 -3.45 -11.22 -1.67
CA ALA B 82 -4.09 -12.54 -1.35
C ALA B 82 -3.58 -12.99 0.03
N LEU B 83 -4.24 -12.56 1.07
CA LEU B 83 -3.81 -12.95 2.44
C LEU B 83 -4.24 -14.36 2.74
N GLU B 84 -4.13 -14.73 3.98
CA GLU B 84 -4.53 -16.10 4.40
C GLU B 84 -5.11 -16.01 5.81
N PRO B 85 -5.88 -16.99 6.20
CA PRO B 85 -6.51 -17.03 7.52
C PRO B 85 -5.48 -17.37 8.61
N LEU B 86 -5.92 -17.63 9.81
CA LEU B 86 -4.97 -17.93 10.91
C LEU B 86 -5.73 -18.62 12.06
N PRO B 87 -5.46 -19.89 12.26
CA PRO B 87 -6.10 -20.67 13.34
C PRO B 87 -5.49 -20.31 14.68
N ILE B 88 -6.24 -19.66 15.53
CA ILE B 88 -5.69 -19.25 16.85
C ILE B 88 -6.55 -19.79 17.98
N VAL B 89 -6.42 -19.21 19.13
CA VAL B 89 -7.21 -19.62 20.31
C VAL B 89 -7.14 -18.49 21.34
N TYR B 90 -8.21 -17.80 21.57
CA TYR B 90 -8.17 -16.71 22.58
C TYR B 90 -9.16 -17.00 23.69
N TYR B 91 -9.40 -16.07 24.57
CA TYR B 91 -10.35 -16.32 25.69
C TYR B 91 -11.25 -15.11 25.91
N VAL B 92 -12.51 -15.36 26.14
CA VAL B 92 -13.46 -14.25 26.41
C VAL B 92 -13.92 -14.39 27.86
N GLY B 93 -13.26 -13.73 28.76
CA GLY B 93 -13.64 -13.84 30.19
C GLY B 93 -13.13 -15.19 30.73
N ARG B 94 -13.84 -16.25 30.47
CA ARG B 94 -13.40 -17.59 30.97
C ARG B 94 -13.68 -18.69 29.93
N LYS B 95 -14.32 -18.36 28.84
CA LYS B 95 -14.62 -19.40 27.82
C LYS B 95 -13.54 -19.36 26.71
N PRO B 96 -13.01 -20.51 26.39
CA PRO B 96 -11.98 -20.62 25.35
C PRO B 96 -12.63 -20.51 23.97
N LYS B 97 -11.95 -19.94 23.01
CA LYS B 97 -12.57 -19.80 21.66
C LYS B 97 -11.51 -19.93 20.56
N VAL B 98 -11.51 -21.03 19.84
CA VAL B 98 -10.52 -21.20 18.74
C VAL B 98 -11.16 -20.68 17.46
N GLU B 99 -10.48 -19.84 16.73
CA GLU B 99 -11.09 -19.31 15.48
C GLU B 99 -10.09 -19.36 14.34
N GLN B 100 -10.31 -18.55 13.34
CA GLN B 100 -9.40 -18.52 12.18
C GLN B 100 -9.37 -17.10 11.63
N LEU B 101 -8.55 -16.26 12.19
CA LEU B 101 -8.49 -14.86 11.70
C LEU B 101 -8.49 -14.85 10.18
N SER B 102 -9.11 -13.88 9.59
CA SER B 102 -9.19 -13.83 8.10
C SER B 102 -8.19 -12.82 7.53
N ASN B 103 -7.45 -13.22 6.53
CA ASN B 103 -6.47 -12.29 5.90
C ASN B 103 -5.44 -11.81 6.95
N MET B 104 -5.03 -12.67 7.82
CA MET B 104 -4.03 -12.27 8.85
C MET B 104 -2.63 -12.64 8.34
N ILE B 105 -2.55 -13.32 7.23
CA ILE B 105 -1.22 -13.70 6.69
C ILE B 105 -1.08 -13.16 5.26
N VAL B 106 0.11 -13.12 4.75
CA VAL B 106 0.32 -12.61 3.38
C VAL B 106 0.80 -13.74 2.46
N ARG B 107 0.17 -13.90 1.33
CA ARG B 107 0.59 -14.97 0.39
C ARG B 107 1.16 -14.34 -0.88
N SER B 108 0.86 -13.09 -1.10
CA SER B 108 1.37 -12.39 -2.31
C SER B 108 1.12 -10.89 -2.16
N CYS B 109 1.98 -10.07 -2.70
CA CYS B 109 1.79 -8.60 -2.56
C CYS B 109 1.53 -7.96 -3.92
N LYS B 110 1.52 -6.65 -3.99
CA LYS B 110 1.28 -5.96 -5.28
C LYS B 110 1.66 -4.48 -5.13
N CYS B 111 0.90 -3.57 -5.67
CA CYS B 111 1.26 -2.14 -5.52
C CYS B 111 0.00 -1.29 -5.44
N SER B 112 -0.46 -0.98 -4.25
CA SER B 112 -1.67 -0.15 -4.12
C SER B 112 -1.26 1.32 -4.03
N ALA A 1 -9.09 11.85 9.64
CA ALA A 1 -9.46 11.15 8.38
C ALA A 1 -8.21 10.99 7.50
N LEU A 2 -8.35 10.39 6.35
CA LEU A 2 -7.17 10.21 5.46
C LEU A 2 -7.55 10.60 4.03
N ASP A 3 -8.19 11.72 3.87
CA ASP A 3 -8.58 12.15 2.51
C ASP A 3 -7.70 13.33 2.08
N THR A 4 -7.84 13.77 0.86
CA THR A 4 -7.03 14.90 0.36
C THR A 4 -7.58 16.21 0.92
N ASN A 5 -8.59 16.14 1.74
CA ASN A 5 -9.15 17.39 2.33
C ASN A 5 -8.47 17.67 3.67
N TYR A 6 -8.31 16.65 4.48
CA TYR A 6 -7.66 16.83 5.79
C TYR A 6 -6.13 16.88 5.60
N CYS A 7 -5.64 16.28 4.55
CA CYS A 7 -4.16 16.29 4.31
C CYS A 7 -3.79 17.56 3.56
N PHE A 8 -4.73 18.17 2.88
CA PHE A 8 -4.41 19.42 2.13
C PHE A 8 -4.45 20.62 3.08
N SER A 9 -4.55 20.37 4.36
CA SER A 9 -4.60 21.50 5.34
C SER A 9 -3.53 21.28 6.41
N SER A 10 -3.25 20.06 6.75
CA SER A 10 -2.22 19.80 7.80
C SER A 10 -1.07 18.99 7.21
N THR A 11 -0.16 18.54 8.03
CA THR A 11 0.99 17.74 7.51
C THR A 11 0.84 16.28 7.94
N GLU A 12 1.39 15.93 9.05
CA GLU A 12 1.30 14.52 9.54
C GLU A 12 2.29 13.64 8.77
N LYS A 13 2.72 12.56 9.35
CA LYS A 13 3.69 11.67 8.65
C LYS A 13 3.07 10.28 8.46
N ASN A 14 1.89 10.07 8.97
CA ASN A 14 1.25 8.72 8.82
C ASN A 14 0.58 8.65 7.45
N CYS A 15 -0.23 7.64 7.24
CA CYS A 15 -0.92 7.50 5.92
C CYS A 15 -1.63 8.82 5.59
N CYS A 16 -0.95 9.70 4.92
CA CYS A 16 -1.58 11.01 4.58
C CYS A 16 -1.42 11.28 3.09
N VAL A 17 -2.46 11.70 2.43
CA VAL A 17 -2.36 11.96 0.97
C VAL A 17 -1.84 13.38 0.74
N ARG A 18 -0.68 13.51 0.17
CA ARG A 18 -0.12 14.87 -0.08
C ARG A 18 -0.39 15.28 -1.53
N GLN A 19 -0.36 16.56 -1.81
CA GLN A 19 -0.62 17.03 -3.20
C GLN A 19 0.43 16.43 -4.14
N LEU A 20 0.04 16.11 -5.34
CA LEU A 20 1.01 15.52 -6.30
C LEU A 20 0.54 15.75 -7.72
N TYR A 21 0.13 16.94 -8.06
CA TYR A 21 -0.34 17.19 -9.44
C TYR A 21 0.64 16.55 -10.42
N ILE A 22 0.15 15.84 -11.39
CA ILE A 22 1.07 15.19 -12.36
C ILE A 22 0.75 15.68 -13.78
N ASP A 23 1.68 16.32 -14.42
CA ASP A 23 1.44 16.79 -15.81
C ASP A 23 1.71 15.63 -16.75
N PHE A 24 0.65 14.99 -17.20
CA PHE A 24 0.76 13.82 -18.12
C PHE A 24 2.15 13.69 -18.75
N ARG A 25 2.61 14.69 -19.44
CA ARG A 25 3.94 14.58 -20.11
C ARG A 25 5.08 15.05 -19.21
N LYS A 26 4.87 16.05 -18.39
CA LYS A 26 5.98 16.55 -17.54
C LYS A 26 6.46 15.45 -16.59
N ASP A 27 5.54 14.81 -15.91
CA ASP A 27 5.94 13.76 -14.94
C ASP A 27 5.95 12.37 -15.58
N LEU A 28 4.86 11.94 -16.16
CA LEU A 28 4.82 10.58 -16.77
C LEU A 28 5.31 10.63 -18.22
N GLY A 29 5.33 11.79 -18.81
CA GLY A 29 5.78 11.87 -20.23
C GLY A 29 4.82 11.08 -21.11
N TRP A 30 3.68 10.71 -20.57
CA TRP A 30 2.69 9.92 -21.36
C TRP A 30 2.51 10.56 -22.73
N LYS A 31 2.75 9.82 -23.77
CA LYS A 31 2.60 10.36 -25.14
C LYS A 31 1.28 9.88 -25.74
N TRP A 32 0.64 8.93 -25.11
CA TRP A 32 -0.63 8.41 -25.68
C TRP A 32 -1.80 9.27 -25.18
N ILE A 33 -1.51 10.37 -24.55
CA ILE A 33 -2.59 11.25 -24.05
C ILE A 33 -2.25 12.71 -24.37
N HIS A 34 -3.09 13.41 -25.06
CA HIS A 34 -2.77 14.84 -25.39
C HIS A 34 -3.51 15.79 -24.43
N GLU A 35 -4.69 15.45 -24.01
CA GLU A 35 -5.43 16.34 -23.08
C GLU A 35 -6.05 15.52 -21.94
N PRO A 36 -6.18 16.14 -20.80
CA PRO A 36 -5.75 17.53 -20.58
C PRO A 36 -4.24 17.60 -20.37
N LYS A 37 -3.71 18.77 -20.18
CA LYS A 37 -2.26 18.90 -19.96
C LYS A 37 -1.83 18.00 -18.80
N GLY A 38 -2.67 17.87 -17.82
CA GLY A 38 -2.34 17.01 -16.65
C GLY A 38 -3.56 16.91 -15.72
N TYR A 39 -3.36 16.46 -14.52
CA TYR A 39 -4.50 16.33 -13.56
C TYR A 39 -3.97 16.24 -12.14
N HIS A 40 -4.84 16.13 -11.17
CA HIS A 40 -4.38 16.03 -9.76
C HIS A 40 -4.34 14.56 -9.35
N ALA A 41 -3.30 13.86 -9.73
CA ALA A 41 -3.20 12.42 -9.38
C ALA A 41 -3.12 12.26 -7.85
N ASN A 42 -2.67 13.26 -7.15
CA ASN A 42 -2.58 13.14 -5.68
C ASN A 42 -1.78 11.88 -5.33
N PHE A 43 -1.54 11.65 -4.06
CA PHE A 43 -0.78 10.43 -3.68
C PHE A 43 -0.66 10.41 -2.15
N CYS A 44 -0.05 9.39 -1.60
CA CYS A 44 0.06 9.31 -0.12
C CYS A 44 1.40 8.68 0.30
N LEU A 45 1.81 8.92 1.53
CA LEU A 45 3.10 8.33 2.00
C LEU A 45 3.01 8.02 3.48
N GLY A 46 4.12 7.74 4.10
CA GLY A 46 4.13 7.43 5.57
C GLY A 46 3.25 6.22 5.86
N PRO A 47 3.66 5.44 6.83
CA PRO A 47 2.93 4.24 7.26
C PRO A 47 1.76 4.62 8.15
N CYS A 48 1.05 3.66 8.69
CA CYS A 48 -0.11 3.99 9.57
C CYS A 48 -0.24 2.95 10.69
N PRO A 49 -0.89 3.35 11.75
CA PRO A 49 -1.13 2.48 12.91
C PRO A 49 -2.25 1.49 12.57
N TYR A 50 -3.17 1.21 13.46
CA TYR A 50 -4.25 0.24 13.12
C TYR A 50 -5.52 0.99 12.67
N ILE A 51 -6.36 1.37 13.61
CA ILE A 51 -7.62 2.08 13.24
C ILE A 51 -7.40 3.02 12.05
N TRP A 52 -6.22 3.54 11.89
CA TRP A 52 -5.96 4.47 10.74
C TRP A 52 -6.32 3.79 9.42
N SER A 53 -7.55 3.91 9.01
CA SER A 53 -7.98 3.30 7.72
C SER A 53 -7.33 1.93 7.52
N LEU A 54 -8.01 0.88 7.87
CA LEU A 54 -7.41 -0.48 7.69
C LEU A 54 -8.09 -1.17 6.51
N ASP A 55 -7.32 -1.70 5.60
CA ASP A 55 -7.93 -2.38 4.41
C ASP A 55 -8.06 -3.88 4.68
N THR A 56 -6.97 -4.59 4.73
CA THR A 56 -7.04 -6.06 4.97
C THR A 56 -6.87 -6.34 6.47
N GLN A 57 -7.13 -7.54 6.89
CA GLN A 57 -6.97 -7.88 8.32
C GLN A 57 -5.49 -7.81 8.70
N TYR A 58 -4.62 -8.19 7.80
CA TYR A 58 -3.17 -8.13 8.11
C TYR A 58 -2.76 -6.67 8.30
N SER A 59 -3.61 -5.75 7.93
CA SER A 59 -3.27 -4.31 8.09
C SER A 59 -3.33 -3.94 9.57
N LYS A 60 -4.14 -4.63 10.33
CA LYS A 60 -4.25 -4.32 11.79
C LYS A 60 -3.20 -5.14 12.55
N VAL A 61 -2.93 -6.33 12.10
CA VAL A 61 -1.91 -7.17 12.80
C VAL A 61 -0.53 -6.55 12.63
N LEU A 62 -0.18 -6.17 11.43
CA LEU A 62 1.17 -5.56 11.19
C LEU A 62 1.19 -4.13 11.74
N ALA A 63 0.16 -3.37 11.52
CA ALA A 63 0.14 -1.97 12.03
C ALA A 63 0.56 -1.98 13.50
N LEU A 64 0.03 -2.87 14.28
CA LEU A 64 0.42 -2.94 15.72
C LEU A 64 1.82 -3.53 15.82
N TYR A 65 2.07 -4.59 15.11
CA TYR A 65 3.42 -5.23 15.14
C TYR A 65 4.50 -4.15 15.16
N ASN A 66 4.26 -3.04 14.52
CA ASN A 66 5.27 -1.94 14.49
C ASN A 66 4.98 -0.97 15.63
N GLN A 67 3.75 -0.56 15.75
CA GLN A 67 3.37 0.40 16.82
C GLN A 67 3.80 -0.14 18.19
N HIS A 68 4.15 -1.38 18.26
CA HIS A 68 4.58 -1.97 19.55
C HIS A 68 6.08 -1.76 19.75
N ASN A 69 6.86 -1.94 18.70
CA ASN A 69 8.33 -1.75 18.84
C ASN A 69 8.75 -0.50 18.05
N PRO A 70 9.42 0.41 18.70
CA PRO A 70 9.89 1.65 18.08
C PRO A 70 11.16 1.38 17.26
N GLY A 71 11.19 1.82 16.04
CA GLY A 71 12.40 1.59 15.19
C GLY A 71 12.19 0.34 14.34
N ALA A 72 11.09 -0.34 14.51
CA ALA A 72 10.83 -1.56 13.71
C ALA A 72 10.47 -1.15 12.29
N SER A 73 11.23 -1.61 11.35
CA SER A 73 10.95 -1.26 9.92
C SER A 73 10.00 -2.29 9.32
N ALA A 74 8.93 -2.61 10.02
CA ALA A 74 7.97 -3.61 9.48
C ALA A 74 6.55 -3.05 9.58
N ALA A 75 6.34 -1.83 9.18
CA ALA A 75 4.98 -1.24 9.23
C ALA A 75 4.26 -1.51 7.92
N PRO A 76 3.04 -1.06 7.81
CA PRO A 76 2.22 -1.24 6.60
C PRO A 76 2.63 -0.24 5.54
N CYS A 77 1.79 -0.01 4.57
CA CYS A 77 2.14 0.96 3.50
C CYS A 77 0.88 1.72 3.07
N CYS A 78 0.71 2.93 3.55
CA CYS A 78 -0.50 3.72 3.16
C CYS A 78 -0.64 3.67 1.63
N VAL A 79 -1.85 3.60 1.12
CA VAL A 79 -2.03 3.53 -0.35
C VAL A 79 -3.32 4.29 -0.75
N PRO A 80 -3.62 4.25 -2.03
CA PRO A 80 -4.82 4.91 -2.57
C PRO A 80 -6.05 4.00 -2.35
N GLN A 81 -7.18 4.57 -2.05
CA GLN A 81 -8.39 3.74 -1.83
C GLN A 81 -9.50 4.21 -2.76
N ALA A 82 -10.20 5.25 -2.39
CA ALA A 82 -11.30 5.76 -3.27
C ALA A 82 -10.71 6.54 -4.43
N LEU A 83 -10.29 5.85 -5.46
CA LEU A 83 -9.69 6.56 -6.63
C LEU A 83 -10.80 7.26 -7.40
N GLU A 84 -10.50 7.66 -8.59
CA GLU A 84 -11.51 8.35 -9.43
C GLU A 84 -11.11 8.15 -10.90
N PRO A 85 -12.05 8.39 -11.78
CA PRO A 85 -11.81 8.26 -13.22
C PRO A 85 -10.96 9.41 -13.73
N LEU A 86 -10.89 9.60 -15.01
CA LEU A 86 -10.04 10.70 -15.56
C LEU A 86 -10.41 10.96 -17.02
N PRO A 87 -11.14 12.02 -17.26
CA PRO A 87 -11.57 12.42 -18.61
C PRO A 87 -10.38 12.96 -19.40
N ILE A 88 -9.86 12.19 -20.30
CA ILE A 88 -8.69 12.65 -21.08
C ILE A 88 -9.06 12.78 -22.55
N VAL A 89 -8.07 12.78 -23.40
CA VAL A 89 -8.30 12.88 -24.86
C VAL A 89 -7.01 12.49 -25.58
N TYR A 90 -7.03 11.41 -26.31
CA TYR A 90 -5.81 11.00 -27.04
C TYR A 90 -6.11 10.83 -28.52
N TYR A 91 -5.17 10.33 -29.27
CA TYR A 91 -5.41 10.16 -30.74
C TYR A 91 -5.12 8.73 -31.18
N VAL A 92 -5.96 8.21 -32.02
CA VAL A 92 -5.74 6.84 -32.56
C VAL A 92 -5.54 6.95 -34.05
N GLY A 93 -4.32 7.05 -34.50
CA GLY A 93 -4.07 7.19 -35.96
C GLY A 93 -4.41 8.64 -36.36
N ARG A 94 -5.66 8.91 -36.59
CA ARG A 94 -6.06 10.30 -37.00
C ARG A 94 -7.38 10.70 -36.34
N LYS A 95 -8.01 9.81 -35.62
CA LYS A 95 -9.31 10.17 -34.97
C LYS A 95 -9.09 10.45 -33.48
N PRO A 96 -9.55 11.59 -33.03
CA PRO A 96 -9.43 11.98 -31.61
C PRO A 96 -10.48 11.24 -30.79
N LYS A 97 -10.15 10.86 -29.59
CA LYS A 97 -11.15 10.11 -28.76
C LYS A 97 -11.05 10.54 -27.29
N VAL A 98 -12.07 11.15 -26.76
CA VAL A 98 -12.05 11.56 -25.33
C VAL A 98 -12.52 10.38 -24.50
N GLU A 99 -11.80 10.02 -23.46
CA GLU A 99 -12.25 8.87 -22.64
C GLU A 99 -12.31 9.28 -21.17
N GLN A 100 -12.27 8.31 -20.32
CA GLN A 100 -12.33 8.58 -18.86
C GLN A 100 -11.60 7.47 -18.12
N LEU A 101 -10.30 7.54 -18.09
CA LEU A 101 -9.53 6.47 -17.40
C LEU A 101 -10.19 6.14 -16.07
N SER A 102 -10.10 4.92 -15.67
CA SER A 102 -10.76 4.50 -14.38
C SER A 102 -9.74 4.43 -13.26
N ASN A 103 -10.06 4.96 -12.11
CA ASN A 103 -9.11 4.91 -10.96
C ASN A 103 -7.81 5.63 -11.33
N MET A 104 -7.89 6.62 -12.18
CA MET A 104 -6.66 7.36 -12.57
C MET A 104 -6.53 8.59 -11.67
N ILE A 105 -7.11 8.54 -10.50
CA ILE A 105 -7.01 9.70 -9.57
C ILE A 105 -7.14 9.21 -8.12
N VAL A 106 -6.83 10.04 -7.17
CA VAL A 106 -6.91 9.61 -5.75
C VAL A 106 -7.94 10.48 -5.01
N ARG A 107 -8.76 9.89 -4.19
CA ARG A 107 -9.78 10.68 -3.44
C ARG A 107 -9.61 10.44 -1.93
N SER A 108 -8.89 9.41 -1.57
CA SER A 108 -8.68 9.11 -0.12
C SER A 108 -7.82 7.85 0.02
N CYS A 109 -6.77 7.91 0.79
CA CYS A 109 -5.88 6.71 0.94
C CYS A 109 -6.26 5.90 2.19
N LYS A 110 -5.81 4.69 2.27
CA LYS A 110 -6.11 3.83 3.45
C LYS A 110 -4.81 3.14 3.88
N CYS A 111 -4.83 1.83 4.05
CA CYS A 111 -3.58 1.13 4.46
C CYS A 111 -3.64 -0.33 3.99
N SER A 112 -2.95 -0.67 2.93
CA SER A 112 -2.99 -2.07 2.46
C SER A 112 -1.81 -2.84 3.08
N ALA B 1 9.09 -11.86 -9.63
CA ALA B 1 7.76 -11.96 -8.97
C ALA B 1 7.79 -11.21 -7.64
N LEU B 2 6.68 -11.16 -6.94
CA LEU B 2 6.66 -10.45 -5.63
C LEU B 2 6.03 -11.33 -4.57
N ASP B 3 6.43 -12.55 -4.49
CA ASP B 3 5.84 -13.47 -3.47
C ASP B 3 6.86 -13.73 -2.37
N THR B 4 6.46 -14.43 -1.35
CA THR B 4 7.40 -14.72 -0.22
C THR B 4 8.36 -15.84 -0.64
N ASN B 5 8.26 -16.30 -1.86
CA ASN B 5 9.17 -17.38 -2.33
C ASN B 5 10.39 -16.74 -2.99
N TYR B 6 10.17 -15.75 -3.82
CA TYR B 6 11.30 -15.08 -4.50
C TYR B 6 11.96 -14.08 -3.54
N CYS B 7 11.22 -13.60 -2.58
CA CYS B 7 11.80 -12.62 -1.61
C CYS B 7 12.49 -13.38 -0.47
N PHE B 8 12.13 -14.62 -0.27
CA PHE B 8 12.77 -15.40 0.82
C PHE B 8 14.10 -15.99 0.33
N SER B 9 14.54 -15.58 -0.82
CA SER B 9 15.82 -16.11 -1.36
C SER B 9 16.74 -14.94 -1.74
N SER B 10 16.19 -13.85 -2.18
CA SER B 10 17.03 -12.69 -2.57
C SER B 10 16.69 -11.48 -1.68
N THR B 11 17.24 -10.34 -1.99
CA THR B 11 16.95 -9.13 -1.17
C THR B 11 16.07 -8.16 -1.97
N GLU B 12 16.67 -7.26 -2.67
CA GLU B 12 15.88 -6.27 -3.47
C GLU B 12 15.33 -5.19 -2.54
N LYS B 13 15.07 -4.03 -3.06
CA LYS B 13 14.53 -2.94 -2.21
C LYS B 13 13.16 -2.49 -2.72
N ASN B 14 12.71 -3.07 -3.81
CA ASN B 14 11.38 -2.67 -4.36
C ASN B 14 10.28 -3.42 -3.62
N CYS B 15 9.07 -3.39 -4.11
CA CYS B 15 7.96 -4.11 -3.43
C CYS B 15 8.37 -5.56 -3.20
N CYS B 16 8.99 -5.85 -2.09
CA CYS B 16 9.44 -7.24 -1.80
C CYS B 16 8.92 -7.67 -0.43
N VAL B 17 8.38 -8.85 -0.34
CA VAL B 17 7.86 -9.33 0.97
C VAL B 17 8.99 -9.95 1.78
N ARG B 18 9.34 -9.36 2.89
CA ARG B 18 10.44 -9.91 3.73
C ARG B 18 9.84 -10.74 4.87
N GLN B 19 10.61 -11.64 5.43
CA GLN B 19 10.11 -12.48 6.55
C GLN B 19 9.68 -11.57 7.71
N LEU B 20 8.66 -11.94 8.42
CA LEU B 20 8.20 -11.10 9.56
C LEU B 20 7.38 -11.94 10.52
N TYR B 21 7.86 -13.10 10.88
CA TYR B 21 7.10 -13.95 11.83
C TYR B 21 6.61 -13.07 12.99
N ILE B 22 5.36 -13.19 13.34
CA ILE B 22 4.84 -12.35 14.45
C ILE B 22 4.29 -13.26 15.56
N ASP B 23 4.85 -13.18 16.73
CA ASP B 23 4.35 -14.02 17.84
C ASP B 23 3.16 -13.30 18.48
N PHE B 24 1.97 -13.73 18.13
CA PHE B 24 0.70 -13.12 18.65
C PHE B 24 0.94 -12.20 19.85
N ARG B 25 1.51 -12.70 20.90
CA ARG B 25 1.71 -11.86 22.11
C ARG B 25 3.07 -11.14 22.10
N LYS B 26 4.10 -11.74 21.57
CA LYS B 26 5.43 -11.07 21.57
C LYS B 26 5.37 -9.77 20.78
N ASP B 27 4.84 -9.83 19.58
CA ASP B 27 4.79 -8.61 18.73
C ASP B 27 3.47 -7.85 18.91
N LEU B 28 2.36 -8.49 18.71
CA LEU B 28 1.05 -7.76 18.85
C LEU B 28 0.56 -7.83 20.30
N GLY B 29 1.09 -8.72 21.08
CA GLY B 29 0.62 -8.81 22.49
C GLY B 29 -0.86 -9.19 22.50
N TRP B 30 -1.38 -9.61 21.38
CA TRP B 30 -2.82 -9.99 21.31
C TRP B 30 -3.17 -10.88 22.49
N LYS B 31 -4.12 -10.48 23.28
CA LYS B 31 -4.52 -11.29 24.46
C LYS B 31 -5.81 -12.05 24.15
N TRP B 32 -6.46 -11.72 23.06
CA TRP B 32 -7.73 -12.42 22.72
C TRP B 32 -7.42 -13.70 21.94
N ILE B 33 -6.17 -14.05 21.85
CA ILE B 33 -5.81 -15.28 21.09
C ILE B 33 -4.77 -16.08 21.89
N HIS B 34 -5.04 -17.32 22.20
CA HIS B 34 -4.05 -18.10 22.99
C HIS B 34 -3.22 -19.01 22.06
N GLU B 35 -3.81 -19.51 21.01
CA GLU B 35 -3.04 -20.40 20.09
C GLU B 35 -3.32 -20.02 18.63
N PRO B 36 -2.35 -20.22 17.79
CA PRO B 36 -1.04 -20.79 18.18
C PRO B 36 -0.17 -19.71 18.82
N LYS B 37 1.03 -20.06 19.23
CA LYS B 37 1.93 -19.07 19.83
C LYS B 37 2.09 -17.88 18.89
N GLY B 38 2.10 -18.15 17.61
CA GLY B 38 2.25 -17.04 16.61
C GLY B 38 2.07 -17.60 15.20
N TYR B 39 2.49 -16.87 14.21
CA TYR B 39 2.35 -17.36 12.80
C TYR B 39 3.29 -16.56 11.89
N HIS B 40 3.29 -16.86 10.62
CA HIS B 40 4.18 -16.12 9.68
C HIS B 40 3.38 -15.02 9.01
N ALA B 41 3.17 -13.92 9.68
CA ALA B 41 2.39 -12.81 9.09
C ALA B 41 3.10 -12.26 7.85
N ASN B 42 4.39 -12.43 7.77
CA ASN B 42 5.13 -11.91 6.58
C ASN B 42 4.80 -10.43 6.40
N PHE B 43 5.40 -9.80 5.44
CA PHE B 43 5.10 -8.36 5.20
C PHE B 43 5.94 -7.86 4.01
N CYS B 44 5.78 -6.63 3.63
CA CYS B 44 6.56 -6.14 2.46
C CYS B 44 6.97 -4.67 2.66
N LEU B 45 7.96 -4.22 1.93
CA LEU B 45 8.41 -2.80 2.07
C LEU B 45 8.92 -2.28 0.73
N GLY B 46 9.57 -1.15 0.73
CA GLY B 46 10.13 -0.58 -0.53
C GLY B 46 9.00 -0.33 -1.53
N PRO B 47 9.17 0.72 -2.31
CA PRO B 47 8.18 1.11 -3.34
C PRO B 47 8.36 0.23 -4.59
N CYS B 48 7.63 0.51 -5.63
CA CYS B 48 7.76 -0.31 -6.87
C CYS B 48 7.55 0.55 -8.10
N PRO B 49 8.08 0.10 -9.21
CA PRO B 49 7.94 0.80 -10.50
C PRO B 49 6.53 0.57 -11.06
N TYR B 50 6.37 0.32 -12.33
CA TYR B 50 4.99 0.10 -12.87
C TYR B 50 4.68 -1.39 -12.97
N ILE B 51 5.03 -2.01 -14.07
CA ILE B 51 4.75 -3.46 -14.26
C ILE B 51 4.90 -4.23 -12.93
N TRP B 52 5.75 -3.76 -12.05
CA TRP B 52 5.93 -4.48 -10.75
C TRP B 52 4.59 -4.62 -10.04
N SER B 53 3.87 -5.68 -10.31
CA SER B 53 2.56 -5.91 -9.64
C SER B 53 1.80 -4.59 -9.47
N LEU B 54 0.91 -4.28 -10.38
CA LEU B 54 0.13 -3.01 -10.26
C LEU B 54 -1.29 -3.33 -9.82
N ASP B 55 -1.77 -2.66 -8.81
CA ASP B 55 -3.15 -2.94 -8.32
C ASP B 55 -4.15 -1.98 -8.99
N THR B 56 -4.10 -0.73 -8.64
CA THR B 56 -5.06 0.24 -9.25
C THR B 56 -4.38 0.94 -10.44
N GLN B 57 -5.14 1.63 -11.23
CA GLN B 57 -4.56 2.34 -12.40
C GLN B 57 -3.61 3.44 -11.91
N TYR B 58 -3.94 4.08 -10.83
CA TYR B 58 -3.04 5.14 -10.30
C TYR B 58 -1.72 4.51 -9.88
N SER B 59 -1.67 3.21 -9.78
CA SER B 59 -0.39 2.55 -9.38
C SER B 59 0.61 2.63 -10.54
N LYS B 60 0.13 2.70 -11.74
CA LYS B 60 1.06 2.79 -12.92
C LYS B 60 1.38 4.25 -13.21
N VAL B 61 0.44 5.13 -12.98
CA VAL B 61 0.69 6.57 -13.23
C VAL B 61 1.70 7.12 -12.21
N LEU B 62 1.51 6.80 -10.96
CA LEU B 62 2.45 7.30 -9.92
C LEU B 62 3.76 6.51 -9.99
N ALA B 63 3.69 5.22 -10.16
CA ALA B 63 4.94 4.41 -10.23
C ALA B 63 5.91 5.07 -11.22
N LEU B 64 5.41 5.50 -12.36
CA LEU B 64 6.31 6.17 -13.35
C LEU B 64 6.61 7.58 -12.85
N TYR B 65 5.61 8.27 -12.39
CA TYR B 65 5.81 9.66 -11.88
C TYR B 65 7.10 9.72 -11.06
N ASN B 66 7.44 8.66 -10.38
CA ASN B 66 8.69 8.64 -9.57
C ASN B 66 9.83 8.08 -10.40
N GLN B 67 9.60 6.96 -11.03
CA GLN B 67 10.65 6.33 -11.87
C GLN B 67 11.19 7.34 -12.89
N HIS B 68 10.51 8.42 -13.08
CA HIS B 68 10.97 9.44 -14.07
C HIS B 68 11.94 10.41 -13.38
N ASN B 69 11.63 10.82 -12.18
CA ASN B 69 12.53 11.77 -11.47
C ASN B 69 13.21 11.05 -10.29
N PRO B 70 14.52 11.08 -10.25
CA PRO B 70 15.30 10.45 -9.18
C PRO B 70 15.28 11.32 -7.92
N GLY B 71 14.97 10.74 -6.79
CA GLY B 71 14.94 11.54 -5.53
C GLY B 71 13.51 12.00 -5.26
N ALA B 72 12.60 11.71 -6.15
CA ALA B 72 11.20 12.13 -5.94
C ALA B 72 10.56 11.25 -4.86
N SER B 73 10.12 11.85 -3.80
CA SER B 73 9.49 11.07 -2.70
C SER B 73 7.99 10.93 -2.98
N ALA B 74 7.62 10.56 -4.18
CA ALA B 74 6.18 10.40 -4.48
C ALA B 74 5.94 9.06 -5.17
N ALA B 75 6.49 8.01 -4.64
CA ALA B 75 6.31 6.66 -5.25
C ALA B 75 5.07 6.00 -4.62
N PRO B 76 4.77 4.81 -5.06
CA PRO B 76 3.61 4.04 -4.55
C PRO B 76 3.96 3.40 -3.20
N CYS B 77 3.21 2.42 -2.80
CA CYS B 77 3.52 1.76 -1.51
C CYS B 77 3.24 0.25 -1.61
N CYS B 78 4.26 -0.54 -1.79
CA CYS B 78 4.04 -2.02 -1.90
C CYS B 78 3.14 -2.48 -0.74
N VAL B 79 2.25 -3.41 -0.98
CA VAL B 79 1.35 -3.86 0.11
C VAL B 79 1.06 -5.36 -0.04
N PRO B 80 0.23 -5.88 0.83
CA PRO B 80 -0.15 -7.30 0.80
C PRO B 80 -1.27 -7.52 -0.23
N GLN B 81 -1.25 -8.61 -0.93
CA GLN B 81 -2.30 -8.88 -1.95
C GLN B 81 -2.98 -10.21 -1.65
N ALA B 82 -2.37 -11.30 -2.05
CA ALA B 82 -2.99 -12.63 -1.79
C ALA B 82 -2.77 -13.01 -0.33
N LEU B 83 -3.59 -12.52 0.57
CA LEU B 83 -3.41 -12.85 1.99
C LEU B 83 -3.85 -14.30 2.23
N GLU B 84 -4.04 -14.64 3.45
CA GLU B 84 -4.48 -16.02 3.79
C GLU B 84 -5.20 -15.99 5.14
N PRO B 85 -5.92 -17.03 5.43
CA PRO B 85 -6.66 -17.13 6.69
C PRO B 85 -5.71 -17.41 7.85
N LEU B 86 -6.21 -17.81 8.98
CA LEU B 86 -5.31 -18.07 10.13
C LEU B 86 -6.06 -18.87 11.20
N PRO B 87 -5.76 -20.15 11.28
CA PRO B 87 -6.40 -21.04 12.26
C PRO B 87 -5.86 -20.76 13.66
N ILE B 88 -6.63 -20.11 14.48
CA ILE B 88 -6.17 -19.77 15.84
C ILE B 88 -7.01 -20.49 16.88
N VAL B 89 -6.97 -20.00 18.08
CA VAL B 89 -7.77 -20.61 19.18
C VAL B 89 -7.82 -19.61 20.33
N TYR B 90 -8.98 -19.10 20.66
CA TYR B 90 -9.06 -18.14 21.78
C TYR B 90 -10.11 -18.61 22.80
N TYR B 91 -10.40 -17.81 23.78
CA TYR B 91 -11.40 -18.23 24.80
C TYR B 91 -12.50 -17.20 24.94
N VAL B 92 -13.70 -17.66 25.09
CA VAL B 92 -14.85 -16.73 25.28
C VAL B 92 -15.47 -17.04 26.64
N GLY B 93 -15.04 -16.34 27.65
CA GLY B 93 -15.58 -16.63 29.02
C GLY B 93 -14.93 -17.92 29.54
N ARG B 94 -15.45 -19.05 29.14
CA ARG B 94 -14.87 -20.34 29.61
C ARG B 94 -14.87 -21.39 28.48
N LYS B 95 -15.42 -21.06 27.34
CA LYS B 95 -15.45 -22.06 26.23
C LYS B 95 -14.38 -21.71 25.19
N PRO B 96 -13.55 -22.68 24.87
CA PRO B 96 -12.47 -22.50 23.88
C PRO B 96 -13.06 -22.55 22.47
N LYS B 97 -12.56 -21.76 21.56
CA LYS B 97 -13.13 -21.77 20.18
C LYS B 97 -12.01 -21.61 19.15
N VAL B 98 -11.79 -22.61 18.34
CA VAL B 98 -10.74 -22.51 17.29
C VAL B 98 -11.37 -21.85 16.06
N GLU B 99 -10.74 -20.84 15.51
CA GLU B 99 -11.34 -20.19 14.31
C GLU B 99 -10.33 -20.14 13.18
N GLN B 100 -10.54 -19.26 12.25
CA GLN B 100 -9.61 -19.12 11.11
C GLN B 100 -9.66 -17.68 10.61
N LEU B 101 -8.98 -16.80 11.27
CA LEU B 101 -9.01 -15.38 10.85
C LEU B 101 -8.87 -15.29 9.34
N SER B 102 -9.49 -14.32 8.75
CA SER B 102 -9.43 -14.19 7.26
C SER B 102 -8.40 -13.13 6.85
N ASN B 103 -7.58 -13.44 5.89
CA ASN B 103 -6.57 -12.43 5.42
C ASN B 103 -5.63 -12.08 6.58
N MET B 104 -5.41 -13.00 7.48
CA MET B 104 -4.50 -12.72 8.62
C MET B 104 -3.10 -13.21 8.26
N ILE B 105 -2.80 -13.30 6.99
CA ILE B 105 -1.45 -13.76 6.58
C ILE B 105 -1.11 -13.17 5.21
N VAL B 106 0.13 -13.25 4.80
CA VAL B 106 0.52 -12.69 3.49
C VAL B 106 1.04 -13.80 2.58
N ARG B 107 0.66 -13.79 1.33
CA ARG B 107 1.14 -14.84 0.38
C ARG B 107 1.83 -14.17 -0.82
N SER B 108 1.63 -12.89 -1.00
CA SER B 108 2.27 -12.19 -2.14
C SER B 108 1.84 -10.72 -2.13
N CYS B 109 2.79 -9.82 -2.19
CA CYS B 109 2.44 -8.37 -2.16
C CYS B 109 2.35 -7.79 -3.57
N LYS B 110 1.74 -6.64 -3.70
CA LYS B 110 1.61 -6.00 -5.04
C LYS B 110 1.95 -4.51 -4.88
N CYS B 111 1.11 -3.62 -5.36
CA CYS B 111 1.42 -2.17 -5.23
C CYS B 111 0.11 -1.36 -5.25
N SER B 112 -0.35 -0.91 -4.10
CA SER B 112 -1.61 -0.12 -4.08
C SER B 112 -1.27 1.37 -4.16
N ALA A 1 -11.92 10.15 8.48
CA ALA A 1 -11.99 10.40 7.01
C ALA A 1 -10.58 10.43 6.43
N LEU A 2 -10.29 9.55 5.51
CA LEU A 2 -8.92 9.53 4.90
C LEU A 2 -9.02 9.90 3.43
N ASP A 3 -9.66 10.99 3.13
CA ASP A 3 -9.79 11.41 1.72
C ASP A 3 -8.90 12.63 1.48
N THR A 4 -8.93 13.18 0.30
CA THR A 4 -8.09 14.36 0.00
C THR A 4 -8.76 15.64 0.53
N ASN A 5 -9.76 15.49 1.35
CA ASN A 5 -10.45 16.70 1.91
C ASN A 5 -9.94 16.96 3.33
N TYR A 6 -9.82 15.92 4.12
CA TYR A 6 -9.33 16.10 5.51
C TYR A 6 -7.80 16.08 5.53
N CYS A 7 -7.19 15.52 4.52
CA CYS A 7 -5.70 15.48 4.48
C CYS A 7 -5.14 16.86 4.13
N PHE A 8 -5.95 17.72 3.59
CA PHE A 8 -5.45 19.07 3.23
C PHE A 8 -5.57 20.00 4.44
N SER A 9 -5.24 19.51 5.60
CA SER A 9 -5.33 20.36 6.83
C SER A 9 -3.92 20.73 7.31
N SER A 10 -3.41 20.02 8.28
CA SER A 10 -2.04 20.35 8.77
C SER A 10 -1.50 19.19 9.63
N THR A 11 -2.36 18.56 10.36
CA THR A 11 -1.92 17.43 11.23
C THR A 11 -2.14 16.10 10.51
N GLU A 12 -2.14 15.02 11.25
CA GLU A 12 -2.35 13.69 10.62
C GLU A 12 -1.05 13.22 9.95
N LYS A 13 -0.51 12.12 10.40
CA LYS A 13 0.76 11.62 9.79
C LYS A 13 0.59 10.14 9.40
N ASN A 14 -0.53 9.56 9.72
CA ASN A 14 -0.76 8.14 9.36
C ASN A 14 -1.21 8.04 7.90
N CYS A 15 -1.82 6.95 7.52
CA CYS A 15 -2.27 6.80 6.10
C CYS A 15 -3.15 8.01 5.75
N CYS A 16 -2.54 9.05 5.26
CA CYS A 16 -3.32 10.26 4.89
C CYS A 16 -2.93 10.70 3.48
N VAL A 17 -3.88 10.81 2.59
CA VAL A 17 -3.56 11.23 1.21
C VAL A 17 -2.88 12.60 1.26
N ARG A 18 -2.12 12.95 0.26
CA ARG A 18 -1.46 14.28 0.27
C ARG A 18 -1.52 14.90 -1.12
N GLN A 19 -0.73 15.91 -1.34
CA GLN A 19 -0.72 16.57 -2.67
C GLN A 19 0.38 15.94 -3.53
N LEU A 20 0.10 15.70 -4.78
CA LEU A 20 1.12 15.07 -5.66
C LEU A 20 0.97 15.60 -7.09
N TYR A 21 0.80 16.88 -7.25
CA TYR A 21 0.65 17.40 -8.63
C TYR A 21 1.80 16.85 -9.47
N ILE A 22 1.51 16.32 -10.62
CA ILE A 22 2.59 15.77 -11.46
C ILE A 22 2.59 16.47 -12.82
N ASP A 23 3.65 17.16 -13.13
CA ASP A 23 3.70 17.84 -14.46
C ASP A 23 4.14 16.82 -15.49
N PHE A 24 3.19 16.16 -16.07
CA PHE A 24 3.45 15.09 -17.09
C PHE A 24 4.91 15.07 -17.56
N ARG A 25 5.41 16.16 -18.07
CA ARG A 25 6.81 16.18 -18.57
C ARG A 25 7.81 16.40 -17.42
N LYS A 26 7.54 17.29 -16.51
CA LYS A 26 8.50 17.55 -15.41
C LYS A 26 8.69 16.31 -14.54
N ASP A 27 7.63 15.69 -14.13
CA ASP A 27 7.74 14.50 -13.23
C ASP A 27 7.87 13.20 -14.03
N LEU A 28 6.87 12.83 -14.78
CA LEU A 28 6.94 11.54 -15.54
C LEU A 28 7.61 11.75 -16.90
N GLY A 29 7.80 12.97 -17.32
CA GLY A 29 8.44 13.20 -18.64
C GLY A 29 7.55 12.60 -19.73
N TRP A 30 6.34 12.23 -19.40
CA TRP A 30 5.42 11.65 -20.40
C TRP A 30 5.47 12.45 -21.69
N LYS A 31 5.78 11.81 -22.78
CA LYS A 31 5.86 12.52 -24.07
C LYS A 31 4.62 12.20 -24.92
N TRP A 32 3.84 11.24 -24.50
CA TRP A 32 2.63 10.88 -25.29
C TRP A 32 1.46 11.78 -24.89
N ILE A 33 1.66 12.62 -23.92
CA ILE A 33 0.56 13.52 -23.48
C ILE A 33 1.01 14.98 -23.59
N HIS A 34 0.23 15.79 -24.25
CA HIS A 34 0.61 17.23 -24.39
C HIS A 34 -0.06 18.05 -23.30
N GLU A 35 -1.36 17.95 -23.16
CA GLU A 35 -2.06 18.74 -22.11
C GLU A 35 -2.93 17.81 -21.26
N PRO A 36 -3.20 18.23 -20.04
CA PRO A 36 -2.71 19.51 -19.51
C PRO A 36 -1.24 19.39 -19.09
N LYS A 37 -0.62 20.48 -18.73
CA LYS A 37 0.80 20.44 -18.30
C LYS A 37 0.96 19.36 -17.23
N GLY A 38 -0.01 19.24 -16.37
CA GLY A 38 0.07 18.21 -15.30
C GLY A 38 -1.31 18.00 -14.68
N TYR A 39 -1.38 17.72 -13.41
CA TYR A 39 -2.70 17.50 -12.76
C TYR A 39 -2.49 17.16 -11.29
N HIS A 40 -3.55 17.03 -10.54
CA HIS A 40 -3.40 16.71 -9.09
C HIS A 40 -3.41 15.19 -8.91
N ALA A 41 -2.31 14.55 -9.21
CA ALA A 41 -2.25 13.07 -9.07
C ALA A 41 -2.55 12.66 -7.62
N ASN A 42 -2.15 13.45 -6.67
CA ASN A 42 -2.42 13.09 -5.25
C ASN A 42 -1.89 11.69 -4.96
N PHE A 43 -1.87 11.29 -3.72
CA PHE A 43 -1.36 9.93 -3.38
C PHE A 43 -1.43 9.74 -1.87
N CYS A 44 -0.67 8.82 -1.33
CA CYS A 44 -0.75 8.61 0.15
C CYS A 44 0.64 8.31 0.71
N LEU A 45 0.89 8.71 1.93
CA LEU A 45 2.22 8.44 2.55
C LEU A 45 2.05 8.21 4.06
N GLY A 46 2.95 7.48 4.65
CA GLY A 46 2.84 7.22 6.12
C GLY A 46 2.01 5.97 6.37
N PRO A 47 2.36 5.25 7.41
CA PRO A 47 1.67 4.01 7.80
C PRO A 47 0.37 4.35 8.54
N CYS A 48 -0.25 3.37 9.16
CA CYS A 48 -1.51 3.65 9.90
C CYS A 48 -1.59 2.76 11.15
N PRO A 49 -2.25 3.26 12.16
CA PRO A 49 -2.43 2.55 13.43
C PRO A 49 -3.43 1.38 13.26
N TYR A 50 -4.07 0.97 14.32
CA TYR A 50 -5.04 -0.17 14.19
C TYR A 50 -6.47 0.36 14.15
N ILE A 51 -6.66 1.57 13.71
CA ILE A 51 -8.04 2.13 13.64
C ILE A 51 -8.13 3.09 12.45
N TRP A 52 -7.23 2.96 11.52
CA TRP A 52 -7.24 3.87 10.34
C TRP A 52 -7.77 3.13 9.12
N SER A 53 -9.06 2.95 9.03
CA SER A 53 -9.66 2.25 7.86
C SER A 53 -8.81 1.02 7.51
N LEU A 54 -8.88 -0.01 8.31
CA LEU A 54 -8.09 -1.23 8.02
C LEU A 54 -8.89 -2.13 7.08
N ASP A 55 -8.27 -2.59 6.01
CA ASP A 55 -9.01 -3.45 5.05
C ASP A 55 -8.77 -4.92 5.37
N THR A 56 -7.54 -5.30 5.61
CA THR A 56 -7.25 -6.73 5.93
C THR A 56 -6.98 -6.89 7.43
N GLN A 57 -6.79 -8.10 7.88
CA GLN A 57 -6.51 -8.32 9.32
C GLN A 57 -5.02 -8.09 9.60
N TYR A 58 -4.18 -8.40 8.66
CA TYR A 58 -2.72 -8.19 8.89
C TYR A 58 -2.45 -6.67 8.97
N SER A 59 -3.41 -5.86 8.64
CA SER A 59 -3.21 -4.39 8.71
C SER A 59 -3.28 -3.93 10.17
N LYS A 60 -3.91 -4.72 11.01
CA LYS A 60 -4.01 -4.33 12.44
C LYS A 60 -2.79 -4.85 13.20
N VAL A 61 -2.41 -6.08 12.97
CA VAL A 61 -1.23 -6.65 13.67
C VAL A 61 0.01 -5.85 13.29
N LEU A 62 0.36 -5.85 12.04
CA LEU A 62 1.58 -5.09 11.60
C LEU A 62 1.46 -3.64 12.07
N ALA A 63 0.27 -3.09 12.03
CA ALA A 63 0.11 -1.67 12.48
C ALA A 63 0.81 -1.49 13.84
N LEU A 64 0.68 -2.45 14.71
CA LEU A 64 1.35 -2.36 16.04
C LEU A 64 2.82 -2.71 15.87
N TYR A 65 3.10 -3.69 15.08
CA TYR A 65 4.53 -4.10 14.86
C TYR A 65 5.38 -2.86 14.60
N ASN A 66 4.81 -1.85 14.00
CA ASN A 66 5.58 -0.60 13.73
C ASN A 66 5.32 0.41 14.83
N GLN A 67 4.07 0.63 15.14
CA GLN A 67 3.70 1.61 16.20
C GLN A 67 4.45 1.28 17.50
N HIS A 68 5.00 0.12 17.58
CA HIS A 68 5.75 -0.27 18.82
C HIS A 68 7.22 0.13 18.66
N ASN A 69 7.78 -0.07 17.51
CA ASN A 69 9.21 0.30 17.30
C ASN A 69 9.30 1.65 16.56
N PRO A 70 9.94 2.60 17.18
CA PRO A 70 10.10 3.94 16.59
C PRO A 70 11.21 3.92 15.54
N GLY A 71 10.85 3.67 14.29
CA GLY A 71 11.87 3.63 13.22
C GLY A 71 11.86 2.24 12.56
N ALA A 72 10.73 1.60 12.54
CA ALA A 72 10.64 0.25 11.92
C ALA A 72 10.23 0.40 10.46
N SER A 73 11.00 -0.13 9.57
CA SER A 73 10.68 -0.02 8.12
C SER A 73 9.74 -1.15 7.71
N ALA A 74 9.06 -1.76 8.65
CA ALA A 74 8.13 -2.87 8.29
C ALA A 74 6.71 -2.49 8.68
N ALA A 75 6.28 -1.33 8.28
CA ALA A 75 4.89 -0.87 8.61
C ALA A 75 3.95 -1.31 7.47
N PRO A 76 2.70 -0.90 7.54
CA PRO A 76 1.71 -1.26 6.51
C PRO A 76 1.94 -0.41 5.26
N CYS A 77 0.96 -0.30 4.41
CA CYS A 77 1.18 0.52 3.19
C CYS A 77 -0.11 1.25 2.78
N CYS A 78 -0.24 2.47 3.20
CA CYS A 78 -1.46 3.26 2.82
C CYS A 78 -1.53 3.32 1.29
N VAL A 79 -2.71 3.24 0.71
CA VAL A 79 -2.80 3.25 -0.77
C VAL A 79 -4.06 4.02 -1.24
N PRO A 80 -4.08 4.35 -2.51
CA PRO A 80 -5.19 5.09 -3.13
C PRO A 80 -6.37 4.15 -3.39
N GLN A 81 -7.30 4.07 -2.48
CA GLN A 81 -8.47 3.17 -2.70
C GLN A 81 -9.31 3.72 -3.86
N ALA A 82 -9.92 4.87 -3.67
CA ALA A 82 -10.76 5.46 -4.75
C ALA A 82 -9.86 6.30 -5.66
N LEU A 83 -10.25 6.48 -6.90
CA LEU A 83 -9.40 7.29 -7.81
C LEU A 83 -10.30 8.18 -8.68
N GLU A 84 -9.73 8.74 -9.69
CA GLU A 84 -10.51 9.61 -10.61
C GLU A 84 -9.86 9.57 -11.99
N PRO A 85 -10.61 9.92 -12.99
CA PRO A 85 -10.13 9.92 -14.37
C PRO A 85 -9.20 11.11 -14.62
N LEU A 86 -8.97 11.47 -15.84
CA LEU A 86 -8.05 12.60 -16.14
C LEU A 86 -8.23 13.05 -17.60
N PRO A 87 -8.79 14.23 -17.77
CA PRO A 87 -9.02 14.80 -19.11
C PRO A 87 -7.70 15.32 -19.68
N ILE A 88 -7.22 14.71 -20.72
CA ILE A 88 -5.92 15.15 -21.30
C ILE A 88 -6.07 15.44 -22.78
N VAL A 89 -4.96 15.46 -23.46
CA VAL A 89 -4.94 15.70 -24.92
C VAL A 89 -3.59 15.27 -25.45
N TYR A 90 -3.54 14.23 -26.22
CA TYR A 90 -2.23 13.78 -26.76
C TYR A 90 -2.23 13.83 -28.29
N TYR A 91 -1.22 13.31 -28.90
CA TYR A 91 -1.16 13.36 -30.39
C TYR A 91 -0.81 11.98 -30.96
N VAL A 92 -1.55 11.53 -31.93
CA VAL A 92 -1.25 10.23 -32.57
C VAL A 92 -0.65 10.52 -33.93
N GLY A 93 0.64 10.61 -34.00
CA GLY A 93 1.29 10.92 -35.31
C GLY A 93 1.16 12.43 -35.56
N ARG A 94 0.01 12.87 -36.00
CA ARG A 94 -0.18 14.33 -36.27
C ARG A 94 -1.62 14.77 -35.92
N LYS A 95 -2.47 13.86 -35.53
CA LYS A 95 -3.87 14.25 -35.20
C LYS A 95 -4.00 14.40 -33.68
N PRO A 96 -4.55 15.51 -33.26
CA PRO A 96 -4.75 15.80 -31.83
C PRO A 96 -5.96 15.02 -31.30
N LYS A 97 -5.90 14.53 -30.09
CA LYS A 97 -7.05 13.77 -29.53
C LYS A 97 -7.19 14.07 -28.03
N VAL A 98 -8.39 14.14 -27.55
CA VAL A 98 -8.61 14.41 -26.10
C VAL A 98 -9.29 13.21 -25.47
N GLU A 99 -8.83 12.75 -24.33
CA GLU A 99 -9.47 11.57 -23.70
C GLU A 99 -9.67 11.82 -22.22
N GLN A 100 -9.80 10.78 -21.45
CA GLN A 100 -10.01 10.92 -19.99
C GLN A 100 -9.39 9.72 -19.29
N LEU A 101 -8.11 9.74 -19.07
CA LEU A 101 -7.46 8.58 -18.40
C LEU A 101 -8.31 8.13 -17.23
N SER A 102 -8.33 6.86 -16.95
CA SER A 102 -9.16 6.34 -15.83
C SER A 102 -8.32 6.05 -14.59
N ASN A 103 -8.85 6.32 -13.42
CA ASN A 103 -8.08 6.05 -12.16
C ASN A 103 -6.68 6.64 -12.25
N MET A 104 -6.54 7.76 -12.89
CA MET A 104 -5.21 8.39 -13.00
C MET A 104 -5.06 9.42 -11.87
N ILE A 105 -5.98 9.44 -10.94
CA ILE A 105 -5.88 10.41 -9.82
C ILE A 105 -6.32 9.73 -8.53
N VAL A 106 -6.07 10.35 -7.40
CA VAL A 106 -6.47 9.73 -6.11
C VAL A 106 -7.63 10.52 -5.51
N ARG A 107 -8.60 9.83 -4.96
CA ARG A 107 -9.75 10.52 -4.34
C ARG A 107 -9.96 9.99 -2.92
N SER A 108 -9.18 9.04 -2.50
CA SER A 108 -9.33 8.47 -1.13
C SER A 108 -8.30 7.36 -0.93
N CYS A 109 -7.54 7.42 0.13
CA CYS A 109 -6.52 6.37 0.37
C CYS A 109 -7.08 5.26 1.28
N LYS A 110 -6.22 4.38 1.75
CA LYS A 110 -6.67 3.27 2.64
C LYS A 110 -5.43 2.60 3.21
N CYS A 111 -5.55 1.40 3.73
CA CYS A 111 -4.34 0.73 4.29
C CYS A 111 -4.36 -0.76 3.94
N SER A 112 -3.81 -1.12 2.80
CA SER A 112 -3.79 -2.55 2.42
C SER A 112 -2.55 -3.22 3.02
N ALA B 1 5.93 -13.00 -10.59
CA ALA B 1 5.31 -13.60 -9.37
C ALA B 1 5.70 -12.77 -8.14
N LEU B 2 4.74 -12.20 -7.47
CA LEU B 2 5.06 -11.38 -6.26
C LEU B 2 4.50 -12.06 -5.02
N ASP B 3 4.81 -13.30 -4.85
CA ASP B 3 4.32 -14.03 -3.65
C ASP B 3 5.49 -14.26 -2.69
N THR B 4 5.24 -14.96 -1.62
CA THR B 4 6.33 -15.21 -0.63
C THR B 4 7.18 -16.40 -1.09
N ASN B 5 7.04 -16.81 -2.32
CA ASN B 5 7.85 -17.94 -2.83
C ASN B 5 9.02 -17.39 -3.67
N TYR B 6 8.76 -16.42 -4.50
CA TYR B 6 9.84 -15.84 -5.34
C TYR B 6 10.57 -14.74 -4.56
N CYS B 7 9.94 -14.20 -3.55
CA CYS B 7 10.58 -13.13 -2.75
C CYS B 7 11.65 -13.72 -1.83
N PHE B 8 11.60 -15.01 -1.60
CA PHE B 8 12.61 -15.63 -0.70
C PHE B 8 13.84 -16.02 -1.53
N SER B 9 14.26 -15.18 -2.44
CA SER B 9 15.46 -15.50 -3.27
C SER B 9 16.63 -14.62 -2.83
N SER B 10 16.89 -13.54 -3.53
CA SER B 10 18.02 -12.67 -3.13
C SER B 10 17.91 -11.32 -3.85
N THR B 11 17.44 -11.32 -5.05
CA THR B 11 17.30 -10.04 -5.82
C THR B 11 15.88 -9.50 -5.67
N GLU B 12 15.49 -8.61 -6.54
CA GLU B 12 14.11 -8.03 -6.47
C GLU B 12 14.06 -6.97 -5.36
N LYS B 13 13.77 -5.74 -5.72
CA LYS B 13 13.70 -4.66 -4.70
C LYS B 13 12.37 -3.92 -4.83
N ASN B 14 11.59 -4.24 -5.82
CA ASN B 14 10.27 -3.55 -6.00
C ASN B 14 9.23 -4.18 -5.06
N CYS B 15 7.97 -3.98 -5.34
CA CYS B 15 6.92 -4.58 -4.47
C CYS B 15 7.18 -6.07 -4.34
N CYS B 16 7.94 -6.45 -3.35
CA CYS B 16 8.24 -7.90 -3.15
C CYS B 16 8.01 -8.25 -1.69
N VAL B 17 7.16 -9.22 -1.44
CA VAL B 17 6.89 -9.62 -0.03
C VAL B 17 8.22 -10.03 0.62
N ARG B 18 8.30 -9.99 1.92
CA ARG B 18 9.57 -10.39 2.59
C ARG B 18 9.25 -11.19 3.85
N GLN B 19 10.22 -11.36 4.69
CA GLN B 19 10.00 -12.12 5.94
C GLN B 19 9.63 -11.15 7.06
N LEU B 20 8.69 -11.50 7.88
CA LEU B 20 8.26 -10.58 8.97
C LEU B 20 7.83 -11.38 10.19
N TYR B 21 8.56 -12.39 10.55
CA TYR B 21 8.14 -13.17 11.73
C TYR B 21 7.86 -12.21 12.88
N ILE B 22 6.75 -12.36 13.52
CA ILE B 22 6.43 -11.44 14.65
C ILE B 22 6.23 -12.25 15.92
N ASP B 23 7.05 -12.03 16.91
CA ASP B 23 6.88 -12.78 18.18
C ASP B 23 5.82 -12.04 18.99
N PHE B 24 4.59 -12.43 18.82
CA PHE B 24 3.43 -11.80 19.52
C PHE B 24 3.87 -10.87 20.65
N ARG B 25 4.61 -11.38 21.61
CA ARG B 25 5.04 -10.52 22.75
C ARG B 25 6.26 -9.66 22.39
N LYS B 26 7.23 -10.21 21.72
CA LYS B 26 8.45 -9.42 21.39
C LYS B 26 8.12 -8.25 20.48
N ASP B 27 7.38 -8.50 19.43
CA ASP B 27 7.07 -7.41 18.46
C ASP B 27 5.78 -6.65 18.84
N LEU B 28 4.66 -7.32 18.85
CA LEU B 28 3.39 -6.60 19.18
C LEU B 28 3.15 -6.60 20.69
N GLY B 29 3.89 -7.37 21.44
CA GLY B 29 3.66 -7.41 22.91
C GLY B 29 2.25 -7.91 23.18
N TRP B 30 1.58 -8.45 22.19
CA TRP B 30 0.20 -8.96 22.38
C TRP B 30 0.13 -9.78 23.66
N LYS B 31 -0.76 -9.41 24.55
CA LYS B 31 -0.89 -10.15 25.83
C LYS B 31 -2.14 -11.03 25.79
N TRP B 32 -2.98 -10.84 24.80
CA TRP B 32 -4.22 -11.66 24.72
C TRP B 32 -3.92 -12.98 24.01
N ILE B 33 -2.72 -13.15 23.53
CA ILE B 33 -2.40 -14.42 22.83
C ILE B 33 -1.19 -15.09 23.51
N HIS B 34 -1.32 -16.34 23.85
CA HIS B 34 -0.21 -17.06 24.53
C HIS B 34 0.63 -17.81 23.48
N GLU B 35 0.01 -18.62 22.67
CA GLU B 35 0.79 -19.37 21.65
C GLU B 35 0.15 -19.16 20.27
N PRO B 36 0.96 -19.33 19.24
CA PRO B 36 2.37 -19.69 19.39
C PRO B 36 3.21 -18.47 19.78
N LYS B 37 4.46 -18.66 20.08
CA LYS B 37 5.32 -17.52 20.46
C LYS B 37 5.21 -16.42 19.40
N GLY B 38 5.09 -16.81 18.16
CA GLY B 38 4.98 -15.81 17.06
C GLY B 38 4.48 -16.50 15.80
N TYR B 39 4.91 -16.03 14.65
CA TYR B 39 4.47 -16.66 13.38
C TYR B 39 5.10 -15.93 12.19
N HIS B 40 4.89 -16.40 11.00
CA HIS B 40 5.49 -15.72 9.82
C HIS B 40 4.50 -14.68 9.29
N ALA B 41 4.42 -13.55 9.94
CA ALA B 41 3.46 -12.49 9.49
C ALA B 41 3.78 -12.07 8.06
N ASN B 42 5.03 -12.07 7.68
CA ASN B 42 5.40 -11.67 6.30
C ASN B 42 4.81 -10.30 5.99
N PHE B 43 5.19 -9.71 4.88
CA PHE B 43 4.65 -8.38 4.54
C PHE B 43 5.26 -7.91 3.22
N CYS B 44 5.24 -6.64 2.93
CA CYS B 44 5.82 -6.18 1.64
C CYS B 44 6.56 -4.85 1.83
N LEU B 45 7.61 -4.64 1.07
CA LEU B 45 8.37 -3.36 1.19
C LEU B 45 8.90 -2.95 -0.18
N GLY B 46 9.13 -1.68 -0.39
CA GLY B 46 9.66 -1.21 -1.70
C GLY B 46 8.50 -0.91 -2.65
N PRO B 47 8.70 0.07 -3.50
CA PRO B 47 7.69 0.49 -4.49
C PRO B 47 7.71 -0.46 -5.69
N CYS B 48 7.04 -0.10 -6.75
CA CYS B 48 7.02 -1.00 -7.95
C CYS B 48 7.01 -0.15 -9.23
N PRO B 49 7.58 -0.70 -10.27
CA PRO B 49 7.65 -0.03 -11.59
C PRO B 49 6.26 -0.01 -12.25
N TYR B 50 6.21 0.06 -13.56
CA TYR B 50 4.89 0.11 -14.25
C TYR B 50 4.54 -1.27 -14.83
N ILE B 51 5.08 -2.31 -14.26
CA ILE B 51 4.78 -3.68 -14.79
C ILE B 51 4.80 -4.67 -13.62
N TRP B 52 4.67 -4.19 -12.42
CA TRP B 52 4.68 -5.09 -11.24
C TRP B 52 3.26 -5.28 -10.71
N SER B 53 2.49 -6.10 -11.36
CA SER B 53 1.10 -6.35 -10.89
C SER B 53 0.45 -5.03 -10.47
N LEU B 54 0.09 -4.21 -11.41
CA LEU B 54 -0.55 -2.90 -11.06
C LEU B 54 -2.06 -3.12 -10.93
N ASP B 55 -2.65 -2.65 -9.86
CA ASP B 55 -4.11 -2.84 -9.67
C ASP B 55 -4.87 -1.62 -10.18
N THR B 56 -4.43 -0.43 -9.83
CA THR B 56 -5.14 0.79 -10.30
C THR B 56 -4.34 1.46 -11.41
N GLN B 57 -4.86 2.51 -11.98
CA GLN B 57 -4.14 3.21 -13.08
C GLN B 57 -3.12 4.18 -12.48
N TYR B 58 -3.43 4.75 -11.34
CA TYR B 58 -2.47 5.70 -10.70
C TYR B 58 -1.22 4.92 -10.27
N SER B 59 -1.28 3.62 -10.28
CA SER B 59 -0.10 2.81 -9.86
C SER B 59 0.94 2.83 -10.99
N LYS B 60 0.52 3.11 -12.19
CA LYS B 60 1.50 3.14 -13.32
C LYS B 60 2.10 4.53 -13.43
N VAL B 61 1.29 5.55 -13.36
CA VAL B 61 1.81 6.94 -13.45
C VAL B 61 2.78 7.20 -12.29
N LEU B 62 2.29 7.14 -11.08
CA LEU B 62 3.18 7.38 -9.91
C LEU B 62 4.39 6.45 -9.99
N ALA B 63 4.20 5.23 -10.45
CA ALA B 63 5.35 4.30 -10.55
C ALA B 63 6.52 5.02 -11.24
N LEU B 64 6.24 5.78 -12.26
CA LEU B 64 7.32 6.52 -12.97
C LEU B 64 7.68 7.76 -12.16
N TYR B 65 6.71 8.41 -11.60
CA TYR B 65 6.97 9.63 -10.79
C TYR B 65 8.13 9.36 -9.82
N ASN B 66 8.27 8.14 -9.38
CA ASN B 66 9.37 7.80 -8.43
C ASN B 66 10.54 7.22 -9.22
N GLN B 67 10.26 6.26 -10.06
CA GLN B 67 11.33 5.62 -10.89
C GLN B 67 12.13 6.69 -11.63
N HIS B 68 11.61 7.88 -11.71
CA HIS B 68 12.35 8.97 -12.42
C HIS B 68 13.24 9.70 -11.43
N ASN B 69 12.76 9.95 -10.24
CA ASN B 69 13.61 10.67 -9.24
C ASN B 69 14.20 9.66 -8.26
N PRO B 70 15.52 9.63 -8.19
CA PRO B 70 16.23 8.71 -7.28
C PRO B 70 16.19 9.24 -5.85
N GLY B 71 15.20 8.85 -5.09
CA GLY B 71 15.10 9.32 -3.69
C GLY B 71 13.77 10.07 -3.50
N ALA B 72 12.76 9.69 -4.24
CA ALA B 72 11.44 10.36 -4.10
C ALA B 72 10.60 9.60 -3.10
N SER B 73 10.13 10.28 -2.09
CA SER B 73 9.30 9.61 -1.06
C SER B 73 7.82 9.60 -1.49
N ALA B 74 7.56 9.74 -2.77
CA ALA B 74 6.15 9.73 -3.23
C ALA B 74 5.94 8.57 -4.20
N ALA B 75 6.36 7.40 -3.81
CA ALA B 75 6.18 6.19 -4.69
C ALA B 75 4.84 5.53 -4.36
N PRO B 76 4.56 4.40 -4.96
CA PRO B 76 3.31 3.68 -4.73
C PRO B 76 3.37 2.96 -3.38
N CYS B 77 2.54 1.99 -3.16
CA CYS B 77 2.59 1.29 -1.85
C CYS B 77 2.28 -0.20 -2.01
N CYS B 78 3.31 -1.01 -2.12
CA CYS B 78 3.08 -2.48 -2.25
C CYS B 78 2.29 -2.95 -1.02
N VAL B 79 1.38 -3.88 -1.18
CA VAL B 79 0.56 -4.33 -0.01
C VAL B 79 0.27 -5.84 -0.09
N PRO B 80 -0.16 -6.39 1.02
CA PRO B 80 -0.49 -7.82 1.11
C PRO B 80 -1.87 -8.10 0.48
N GLN B 81 -1.89 -8.48 -0.77
CA GLN B 81 -3.18 -8.78 -1.43
C GLN B 81 -3.80 -10.03 -0.79
N ALA B 82 -3.18 -11.16 -0.97
CA ALA B 82 -3.73 -12.41 -0.36
C ALA B 82 -3.18 -12.56 1.06
N LEU B 83 -3.87 -13.26 1.89
CA LEU B 83 -3.38 -13.44 3.30
C LEU B 83 -3.62 -14.88 3.76
N GLU B 84 -3.48 -15.09 5.02
CA GLU B 84 -3.72 -16.46 5.58
C GLU B 84 -4.16 -16.31 7.03
N PRO B 85 -4.79 -17.33 7.54
CA PRO B 85 -5.28 -17.33 8.93
C PRO B 85 -4.11 -17.52 9.90
N LEU B 86 -4.40 -17.90 11.12
CA LEU B 86 -3.32 -18.06 12.12
C LEU B 86 -3.84 -18.85 13.33
N PRO B 87 -3.36 -20.07 13.47
CA PRO B 87 -3.76 -20.95 14.58
C PRO B 87 -3.07 -20.51 15.86
N ILE B 88 -3.81 -20.03 16.82
CA ILE B 88 -3.18 -19.54 18.08
C ILE B 88 -3.81 -20.22 19.29
N VAL B 89 -3.62 -19.61 20.42
CA VAL B 89 -4.20 -20.13 21.69
C VAL B 89 -4.14 -19.01 22.72
N TYR B 90 -5.26 -18.48 23.11
CA TYR B 90 -5.23 -17.38 24.11
C TYR B 90 -6.00 -17.81 25.36
N TYR B 91 -6.21 -16.90 26.27
CA TYR B 91 -6.92 -17.26 27.53
C TYR B 91 -8.02 -16.25 27.83
N VAL B 92 -9.20 -16.73 28.12
CA VAL B 92 -10.31 -15.81 28.48
C VAL B 92 -10.54 -15.92 29.98
N GLY B 93 -9.90 -15.07 30.73
CA GLY B 93 -10.04 -15.15 32.21
C GLY B 93 -9.17 -16.30 32.72
N ARG B 94 -9.64 -17.52 32.59
CA ARG B 94 -8.83 -18.68 33.08
C ARG B 94 -9.02 -19.90 32.16
N LYS B 95 -9.86 -19.81 31.17
CA LYS B 95 -10.08 -20.97 30.27
C LYS B 95 -9.24 -20.79 28.99
N PRO B 96 -8.51 -21.82 28.64
CA PRO B 96 -7.65 -21.78 27.44
C PRO B 96 -8.50 -22.00 26.18
N LYS B 97 -8.17 -21.32 25.10
CA LYS B 97 -8.97 -21.49 23.86
C LYS B 97 -8.05 -21.41 22.64
N VAL B 98 -8.32 -22.19 21.63
CA VAL B 98 -7.47 -22.16 20.40
C VAL B 98 -8.33 -21.68 19.23
N GLU B 99 -7.84 -20.77 18.44
CA GLU B 99 -8.66 -20.29 17.29
C GLU B 99 -7.79 -20.23 16.04
N GLN B 100 -8.21 -19.44 15.08
CA GLN B 100 -7.44 -19.31 13.83
C GLN B 100 -7.64 -17.90 13.27
N LEU B 101 -6.90 -16.95 13.77
CA LEU B 101 -7.06 -15.57 13.27
C LEU B 101 -7.17 -15.58 11.75
N SER B 102 -7.93 -14.67 11.21
CA SER B 102 -8.12 -14.64 9.72
C SER B 102 -7.27 -13.55 9.08
N ASN B 103 -6.72 -13.81 7.92
CA ASN B 103 -5.90 -12.77 7.22
C ASN B 103 -4.86 -12.19 8.17
N MET B 104 -4.34 -12.99 9.05
CA MET B 104 -3.30 -12.49 9.99
C MET B 104 -1.92 -12.79 9.41
N ILE B 105 -1.87 -13.20 8.17
CA ILE B 105 -0.54 -13.50 7.55
C ILE B 105 -0.56 -13.04 6.09
N VAL B 106 0.59 -12.99 5.47
CA VAL B 106 0.63 -12.53 4.05
C VAL B 106 0.95 -13.72 3.15
N ARG B 107 0.29 -13.82 2.03
CA ARG B 107 0.56 -14.95 1.09
C ARG B 107 0.82 -14.39 -0.32
N SER B 108 0.73 -13.10 -0.47
CA SER B 108 0.97 -12.48 -1.82
C SER B 108 0.77 -10.97 -1.72
N CYS B 109 1.73 -10.21 -2.17
CA CYS B 109 1.60 -8.72 -2.10
C CYS B 109 1.03 -8.16 -3.41
N LYS B 110 1.06 -6.85 -3.56
CA LYS B 110 0.53 -6.23 -4.80
C LYS B 110 0.93 -4.74 -4.79
N CYS B 111 0.30 -3.93 -5.58
CA CYS B 111 0.69 -2.48 -5.59
C CYS B 111 -0.56 -1.60 -5.67
N SER B 112 -1.15 -1.26 -4.55
CA SER B 112 -2.35 -0.39 -4.59
C SER B 112 -1.92 1.08 -4.60
N ALA A 1 -12.17 10.19 8.26
CA ALA A 1 -12.13 9.55 6.93
C ALA A 1 -10.81 9.90 6.24
N LEU A 2 -10.19 8.94 5.60
CA LEU A 2 -8.90 9.23 4.91
C LEU A 2 -9.17 9.55 3.44
N ASP A 3 -9.89 10.58 3.18
CA ASP A 3 -10.18 10.95 1.76
C ASP A 3 -9.40 12.21 1.39
N THR A 4 -9.49 12.62 0.15
CA THR A 4 -8.76 13.84 -0.28
C THR A 4 -9.45 15.09 0.27
N ASN A 5 -10.54 14.90 0.98
CA ASN A 5 -11.25 16.07 1.55
C ASN A 5 -10.65 16.40 2.92
N TYR A 6 -10.58 15.43 3.80
CA TYR A 6 -10.00 15.68 5.14
C TYR A 6 -8.48 15.56 5.08
N CYS A 7 -7.96 14.92 4.08
CA CYS A 7 -6.48 14.77 3.97
C CYS A 7 -5.87 16.07 3.44
N PHE A 8 -6.69 16.98 2.98
CA PHE A 8 -6.15 18.26 2.46
C PHE A 8 -6.04 19.27 3.61
N SER A 9 -5.67 18.82 4.78
CA SER A 9 -5.54 19.75 5.94
C SER A 9 -4.09 20.22 6.05
N SER A 10 -3.63 20.46 7.24
CA SER A 10 -2.22 20.92 7.41
C SER A 10 -1.53 20.11 8.50
N THR A 11 -2.22 19.15 9.06
CA THR A 11 -1.59 18.31 10.13
C THR A 11 -1.85 16.83 9.85
N GLU A 12 -1.93 16.04 10.89
CA GLU A 12 -2.17 14.58 10.71
C GLU A 12 -1.05 13.97 9.85
N LYS A 13 -0.53 12.84 10.24
CA LYS A 13 0.57 12.21 9.45
C LYS A 13 0.30 10.71 9.29
N ASN A 14 -0.95 10.33 9.15
CA ASN A 14 -1.26 8.88 9.00
C ASN A 14 -1.74 8.61 7.57
N CYS A 15 -2.18 7.41 7.30
CA CYS A 15 -2.66 7.08 5.92
C CYS A 15 -3.68 8.14 5.47
N CYS A 16 -3.21 9.19 4.86
CA CYS A 16 -4.15 10.25 4.38
C CYS A 16 -3.77 10.65 2.97
N VAL A 17 -4.71 10.61 2.06
CA VAL A 17 -4.38 10.99 0.66
C VAL A 17 -4.02 12.47 0.58
N ARG A 18 -2.79 12.78 0.29
CA ARG A 18 -2.37 14.20 0.20
C ARG A 18 -2.39 14.65 -1.27
N GLN A 19 -2.54 15.91 -1.50
CA GLN A 19 -2.56 16.42 -2.91
C GLN A 19 -1.27 15.99 -3.61
N LEU A 20 -1.34 15.73 -4.90
CA LEU A 20 -0.12 15.32 -5.63
C LEU A 20 -0.23 15.73 -7.09
N TYR A 21 -0.67 16.92 -7.36
CA TYR A 21 -0.78 17.35 -8.78
C TYR A 21 0.52 16.97 -9.50
N ILE A 22 0.40 16.39 -10.66
CA ILE A 22 1.63 16.00 -11.40
C ILE A 22 1.62 16.64 -12.78
N ASP A 23 2.57 17.49 -13.06
CA ASP A 23 2.61 18.13 -14.40
C ASP A 23 3.32 17.16 -15.35
N PHE A 24 2.54 16.34 -16.00
CA PHE A 24 3.07 15.31 -16.96
C PHE A 24 4.56 15.52 -17.27
N ARG A 25 4.92 16.67 -17.79
CA ARG A 25 6.36 16.90 -18.15
C ARG A 25 7.18 17.32 -16.92
N LYS A 26 6.66 18.18 -16.08
CA LYS A 26 7.45 18.64 -14.91
C LYS A 26 7.76 17.49 -13.96
N ASP A 27 6.78 16.70 -13.64
CA ASP A 27 6.99 15.59 -12.68
C ASP A 27 7.44 14.30 -13.38
N LEU A 28 6.62 13.74 -14.22
CA LEU A 28 7.02 12.45 -14.88
C LEU A 28 7.77 12.74 -16.17
N GLY A 29 7.76 13.95 -16.64
CA GLY A 29 8.48 14.25 -17.91
C GLY A 29 7.84 13.45 -19.05
N TRP A 30 6.68 12.89 -18.81
CA TRP A 30 6.00 12.08 -19.85
C TRP A 30 6.06 12.81 -21.19
N LYS A 31 6.52 12.13 -22.22
CA LYS A 31 6.62 12.76 -23.54
C LYS A 31 5.55 12.17 -24.47
N TRP A 32 4.92 11.11 -24.06
CA TRP A 32 3.88 10.50 -24.93
C TRP A 32 2.54 11.19 -24.71
N ILE A 33 2.48 12.13 -23.81
CA ILE A 33 1.18 12.82 -23.57
C ILE A 33 1.37 14.33 -23.75
N HIS A 34 0.53 14.94 -24.55
CA HIS A 34 0.66 16.41 -24.79
C HIS A 34 -0.27 17.15 -23.82
N GLU A 35 -1.50 16.71 -23.69
CA GLU A 35 -2.44 17.39 -22.76
C GLU A 35 -3.18 16.35 -21.92
N PRO A 36 -3.60 16.77 -20.75
CA PRO A 36 -3.39 18.13 -20.26
C PRO A 36 -1.96 18.30 -19.74
N LYS A 37 -1.55 19.51 -19.47
CA LYS A 37 -0.18 19.74 -18.96
C LYS A 37 0.05 18.87 -17.72
N GLY A 38 -0.95 18.72 -16.91
CA GLY A 38 -0.80 17.89 -15.68
C GLY A 38 -2.19 17.47 -15.19
N TYR A 39 -2.33 17.22 -13.92
CA TYR A 39 -3.66 16.81 -13.40
C TYR A 39 -3.56 16.54 -11.89
N HIS A 40 -4.66 16.20 -11.27
CA HIS A 40 -4.62 15.92 -9.80
C HIS A 40 -4.40 14.42 -9.58
N ALA A 41 -3.17 13.97 -9.70
CA ALA A 41 -2.89 12.52 -9.51
C ALA A 41 -3.19 12.11 -8.07
N ASN A 42 -2.91 12.96 -7.12
CA ASN A 42 -3.19 12.60 -5.70
C ASN A 42 -2.38 11.37 -5.32
N PHE A 43 -2.41 10.99 -4.06
CA PHE A 43 -1.65 9.79 -3.63
C PHE A 43 -1.84 9.60 -2.12
N CYS A 44 -1.07 8.75 -1.52
CA CYS A 44 -1.24 8.53 -0.05
C CYS A 44 0.12 8.54 0.65
N LEU A 45 0.14 8.88 1.91
CA LEU A 45 1.42 8.92 2.66
C LEU A 45 1.17 8.52 4.11
N GLY A 46 2.12 8.73 4.98
CA GLY A 46 1.92 8.35 6.40
C GLY A 46 1.68 6.84 6.50
N PRO A 47 2.14 6.27 7.59
CA PRO A 47 2.00 4.82 7.84
C PRO A 47 0.59 4.50 8.34
N CYS A 48 0.43 3.38 8.98
CA CYS A 48 -0.91 3.00 9.51
C CYS A 48 -0.73 2.38 10.91
N PRO A 49 -1.14 3.11 11.91
CA PRO A 49 -1.03 2.66 13.31
C PRO A 49 -2.09 1.60 13.62
N TYR A 50 -2.41 1.41 14.88
CA TYR A 50 -3.43 0.38 15.24
C TYR A 50 -4.77 1.07 15.52
N ILE A 51 -4.93 2.30 15.10
CA ILE A 51 -6.22 3.00 15.35
C ILE A 51 -6.68 3.74 14.10
N TRP A 52 -5.76 4.25 13.32
CA TRP A 52 -6.15 4.98 12.08
C TRP A 52 -7.12 4.12 11.26
N SER A 53 -7.69 4.67 10.24
CA SER A 53 -8.65 3.89 9.41
C SER A 53 -8.01 2.57 8.97
N LEU A 54 -8.14 1.54 9.75
CA LEU A 54 -7.54 0.23 9.37
C LEU A 54 -8.62 -0.65 8.74
N ASP A 55 -8.37 -1.18 7.58
CA ASP A 55 -9.39 -2.03 6.91
C ASP A 55 -9.04 -3.51 7.11
N THR A 56 -7.79 -3.86 6.98
CA THR A 56 -7.40 -5.29 7.15
C THR A 56 -6.94 -5.53 8.59
N GLN A 57 -6.98 -6.75 9.04
CA GLN A 57 -6.54 -7.05 10.43
C GLN A 57 -5.02 -7.06 10.49
N TYR A 58 -4.37 -7.48 9.43
CA TYR A 58 -2.89 -7.51 9.43
C TYR A 58 -2.36 -6.07 9.44
N SER A 59 -3.23 -5.11 9.28
CA SER A 59 -2.78 -3.68 9.28
C SER A 59 -2.53 -3.23 10.73
N LYS A 60 -3.26 -3.76 11.67
CA LYS A 60 -3.06 -3.34 13.08
C LYS A 60 -1.88 -4.11 13.68
N VAL A 61 -1.65 -5.31 13.21
CA VAL A 61 -0.51 -6.10 13.75
C VAL A 61 0.79 -5.54 13.19
N LEU A 62 1.04 -5.71 11.92
CA LEU A 62 2.29 -5.18 11.33
C LEU A 62 2.46 -3.71 11.73
N ALA A 63 1.37 -3.06 12.07
CA ALA A 63 1.47 -1.63 12.49
C ALA A 63 2.37 -1.54 13.73
N LEU A 64 2.12 -2.37 14.71
CA LEU A 64 2.97 -2.35 15.94
C LEU A 64 4.33 -2.96 15.61
N TYR A 65 4.33 -4.01 14.83
CA TYR A 65 5.62 -4.66 14.46
C TYR A 65 6.64 -3.60 14.06
N ASN A 66 6.21 -2.57 13.40
CA ASN A 66 7.14 -1.48 12.98
C ASN A 66 7.26 -0.46 14.11
N GLN A 67 6.14 -0.03 14.62
CA GLN A 67 6.14 0.97 15.73
C GLN A 67 7.03 0.48 16.87
N HIS A 68 7.38 -0.77 16.86
CA HIS A 68 8.25 -1.32 17.95
C HIS A 68 9.71 -1.26 17.51
N ASN A 69 9.97 -1.58 16.27
CA ASN A 69 11.38 -1.54 15.78
C ASN A 69 11.65 -0.21 15.07
N PRO A 70 12.54 0.57 15.61
CA PRO A 70 12.90 1.88 15.03
C PRO A 70 13.83 1.68 13.83
N GLY A 71 13.29 1.71 12.64
CA GLY A 71 14.15 1.53 11.43
C GLY A 71 13.67 0.31 10.65
N ALA A 72 12.41 -0.03 10.78
CA ALA A 72 11.89 -1.20 10.03
C ALA A 72 10.99 -0.72 8.91
N SER A 73 11.26 -1.13 7.70
CA SER A 73 10.43 -0.68 6.55
C SER A 73 9.31 -1.68 6.29
N ALA A 74 9.11 -2.62 7.18
CA ALA A 74 8.02 -3.62 6.97
C ALA A 74 6.68 -3.02 7.43
N ALA A 75 6.67 -1.76 7.77
CA ALA A 75 5.40 -1.12 8.21
C ALA A 75 4.29 -1.43 7.19
N PRO A 76 3.11 -0.89 7.41
CA PRO A 76 1.97 -1.12 6.51
C PRO A 76 2.15 -0.26 5.25
N CYS A 77 1.15 -0.17 4.42
CA CYS A 77 1.31 0.64 3.19
C CYS A 77 -0.02 1.30 2.79
N CYS A 78 -0.25 2.51 3.23
CA CYS A 78 -1.50 3.22 2.85
C CYS A 78 -1.55 3.31 1.32
N VAL A 79 -2.69 3.10 0.71
CA VAL A 79 -2.74 3.13 -0.79
C VAL A 79 -4.05 3.77 -1.30
N PRO A 80 -4.06 4.10 -2.58
CA PRO A 80 -5.24 4.70 -3.24
C PRO A 80 -6.31 3.64 -3.50
N GLN A 81 -7.25 3.49 -2.61
CA GLN A 81 -8.33 2.48 -2.83
C GLN A 81 -9.01 2.74 -4.17
N ALA A 82 -9.84 3.73 -4.24
CA ALA A 82 -10.54 4.03 -5.52
C ALA A 82 -9.65 4.94 -6.38
N LEU A 83 -9.94 5.06 -7.64
CA LEU A 83 -9.11 5.94 -8.52
C LEU A 83 -9.99 6.68 -9.51
N GLU A 84 -9.39 7.29 -10.47
CA GLU A 84 -10.16 8.04 -11.50
C GLU A 84 -9.36 8.04 -12.81
N PRO A 85 -10.06 8.14 -13.90
CA PRO A 85 -9.44 8.14 -15.23
C PRO A 85 -8.76 9.48 -15.52
N LEU A 86 -8.49 9.78 -16.76
CA LEU A 86 -7.80 11.06 -17.08
C LEU A 86 -7.94 11.34 -18.58
N PRO A 87 -8.67 12.38 -18.93
CA PRO A 87 -8.86 12.77 -20.34
C PRO A 87 -7.59 13.45 -20.84
N ILE A 88 -6.90 12.84 -21.77
CA ILE A 88 -5.64 13.45 -22.27
C ILE A 88 -5.68 13.59 -23.79
N VAL A 89 -4.52 13.75 -24.36
CA VAL A 89 -4.39 13.88 -25.83
C VAL A 89 -2.92 13.64 -26.18
N TYR A 90 -2.62 12.55 -26.81
CA TYR A 90 -1.20 12.28 -27.16
C TYR A 90 -1.04 12.15 -28.66
N TYR A 91 0.13 11.79 -29.11
CA TYR A 91 0.36 11.66 -30.57
C TYR A 91 0.87 10.27 -30.91
N VAL A 92 0.24 9.60 -31.83
CA VAL A 92 0.71 8.25 -32.23
C VAL A 92 1.41 8.40 -33.58
N GLY A 93 2.70 8.59 -33.56
CA GLY A 93 3.43 8.78 -34.83
C GLY A 93 3.21 10.21 -35.32
N ARG A 94 2.08 10.48 -35.91
CA ARG A 94 1.79 11.86 -36.41
C ARG A 94 0.30 12.21 -36.27
N LYS A 95 -0.51 11.30 -35.81
CA LYS A 95 -1.97 11.60 -35.67
C LYS A 95 -2.29 11.86 -34.21
N PRO A 96 -2.93 12.98 -33.95
CA PRO A 96 -3.30 13.37 -32.57
C PRO A 96 -4.54 12.58 -32.13
N LYS A 97 -4.56 12.11 -30.90
CA LYS A 97 -5.74 11.33 -30.43
C LYS A 97 -6.03 11.68 -28.97
N VAL A 98 -7.27 11.64 -28.57
CA VAL A 98 -7.63 11.97 -27.16
C VAL A 98 -8.18 10.71 -26.49
N GLU A 99 -7.75 10.42 -25.29
CA GLU A 99 -8.27 9.21 -24.60
C GLU A 99 -8.62 9.55 -23.17
N GLN A 100 -8.74 8.56 -22.35
CA GLN A 100 -9.07 8.78 -20.92
C GLN A 100 -8.35 7.73 -20.07
N LEU A 101 -7.12 7.97 -19.74
CA LEU A 101 -6.36 6.99 -18.93
C LEU A 101 -7.24 6.48 -17.80
N SER A 102 -7.09 5.24 -17.45
CA SER A 102 -7.93 4.65 -16.36
C SER A 102 -7.16 4.58 -15.04
N ASN A 103 -7.85 4.66 -13.92
CA ASN A 103 -7.13 4.58 -12.61
C ASN A 103 -5.89 5.47 -12.67
N MET A 104 -5.98 6.55 -13.38
CA MET A 104 -4.82 7.46 -13.49
C MET A 104 -4.93 8.55 -12.43
N ILE A 105 -5.87 8.43 -11.53
CA ILE A 105 -6.03 9.45 -10.45
C ILE A 105 -6.48 8.77 -9.16
N VAL A 106 -6.42 9.46 -8.05
CA VAL A 106 -6.82 8.84 -6.76
C VAL A 106 -8.01 9.60 -6.19
N ARG A 107 -8.89 8.90 -5.52
CA ARG A 107 -10.08 9.56 -4.92
C ARG A 107 -10.16 9.26 -3.42
N SER A 108 -9.51 8.21 -2.98
CA SER A 108 -9.54 7.86 -1.53
C SER A 108 -8.48 6.79 -1.24
N CYS A 109 -7.74 6.94 -0.18
CA CYS A 109 -6.69 5.95 0.14
C CYS A 109 -7.16 5.01 1.24
N LYS A 110 -6.29 4.16 1.74
CA LYS A 110 -6.68 3.20 2.81
C LYS A 110 -5.40 2.59 3.36
N CYS A 111 -5.49 1.53 4.11
CA CYS A 111 -4.24 0.91 4.64
C CYS A 111 -4.19 -0.57 4.23
N SER A 112 -3.70 -0.85 3.05
CA SER A 112 -3.64 -2.27 2.59
C SER A 112 -2.35 -2.90 3.13
N ALA B 1 5.74 -13.30 -10.53
CA ALA B 1 4.60 -13.18 -9.57
C ALA B 1 5.12 -12.63 -8.24
N LEU B 2 4.40 -11.74 -7.62
CA LEU B 2 4.86 -11.17 -6.33
C LEU B 2 4.19 -11.94 -5.18
N ASP B 3 4.44 -13.20 -5.08
CA ASP B 3 3.82 -14.01 -3.99
C ASP B 3 4.89 -14.37 -2.96
N THR B 4 4.49 -15.01 -1.90
CA THR B 4 5.47 -15.40 -0.85
C THR B 4 6.32 -16.58 -1.35
N ASN B 5 6.05 -17.06 -2.54
CA ASN B 5 6.84 -18.19 -3.08
C ASN B 5 8.07 -17.64 -3.82
N TYR B 6 7.87 -16.73 -4.73
CA TYR B 6 9.02 -16.16 -5.47
C TYR B 6 9.63 -15.02 -4.66
N CYS B 7 8.90 -14.47 -3.72
CA CYS B 7 9.45 -13.35 -2.91
C CYS B 7 10.39 -13.90 -1.83
N PHE B 8 10.39 -15.20 -1.66
CA PHE B 8 11.29 -15.80 -0.63
C PHE B 8 12.66 -16.10 -1.26
N SER B 9 13.12 -15.25 -2.12
CA SER B 9 14.44 -15.48 -2.77
C SER B 9 15.53 -14.74 -1.99
N SER B 10 16.54 -14.26 -2.66
CA SER B 10 17.63 -13.54 -1.95
C SER B 10 17.95 -12.24 -2.69
N THR B 11 17.23 -11.95 -3.73
CA THR B 11 17.51 -10.69 -4.49
C THR B 11 16.18 -9.97 -4.79
N GLU B 12 16.14 -9.23 -5.86
CA GLU B 12 14.89 -8.49 -6.21
C GLU B 12 14.53 -7.51 -5.08
N LYS B 13 14.18 -6.30 -5.41
CA LYS B 13 13.86 -5.30 -4.36
C LYS B 13 12.58 -4.54 -4.75
N ASN B 14 11.64 -5.20 -5.37
CA ASN B 14 10.39 -4.51 -5.78
C ASN B 14 9.23 -5.02 -4.92
N CYS B 15 8.03 -4.61 -5.24
CA CYS B 15 6.84 -5.08 -4.45
C CYS B 15 6.88 -6.60 -4.35
N CYS B 16 7.52 -7.12 -3.34
CA CYS B 16 7.58 -8.61 -3.17
C CYS B 16 7.30 -8.96 -1.71
N VAL B 17 6.35 -9.82 -1.46
CA VAL B 17 6.04 -10.19 -0.06
C VAL B 17 7.22 -10.93 0.57
N ARG B 18 7.88 -10.32 1.52
CA ARG B 18 9.04 -11.00 2.16
C ARG B 18 8.58 -11.67 3.47
N GLN B 19 9.29 -12.68 3.90
CA GLN B 19 8.89 -13.37 5.16
C GLN B 19 8.84 -12.36 6.30
N LEU B 20 7.96 -12.55 7.24
CA LEU B 20 7.86 -11.59 8.38
C LEU B 20 7.34 -12.30 9.62
N TYR B 21 7.83 -13.47 9.90
CA TYR B 21 7.34 -14.18 11.11
C TYR B 21 7.31 -13.20 12.29
N ILE B 22 6.25 -13.18 13.02
CA ILE B 22 6.16 -12.23 14.16
C ILE B 22 5.89 -13.01 15.45
N ASP B 23 6.79 -12.97 16.38
CA ASP B 23 6.57 -13.69 17.66
C ASP B 23 5.73 -12.79 18.55
N PHE B 24 4.43 -12.96 18.47
CA PHE B 24 3.47 -12.14 19.27
C PHE B 24 4.16 -11.30 20.36
N ARG B 25 4.86 -11.93 21.25
CA ARG B 25 5.53 -11.17 22.35
C ARG B 25 6.86 -10.55 21.89
N LYS B 26 7.66 -11.28 21.15
CA LYS B 26 8.98 -10.73 20.73
C LYS B 26 8.80 -9.51 19.82
N ASP B 27 7.95 -9.61 18.85
CA ASP B 27 7.76 -8.48 17.89
C ASP B 27 6.71 -7.49 18.37
N LEU B 28 5.47 -7.91 18.48
CA LEU B 28 4.40 -6.94 18.92
C LEU B 28 4.29 -6.92 20.44
N GLY B 29 4.90 -7.84 21.12
CA GLY B 29 4.79 -7.85 22.60
C GLY B 29 3.33 -8.05 22.99
N TRP B 30 2.50 -8.44 22.06
CA TRP B 30 1.06 -8.65 22.35
C TRP B 30 0.91 -9.42 23.67
N LYS B 31 0.12 -8.90 24.57
CA LYS B 31 -0.08 -9.57 25.87
C LYS B 31 -1.49 -10.17 25.92
N TRP B 32 -2.34 -9.82 24.99
CA TRP B 32 -3.72 -10.36 25.01
C TRP B 32 -3.75 -11.71 24.30
N ILE B 33 -2.65 -12.16 23.78
CA ILE B 33 -2.64 -13.47 23.07
C ILE B 33 -1.57 -14.39 23.71
N HIS B 34 -1.96 -15.58 24.07
CA HIS B 34 -0.99 -16.53 24.69
C HIS B 34 -0.41 -17.43 23.61
N GLU B 35 -1.23 -17.97 22.75
CA GLU B 35 -0.71 -18.87 21.68
C GLU B 35 -1.37 -18.49 20.34
N PRO B 36 -0.66 -18.77 19.27
CA PRO B 36 0.67 -19.40 19.32
C PRO B 36 1.73 -18.37 19.69
N LYS B 37 2.92 -18.81 19.98
CA LYS B 37 4.00 -17.86 20.34
C LYS B 37 4.14 -16.81 19.23
N GLY B 38 3.99 -17.22 18.00
CA GLY B 38 4.10 -16.27 16.87
C GLY B 38 3.41 -16.85 15.64
N TYR B 39 3.83 -16.47 14.47
CA TYR B 39 3.18 -17.02 13.23
C TYR B 39 3.82 -16.39 12.00
N HIS B 40 3.37 -16.79 10.83
CA HIS B 40 3.96 -16.21 9.58
C HIS B 40 3.12 -15.01 9.15
N ALA B 41 3.33 -13.88 9.77
CA ALA B 41 2.53 -12.68 9.39
C ALA B 41 2.85 -12.25 7.96
N ASN B 42 4.09 -12.39 7.55
CA ASN B 42 4.44 -12.00 6.15
C ASN B 42 4.15 -10.50 5.95
N PHE B 43 4.52 -9.97 4.82
CA PHE B 43 4.25 -8.53 4.56
C PHE B 43 4.82 -8.16 3.19
N CYS B 44 4.90 -6.90 2.87
CA CYS B 44 5.43 -6.52 1.53
C CYS B 44 6.45 -5.39 1.68
N LEU B 45 7.36 -5.29 0.74
CA LEU B 45 8.39 -4.21 0.80
C LEU B 45 8.74 -3.76 -0.61
N GLY B 46 9.79 -3.02 -0.78
CA GLY B 46 10.18 -2.55 -2.14
C GLY B 46 9.05 -1.71 -2.73
N PRO B 47 9.43 -0.73 -3.51
CA PRO B 47 8.47 0.19 -4.16
C PRO B 47 7.83 -0.48 -5.38
N CYS B 48 7.29 0.31 -6.27
CA CYS B 48 6.66 -0.26 -7.49
C CYS B 48 7.03 0.62 -8.69
N PRO B 49 7.88 0.10 -9.55
CA PRO B 49 8.35 0.83 -10.74
C PRO B 49 7.25 0.85 -11.81
N TYR B 50 7.63 1.07 -13.05
CA TYR B 50 6.60 1.10 -14.14
C TYR B 50 6.60 -0.22 -14.89
N ILE B 51 7.16 -1.25 -14.31
CA ILE B 51 7.18 -2.57 -15.01
C ILE B 51 6.83 -3.69 -14.04
N TRP B 52 7.23 -3.57 -12.80
CA TRP B 52 6.91 -4.63 -11.82
C TRP B 52 5.42 -4.95 -11.87
N SER B 53 5.00 -5.99 -11.20
CA SER B 53 3.55 -6.36 -11.21
C SER B 53 2.70 -5.14 -10.84
N LEU B 54 2.32 -4.35 -11.81
CA LEU B 54 1.48 -3.16 -11.51
C LEU B 54 0.01 -3.50 -11.79
N ASP B 55 -0.85 -3.26 -10.84
CA ASP B 55 -2.29 -3.58 -11.04
C ASP B 55 -3.07 -2.32 -11.39
N THR B 56 -2.79 -1.23 -10.74
CA THR B 56 -3.52 0.04 -11.04
C THR B 56 -2.73 0.88 -12.03
N GLN B 57 -3.38 1.78 -12.71
CA GLN B 57 -2.67 2.63 -13.70
C GLN B 57 -1.90 3.72 -12.94
N TYR B 58 -2.45 4.20 -11.85
CA TYR B 58 -1.76 5.26 -11.08
C TYR B 58 -0.49 4.68 -10.45
N SER B 59 -0.29 3.40 -10.56
CA SER B 59 0.93 2.79 -9.95
C SER B 59 2.12 3.02 -10.89
N LYS B 60 1.89 3.07 -12.17
CA LYS B 60 3.02 3.29 -13.12
C LYS B 60 3.36 4.77 -13.19
N VAL B 61 2.38 5.62 -12.97
CA VAL B 61 2.64 7.08 -13.01
C VAL B 61 3.36 7.50 -11.74
N LEU B 62 2.68 7.48 -10.63
CA LEU B 62 3.34 7.87 -9.35
C LEU B 62 4.67 7.12 -9.23
N ALA B 63 4.80 6.01 -9.90
CA ALA B 63 6.08 5.24 -9.84
C ALA B 63 7.20 6.13 -10.36
N LEU B 64 7.02 6.73 -11.51
CA LEU B 64 8.08 7.62 -12.06
C LEU B 64 8.12 8.91 -11.23
N TYR B 65 6.98 9.42 -10.87
CA TYR B 65 6.93 10.67 -10.06
C TYR B 65 7.97 10.58 -8.93
N ASN B 66 8.14 9.42 -8.36
CA ASN B 66 9.14 9.27 -7.26
C ASN B 66 10.51 8.96 -7.85
N GLN B 67 10.55 8.01 -8.75
CA GLN B 67 11.84 7.63 -9.40
C GLN B 67 12.51 8.87 -10.00
N HIS B 68 11.79 9.93 -10.12
CA HIS B 68 12.37 11.18 -10.70
C HIS B 68 12.88 12.07 -9.56
N ASN B 69 12.15 12.16 -8.48
CA ASN B 69 12.58 13.02 -7.35
C ASN B 69 13.27 12.14 -6.29
N PRO B 70 14.54 12.39 -6.08
CA PRO B 70 15.33 11.65 -5.08
C PRO B 70 15.02 12.14 -3.67
N GLY B 71 14.16 11.43 -2.96
CA GLY B 71 13.81 11.86 -1.59
C GLY B 71 12.31 12.13 -1.51
N ALA B 72 11.53 11.51 -2.35
CA ALA B 72 10.06 11.71 -2.32
C ALA B 72 9.39 10.47 -1.73
N SER B 73 8.60 10.65 -0.72
CA SER B 73 7.92 9.48 -0.09
C SER B 73 6.54 9.28 -0.72
N ALA B 74 6.24 9.97 -1.78
CA ALA B 74 4.91 9.81 -2.42
C ALA B 74 4.93 8.59 -3.36
N ALA B 75 5.99 7.82 -3.31
CA ALA B 75 6.08 6.61 -4.18
C ALA B 75 4.80 5.78 -4.00
N PRO B 76 4.73 4.65 -4.66
CA PRO B 76 3.56 3.76 -4.57
C PRO B 76 3.59 3.01 -3.24
N CYS B 77 2.74 2.04 -3.06
CA CYS B 77 2.76 1.31 -1.77
C CYS B 77 2.38 -0.17 -1.97
N CYS B 78 3.36 -1.03 -2.14
CA CYS B 78 3.06 -2.47 -2.31
C CYS B 78 2.30 -2.95 -1.06
N VAL B 79 1.29 -3.77 -1.20
CA VAL B 79 0.52 -4.20 0.00
C VAL B 79 0.07 -5.67 -0.11
N PRO B 80 -0.37 -6.22 1.01
CA PRO B 80 -0.84 -7.62 1.08
C PRO B 80 -2.24 -7.75 0.48
N GLN B 81 -2.33 -8.08 -0.77
CA GLN B 81 -3.67 -8.24 -1.42
C GLN B 81 -4.51 -9.21 -0.61
N ALA B 82 -4.25 -10.49 -0.73
CA ALA B 82 -5.04 -11.49 0.03
C ALA B 82 -4.42 -11.68 1.42
N LEU B 83 -5.13 -12.27 2.33
CA LEU B 83 -4.57 -12.48 3.70
C LEU B 83 -4.99 -13.85 4.22
N GLU B 84 -4.76 -14.07 5.49
CA GLU B 84 -5.13 -15.36 6.11
C GLU B 84 -5.44 -15.12 7.59
N PRO B 85 -6.28 -15.95 8.13
CA PRO B 85 -6.68 -15.85 9.55
C PRO B 85 -5.55 -16.32 10.47
N LEU B 86 -5.86 -16.64 11.69
CA LEU B 86 -4.79 -17.06 12.64
C LEU B 86 -5.43 -17.71 13.88
N PRO B 87 -5.24 -19.00 14.04
CA PRO B 87 -5.78 -19.73 15.19
C PRO B 87 -4.95 -19.43 16.44
N ILE B 88 -5.54 -18.77 17.40
CA ILE B 88 -4.76 -18.43 18.63
C ILE B 88 -5.47 -18.92 19.88
N VAL B 89 -5.12 -18.33 20.98
CA VAL B 89 -5.73 -18.68 22.28
C VAL B 89 -5.38 -17.57 23.28
N TYR B 90 -6.34 -16.79 23.67
CA TYR B 90 -6.03 -15.69 24.62
C TYR B 90 -6.84 -15.87 25.91
N TYR B 91 -6.77 -14.92 26.78
CA TYR B 91 -7.52 -15.03 28.07
C TYR B 91 -8.43 -13.83 28.26
N VAL B 92 -9.69 -14.08 28.51
CA VAL B 92 -10.63 -12.94 28.75
C VAL B 92 -10.89 -12.89 30.24
N GLY B 93 -10.12 -12.10 30.94
CA GLY B 93 -10.31 -12.01 32.41
C GLY B 93 -9.65 -13.24 33.06
N ARG B 94 -10.32 -14.37 33.01
CA ARG B 94 -9.74 -15.60 33.62
C ARG B 94 -10.13 -16.85 32.82
N LYS B 95 -10.92 -16.71 31.79
CA LYS B 95 -11.32 -17.90 31.01
C LYS B 95 -10.52 -17.95 29.70
N PRO B 96 -9.90 -19.07 29.43
CA PRO B 96 -9.10 -19.25 28.22
C PRO B 96 -10.01 -19.50 27.01
N LYS B 97 -9.72 -18.90 25.89
CA LYS B 97 -10.57 -19.10 24.69
C LYS B 97 -9.70 -19.18 23.43
N VAL B 98 -10.12 -19.93 22.46
CA VAL B 98 -9.32 -20.06 21.20
C VAL B 98 -10.12 -19.45 20.04
N GLU B 99 -9.49 -18.65 19.22
CA GLU B 99 -10.24 -18.05 18.09
C GLU B 99 -9.41 -18.16 16.81
N GLN B 100 -9.75 -17.38 15.84
CA GLN B 100 -9.01 -17.41 14.55
C GLN B 100 -8.97 -16.01 13.98
N LEU B 101 -8.03 -15.21 14.40
CA LEU B 101 -7.95 -13.83 13.89
C LEU B 101 -8.14 -13.83 12.37
N SER B 102 -8.76 -12.80 11.86
CA SER B 102 -9.01 -12.75 10.39
C SER B 102 -8.01 -11.83 9.70
N ASN B 103 -7.69 -12.10 8.45
CA ASN B 103 -6.72 -11.22 7.73
C ASN B 103 -5.52 -10.94 8.65
N MET B 104 -5.17 -11.90 9.45
CA MET B 104 -4.02 -11.70 10.37
C MET B 104 -2.75 -12.22 9.70
N ILE B 105 -2.83 -12.58 8.46
CA ILE B 105 -1.62 -13.10 7.76
C ILE B 105 -1.64 -12.65 6.30
N VAL B 106 -0.55 -12.78 5.60
CA VAL B 106 -0.50 -12.35 4.19
C VAL B 106 -0.24 -13.55 3.27
N ARG B 107 -0.80 -13.54 2.09
CA ARG B 107 -0.59 -14.68 1.16
C ARG B 107 -0.06 -14.16 -0.19
N SER B 108 -0.27 -12.89 -0.46
CA SER B 108 0.22 -12.32 -1.76
C SER B 108 0.12 -10.80 -1.70
N CYS B 109 1.15 -10.11 -2.14
CA CYS B 109 1.11 -8.63 -2.10
C CYS B 109 0.79 -8.06 -3.49
N LYS B 110 0.86 -6.77 -3.65
CA LYS B 110 0.56 -6.14 -4.97
C LYS B 110 1.02 -4.69 -4.91
N CYS B 111 0.62 -3.86 -5.83
CA CYS B 111 1.05 -2.44 -5.77
C CYS B 111 -0.18 -1.54 -5.77
N SER B 112 -0.77 -1.29 -4.64
CA SER B 112 -1.97 -0.42 -4.59
C SER B 112 -1.53 1.04 -4.52
N ALA A 1 -9.92 10.43 9.70
CA ALA A 1 -10.04 11.44 8.62
C ALA A 1 -8.76 11.45 7.78
N LEU A 2 -8.68 10.61 6.79
CA LEU A 2 -7.46 10.57 5.93
C LEU A 2 -7.84 10.81 4.48
N ASP A 3 -8.60 11.84 4.22
CA ASP A 3 -9.00 12.12 2.82
C ASP A 3 -8.16 13.28 2.27
N THR A 4 -8.34 13.60 1.02
CA THR A 4 -7.55 14.71 0.41
C THR A 4 -8.13 16.05 0.83
N ASN A 5 -9.12 16.04 1.69
CA ASN A 5 -9.71 17.33 2.16
C ASN A 5 -9.14 17.67 3.54
N TYR A 6 -8.93 16.67 4.35
CA TYR A 6 -8.37 16.90 5.71
C TYR A 6 -6.84 16.91 5.66
N CYS A 7 -6.26 16.28 4.67
CA CYS A 7 -4.78 16.25 4.58
C CYS A 7 -4.26 17.60 4.08
N PHE A 8 -5.13 18.41 3.56
CA PHE A 8 -4.68 19.75 3.06
C PHE A 8 -4.31 20.64 4.24
N SER A 9 -4.48 20.17 5.45
CA SER A 9 -4.12 20.99 6.64
C SER A 9 -2.60 21.04 6.80
N SER A 10 -2.12 21.15 8.00
CA SER A 10 -0.64 21.20 8.21
C SER A 10 -0.26 20.41 9.47
N THR A 11 -1.21 19.73 10.06
CA THR A 11 -0.89 18.94 11.29
C THR A 11 -0.96 17.45 10.98
N GLU A 12 -0.95 16.61 11.99
CA GLU A 12 -1.01 15.15 11.75
C GLU A 12 0.35 14.63 11.30
N LYS A 13 0.76 13.50 11.81
CA LYS A 13 2.09 12.95 11.41
C LYS A 13 1.89 11.57 10.75
N ASN A 14 0.88 10.85 11.17
CA ASN A 14 0.64 9.50 10.57
C ASN A 14 0.45 9.64 9.06
N CYS A 15 -0.18 8.69 8.44
CA CYS A 15 -0.38 8.78 6.96
C CYS A 15 -1.22 10.02 6.63
N CYS A 16 -1.14 10.48 5.42
CA CYS A 16 -1.93 11.68 5.03
C CYS A 16 -1.79 11.90 3.53
N VAL A 17 -2.87 11.76 2.80
CA VAL A 17 -2.81 11.96 1.33
C VAL A 17 -2.33 13.39 1.04
N ARG A 18 -1.20 13.53 0.39
CA ARG A 18 -0.70 14.89 0.08
C ARG A 18 -1.00 15.23 -1.38
N GLN A 19 -1.09 16.49 -1.70
CA GLN A 19 -1.40 16.88 -3.11
C GLN A 19 -0.36 16.29 -4.04
N LEU A 20 -0.77 15.81 -5.19
CA LEU A 20 0.20 15.22 -6.14
C LEU A 20 -0.35 15.31 -7.57
N TYR A 21 -0.80 16.46 -7.98
CA TYR A 21 -1.32 16.55 -9.37
C TYR A 21 -0.30 15.92 -10.30
N ILE A 22 -0.73 15.09 -11.20
CA ILE A 22 0.23 14.44 -12.12
C ILE A 22 -0.14 14.78 -13.57
N ASP A 23 0.73 15.46 -14.26
CA ASP A 23 0.43 15.81 -15.67
C ASP A 23 0.82 14.62 -16.53
N PHE A 24 -0.06 14.20 -17.38
CA PHE A 24 0.25 13.03 -18.25
C PHE A 24 1.63 13.16 -18.88
N ARG A 25 1.85 14.18 -19.66
CA ARG A 25 3.17 14.33 -20.36
C ARG A 25 4.19 15.11 -19.52
N LYS A 26 3.78 15.98 -18.64
CA LYS A 26 4.78 16.74 -17.86
C LYS A 26 5.41 15.86 -16.78
N ASP A 27 4.59 15.13 -16.08
CA ASP A 27 5.11 14.26 -14.99
C ASP A 27 5.48 12.87 -15.54
N LEU A 28 4.54 12.15 -16.09
CA LEU A 28 4.84 10.78 -16.61
C LEU A 28 5.32 10.84 -18.05
N GLY A 29 5.11 11.95 -18.72
CA GLY A 29 5.56 12.02 -20.14
C GLY A 29 4.79 10.98 -20.96
N TRP A 30 3.75 10.43 -20.40
CA TRP A 30 2.95 9.39 -21.11
C TRP A 30 2.72 9.81 -22.55
N LYS A 31 2.94 8.93 -23.47
CA LYS A 31 2.73 9.25 -24.90
C LYS A 31 1.58 8.41 -25.45
N TRP A 32 1.14 7.43 -24.71
CA TRP A 32 0.02 6.57 -25.19
C TRP A 32 -1.32 7.23 -24.86
N ILE A 33 -1.30 8.36 -24.21
CA ILE A 33 -2.57 9.04 -23.86
C ILE A 33 -2.55 10.47 -24.41
N HIS A 34 -3.58 10.86 -25.09
CA HIS A 34 -3.63 12.24 -25.65
C HIS A 34 -4.38 13.15 -24.66
N GLU A 35 -5.49 12.69 -24.16
CA GLU A 35 -6.26 13.53 -23.19
C GLU A 35 -6.71 12.66 -22.01
N PRO A 36 -6.90 13.28 -20.87
CA PRO A 36 -6.72 14.73 -20.71
C PRO A 36 -5.23 15.08 -20.59
N LYS A 37 -4.93 16.33 -20.46
CA LYS A 37 -3.51 16.75 -20.33
C LYS A 37 -2.94 16.19 -19.03
N GLY A 38 -3.75 16.14 -18.01
CA GLY A 38 -3.26 15.60 -16.70
C GLY A 38 -4.46 15.34 -15.78
N TYR A 39 -4.23 15.15 -14.51
CA TYR A 39 -5.37 14.89 -13.58
C TYR A 39 -4.86 14.93 -12.13
N HIS A 40 -5.75 14.99 -11.18
CA HIS A 40 -5.33 15.03 -9.76
C HIS A 40 -5.10 13.59 -9.28
N ALA A 41 -3.91 13.08 -9.44
CA ALA A 41 -3.63 11.69 -9.01
C ALA A 41 -3.52 11.64 -7.48
N ASN A 42 -3.01 12.67 -6.86
CA ASN A 42 -2.90 12.65 -5.38
C ASN A 42 -2.04 11.47 -4.94
N PHE A 43 -1.81 11.31 -3.66
CA PHE A 43 -0.99 10.16 -3.20
C PHE A 43 -0.91 10.17 -1.67
N CYS A 44 -0.31 9.17 -1.09
CA CYS A 44 -0.24 9.13 0.41
C CYS A 44 1.20 9.00 0.88
N LEU A 45 1.50 9.52 2.04
CA LEU A 45 2.88 9.41 2.59
C LEU A 45 2.81 9.23 4.11
N GLY A 46 3.76 8.56 4.69
CA GLY A 46 3.75 8.35 6.17
C GLY A 46 3.35 6.91 6.49
N PRO A 47 3.62 6.50 7.71
CA PRO A 47 3.31 5.14 8.19
C PRO A 47 1.83 5.02 8.54
N CYS A 48 1.44 3.91 9.12
CA CYS A 48 0.01 3.73 9.48
C CYS A 48 -0.11 2.92 10.79
N PRO A 49 -0.70 3.53 11.80
CA PRO A 49 -0.89 2.88 13.11
C PRO A 49 -2.08 1.91 13.04
N TYR A 50 -2.69 1.60 14.17
CA TYR A 50 -3.84 0.65 14.15
C TYR A 50 -5.16 1.42 14.23
N ILE A 51 -5.17 2.68 13.88
CA ILE A 51 -6.44 3.45 13.95
C ILE A 51 -6.45 4.54 12.88
N TRP A 52 -5.60 4.43 11.90
CA TRP A 52 -5.56 5.47 10.85
C TRP A 52 -6.10 4.90 9.53
N SER A 53 -7.39 4.78 9.41
CA SER A 53 -7.98 4.24 8.16
C SER A 53 -7.32 2.90 7.81
N LEU A 54 -7.78 1.83 8.38
CA LEU A 54 -7.20 0.49 8.06
C LEU A 54 -8.11 -0.24 7.08
N ASP A 55 -7.55 -0.78 6.03
CA ASP A 55 -8.42 -1.48 5.04
C ASP A 55 -8.34 -3.00 5.24
N THR A 56 -7.17 -3.57 5.19
CA THR A 56 -7.06 -5.04 5.37
C THR A 56 -6.75 -5.37 6.83
N GLN A 57 -6.92 -6.61 7.22
CA GLN A 57 -6.64 -6.99 8.62
C GLN A 57 -5.13 -6.97 8.86
N TYR A 58 -4.36 -7.39 7.89
CA TYR A 58 -2.88 -7.39 8.06
C TYR A 58 -2.41 -5.94 8.27
N SER A 59 -3.24 -4.98 7.92
CA SER A 59 -2.83 -3.56 8.11
C SER A 59 -2.81 -3.24 9.61
N LYS A 60 -3.66 -3.87 10.37
CA LYS A 60 -3.70 -3.61 11.83
C LYS A 60 -2.70 -4.53 12.53
N VAL A 61 -2.56 -5.74 12.05
CA VAL A 61 -1.60 -6.69 12.69
C VAL A 61 -0.18 -6.17 12.53
N LEU A 62 0.25 -5.94 11.33
CA LEU A 62 1.64 -5.42 11.10
C LEU A 62 1.78 -4.04 11.75
N ALA A 63 0.70 -3.32 11.88
CA ALA A 63 0.79 -1.97 12.50
C ALA A 63 1.38 -2.12 13.90
N LEU A 64 0.65 -2.73 14.80
CA LEU A 64 1.17 -2.92 16.18
C LEU A 64 2.45 -3.74 16.11
N TYR A 65 2.54 -4.61 15.15
CA TYR A 65 3.77 -5.44 15.02
C TYR A 65 5.00 -4.52 15.07
N ASN A 66 4.90 -3.36 14.50
CA ASN A 66 6.05 -2.42 14.51
C ASN A 66 5.97 -1.55 15.76
N GLN A 67 4.82 -0.99 16.01
CA GLN A 67 4.64 -0.12 17.21
C GLN A 67 5.07 -0.88 18.48
N HIS A 68 5.19 -2.17 18.37
CA HIS A 68 5.61 -2.99 19.54
C HIS A 68 7.12 -3.20 19.51
N ASN A 69 7.66 -3.42 18.34
CA ASN A 69 9.13 -3.65 18.22
C ASN A 69 9.83 -2.31 17.90
N PRO A 70 10.58 -1.81 18.85
CA PRO A 70 11.31 -0.55 18.68
C PRO A 70 12.57 -0.78 17.84
N GLY A 71 12.51 -0.50 16.57
CA GLY A 71 13.69 -0.70 15.70
C GLY A 71 13.35 -1.70 14.59
N ALA A 72 12.10 -1.78 14.21
CA ALA A 72 11.71 -2.73 13.13
C ALA A 72 11.24 -1.94 11.91
N SER A 73 11.81 -2.21 10.77
CA SER A 73 11.41 -1.48 9.54
C SER A 73 10.32 -2.28 8.83
N ALA A 74 9.50 -2.98 9.56
CA ALA A 74 8.42 -3.78 8.92
C ALA A 74 7.07 -3.12 9.18
N ALA A 75 6.92 -1.90 8.80
CA ALA A 75 5.62 -1.20 9.02
C ALA A 75 4.71 -1.41 7.80
N PRO A 76 3.52 -0.85 7.87
CA PRO A 76 2.54 -0.97 6.78
C PRO A 76 2.86 -0.02 5.63
N CYS A 77 1.95 0.17 4.72
CA CYS A 77 2.22 1.09 3.59
C CYS A 77 0.93 1.82 3.20
N CYS A 78 0.73 3.01 3.68
CA CYS A 78 -0.51 3.77 3.35
C CYS A 78 -0.68 3.84 1.82
N VAL A 79 -1.88 3.65 1.33
CA VAL A 79 -2.10 3.68 -0.15
C VAL A 79 -3.49 4.27 -0.46
N PRO A 80 -3.85 4.30 -1.72
CA PRO A 80 -5.15 4.85 -2.16
C PRO A 80 -6.27 3.83 -1.94
N GLN A 81 -7.05 4.03 -0.91
CA GLN A 81 -8.17 3.09 -0.62
C GLN A 81 -9.20 3.14 -1.74
N ALA A 82 -9.94 4.21 -1.83
CA ALA A 82 -10.97 4.34 -2.89
C ALA A 82 -10.41 5.15 -4.05
N LEU A 83 -9.84 4.50 -5.03
CA LEU A 83 -9.28 5.24 -6.18
C LEU A 83 -10.42 5.77 -7.04
N GLU A 84 -10.10 6.19 -8.22
CA GLU A 84 -11.15 6.71 -9.14
C GLU A 84 -10.70 6.47 -10.58
N PRO A 85 -11.64 6.41 -11.47
CA PRO A 85 -11.36 6.16 -12.89
C PRO A 85 -10.78 7.41 -13.56
N LEU A 86 -10.72 7.43 -14.86
CA LEU A 86 -10.14 8.60 -15.57
C LEU A 86 -10.54 8.55 -17.05
N PRO A 87 -11.36 9.49 -17.47
CA PRO A 87 -11.82 9.57 -18.87
C PRO A 87 -10.70 10.12 -19.74
N ILE A 88 -10.10 9.28 -20.55
CA ILE A 88 -8.99 9.75 -21.40
C ILE A 88 -9.33 9.55 -22.88
N VAL A 89 -8.32 9.61 -23.69
CA VAL A 89 -8.50 9.40 -25.15
C VAL A 89 -7.12 9.13 -25.75
N TYR A 90 -6.88 7.93 -26.16
CA TYR A 90 -5.54 7.61 -26.74
C TYR A 90 -5.71 7.08 -28.17
N TYR A 91 -4.62 6.67 -28.76
CA TYR A 91 -4.70 6.15 -30.16
C TYR A 91 -4.09 4.76 -30.24
N VAL A 92 -4.77 3.86 -30.87
CA VAL A 92 -4.24 2.47 -31.03
C VAL A 92 -3.90 2.28 -32.50
N GLY A 93 -2.69 2.55 -32.88
CA GLY A 93 -2.31 2.41 -34.31
C GLY A 93 -2.89 3.60 -35.08
N ARG A 94 -4.15 3.52 -35.44
CA ARG A 94 -4.78 4.64 -36.19
C ARG A 94 -6.22 4.86 -35.73
N LYS A 95 -6.71 4.06 -34.83
CA LYS A 95 -8.10 4.23 -34.36
C LYS A 95 -8.10 4.88 -32.97
N PRO A 96 -8.73 6.02 -32.86
CA PRO A 96 -8.82 6.75 -31.58
C PRO A 96 -9.86 6.08 -30.68
N LYS A 97 -9.57 5.94 -29.40
CA LYS A 97 -10.56 5.28 -28.50
C LYS A 97 -10.61 5.99 -27.15
N VAL A 98 -11.74 6.54 -26.81
CA VAL A 98 -11.87 7.22 -25.48
C VAL A 98 -12.21 6.17 -24.44
N GLU A 99 -11.47 6.11 -23.36
CA GLU A 99 -11.78 5.07 -22.34
C GLU A 99 -11.89 5.72 -20.96
N GLN A 100 -11.81 4.90 -19.95
CA GLN A 100 -11.89 5.42 -18.56
C GLN A 100 -10.97 4.59 -17.69
N LEU A 101 -9.73 4.95 -17.61
CA LEU A 101 -8.77 4.17 -16.78
C LEU A 101 -9.43 3.81 -15.46
N SER A 102 -9.13 2.67 -14.92
CA SER A 102 -9.76 2.24 -13.64
C SER A 102 -8.80 2.47 -12.47
N ASN A 103 -9.27 3.05 -11.40
CA ASN A 103 -8.38 3.28 -10.23
C ASN A 103 -7.19 4.12 -10.66
N MET A 104 -7.38 5.02 -11.59
CA MET A 104 -6.25 5.88 -12.04
C MET A 104 -6.28 7.19 -11.27
N ILE A 105 -6.99 7.24 -10.18
CA ILE A 105 -7.05 8.49 -9.38
C ILE A 105 -7.16 8.13 -7.90
N VAL A 106 -6.82 9.05 -7.04
CA VAL A 106 -6.91 8.76 -5.58
C VAL A 106 -8.03 9.59 -4.96
N ARG A 107 -8.91 8.95 -4.22
CA ARG A 107 -10.02 9.70 -3.58
C ARG A 107 -9.82 9.68 -2.07
N SER A 108 -9.00 8.78 -1.60
CA SER A 108 -8.72 8.68 -0.13
C SER A 108 -7.63 7.64 0.09
N CYS A 109 -6.90 7.74 1.16
CA CYS A 109 -5.80 6.75 1.42
C CYS A 109 -6.24 5.74 2.48
N LYS A 110 -5.39 4.81 2.82
CA LYS A 110 -5.77 3.79 3.85
C LYS A 110 -4.52 3.06 4.32
N CYS A 111 -4.59 1.77 4.54
CA CYS A 111 -3.38 1.03 4.99
C CYS A 111 -3.41 -0.39 4.43
N SER A 112 -2.77 -0.62 3.31
CA SER A 112 -2.76 -1.98 2.73
C SER A 112 -1.58 -2.76 3.30
N ALA B 1 7.71 -11.48 -10.47
CA ALA B 1 7.82 -12.51 -9.39
C ALA B 1 8.01 -11.82 -8.05
N LEU B 2 6.93 -11.46 -7.40
CA LEU B 2 7.04 -10.78 -6.08
C LEU B 2 6.26 -11.57 -5.03
N ASP B 3 6.49 -12.85 -4.96
CA ASP B 3 5.78 -13.68 -3.95
C ASP B 3 6.70 -13.98 -2.77
N THR B 4 6.19 -14.62 -1.77
CA THR B 4 7.04 -14.95 -0.58
C THR B 4 7.93 -16.14 -0.90
N ASN B 5 7.91 -16.62 -2.11
CA ASN B 5 8.78 -17.77 -2.48
C ASN B 5 10.00 -17.24 -3.22
N TYR B 6 9.83 -16.23 -4.02
CA TYR B 6 10.97 -15.66 -4.79
C TYR B 6 11.67 -14.59 -3.96
N CYS B 7 10.98 -14.02 -2.99
CA CYS B 7 11.62 -12.96 -2.16
C CYS B 7 12.56 -13.61 -1.14
N PHE B 8 12.47 -14.90 -0.96
CA PHE B 8 13.36 -15.59 0.01
C PHE B 8 14.79 -15.61 -0.53
N SER B 9 14.99 -15.12 -1.73
CA SER B 9 16.37 -15.11 -2.30
C SER B 9 17.20 -14.02 -1.63
N SER B 10 18.15 -13.46 -2.33
CA SER B 10 18.99 -12.39 -1.72
C SER B 10 19.26 -11.29 -2.75
N THR B 11 18.65 -11.36 -3.90
CA THR B 11 18.88 -10.32 -4.93
C THR B 11 17.63 -9.45 -5.09
N GLU B 12 17.57 -8.65 -6.11
CA GLU B 12 16.37 -7.78 -6.33
C GLU B 12 16.43 -6.59 -5.38
N LYS B 13 16.08 -5.43 -5.86
CA LYS B 13 16.11 -4.22 -4.98
C LYS B 13 14.72 -3.61 -4.89
N ASN B 14 13.94 -3.75 -5.94
CA ASN B 14 12.56 -3.18 -5.91
C ASN B 14 11.78 -3.77 -4.74
N CYS B 15 10.47 -3.76 -4.81
CA CYS B 15 9.68 -4.33 -3.69
C CYS B 15 9.99 -5.82 -3.54
N CYS B 16 9.71 -6.37 -2.39
CA CYS B 16 9.98 -7.82 -2.18
C CYS B 16 9.42 -8.24 -0.83
N VAL B 17 8.43 -9.09 -0.84
CA VAL B 17 7.84 -9.55 0.45
C VAL B 17 8.92 -10.21 1.29
N ARG B 18 9.21 -9.68 2.45
CA ARG B 18 10.26 -10.29 3.31
C ARG B 18 9.59 -11.10 4.42
N GLN B 19 10.26 -12.09 4.95
CA GLN B 19 9.67 -12.91 6.03
C GLN B 19 9.25 -12.01 7.20
N LEU B 20 8.13 -12.28 7.79
CA LEU B 20 7.67 -11.44 8.93
C LEU B 20 6.74 -12.24 9.83
N TYR B 21 7.12 -13.43 10.22
CA TYR B 21 6.21 -14.21 11.11
C TYR B 21 5.76 -13.30 12.24
N ILE B 22 4.50 -13.27 12.54
CA ILE B 22 4.02 -12.39 13.63
C ILE B 22 3.33 -13.23 14.70
N ASP B 23 3.87 -13.24 15.89
CA ASP B 23 3.23 -14.04 16.96
C ASP B 23 2.12 -13.19 17.58
N PHE B 24 0.96 -13.74 17.71
CA PHE B 24 -0.17 -12.98 18.28
C PHE B 24 0.26 -12.24 19.56
N ARG B 25 0.67 -12.96 20.56
CA ARG B 25 1.05 -12.29 21.84
C ARG B 25 2.52 -11.87 21.90
N LYS B 26 3.39 -12.51 21.18
CA LYS B 26 4.83 -12.11 21.26
C LYS B 26 5.06 -10.82 20.48
N ASP B 27 4.52 -10.74 19.31
CA ASP B 27 4.71 -9.53 18.47
C ASP B 27 3.62 -8.49 18.75
N LEU B 28 2.37 -8.83 18.53
CA LEU B 28 1.28 -7.84 18.76
C LEU B 28 0.79 -7.90 20.21
N GLY B 29 1.14 -8.92 20.93
CA GLY B 29 0.66 -9.03 22.34
C GLY B 29 -0.87 -9.07 22.34
N TRP B 30 -1.46 -9.32 21.21
CA TRP B 30 -2.94 -9.37 21.11
C TRP B 30 -3.52 -10.18 22.28
N LYS B 31 -4.52 -9.66 22.92
CA LYS B 31 -5.13 -10.38 24.06
C LYS B 31 -6.56 -10.78 23.69
N TRP B 32 -7.08 -10.26 22.62
CA TRP B 32 -8.47 -10.61 22.21
C TRP B 32 -8.48 -11.91 21.41
N ILE B 33 -7.32 -12.47 21.17
CA ILE B 33 -7.27 -13.74 20.39
C ILE B 33 -6.53 -14.80 21.20
N HIS B 34 -7.10 -15.97 21.32
CA HIS B 34 -6.44 -17.05 22.10
C HIS B 34 -5.63 -17.94 21.14
N GLU B 35 -6.21 -18.29 20.03
CA GLU B 35 -5.48 -19.15 19.05
C GLU B 35 -5.71 -18.59 17.64
N PRO B 36 -4.77 -18.86 16.77
CA PRO B 36 -3.57 -19.65 17.09
C PRO B 36 -2.55 -18.80 17.85
N LYS B 37 -1.44 -19.37 18.22
CA LYS B 37 -0.41 -18.61 18.96
C LYS B 37 0.15 -17.52 18.04
N GLY B 38 0.26 -17.80 16.79
CA GLY B 38 0.79 -16.78 15.83
C GLY B 38 0.52 -17.23 14.39
N TYR B 39 1.15 -16.61 13.43
CA TYR B 39 0.92 -17.01 12.01
C TYR B 39 1.94 -16.33 11.10
N HIS B 40 2.06 -16.77 9.88
CA HIS B 40 3.03 -16.13 8.94
C HIS B 40 2.37 -14.91 8.31
N ALA B 41 2.49 -13.76 8.95
CA ALA B 41 1.86 -12.53 8.39
C ALA B 41 2.67 -12.04 7.18
N ASN B 42 3.95 -12.20 7.20
CA ASN B 42 4.78 -11.74 6.04
C ASN B 42 4.57 -10.24 5.84
N PHE B 43 5.24 -9.65 4.87
CA PHE B 43 5.05 -8.20 4.63
C PHE B 43 5.90 -7.77 3.43
N CYS B 44 5.78 -6.53 3.00
CA CYS B 44 6.56 -6.09 1.81
C CYS B 44 7.40 -4.85 2.15
N LEU B 45 8.52 -4.70 1.50
CA LEU B 45 9.39 -3.52 1.75
C LEU B 45 10.01 -3.07 0.42
N GLY B 46 10.30 -1.80 0.29
CA GLY B 46 10.91 -1.31 -0.99
C GLY B 46 9.86 -0.56 -1.82
N PRO B 47 10.35 0.21 -2.77
CA PRO B 47 9.49 1.00 -3.67
C PRO B 47 8.87 0.12 -4.76
N CYS B 48 8.20 0.71 -5.72
CA CYS B 48 7.59 -0.10 -6.81
C CYS B 48 7.64 0.68 -8.13
N PRO B 49 8.32 0.11 -9.11
CA PRO B 49 8.44 0.73 -10.44
C PRO B 49 7.16 0.52 -11.26
N TYR B 50 7.23 0.57 -12.56
CA TYR B 50 5.99 0.37 -13.38
C TYR B 50 5.95 -1.05 -13.94
N ILE B 51 6.67 -1.96 -13.36
CA ILE B 51 6.66 -3.36 -13.88
C ILE B 51 6.87 -4.35 -12.74
N TRP B 52 6.69 -3.93 -11.53
CA TRP B 52 6.88 -4.85 -10.38
C TRP B 52 5.54 -5.17 -9.73
N SER B 53 4.78 -6.04 -10.33
CA SER B 53 3.45 -6.40 -9.76
C SER B 53 2.64 -5.14 -9.46
N LEU B 54 1.97 -4.62 -10.45
CA LEU B 54 1.14 -3.40 -10.22
C LEU B 54 -0.33 -3.81 -10.09
N ASP B 55 -1.00 -3.34 -9.07
CA ASP B 55 -2.42 -3.74 -8.89
C ASP B 55 -3.35 -2.63 -9.39
N THR B 56 -3.22 -1.44 -8.87
CA THR B 56 -4.12 -0.34 -9.31
C THR B 56 -3.45 0.46 -10.43
N GLN B 57 -4.21 1.25 -11.14
CA GLN B 57 -3.61 2.06 -12.25
C GLN B 57 -2.77 3.18 -11.65
N TYR B 58 -3.20 3.75 -10.56
CA TYR B 58 -2.41 4.84 -9.93
C TYR B 58 -1.05 4.28 -9.49
N SER B 59 -0.94 2.98 -9.39
CA SER B 59 0.35 2.36 -8.98
C SER B 59 1.37 2.54 -10.10
N LYS B 60 0.92 2.55 -11.33
CA LYS B 60 1.86 2.71 -12.47
C LYS B 60 2.05 4.21 -12.77
N VAL B 61 1.01 4.97 -12.61
CA VAL B 61 1.11 6.44 -12.87
C VAL B 61 2.08 7.08 -11.88
N LEU B 62 1.82 6.91 -10.60
CA LEU B 62 2.72 7.51 -9.57
C LEU B 62 4.11 6.87 -9.68
N ALA B 63 4.19 5.65 -10.16
CA ALA B 63 5.51 5.00 -10.28
C ALA B 63 6.42 5.85 -11.17
N LEU B 64 6.10 5.96 -12.42
CA LEU B 64 6.93 6.80 -13.33
C LEU B 64 6.92 8.23 -12.82
N TYR B 65 5.85 8.63 -12.19
CA TYR B 65 5.79 10.01 -11.66
C TYR B 65 7.04 10.30 -10.83
N ASN B 66 7.51 9.31 -10.12
CA ASN B 66 8.73 9.50 -9.29
C ASN B 66 9.96 9.19 -10.14
N GLN B 67 9.95 8.07 -10.80
CA GLN B 67 11.11 7.67 -11.65
C GLN B 67 11.42 8.79 -12.65
N HIS B 68 10.51 9.71 -12.82
CA HIS B 68 10.74 10.83 -13.77
C HIS B 68 11.29 12.04 -13.01
N ASN B 69 10.80 12.28 -11.83
CA ASN B 69 11.28 13.44 -11.03
C ASN B 69 12.37 12.98 -10.07
N PRO B 70 13.59 13.39 -10.33
CA PRO B 70 14.73 13.03 -9.49
C PRO B 70 14.73 13.87 -8.21
N GLY B 71 14.24 13.33 -7.13
CA GLY B 71 14.21 14.09 -5.85
C GLY B 71 12.75 14.24 -5.38
N ALA B 72 11.91 13.30 -5.75
CA ALA B 72 10.49 13.38 -5.31
C ALA B 72 10.20 12.22 -4.36
N SER B 73 9.68 12.52 -3.19
CA SER B 73 9.36 11.45 -2.22
C SER B 73 7.91 11.02 -2.40
N ALA B 74 7.40 11.09 -3.59
CA ALA B 74 5.99 10.69 -3.83
C ALA B 74 5.94 9.36 -4.60
N ALA B 75 6.54 8.34 -4.06
CA ALA B 75 6.53 7.03 -4.75
C ALA B 75 5.31 6.22 -4.28
N PRO B 76 5.17 5.02 -4.80
CA PRO B 76 4.05 4.13 -4.45
C PRO B 76 4.29 3.46 -3.10
N CYS B 77 3.51 2.46 -2.78
CA CYS B 77 3.71 1.74 -1.49
C CYS B 77 3.39 0.26 -1.68
N CYS B 78 4.41 -0.55 -1.86
CA CYS B 78 4.18 -2.02 -2.05
C CYS B 78 3.36 -2.57 -0.88
N VAL B 79 2.39 -3.41 -1.15
CA VAL B 79 1.54 -3.96 -0.05
C VAL B 79 1.12 -5.41 -0.38
N PRO B 80 0.32 -5.99 0.47
CA PRO B 80 -0.14 -7.38 0.29
C PRO B 80 -1.28 -7.45 -0.73
N GLN B 81 -0.98 -7.88 -1.93
CA GLN B 81 -2.03 -7.98 -2.98
C GLN B 81 -3.06 -9.03 -2.58
N ALA B 82 -2.70 -10.28 -2.64
CA ALA B 82 -3.66 -11.36 -2.27
C ALA B 82 -3.42 -11.78 -0.81
N LEU B 83 -4.11 -11.19 0.11
CA LEU B 83 -3.92 -11.56 1.52
C LEU B 83 -4.54 -12.94 1.76
N GLU B 84 -4.71 -13.30 2.99
CA GLU B 84 -5.31 -14.61 3.33
C GLU B 84 -6.02 -14.49 4.68
N PRO B 85 -6.98 -15.34 4.90
CA PRO B 85 -7.76 -15.34 6.15
C PRO B 85 -6.94 -15.90 7.31
N LEU B 86 -7.58 -16.22 8.40
CA LEU B 86 -6.84 -16.74 9.57
C LEU B 86 -7.85 -17.36 10.57
N PRO B 87 -7.79 -18.67 10.71
CA PRO B 87 -8.68 -19.40 11.63
C PRO B 87 -8.22 -19.19 13.07
N ILE B 88 -8.94 -18.40 13.83
CA ILE B 88 -8.52 -18.14 15.23
C ILE B 88 -9.60 -18.61 16.20
N VAL B 89 -9.50 -18.15 17.40
CA VAL B 89 -10.50 -18.51 18.44
C VAL B 89 -10.36 -17.49 19.58
N TYR B 90 -11.30 -16.63 19.75
CA TYR B 90 -11.19 -15.62 20.83
C TYR B 90 -12.39 -15.74 21.78
N TYR B 91 -12.48 -14.86 22.73
CA TYR B 91 -13.61 -14.92 23.69
C TYR B 91 -14.35 -13.59 23.73
N VAL B 92 -15.64 -13.63 23.66
CA VAL B 92 -16.44 -12.38 23.73
C VAL B 92 -17.19 -12.39 25.05
N GLY B 93 -16.62 -11.79 26.06
CA GLY B 93 -17.28 -11.79 27.39
C GLY B 93 -17.12 -13.18 28.02
N ARG B 94 -17.96 -14.11 27.64
CA ARG B 94 -17.86 -15.49 28.21
C ARG B 94 -18.14 -16.54 27.14
N LYS B 95 -18.48 -16.13 25.94
CA LYS B 95 -18.77 -17.11 24.87
C LYS B 95 -17.58 -17.19 23.90
N PRO B 96 -17.02 -18.37 23.76
CA PRO B 96 -15.88 -18.58 22.85
C PRO B 96 -16.37 -18.65 21.41
N LYS B 97 -15.68 -18.05 20.49
CA LYS B 97 -16.14 -18.09 19.07
C LYS B 97 -14.96 -18.26 18.12
N VAL B 98 -14.93 -19.34 17.39
CA VAL B 98 -13.81 -19.53 16.41
C VAL B 98 -14.17 -18.82 15.12
N GLU B 99 -13.31 -17.99 14.61
CA GLU B 99 -13.65 -17.27 13.36
C GLU B 99 -12.53 -17.43 12.34
N GLN B 100 -12.54 -16.59 11.35
CA GLN B 100 -11.50 -16.65 10.30
C GLN B 100 -11.19 -15.21 9.87
N LEU B 101 -10.29 -14.56 10.54
CA LEU B 101 -9.97 -13.15 10.16
C LEU B 101 -9.84 -13.07 8.64
N SER B 102 -10.24 -11.96 8.09
CA SER B 102 -10.16 -11.80 6.60
C SER B 102 -8.95 -10.98 6.21
N ASN B 103 -8.20 -11.43 5.23
CA ASN B 103 -7.00 -10.66 4.80
C ASN B 103 -6.05 -10.47 5.98
N MET B 104 -6.01 -11.43 6.87
CA MET B 104 -5.09 -11.31 8.04
C MET B 104 -3.77 -12.01 7.73
N ILE B 105 -3.52 -12.27 6.47
CA ILE B 105 -2.24 -12.94 6.11
C ILE B 105 -1.76 -12.41 4.75
N VAL B 106 -0.51 -12.57 4.45
CA VAL B 106 0.00 -12.07 3.15
C VAL B 106 0.38 -13.26 2.25
N ARG B 107 -0.11 -13.29 1.04
CA ARG B 107 0.23 -14.41 0.12
C ARG B 107 1.10 -13.87 -1.02
N SER B 108 1.11 -12.57 -1.18
CA SER B 108 1.93 -11.95 -2.26
C SER B 108 1.83 -10.43 -2.14
N CYS B 109 2.81 -9.71 -2.61
CA CYS B 109 2.75 -8.22 -2.49
C CYS B 109 2.39 -7.59 -3.84
N LYS B 110 2.32 -6.28 -3.91
CA LYS B 110 1.95 -5.63 -5.21
C LYS B 110 2.27 -4.13 -5.11
N CYS B 111 1.44 -3.29 -5.66
CA CYS B 111 1.72 -1.83 -5.60
C CYS B 111 0.42 -1.05 -5.50
N SER B 112 -0.03 -0.75 -4.31
CA SER B 112 -1.29 0.01 -4.15
C SER B 112 -0.99 1.52 -4.22
N ALA A 1 -12.22 10.96 7.87
CA ALA A 1 -12.10 10.00 6.73
C ALA A 1 -10.73 10.16 6.07
N LEU A 2 -10.29 9.17 5.34
CA LEU A 2 -8.97 9.28 4.66
C LEU A 2 -9.17 9.56 3.17
N ASP A 3 -10.00 10.51 2.86
CA ASP A 3 -10.23 10.82 1.42
C ASP A 3 -9.43 12.06 1.03
N THR A 4 -9.49 12.45 -0.21
CA THR A 4 -8.73 13.63 -0.68
C THR A 4 -9.44 14.91 -0.22
N ASN A 5 -10.50 14.78 0.52
CA ASN A 5 -11.21 16.00 1.00
C ASN A 5 -10.81 16.30 2.45
N TYR A 6 -10.65 15.28 3.25
CA TYR A 6 -10.26 15.50 4.67
C TYR A 6 -8.77 15.83 4.75
N CYS A 7 -7.99 15.33 3.83
CA CYS A 7 -6.53 15.61 3.86
C CYS A 7 -6.27 17.05 3.39
N PHE A 8 -7.20 17.64 2.72
CA PHE A 8 -6.99 19.05 2.26
C PHE A 8 -7.18 20.01 3.44
N SER A 9 -7.45 19.48 4.61
CA SER A 9 -7.63 20.37 5.79
C SER A 9 -6.26 20.76 6.37
N SER A 10 -6.16 20.88 7.66
CA SER A 10 -4.84 21.25 8.26
C SER A 10 -4.49 20.29 9.40
N THR A 11 -5.35 19.35 9.68
CA THR A 11 -5.06 18.38 10.78
C THR A 11 -4.66 17.03 10.19
N GLU A 12 -4.16 16.15 11.01
CA GLU A 12 -3.76 14.80 10.52
C GLU A 12 -3.08 14.03 11.65
N LYS A 13 -3.23 12.73 11.68
CA LYS A 13 -2.60 11.93 12.76
C LYS A 13 -1.95 10.67 12.17
N ASN A 14 -2.54 10.11 11.14
CA ASN A 14 -1.94 8.89 10.53
C ASN A 14 -1.91 9.04 9.01
N CYS A 15 -2.13 7.97 8.28
CA CYS A 15 -2.11 8.09 6.79
C CYS A 15 -2.89 9.33 6.37
N CYS A 16 -2.63 9.84 5.20
CA CYS A 16 -3.37 11.04 4.73
C CYS A 16 -3.05 11.29 3.26
N VAL A 17 -4.04 11.16 2.42
CA VAL A 17 -3.81 11.39 0.97
C VAL A 17 -3.37 12.85 0.77
N ARG A 18 -2.12 13.08 0.50
CA ARG A 18 -1.64 14.48 0.31
C ARG A 18 -1.74 14.87 -1.16
N GLN A 19 -1.91 16.13 -1.45
CA GLN A 19 -2.01 16.57 -2.87
C GLN A 19 -0.75 16.12 -3.61
N LEU A 20 -0.89 15.68 -4.83
CA LEU A 20 0.30 15.23 -5.60
C LEU A 20 0.21 15.71 -7.04
N TYR A 21 -0.12 16.95 -7.25
CA TYR A 21 -0.21 17.44 -8.65
C TYR A 21 1.05 17.01 -9.40
N ILE A 22 0.89 16.47 -10.56
CA ILE A 22 2.09 16.03 -11.33
C ILE A 22 2.10 16.72 -12.69
N ASP A 23 3.11 17.52 -12.94
CA ASP A 23 3.19 18.21 -14.25
C ASP A 23 3.82 17.25 -15.24
N PHE A 24 3.00 16.48 -15.90
CA PHE A 24 3.46 15.45 -16.90
C PHE A 24 4.95 15.59 -17.24
N ARG A 25 5.35 16.73 -17.73
CA ARG A 25 6.79 16.91 -18.11
C ARG A 25 7.66 17.24 -16.88
N LYS A 26 7.21 18.10 -16.02
CA LYS A 26 8.06 18.47 -14.84
C LYS A 26 8.31 17.26 -13.94
N ASP A 27 7.29 16.53 -13.63
CA ASP A 27 7.44 15.38 -12.70
C ASP A 27 7.79 14.08 -13.45
N LEU A 28 6.92 13.58 -14.27
CA LEU A 28 7.22 12.30 -14.99
C LEU A 28 7.96 12.58 -16.30
N GLY A 29 8.04 13.81 -16.72
CA GLY A 29 8.73 14.10 -18.00
C GLY A 29 8.02 13.37 -19.14
N TRP A 30 6.85 12.86 -18.90
CA TRP A 30 6.09 12.14 -19.96
C TRP A 30 6.17 12.91 -21.27
N LYS A 31 6.55 12.26 -22.32
CA LYS A 31 6.66 12.94 -23.64
C LYS A 31 5.54 12.45 -24.56
N TRP A 32 4.85 11.41 -24.18
CA TRP A 32 3.76 10.89 -25.05
C TRP A 32 2.46 11.65 -24.78
N ILE A 33 2.48 12.54 -23.83
CA ILE A 33 1.24 13.31 -23.52
C ILE A 33 1.53 14.81 -23.66
N HIS A 34 0.70 15.51 -24.38
CA HIS A 34 0.91 16.97 -24.56
C HIS A 34 0.09 17.73 -23.51
N GLU A 35 -1.19 17.47 -23.43
CA GLU A 35 -2.03 18.18 -22.44
C GLU A 35 -2.88 17.15 -21.67
N PRO A 36 -3.25 17.52 -20.47
CA PRO A 36 -2.90 18.82 -19.88
C PRO A 36 -1.45 18.81 -19.39
N LYS A 37 -0.92 19.95 -19.06
CA LYS A 37 0.48 20.01 -18.59
C LYS A 37 0.65 19.09 -17.37
N GLY A 38 -0.35 19.04 -16.53
CA GLY A 38 -0.27 18.15 -15.33
C GLY A 38 -1.68 17.82 -14.85
N TYR A 39 -1.84 17.54 -13.59
CA TYR A 39 -3.19 17.20 -13.06
C TYR A 39 -3.09 16.91 -11.56
N HIS A 40 -4.20 16.66 -10.92
CA HIS A 40 -4.17 16.36 -9.47
C HIS A 40 -4.01 14.85 -9.28
N ALA A 41 -2.82 14.34 -9.38
CA ALA A 41 -2.60 12.88 -9.22
C ALA A 41 -2.93 12.45 -7.79
N ASN A 42 -2.58 13.25 -6.82
CA ASN A 42 -2.88 12.88 -5.40
C ASN A 42 -2.16 11.57 -5.04
N PHE A 43 -2.17 11.20 -3.79
CA PHE A 43 -1.50 9.93 -3.38
C PHE A 43 -1.61 9.78 -1.86
N CYS A 44 -1.25 8.63 -1.34
CA CYS A 44 -1.36 8.41 0.12
C CYS A 44 0.02 8.31 0.77
N LEU A 45 0.17 8.84 1.96
CA LEU A 45 1.47 8.76 2.66
C LEU A 45 1.24 8.42 4.13
N GLY A 46 2.28 8.32 4.91
CA GLY A 46 2.11 7.98 6.36
C GLY A 46 1.74 6.51 6.51
N PRO A 47 2.12 5.94 7.62
CA PRO A 47 1.85 4.53 7.92
C PRO A 47 0.39 4.36 8.40
N CYS A 48 0.12 3.28 9.09
CA CYS A 48 -1.26 3.04 9.58
C CYS A 48 -1.19 2.38 10.96
N PRO A 49 -1.88 2.95 11.93
CA PRO A 49 -1.90 2.42 13.30
C PRO A 49 -2.83 1.21 13.39
N TYR A 50 -3.32 0.89 14.55
CA TYR A 50 -4.23 -0.28 14.68
C TYR A 50 -5.69 0.20 14.74
N ILE A 51 -6.03 1.23 14.00
CA ILE A 51 -7.44 1.73 14.03
C ILE A 51 -7.70 2.63 12.83
N TRP A 52 -6.73 3.39 12.38
CA TRP A 52 -6.95 4.30 11.23
C TRP A 52 -7.54 3.53 10.05
N SER A 53 -8.84 3.42 9.99
CA SER A 53 -9.52 2.70 8.86
C SER A 53 -8.64 1.56 8.34
N LEU A 54 -8.57 0.47 9.06
CA LEU A 54 -7.74 -0.68 8.59
C LEU A 54 -8.57 -1.53 7.64
N ASP A 55 -8.05 -1.85 6.49
CA ASP A 55 -8.82 -2.68 5.51
C ASP A 55 -8.64 -4.16 5.84
N THR A 56 -7.49 -4.54 6.32
CA THR A 56 -7.26 -5.98 6.66
C THR A 56 -6.87 -6.11 8.13
N GLN A 57 -6.81 -7.32 8.62
CA GLN A 57 -6.42 -7.53 10.05
C GLN A 57 -4.90 -7.43 10.20
N TYR A 58 -4.17 -7.87 9.20
CA TYR A 58 -2.69 -7.80 9.29
C TYR A 58 -2.26 -6.32 9.29
N SER A 59 -3.16 -5.43 9.03
CA SER A 59 -2.79 -3.98 9.01
C SER A 59 -2.68 -3.47 10.46
N LYS A 60 -3.36 -4.10 11.39
CA LYS A 60 -3.27 -3.63 12.81
C LYS A 60 -2.09 -4.31 13.50
N VAL A 61 -1.77 -5.51 13.11
CA VAL A 61 -0.62 -6.22 13.75
C VAL A 61 0.69 -5.60 13.24
N LEU A 62 0.95 -5.71 11.97
CA LEU A 62 2.20 -5.11 11.42
C LEU A 62 2.26 -3.64 11.84
N ALA A 63 1.13 -3.02 12.03
CA ALA A 63 1.12 -1.59 12.45
C ALA A 63 1.98 -1.44 13.70
N LEU A 64 1.80 -2.30 14.66
CA LEU A 64 2.62 -2.24 15.92
C LEU A 64 4.02 -2.75 15.61
N TYR A 65 4.12 -3.85 14.92
CA TYR A 65 5.44 -4.42 14.58
C TYR A 65 6.40 -3.29 14.17
N ASN A 66 5.90 -2.29 13.48
CA ASN A 66 6.76 -1.16 13.05
C ASN A 66 6.80 -0.11 14.16
N GLN A 67 5.65 0.26 14.65
CA GLN A 67 5.57 1.28 15.73
C GLN A 67 6.48 0.88 16.89
N HIS A 68 6.92 -0.33 16.92
CA HIS A 68 7.81 -0.79 18.02
C HIS A 68 9.28 -0.57 17.63
N ASN A 69 9.65 -0.98 16.45
CA ASN A 69 11.08 -0.79 16.03
C ASN A 69 11.18 0.45 15.13
N PRO A 70 11.92 1.43 15.58
CA PRO A 70 12.12 2.68 14.84
C PRO A 70 13.15 2.46 13.72
N GLY A 71 12.72 2.54 12.49
CA GLY A 71 13.67 2.33 11.36
C GLY A 71 13.22 1.13 10.52
N ALA A 72 12.20 0.43 10.96
CA ALA A 72 11.71 -0.73 10.19
C ALA A 72 10.74 -0.24 9.11
N SER A 73 11.05 -0.52 7.88
CA SER A 73 10.18 -0.07 6.77
C SER A 73 9.12 -1.15 6.48
N ALA A 74 8.98 -2.11 7.35
CA ALA A 74 7.97 -3.18 7.12
C ALA A 74 6.59 -2.69 7.57
N ALA A 75 6.47 -1.43 7.88
CA ALA A 75 5.15 -0.89 8.31
C ALA A 75 4.09 -1.28 7.29
N PRO A 76 2.88 -0.77 7.46
CA PRO A 76 1.78 -1.09 6.53
C PRO A 76 1.96 -0.28 5.24
N CYS A 77 0.96 -0.19 4.43
CA CYS A 77 1.13 0.59 3.17
C CYS A 77 -0.18 1.28 2.78
N CYS A 78 -0.33 2.53 3.15
CA CYS A 78 -1.56 3.26 2.75
C CYS A 78 -1.61 3.31 1.23
N VAL A 79 -2.77 3.15 0.63
CA VAL A 79 -2.84 3.16 -0.86
C VAL A 79 -4.12 3.84 -1.37
N PRO A 80 -4.12 4.18 -2.64
CA PRO A 80 -5.27 4.85 -3.30
C PRO A 80 -6.37 3.83 -3.60
N GLN A 81 -7.34 3.71 -2.74
CA GLN A 81 -8.44 2.75 -2.99
C GLN A 81 -9.18 3.14 -4.27
N ALA A 82 -9.93 4.21 -4.24
CA ALA A 82 -10.66 4.64 -5.46
C ALA A 82 -9.75 5.53 -6.30
N LEU A 83 -10.04 5.68 -7.58
CA LEU A 83 -9.18 6.52 -8.43
C LEU A 83 -10.04 7.34 -9.40
N GLU A 84 -9.40 7.96 -10.34
CA GLU A 84 -10.14 8.78 -11.33
C GLU A 84 -9.35 8.79 -12.64
N PRO A 85 -10.04 8.95 -13.73
CA PRO A 85 -9.42 8.97 -15.06
C PRO A 85 -8.67 10.28 -15.32
N LEU A 86 -8.42 10.60 -16.55
CA LEU A 86 -7.67 11.85 -16.86
C LEU A 86 -7.82 12.18 -18.35
N PRO A 87 -8.52 13.25 -18.64
CA PRO A 87 -8.73 13.70 -20.04
C PRO A 87 -7.44 14.35 -20.56
N ILE A 88 -6.77 13.69 -21.46
CA ILE A 88 -5.49 14.26 -21.97
C ILE A 88 -5.57 14.49 -23.48
N VAL A 89 -4.42 14.62 -24.07
CA VAL A 89 -4.32 14.83 -25.54
C VAL A 89 -2.88 14.56 -25.96
N TYR A 90 -2.65 13.51 -26.69
CA TYR A 90 -1.26 13.20 -27.11
C TYR A 90 -1.17 13.16 -28.63
N TYR A 91 -0.04 12.76 -29.16
CA TYR A 91 0.11 12.71 -30.64
C TYR A 91 0.66 11.37 -31.08
N VAL A 92 0.04 10.78 -32.06
CA VAL A 92 0.54 9.48 -32.59
C VAL A 92 1.19 9.75 -33.93
N GLY A 93 2.47 9.98 -33.94
CA GLY A 93 3.16 10.30 -35.22
C GLY A 93 2.85 11.75 -35.60
N ARG A 94 1.70 11.99 -36.16
CA ARG A 94 1.34 13.39 -36.55
C ARG A 94 -0.15 13.66 -36.33
N LYS A 95 -0.90 12.67 -35.91
CA LYS A 95 -2.35 12.90 -35.68
C LYS A 95 -2.63 13.13 -34.19
N PRO A 96 -3.32 14.20 -33.89
CA PRO A 96 -3.66 14.55 -32.49
C PRO A 96 -4.82 13.68 -32.00
N LYS A 97 -4.76 13.23 -30.77
CA LYS A 97 -5.87 12.37 -30.25
C LYS A 97 -6.12 12.70 -28.78
N VAL A 98 -7.36 12.77 -28.38
CA VAL A 98 -7.67 13.08 -26.95
C VAL A 98 -8.27 11.83 -26.30
N GLU A 99 -7.82 11.48 -25.12
CA GLU A 99 -8.37 10.28 -24.46
C GLU A 99 -8.70 10.59 -23.00
N GLN A 100 -8.79 9.56 -22.20
CA GLN A 100 -9.11 9.75 -20.77
C GLN A 100 -8.44 8.64 -19.96
N LEU A 101 -7.19 8.80 -19.64
CA LEU A 101 -6.49 7.75 -18.87
C LEU A 101 -7.39 7.25 -17.75
N SER A 102 -7.29 5.99 -17.42
CA SER A 102 -8.16 5.41 -16.34
C SER A 102 -7.37 5.28 -15.04
N ASN A 103 -8.05 5.36 -13.91
CA ASN A 103 -7.34 5.22 -12.61
C ASN A 103 -6.04 6.02 -12.66
N MET A 104 -6.07 7.14 -13.31
CA MET A 104 -4.85 7.97 -13.42
C MET A 104 -4.87 9.03 -12.30
N ILE A 105 -5.81 8.93 -11.39
CA ILE A 105 -5.88 9.90 -10.27
C ILE A 105 -6.32 9.19 -9.00
N VAL A 106 -6.18 9.83 -7.87
CA VAL A 106 -6.60 9.20 -6.59
C VAL A 106 -7.83 9.90 -6.04
N ARG A 107 -8.76 9.16 -5.51
CA ARG A 107 -9.99 9.79 -4.95
C ARG A 107 -10.14 9.41 -3.47
N SER A 108 -9.46 8.38 -3.04
CA SER A 108 -9.56 7.96 -1.61
C SER A 108 -8.43 6.99 -1.28
N CYS A 109 -7.98 6.99 -0.05
CA CYS A 109 -6.85 6.08 0.32
C CYS A 109 -7.33 5.07 1.38
N LYS A 110 -6.47 4.14 1.73
CA LYS A 110 -6.84 3.12 2.75
C LYS A 110 -5.55 2.49 3.27
N CYS A 111 -5.61 1.41 3.99
CA CYS A 111 -4.35 0.81 4.50
C CYS A 111 -4.34 -0.70 4.17
N SER A 112 -3.86 -1.06 3.01
CA SER A 112 -3.82 -2.50 2.65
C SER A 112 -2.53 -3.12 3.19
N ALA B 1 6.05 -13.93 -10.03
CA ALA B 1 4.83 -13.49 -9.29
C ALA B 1 5.25 -12.80 -7.99
N LEU B 2 4.39 -12.01 -7.41
CA LEU B 2 4.74 -11.31 -6.15
C LEU B 2 4.07 -12.01 -4.98
N ASP B 3 4.18 -13.30 -4.91
CA ASP B 3 3.55 -14.04 -3.78
C ASP B 3 4.60 -14.38 -2.73
N THR B 4 4.18 -14.98 -1.66
CA THR B 4 5.15 -15.34 -0.59
C THR B 4 5.96 -16.58 -0.99
N ASN B 5 5.75 -17.06 -2.19
CA ASN B 5 6.51 -18.26 -2.65
C ASN B 5 7.67 -17.81 -3.55
N TYR B 6 7.45 -16.83 -4.37
CA TYR B 6 8.53 -16.34 -5.27
C TYR B 6 9.52 -15.49 -4.47
N CYS B 7 9.06 -14.82 -3.45
CA CYS B 7 9.97 -13.97 -2.64
C CYS B 7 10.87 -14.84 -1.77
N PHE B 8 10.50 -16.07 -1.56
CA PHE B 8 11.34 -16.97 -0.71
C PHE B 8 12.56 -17.44 -1.53
N SER B 9 12.67 -16.99 -2.76
CA SER B 9 13.82 -17.41 -3.60
C SER B 9 15.04 -16.55 -3.26
N SER B 10 15.85 -16.23 -4.23
CA SER B 10 17.05 -15.40 -3.93
C SER B 10 17.13 -14.23 -4.92
N THR B 11 16.20 -14.14 -5.83
CA THR B 11 16.23 -13.02 -6.81
C THR B 11 15.15 -12.00 -6.46
N GLU B 12 15.19 -10.86 -7.09
CA GLU B 12 14.18 -9.80 -6.82
C GLU B 12 14.54 -8.54 -7.59
N LYS B 13 13.56 -7.80 -8.03
CA LYS B 13 13.85 -6.55 -8.80
C LYS B 13 12.97 -5.40 -8.29
N ASN B 14 11.76 -5.69 -7.88
CA ASN B 14 10.88 -4.61 -7.38
C ASN B 14 10.20 -5.07 -6.09
N CYS B 15 8.96 -4.70 -5.87
CA CYS B 15 8.27 -5.14 -4.62
C CYS B 15 8.56 -6.62 -4.37
N CYS B 16 8.43 -7.06 -3.16
CA CYS B 16 8.69 -8.49 -2.85
C CYS B 16 8.24 -8.80 -1.44
N VAL B 17 7.25 -9.63 -1.28
CA VAL B 17 6.77 -9.98 0.08
C VAL B 17 7.90 -10.67 0.83
N ARG B 18 8.52 -10.01 1.76
CA ARG B 18 9.63 -10.64 2.52
C ARG B 18 9.10 -11.33 3.77
N GLN B 19 9.76 -12.36 4.22
CA GLN B 19 9.29 -13.06 5.44
C GLN B 19 9.18 -12.06 6.59
N LEU B 20 8.17 -12.19 7.40
CA LEU B 20 8.01 -11.23 8.54
C LEU B 20 7.56 -11.97 9.79
N TYR B 21 8.17 -13.08 10.09
CA TYR B 21 7.75 -13.82 11.32
C TYR B 21 7.66 -12.83 12.48
N ILE B 22 6.59 -12.87 13.20
CA ILE B 22 6.44 -11.93 14.34
C ILE B 22 6.24 -12.71 15.64
N ASP B 23 7.14 -12.58 16.57
CA ASP B 23 6.99 -13.31 17.86
C ASP B 23 6.09 -12.47 18.75
N PHE B 24 4.81 -12.71 18.66
CA PHE B 24 3.79 -11.96 19.45
C PHE B 24 4.42 -11.08 20.54
N ARG B 25 5.16 -11.66 21.44
CA ARG B 25 5.78 -10.86 22.54
C ARG B 25 7.06 -10.15 22.08
N LYS B 26 7.92 -10.82 21.36
CA LYS B 26 9.19 -10.17 20.93
C LYS B 26 8.92 -8.98 20.02
N ASP B 27 8.08 -9.14 19.05
CA ASP B 27 7.82 -8.03 18.09
C ASP B 27 6.68 -7.12 18.56
N LEU B 28 5.48 -7.62 18.65
CA LEU B 28 4.35 -6.75 19.06
C LEU B 28 4.21 -6.73 20.59
N GLY B 29 4.89 -7.60 21.28
CA GLY B 29 4.78 -7.60 22.77
C GLY B 29 3.32 -7.91 23.15
N TRP B 30 2.54 -8.36 22.20
CA TRP B 30 1.11 -8.67 22.49
C TRP B 30 1.01 -9.46 23.81
N LYS B 31 0.17 -9.01 24.70
CA LYS B 31 0.01 -9.71 25.99
C LYS B 31 -1.35 -10.41 26.05
N TRP B 32 -2.21 -10.11 25.11
CA TRP B 32 -3.55 -10.76 25.12
C TRP B 32 -3.49 -12.11 24.42
N ILE B 33 -2.36 -12.46 23.88
CA ILE B 33 -2.24 -13.76 23.17
C ILE B 33 -1.11 -14.59 23.81
N HIS B 34 -1.39 -15.81 24.14
CA HIS B 34 -0.35 -16.68 24.77
C HIS B 34 0.34 -17.50 23.68
N GLU B 35 -0.41 -18.21 22.88
CA GLU B 35 0.21 -19.04 21.81
C GLU B 35 -0.51 -18.77 20.48
N PRO B 36 0.18 -18.98 19.41
CA PRO B 36 1.59 -19.43 19.43
C PRO B 36 2.52 -18.28 19.79
N LYS B 37 3.76 -18.57 20.08
CA LYS B 37 4.72 -17.50 20.44
C LYS B 37 4.77 -16.48 19.30
N GLY B 38 4.69 -16.93 18.09
CA GLY B 38 4.74 -15.99 16.93
C GLY B 38 4.07 -16.65 15.72
N TYR B 39 4.47 -16.27 14.53
CA TYR B 39 3.86 -16.87 13.32
C TYR B 39 4.48 -16.24 12.07
N HIS B 40 4.10 -16.70 10.90
CA HIS B 40 4.67 -16.11 9.66
C HIS B 40 3.77 -14.95 9.21
N ALA B 41 3.94 -13.80 9.78
CA ALA B 41 3.09 -12.63 9.39
C ALA B 41 3.37 -12.23 7.95
N ASN B 42 4.61 -12.26 7.54
CA ASN B 42 4.94 -11.88 6.14
C ASN B 42 4.54 -10.42 5.90
N PHE B 43 4.92 -9.87 4.77
CA PHE B 43 4.57 -8.45 4.46
C PHE B 43 5.19 -8.05 3.13
N CYS B 44 4.82 -6.91 2.61
CA CYS B 44 5.38 -6.48 1.29
C CYS B 44 6.31 -5.28 1.46
N LEU B 45 7.37 -5.22 0.69
CA LEU B 45 8.30 -4.07 0.78
C LEU B 45 8.71 -3.65 -0.63
N GLY B 46 9.54 -2.65 -0.74
CA GLY B 46 9.98 -2.19 -2.09
C GLY B 46 8.84 -1.44 -2.77
N PRO B 47 9.20 -0.52 -3.64
CA PRO B 47 8.23 0.29 -4.38
C PRO B 47 7.66 -0.50 -5.56
N CYS B 48 7.12 0.19 -6.54
CA CYS B 48 6.55 -0.51 -7.72
C CYS B 48 6.83 0.33 -8.98
N PRO B 49 7.42 -0.29 -9.97
CA PRO B 49 7.75 0.38 -11.23
C PRO B 49 6.49 0.54 -12.10
N TYR B 50 6.65 0.69 -13.38
CA TYR B 50 5.45 0.85 -14.26
C TYR B 50 5.13 -0.48 -14.94
N ILE B 51 5.31 -1.59 -14.26
CA ILE B 51 5.00 -2.90 -14.89
C ILE B 51 4.88 -3.99 -13.81
N TRP B 52 5.65 -3.91 -12.77
CA TRP B 52 5.59 -4.95 -11.70
C TRP B 52 4.15 -5.17 -11.24
N SER B 53 3.43 -6.04 -11.90
CA SER B 53 2.00 -6.32 -11.52
C SER B 53 1.34 -5.08 -10.92
N LEU B 54 0.98 -4.13 -11.74
CA LEU B 54 0.33 -2.90 -11.20
C LEU B 54 -1.18 -3.15 -11.08
N ASP B 55 -1.75 -2.86 -9.94
CA ASP B 55 -3.21 -3.09 -9.77
C ASP B 55 -4.01 -1.91 -10.33
N THR B 56 -3.49 -0.72 -10.18
CA THR B 56 -4.22 0.46 -10.71
C THR B 56 -3.35 1.20 -11.74
N GLN B 57 -3.91 2.18 -12.41
CA GLN B 57 -3.13 2.92 -13.43
C GLN B 57 -2.27 3.97 -12.73
N TYR B 58 -2.75 4.54 -11.66
CA TYR B 58 -1.95 5.57 -10.94
C TYR B 58 -0.69 4.90 -10.35
N SER B 59 -0.62 3.61 -10.38
CA SER B 59 0.57 2.91 -9.82
C SER B 59 1.74 3.02 -10.79
N LYS B 60 1.45 3.17 -12.07
CA LYS B 60 2.56 3.27 -13.06
C LYS B 60 3.02 4.72 -13.16
N VAL B 61 2.12 5.66 -13.03
CA VAL B 61 2.50 7.10 -13.11
C VAL B 61 3.29 7.48 -11.85
N LEU B 62 2.66 7.43 -10.71
CA LEU B 62 3.39 7.78 -9.45
C LEU B 62 4.68 6.96 -9.39
N ALA B 63 4.69 5.80 -9.99
CA ALA B 63 5.91 4.96 -9.97
C ALA B 63 7.09 5.78 -10.51
N LEU B 64 6.89 6.46 -11.61
CA LEU B 64 7.98 7.30 -12.19
C LEU B 64 8.12 8.56 -11.34
N TYR B 65 7.03 9.17 -11.00
CA TYR B 65 7.07 10.41 -10.17
C TYR B 65 8.11 10.24 -9.05
N ASN B 66 8.23 9.06 -8.52
CA ASN B 66 9.21 8.82 -7.43
C ASN B 66 10.55 8.42 -8.05
N GLN B 67 10.52 7.48 -8.96
CA GLN B 67 11.78 7.03 -9.61
C GLN B 67 12.54 8.22 -10.18
N HIS B 68 11.90 9.35 -10.29
CA HIS B 68 12.57 10.55 -10.84
C HIS B 68 13.22 11.34 -9.71
N ASN B 69 12.50 11.59 -8.65
CA ASN B 69 13.08 12.36 -7.52
C ASN B 69 13.54 11.40 -6.42
N PRO B 70 14.83 11.39 -6.15
CA PRO B 70 15.41 10.51 -5.13
C PRO B 70 15.17 11.11 -3.73
N GLY B 71 14.37 10.46 -2.93
CA GLY B 71 14.10 10.99 -1.56
C GLY B 71 12.60 11.24 -1.41
N ALA B 72 11.85 11.10 -2.47
CA ALA B 72 10.39 11.32 -2.39
C ALA B 72 9.71 10.05 -1.89
N SER B 73 9.01 10.15 -0.81
CA SER B 73 8.33 8.95 -0.24
C SER B 73 6.92 8.84 -0.82
N ALA B 74 6.63 9.59 -1.84
CA ALA B 74 5.26 9.52 -2.45
C ALA B 74 5.19 8.34 -3.43
N ALA B 75 6.19 7.50 -3.43
CA ALA B 75 6.17 6.32 -4.33
C ALA B 75 4.86 5.56 -4.14
N PRO B 76 4.72 4.41 -4.78
CA PRO B 76 3.49 3.61 -4.67
C PRO B 76 3.49 2.89 -3.33
N CYS B 77 2.64 1.92 -3.17
CA CYS B 77 2.62 1.21 -1.86
C CYS B 77 2.29 -0.27 -2.04
N CYS B 78 3.28 -1.12 -2.10
CA CYS B 78 3.01 -2.57 -2.24
C CYS B 78 2.22 -3.02 -1.01
N VAL B 79 1.25 -3.89 -1.17
CA VAL B 79 0.44 -4.31 0.02
C VAL B 79 0.06 -5.79 -0.07
N PRO B 80 -0.37 -6.34 1.06
CA PRO B 80 -0.78 -7.75 1.16
C PRO B 80 -2.19 -7.94 0.58
N GLN B 81 -2.29 -8.33 -0.66
CA GLN B 81 -3.63 -8.53 -1.26
C GLN B 81 -4.37 -9.64 -0.50
N ALA B 82 -3.95 -10.87 -0.66
CA ALA B 82 -4.62 -11.98 0.05
C ALA B 82 -4.01 -12.13 1.45
N LEU B 83 -4.70 -12.74 2.36
CA LEU B 83 -4.15 -12.91 3.73
C LEU B 83 -4.47 -14.29 4.27
N GLU B 84 -4.23 -14.49 5.53
CA GLU B 84 -4.52 -15.80 6.16
C GLU B 84 -4.82 -15.57 7.64
N PRO B 85 -5.61 -16.44 8.21
CA PRO B 85 -6.00 -16.35 9.63
C PRO B 85 -4.84 -16.75 10.54
N LEU B 86 -5.13 -17.08 11.77
CA LEU B 86 -4.04 -17.44 12.73
C LEU B 86 -4.65 -18.14 13.96
N PRO B 87 -4.39 -19.42 14.10
CA PRO B 87 -4.90 -20.21 15.24
C PRO B 87 -4.10 -19.85 16.49
N ILE B 88 -4.70 -19.16 17.42
CA ILE B 88 -3.96 -18.77 18.65
C ILE B 88 -4.61 -19.36 19.89
N VAL B 89 -4.29 -18.78 21.00
CA VAL B 89 -4.87 -19.22 22.30
C VAL B 89 -4.59 -18.12 23.33
N TYR B 90 -5.61 -17.45 23.79
CA TYR B 90 -5.38 -16.36 24.78
C TYR B 90 -6.16 -16.65 26.06
N TYR B 91 -6.18 -15.72 26.97
CA TYR B 91 -6.91 -15.96 28.24
C TYR B 91 -7.84 -14.78 28.55
N VAL B 92 -9.06 -15.07 28.89
CA VAL B 92 -10.01 -13.99 29.26
C VAL B 92 -10.22 -14.04 30.77
N GLY B 93 -9.44 -13.29 31.49
CA GLY B 93 -9.56 -13.33 32.98
C GLY B 93 -8.88 -14.60 33.48
N ARG B 94 -9.55 -15.72 33.40
CA ARG B 94 -8.93 -17.00 33.88
C ARG B 94 -9.33 -18.18 32.99
N LYS B 95 -10.17 -17.95 32.01
CA LYS B 95 -10.59 -19.08 31.13
C LYS B 95 -9.77 -19.04 29.83
N PRO B 96 -9.19 -20.17 29.49
CA PRO B 96 -8.38 -20.30 28.27
C PRO B 96 -9.28 -20.42 27.04
N LYS B 97 -8.95 -19.77 25.95
CA LYS B 97 -9.81 -19.86 24.73
C LYS B 97 -8.91 -19.89 23.48
N VAL B 98 -9.25 -20.71 22.53
CA VAL B 98 -8.44 -20.77 21.27
C VAL B 98 -9.26 -20.21 20.11
N GLU B 99 -8.68 -19.37 19.30
CA GLU B 99 -9.46 -18.80 18.17
C GLU B 99 -8.64 -18.88 16.89
N GLN B 100 -8.98 -18.07 15.93
CA GLN B 100 -8.25 -18.07 14.64
C GLN B 100 -8.30 -16.66 14.06
N LEU B 101 -7.42 -15.81 14.48
CA LEU B 101 -7.44 -14.41 13.95
C LEU B 101 -7.64 -14.45 12.44
N SER B 102 -8.30 -13.46 11.92
CA SER B 102 -8.57 -13.42 10.44
C SER B 102 -7.61 -12.45 9.76
N ASN B 103 -7.28 -12.72 8.51
CA ASN B 103 -6.35 -11.80 7.78
C ASN B 103 -5.19 -11.43 8.71
N MET B 104 -4.75 -12.35 9.50
CA MET B 104 -3.63 -12.06 10.42
C MET B 104 -2.32 -12.48 9.76
N ILE B 105 -2.37 -12.85 8.50
CA ILE B 105 -1.13 -13.26 7.80
C ILE B 105 -1.19 -12.79 6.34
N VAL B 106 -0.07 -12.83 5.66
CA VAL B 106 -0.06 -12.38 4.24
C VAL B 106 0.14 -13.59 3.33
N ARG B 107 -0.56 -13.61 2.22
CA ARG B 107 -0.41 -14.77 1.28
C ARG B 107 0.02 -14.26 -0.09
N SER B 108 -0.16 -12.99 -0.35
CA SER B 108 0.26 -12.43 -1.67
C SER B 108 0.29 -10.89 -1.59
N CYS B 109 1.14 -10.27 -2.36
CA CYS B 109 1.21 -8.78 -2.31
C CYS B 109 0.82 -8.18 -3.67
N LYS B 110 0.77 -6.88 -3.74
CA LYS B 110 0.40 -6.21 -5.03
C LYS B 110 0.84 -4.75 -4.93
N CYS B 111 0.42 -3.91 -5.83
CA CYS B 111 0.85 -2.48 -5.73
C CYS B 111 -0.37 -1.57 -5.84
N SER B 112 -1.02 -1.27 -4.73
CA SER B 112 -2.20 -0.38 -4.78
C SER B 112 -1.75 1.07 -4.71
N ALA A 1 -10.53 10.14 9.04
CA ALA A 1 -10.83 10.27 7.59
C ALA A 1 -9.52 10.51 6.83
N LEU A 2 -9.01 9.50 6.18
CA LEU A 2 -7.74 9.67 5.41
C LEU A 2 -8.04 9.97 3.95
N ASP A 3 -8.58 11.12 3.67
CA ASP A 3 -8.90 11.47 2.26
C ASP A 3 -8.12 12.72 1.86
N THR A 4 -8.39 13.22 0.69
CA THR A 4 -7.67 14.44 0.21
C THR A 4 -8.27 15.69 0.86
N ASN A 5 -9.16 15.52 1.79
CA ASN A 5 -9.77 16.71 2.46
C ASN A 5 -9.09 16.93 3.81
N TYR A 6 -8.94 15.89 4.58
CA TYR A 6 -8.29 16.03 5.92
C TYR A 6 -6.77 16.03 5.75
N CYS A 7 -6.27 15.47 4.68
CA CYS A 7 -4.80 15.43 4.47
C CYS A 7 -4.37 16.70 3.74
N PHE A 8 -5.30 17.40 3.15
CA PHE A 8 -4.95 18.65 2.43
C PHE A 8 -5.04 19.84 3.39
N SER A 9 -5.39 19.60 4.62
CA SER A 9 -5.49 20.72 5.61
C SER A 9 -4.10 21.07 6.13
N SER A 10 -3.41 20.12 6.71
CA SER A 10 -2.04 20.41 7.24
C SER A 10 -1.12 19.22 6.97
N THR A 11 -0.12 19.03 7.78
CA THR A 11 0.81 17.88 7.57
C THR A 11 0.37 16.71 8.44
N GLU A 12 1.03 15.59 8.32
CA GLU A 12 0.66 14.40 9.14
C GLU A 12 1.76 13.35 9.04
N LYS A 13 1.75 12.39 9.92
CA LYS A 13 2.81 11.33 9.89
C LYS A 13 2.15 9.95 9.82
N ASN A 14 0.96 9.88 9.29
CA ASN A 14 0.26 8.57 9.18
C ASN A 14 -0.35 8.42 7.79
N CYS A 15 -1.08 7.36 7.58
CA CYS A 15 -1.72 7.16 6.24
C CYS A 15 -2.55 8.39 5.87
N CYS A 16 -1.94 9.35 5.23
CA CYS A 16 -2.68 10.58 4.84
C CYS A 16 -2.38 10.90 3.37
N VAL A 17 -3.40 11.03 2.57
CA VAL A 17 -3.17 11.34 1.12
C VAL A 17 -2.58 12.75 0.99
N ARG A 18 -1.44 12.87 0.36
CA ARG A 18 -0.84 14.22 0.18
C ARG A 18 -1.04 14.69 -1.25
N GLN A 19 -1.01 15.98 -1.49
CA GLN A 19 -1.20 16.48 -2.88
C GLN A 19 -0.10 15.91 -3.77
N LEU A 20 -0.43 15.57 -4.99
CA LEU A 20 0.60 15.01 -5.91
C LEU A 20 0.28 15.36 -7.35
N TYR A 21 -0.06 16.60 -7.61
CA TYR A 21 -0.37 16.97 -9.03
C TYR A 21 0.73 16.41 -9.93
N ILE A 22 0.35 15.79 -11.01
CA ILE A 22 1.38 15.21 -11.92
C ILE A 22 1.24 15.82 -13.30
N ASP A 23 2.23 16.55 -13.74
CA ASP A 23 2.15 17.14 -15.11
C ASP A 23 2.62 16.10 -16.11
N PHE A 24 1.69 15.34 -16.62
CA PHE A 24 1.98 14.24 -17.61
C PHE A 24 3.42 14.31 -18.14
N ARG A 25 3.80 15.40 -18.74
CA ARG A 25 5.17 15.51 -19.32
C ARG A 25 6.21 15.91 -18.26
N LYS A 26 5.88 16.83 -17.39
CA LYS A 26 6.90 17.27 -16.39
C LYS A 26 7.27 16.11 -15.45
N ASP A 27 6.30 15.45 -14.91
CA ASP A 27 6.58 14.35 -13.94
C ASP A 27 6.75 12.99 -14.65
N LEU A 28 5.74 12.53 -15.33
CA LEU A 28 5.86 11.20 -16.00
C LEU A 28 6.46 11.32 -17.40
N GLY A 29 6.52 12.50 -17.93
CA GLY A 29 7.08 12.65 -19.30
C GLY A 29 6.25 11.82 -20.27
N TRP A 30 5.08 11.40 -19.86
CA TRP A 30 4.21 10.58 -20.74
C TRP A 30 4.18 11.18 -22.14
N LYS A 31 4.51 10.40 -23.13
CA LYS A 31 4.52 10.90 -24.51
C LYS A 31 3.29 10.42 -25.26
N TRP A 32 2.55 9.50 -24.67
CA TRP A 32 1.34 8.98 -25.37
C TRP A 32 0.13 9.83 -25.02
N ILE A 33 0.28 10.78 -24.16
CA ILE A 33 -0.88 11.65 -23.79
C ILE A 33 -0.55 13.11 -24.07
N HIS A 34 -1.40 13.79 -24.78
CA HIS A 34 -1.14 15.23 -25.08
C HIS A 34 -1.85 16.10 -24.05
N GLU A 35 -3.08 15.79 -23.75
CA GLU A 35 -3.83 16.61 -22.75
C GLU A 35 -4.53 15.67 -21.76
N PRO A 36 -4.82 16.19 -20.59
CA PRO A 36 -4.50 17.58 -20.23
C PRO A 36 -3.02 17.71 -19.87
N LYS A 37 -2.56 18.90 -19.62
CA LYS A 37 -1.13 19.10 -19.25
C LYS A 37 -0.80 18.22 -18.05
N GLY A 38 -1.74 18.09 -17.14
CA GLY A 38 -1.50 17.25 -15.93
C GLY A 38 -2.82 17.02 -15.21
N TYR A 39 -2.79 16.82 -13.92
CA TYR A 39 -4.05 16.58 -13.17
C TYR A 39 -3.73 16.36 -11.68
N HIS A 40 -4.74 16.21 -10.88
CA HIS A 40 -4.51 15.97 -9.42
C HIS A 40 -4.38 14.47 -9.16
N ALA A 41 -3.24 13.91 -9.43
CA ALA A 41 -3.07 12.44 -9.20
C ALA A 41 -3.14 12.13 -7.71
N ASN A 42 -2.57 12.97 -6.89
CA ASN A 42 -2.63 12.72 -5.42
C ASN A 42 -1.89 11.42 -5.10
N PHE A 43 -1.80 11.08 -3.84
CA PHE A 43 -1.11 9.82 -3.45
C PHE A 43 -1.10 9.69 -1.92
N CYS A 44 -0.42 8.73 -1.39
CA CYS A 44 -0.40 8.55 0.09
C CYS A 44 1.04 8.36 0.57
N LEU A 45 1.33 8.78 1.78
CA LEU A 45 2.71 8.59 2.31
C LEU A 45 2.65 8.28 3.81
N GLY A 46 3.70 7.70 4.34
CA GLY A 46 3.71 7.37 5.80
C GLY A 46 2.72 6.24 6.07
N PRO A 47 3.05 5.42 7.04
CA PRO A 47 2.22 4.28 7.44
C PRO A 47 1.05 4.76 8.30
N CYS A 48 0.43 3.86 9.03
CA CYS A 48 -0.72 4.27 9.89
C CYS A 48 -0.69 3.47 11.19
N PRO A 49 -1.41 3.97 12.18
CA PRO A 49 -1.51 3.33 13.50
C PRO A 49 -2.46 2.12 13.41
N TYR A 50 -3.09 1.75 14.49
CA TYR A 50 -4.01 0.57 14.45
C TYR A 50 -5.42 1.01 14.09
N ILE A 51 -6.12 1.60 15.03
CA ILE A 51 -7.53 2.03 14.75
C ILE A 51 -7.62 2.86 13.48
N TRP A 52 -6.52 3.38 13.00
CA TRP A 52 -6.57 4.22 11.76
C TRP A 52 -7.40 3.50 10.69
N SER A 53 -7.59 4.12 9.56
CA SER A 53 -8.38 3.46 8.49
C SER A 53 -7.76 2.11 8.15
N LEU A 54 -8.17 1.07 8.82
CA LEU A 54 -7.60 -0.28 8.53
C LEU A 54 -8.39 -0.93 7.40
N ASP A 55 -7.70 -1.46 6.42
CA ASP A 55 -8.40 -2.12 5.27
C ASP A 55 -8.42 -3.63 5.47
N THR A 56 -7.26 -4.24 5.50
CA THR A 56 -7.21 -5.72 5.68
C THR A 56 -6.98 -6.04 7.15
N GLN A 57 -7.09 -7.30 7.52
CA GLN A 57 -6.87 -7.68 8.95
C GLN A 57 -5.38 -7.62 9.26
N TYR A 58 -4.54 -7.70 8.26
CA TYR A 58 -3.08 -7.66 8.51
C TYR A 58 -2.65 -6.19 8.72
N SER A 59 -3.50 -5.26 8.40
CA SER A 59 -3.13 -3.83 8.56
C SER A 59 -3.14 -3.47 10.05
N LYS A 60 -3.85 -4.20 10.86
CA LYS A 60 -3.89 -3.90 12.32
C LYS A 60 -2.78 -4.68 13.03
N VAL A 61 -2.55 -5.89 12.61
CA VAL A 61 -1.49 -6.71 13.25
C VAL A 61 -0.13 -6.04 13.03
N LEU A 62 0.23 -5.81 11.80
CA LEU A 62 1.54 -5.16 11.50
C LEU A 62 1.51 -3.71 12.01
N ALA A 63 0.41 -3.03 11.87
CA ALA A 63 0.34 -1.63 12.35
C ALA A 63 0.93 -1.58 13.76
N LEU A 64 0.76 -2.64 14.51
CA LEU A 64 1.32 -2.69 15.90
C LEU A 64 2.73 -3.27 15.84
N TYR A 65 2.94 -4.22 14.95
CA TYR A 65 4.28 -4.83 14.82
C TYR A 65 5.34 -3.73 14.70
N ASN A 66 4.98 -2.62 14.13
CA ASN A 66 5.95 -1.50 13.98
C ASN A 66 5.76 -0.52 15.13
N GLN A 67 4.53 -0.14 15.38
CA GLN A 67 4.24 0.82 16.48
C GLN A 67 4.78 0.28 17.80
N HIS A 68 5.14 -0.97 17.83
CA HIS A 68 5.68 -1.57 19.08
C HIS A 68 7.21 -1.50 19.07
N ASN A 69 7.81 -1.81 17.95
CA ASN A 69 9.29 -1.77 17.88
C ASN A 69 9.74 -0.42 17.32
N PRO A 70 10.44 0.35 18.12
CA PRO A 70 10.94 1.67 17.72
C PRO A 70 12.17 1.53 16.83
N GLY A 71 11.98 1.66 15.54
CA GLY A 71 13.14 1.52 14.61
C GLY A 71 12.87 0.38 13.63
N ALA A 72 11.63 0.01 13.46
CA ALA A 72 11.32 -1.09 12.51
C ALA A 72 10.75 -0.49 11.22
N SER A 73 11.35 -0.80 10.11
CA SER A 73 10.85 -0.24 8.83
C SER A 73 9.96 -1.27 8.13
N ALA A 74 9.05 -1.87 8.84
CA ALA A 74 8.15 -2.86 8.19
C ALA A 74 6.69 -2.46 8.43
N ALA A 75 6.46 -1.23 8.78
CA ALA A 75 5.06 -0.76 9.01
C ALA A 75 4.22 -1.12 7.79
N PRO A 76 2.97 -0.69 7.78
CA PRO A 76 2.05 -0.97 6.66
C PRO A 76 2.36 -0.02 5.50
N CYS A 77 1.44 0.13 4.60
CA CYS A 77 1.68 1.04 3.44
C CYS A 77 0.38 1.73 3.03
N CYS A 78 0.17 2.94 3.50
CA CYS A 78 -1.07 3.67 3.12
C CYS A 78 -1.15 3.75 1.58
N VAL A 79 -2.31 3.53 1.00
CA VAL A 79 -2.42 3.57 -0.49
C VAL A 79 -3.78 4.13 -0.94
N PRO A 80 -3.90 4.40 -2.21
CA PRO A 80 -5.15 4.92 -2.81
C PRO A 80 -6.18 3.80 -2.98
N GLN A 81 -7.32 3.93 -2.37
CA GLN A 81 -8.36 2.87 -2.50
C GLN A 81 -9.44 3.34 -3.47
N ALA A 82 -10.05 4.47 -3.23
CA ALA A 82 -11.10 4.98 -4.14
C ALA A 82 -10.47 5.89 -5.18
N LEU A 83 -10.20 5.38 -6.35
CA LEU A 83 -9.56 6.21 -7.41
C LEU A 83 -10.65 6.87 -8.26
N GLU A 84 -10.24 7.37 -9.39
CA GLU A 84 -11.20 8.02 -10.31
C GLU A 84 -10.64 7.92 -11.73
N PRO A 85 -11.47 8.19 -12.69
CA PRO A 85 -11.09 8.14 -14.12
C PRO A 85 -10.24 9.35 -14.48
N LEU A 86 -10.06 9.61 -15.75
CA LEU A 86 -9.22 10.76 -16.17
C LEU A 86 -9.46 11.07 -17.66
N PRO A 87 -10.13 12.17 -17.92
CA PRO A 87 -10.43 12.61 -19.30
C PRO A 87 -9.17 13.17 -19.94
N ILE A 88 -8.73 12.57 -21.00
CA ILE A 88 -7.48 13.05 -21.65
C ILE A 88 -7.66 13.17 -23.16
N VAL A 89 -6.56 13.20 -23.85
CA VAL A 89 -6.58 13.26 -25.33
C VAL A 89 -5.19 12.87 -25.83
N TYR A 90 -5.08 11.74 -26.47
CA TYR A 90 -3.75 11.31 -26.96
C TYR A 90 -3.78 11.15 -28.48
N TYR A 91 -2.72 10.64 -29.04
CA TYR A 91 -2.68 10.48 -30.52
C TYR A 91 -2.32 9.05 -30.90
N VAL A 92 -3.12 8.41 -31.71
CA VAL A 92 -2.79 7.04 -32.15
C VAL A 92 -2.21 7.13 -33.56
N GLY A 93 -0.92 7.25 -33.65
CA GLY A 93 -0.29 7.39 -34.99
C GLY A 93 -0.47 8.84 -35.47
N ARG A 94 -1.64 9.18 -35.94
CA ARG A 94 -1.87 10.58 -36.40
C ARG A 94 -3.30 11.03 -36.11
N LYS A 95 -4.12 10.18 -35.56
CA LYS A 95 -5.53 10.59 -35.27
C LYS A 95 -5.67 10.93 -33.79
N PRO A 96 -6.17 12.11 -33.51
CA PRO A 96 -6.36 12.57 -32.13
C PRO A 96 -7.61 11.92 -31.52
N LYS A 97 -7.55 11.52 -30.27
CA LYS A 97 -8.74 10.87 -29.65
C LYS A 97 -8.84 11.29 -28.17
N VAL A 98 -10.03 11.29 -27.64
CA VAL A 98 -10.21 11.67 -26.20
C VAL A 98 -10.78 10.46 -25.44
N GLU A 99 -10.21 10.12 -24.32
CA GLU A 99 -10.74 8.96 -23.57
C GLU A 99 -10.90 9.33 -22.09
N GLN A 100 -10.96 8.35 -21.25
CA GLN A 100 -11.12 8.61 -19.80
C GLN A 100 -10.39 7.52 -19.01
N LEU A 101 -9.12 7.67 -18.84
CA LEU A 101 -8.34 6.64 -18.10
C LEU A 101 -9.11 6.24 -16.85
N SER A 102 -8.98 5.00 -16.46
CA SER A 102 -9.73 4.53 -15.26
C SER A 102 -8.80 4.45 -14.05
N ASN A 103 -9.25 4.94 -12.91
CA ASN A 103 -8.40 4.88 -11.68
C ASN A 103 -7.09 5.62 -11.92
N MET A 104 -7.12 6.65 -12.72
CA MET A 104 -5.88 7.42 -12.97
C MET A 104 -5.84 8.61 -12.00
N ILE A 105 -6.55 8.51 -10.92
CA ILE A 105 -6.57 9.62 -9.92
C ILE A 105 -6.86 9.05 -8.54
N VAL A 106 -6.65 9.83 -7.51
CA VAL A 106 -6.90 9.32 -6.13
C VAL A 106 -7.98 10.18 -5.47
N ARG A 107 -8.87 9.56 -4.74
CA ARG A 107 -9.95 10.33 -4.05
C ARG A 107 -9.81 10.13 -2.54
N SER A 108 -9.21 9.04 -2.15
CA SER A 108 -9.03 8.76 -0.70
C SER A 108 -8.02 7.62 -0.54
N CYS A 109 -7.17 7.70 0.46
CA CYS A 109 -6.16 6.62 0.64
C CYS A 109 -6.67 5.57 1.63
N LYS A 110 -5.81 4.71 2.09
CA LYS A 110 -6.23 3.65 3.05
C LYS A 110 -4.96 2.97 3.58
N CYS A 111 -5.07 1.80 4.15
CA CYS A 111 -3.85 1.12 4.66
C CYS A 111 -3.83 -0.34 4.19
N SER A 112 -3.31 -0.59 3.02
CA SER A 112 -3.26 -1.99 2.52
C SER A 112 -2.02 -2.70 3.06
N ALA B 1 6.89 -11.89 -10.34
CA ALA B 1 6.09 -12.55 -9.27
C ALA B 1 6.48 -11.96 -7.91
N LEU B 2 5.66 -11.12 -7.36
CA LEU B 2 5.99 -10.50 -6.04
C LEU B 2 5.29 -11.29 -4.93
N ASP B 3 5.71 -12.49 -4.69
CA ASP B 3 5.08 -13.31 -3.63
C ASP B 3 6.12 -13.68 -2.57
N THR B 4 5.73 -14.50 -1.62
CA THR B 4 6.69 -14.91 -0.56
C THR B 4 7.64 -15.99 -1.08
N ASN B 5 7.58 -16.28 -2.36
CA ASN B 5 8.48 -17.32 -2.92
C ASN B 5 9.66 -16.65 -3.62
N TYR B 6 9.40 -15.66 -4.42
CA TYR B 6 10.51 -14.96 -5.14
C TYR B 6 11.14 -13.92 -4.21
N CYS B 7 10.41 -13.47 -3.22
CA CYS B 7 10.98 -12.45 -2.29
C CYS B 7 11.71 -13.17 -1.16
N PHE B 8 11.46 -14.45 -0.98
CA PHE B 8 12.14 -15.20 0.11
C PHE B 8 13.43 -15.81 -0.43
N SER B 9 13.74 -15.59 -1.68
CA SER B 9 14.98 -16.14 -2.26
C SER B 9 16.18 -15.26 -1.88
N SER B 10 16.13 -14.00 -2.22
CA SER B 10 17.27 -13.10 -1.87
C SER B 10 16.72 -11.73 -1.47
N THR B 11 17.48 -10.70 -1.66
CA THR B 11 17.01 -9.33 -1.29
C THR B 11 16.40 -8.64 -2.51
N GLU B 12 15.88 -7.46 -2.35
CA GLU B 12 15.27 -6.74 -3.51
C GLU B 12 15.01 -5.29 -3.12
N LYS B 13 14.78 -4.44 -4.08
CA LYS B 13 14.51 -3.01 -3.78
C LYS B 13 13.18 -2.58 -4.40
N ASN B 14 12.28 -3.51 -4.60
CA ASN B 14 10.97 -3.17 -5.21
C ASN B 14 9.86 -3.85 -4.43
N CYS B 15 8.64 -3.73 -4.91
CA CYS B 15 7.50 -4.38 -4.20
C CYS B 15 7.79 -5.87 -4.02
N CYS B 16 8.43 -6.22 -2.93
CA CYS B 16 8.74 -7.66 -2.69
C CYS B 16 8.36 -8.04 -1.27
N VAL B 17 7.53 -9.03 -1.11
CA VAL B 17 7.12 -9.44 0.26
C VAL B 17 8.32 -9.99 1.04
N ARG B 18 8.62 -9.43 2.17
CA ARG B 18 9.77 -9.93 2.97
C ARG B 18 9.25 -10.75 4.16
N GLN B 19 10.05 -11.63 4.68
CA GLN B 19 9.60 -12.45 5.84
C GLN B 19 9.25 -11.53 7.01
N LEU B 20 8.22 -11.83 7.74
CA LEU B 20 7.83 -10.95 8.88
C LEU B 20 7.19 -11.78 9.99
N TYR B 21 7.76 -12.91 10.33
CA TYR B 21 7.15 -13.72 11.42
C TYR B 21 6.80 -12.80 12.58
N ILE B 22 5.62 -12.93 13.11
CA ILE B 22 5.23 -12.05 14.24
C ILE B 22 4.86 -12.90 15.46
N ASP B 23 5.62 -12.79 16.51
CA ASP B 23 5.30 -13.58 17.73
C ASP B 23 4.26 -12.81 18.53
N PHE B 24 3.01 -13.11 18.27
CA PHE B 24 1.86 -12.42 18.96
C PHE B 24 2.32 -11.58 20.16
N ARG B 25 2.96 -12.18 21.12
CA ARG B 25 3.38 -11.42 22.33
C ARG B 25 4.71 -10.69 22.10
N LYS B 26 5.66 -11.30 21.47
CA LYS B 26 6.98 -10.61 21.28
C LYS B 26 6.83 -9.36 20.42
N ASP B 27 6.18 -9.48 19.30
CA ASP B 27 6.04 -8.30 18.40
C ASP B 27 4.79 -7.47 18.70
N LEU B 28 3.63 -8.06 18.64
CA LEU B 28 2.39 -7.27 18.90
C LEU B 28 2.04 -7.27 20.39
N GLY B 29 2.62 -8.15 21.15
CA GLY B 29 2.29 -8.17 22.61
C GLY B 29 0.78 -8.46 22.75
N TRP B 30 0.15 -8.90 21.70
CA TRP B 30 -1.30 -9.20 21.76
C TRP B 30 -1.63 -9.97 23.04
N LYS B 31 -2.54 -9.47 23.83
CA LYS B 31 -2.89 -10.15 25.09
C LYS B 31 -4.22 -10.88 24.92
N TRP B 32 -4.92 -10.65 23.83
CA TRP B 32 -6.22 -11.34 23.65
C TRP B 32 -6.02 -12.68 22.94
N ILE B 33 -4.81 -12.98 22.55
CA ILE B 33 -4.56 -14.28 21.86
C ILE B 33 -3.50 -15.07 22.63
N HIS B 34 -3.80 -16.31 22.93
CA HIS B 34 -2.82 -17.15 23.68
C HIS B 34 -2.00 -17.96 22.68
N GLU B 35 -2.64 -18.57 21.71
CA GLU B 35 -1.90 -19.38 20.71
C GLU B 35 -2.39 -19.02 19.30
N PRO B 36 -1.55 -19.27 18.33
CA PRO B 36 -0.22 -19.86 18.55
C PRO B 36 0.77 -18.81 19.06
N LYS B 37 1.96 -19.21 19.40
CA LYS B 37 2.97 -18.24 19.88
C LYS B 37 3.12 -17.12 18.85
N GLY B 38 3.06 -17.47 17.60
CA GLY B 38 3.20 -16.44 16.53
C GLY B 38 2.79 -17.05 15.19
N TYR B 39 3.34 -16.56 14.11
CA TYR B 39 2.97 -17.12 12.78
C TYR B 39 3.73 -16.37 11.68
N HIS B 40 3.56 -16.78 10.44
CA HIS B 40 4.28 -16.10 9.33
C HIS B 40 3.40 -14.95 8.81
N ALA B 41 3.40 -13.83 9.48
CA ALA B 41 2.56 -12.69 9.02
C ALA B 41 3.09 -12.17 7.68
N ASN B 42 4.38 -12.11 7.52
CA ASN B 42 4.94 -11.61 6.24
C ASN B 42 4.53 -10.15 6.02
N PHE B 43 5.00 -9.54 4.96
CA PHE B 43 4.62 -8.13 4.69
C PHE B 43 5.34 -7.66 3.42
N CYS B 44 5.26 -6.40 3.10
CA CYS B 44 5.92 -5.91 1.86
C CYS B 44 6.71 -4.64 2.16
N LEU B 45 7.77 -4.40 1.43
CA LEU B 45 8.58 -3.17 1.68
C LEU B 45 9.11 -2.63 0.34
N GLY B 46 9.48 -1.38 0.31
CA GLY B 46 10.00 -0.78 -0.95
C GLY B 46 8.87 -0.67 -1.97
N PRO B 47 8.96 0.36 -2.79
CA PRO B 47 7.95 0.62 -3.84
C PRO B 47 8.19 -0.31 -5.04
N CYS B 48 7.64 0.02 -6.18
CA CYS B 48 7.83 -0.84 -7.37
C CYS B 48 7.96 0.03 -8.63
N PRO B 49 8.48 -0.56 -9.67
CA PRO B 49 8.66 0.12 -10.97
C PRO B 49 7.31 0.23 -11.69
N TYR B 50 7.32 0.29 -13.00
CA TYR B 50 6.03 0.41 -13.73
C TYR B 50 5.47 -0.98 -14.08
N ILE B 51 6.05 -1.63 -15.05
CA ILE B 51 5.54 -2.97 -15.46
C ILE B 51 5.44 -3.91 -14.24
N TRP B 52 6.07 -3.59 -13.15
CA TRP B 52 5.99 -4.48 -11.97
C TRP B 52 4.53 -4.87 -11.71
N SER B 53 4.29 -5.70 -10.73
CA SER B 53 2.89 -6.09 -10.43
C SER B 53 2.05 -4.84 -10.16
N LEU B 54 1.46 -4.29 -11.18
CA LEU B 54 0.63 -3.06 -10.99
C LEU B 54 -0.81 -3.48 -10.63
N ASP B 55 -1.36 -2.88 -9.61
CA ASP B 55 -2.76 -3.24 -9.21
C ASP B 55 -3.74 -2.20 -9.76
N THR B 56 -3.60 -0.97 -9.32
CA THR B 56 -4.54 0.08 -9.82
C THR B 56 -3.89 0.84 -10.99
N GLN B 57 -4.63 1.68 -11.66
CA GLN B 57 -4.06 2.43 -12.79
C GLN B 57 -3.14 3.54 -12.27
N TYR B 58 -3.32 3.93 -11.03
CA TYR B 58 -2.46 5.00 -10.46
C TYR B 58 -1.12 4.39 -10.05
N SER B 59 -1.02 3.10 -9.99
CA SER B 59 0.25 2.46 -9.57
C SER B 59 1.28 2.59 -10.70
N LYS B 60 0.84 2.76 -11.91
CA LYS B 60 1.80 2.90 -13.04
C LYS B 60 2.14 4.38 -13.24
N VAL B 61 1.17 5.24 -13.08
CA VAL B 61 1.43 6.69 -13.26
C VAL B 61 2.43 7.17 -12.20
N LEU B 62 2.13 6.93 -10.95
CA LEU B 62 3.06 7.37 -9.87
C LEU B 62 4.34 6.53 -9.93
N ALA B 63 4.21 5.26 -10.23
CA ALA B 63 5.44 4.41 -10.31
C ALA B 63 6.49 5.16 -11.14
N LEU B 64 6.05 5.92 -12.11
CA LEU B 64 7.00 6.69 -12.95
C LEU B 64 7.21 8.06 -12.30
N TYR B 65 6.19 8.60 -11.72
CA TYR B 65 6.32 9.94 -11.06
C TYR B 65 7.54 9.93 -10.14
N ASN B 66 7.86 8.80 -9.58
CA ASN B 66 9.04 8.70 -8.67
C ASN B 66 10.25 8.21 -9.46
N GLN B 67 10.06 7.16 -10.21
CA GLN B 67 11.17 6.59 -11.03
C GLN B 67 11.73 7.67 -11.96
N HIS B 68 11.03 8.75 -12.11
CA HIS B 68 11.52 9.85 -13.00
C HIS B 68 12.29 10.88 -12.17
N ASN B 69 11.77 11.23 -11.03
CA ASN B 69 12.47 12.24 -10.18
C ASN B 69 13.36 11.52 -9.16
N PRO B 70 14.65 11.72 -9.26
CA PRO B 70 15.61 11.10 -8.34
C PRO B 70 15.62 11.83 -7.00
N GLY B 71 14.97 11.29 -6.01
CA GLY B 71 14.93 11.96 -4.69
C GLY B 71 13.48 12.28 -4.30
N ALA B 72 12.54 11.61 -4.91
CA ALA B 72 11.12 11.87 -4.57
C ALA B 72 10.60 10.75 -3.67
N SER B 73 10.09 11.10 -2.53
CA SER B 73 9.58 10.06 -1.59
C SER B 73 8.06 9.93 -1.74
N ALA B 74 7.57 9.84 -2.95
CA ALA B 74 6.11 9.72 -3.15
C ALA B 74 5.82 8.48 -4.01
N ALA B 75 6.76 7.58 -4.10
CA ALA B 75 6.55 6.34 -4.91
C ALA B 75 5.26 5.67 -4.43
N PRO B 76 4.98 4.51 -4.98
CA PRO B 76 3.76 3.76 -4.61
C PRO B 76 3.97 3.06 -3.26
N CYS B 77 3.17 2.08 -2.96
CA CYS B 77 3.33 1.37 -1.67
C CYS B 77 2.99 -0.11 -1.84
N CYS B 78 3.99 -0.94 -2.02
CA CYS B 78 3.71 -2.41 -2.18
C CYS B 78 2.93 -2.90 -0.95
N VAL B 79 1.92 -3.72 -1.14
CA VAL B 79 1.12 -4.19 0.03
C VAL B 79 0.64 -5.64 -0.18
N PRO B 80 0.09 -6.22 0.87
CA PRO B 80 -0.43 -7.60 0.84
C PRO B 80 -1.80 -7.63 0.17
N GLN B 81 -1.93 -8.38 -0.90
CA GLN B 81 -3.25 -8.46 -1.60
C GLN B 81 -3.94 -9.78 -1.24
N ALA B 82 -3.29 -10.88 -1.49
CA ALA B 82 -3.92 -12.20 -1.17
C ALA B 82 -3.51 -12.61 0.25
N LEU B 83 -4.35 -12.36 1.21
CA LEU B 83 -4.01 -12.74 2.61
C LEU B 83 -4.50 -14.15 2.91
N GLU B 84 -4.54 -14.48 4.16
CA GLU B 84 -5.01 -15.82 4.59
C GLU B 84 -5.56 -15.71 6.00
N PRO B 85 -6.27 -16.72 6.42
CA PRO B 85 -6.86 -16.76 7.77
C PRO B 85 -5.79 -17.05 8.83
N LEU B 86 -6.18 -17.42 10.01
CA LEU B 86 -5.19 -17.69 11.08
C LEU B 86 -5.86 -18.45 12.24
N PRO B 87 -5.53 -19.71 12.37
CA PRO B 87 -6.08 -20.56 13.46
C PRO B 87 -5.42 -20.19 14.78
N ILE B 88 -6.19 -19.75 15.73
CA ILE B 88 -5.58 -19.34 17.02
C ILE B 88 -6.38 -19.92 18.19
N VAL B 89 -6.20 -19.34 19.34
CA VAL B 89 -6.93 -19.77 20.55
C VAL B 89 -6.81 -18.66 21.58
N TYR B 90 -7.89 -17.99 21.89
CA TYR B 90 -7.81 -16.89 22.88
C TYR B 90 -8.73 -17.19 24.06
N TYR B 91 -8.89 -16.25 24.94
CA TYR B 91 -9.75 -16.48 26.13
C TYR B 91 -10.80 -15.37 26.26
N VAL B 92 -12.05 -15.72 26.35
CA VAL B 92 -13.10 -14.69 26.53
C VAL B 92 -13.48 -14.70 28.01
N GLY B 93 -12.84 -13.89 28.78
CA GLY B 93 -13.13 -13.86 30.24
C GLY B 93 -12.44 -15.06 30.89
N ARG B 94 -13.00 -16.23 30.76
CA ARG B 94 -12.36 -17.45 31.38
C ARG B 94 -12.56 -18.69 30.49
N LYS B 95 -13.28 -18.56 29.41
CA LYS B 95 -13.50 -19.75 28.54
C LYS B 95 -12.55 -19.70 27.34
N PRO B 96 -11.81 -20.77 27.14
CA PRO B 96 -10.85 -20.87 26.03
C PRO B 96 -11.59 -21.17 24.72
N LYS B 97 -11.21 -20.55 23.64
CA LYS B 97 -11.90 -20.80 22.34
C LYS B 97 -10.89 -20.77 21.20
N VAL B 98 -11.16 -21.49 20.14
CA VAL B 98 -10.23 -21.50 18.97
C VAL B 98 -10.96 -20.93 17.75
N GLU B 99 -10.35 -20.01 17.05
CA GLU B 99 -11.03 -19.43 15.87
C GLU B 99 -10.09 -19.43 14.67
N GLN B 100 -10.37 -18.61 13.70
CA GLN B 100 -9.51 -18.53 12.50
C GLN B 100 -9.52 -17.10 11.98
N LEU B 101 -8.72 -16.25 12.54
CA LEU B 101 -8.70 -14.83 12.08
C LEU B 101 -8.70 -14.80 10.56
N SER B 102 -9.31 -13.80 10.00
CA SER B 102 -9.37 -13.72 8.51
C SER B 102 -8.35 -12.70 7.98
N ASN B 103 -7.63 -13.05 6.94
CA ASN B 103 -6.63 -12.10 6.37
C ASN B 103 -5.59 -11.73 7.43
N MET B 104 -5.31 -12.63 8.33
CA MET B 104 -4.30 -12.31 9.37
C MET B 104 -2.93 -12.83 8.90
N ILE B 105 -2.78 -12.99 7.61
CA ILE B 105 -1.48 -13.49 7.08
C ILE B 105 -1.29 -12.97 5.65
N VAL B 106 -0.11 -13.07 5.12
CA VAL B 106 0.13 -12.58 3.74
C VAL B 106 0.58 -13.74 2.85
N ARG B 107 0.08 -13.79 1.64
CA ARG B 107 0.47 -14.89 0.70
C ARG B 107 1.18 -14.28 -0.52
N SER B 108 0.91 -13.03 -0.78
CA SER B 108 1.55 -12.36 -1.95
C SER B 108 1.31 -10.85 -1.84
N CYS B 109 2.28 -10.05 -2.19
CA CYS B 109 2.10 -8.57 -2.08
C CYS B 109 1.62 -8.00 -3.42
N LYS B 110 1.66 -6.70 -3.56
CA LYS B 110 1.21 -6.06 -4.83
C LYS B 110 1.61 -4.59 -4.77
N CYS B 111 1.02 -3.75 -5.57
CA CYS B 111 1.39 -2.31 -5.52
C CYS B 111 0.12 -1.44 -5.49
N SER B 112 -0.43 -1.20 -4.33
CA SER B 112 -1.66 -0.36 -4.25
C SER B 112 -1.27 1.11 -4.22
N ALA A 1 -9.85 12.31 9.59
CA ALA A 1 -9.91 11.30 8.50
C ALA A 1 -8.63 11.36 7.66
N LEU A 2 -8.36 10.33 6.90
CA LEU A 2 -7.13 10.33 6.07
C LEU A 2 -7.49 10.67 4.63
N ASP A 3 -8.20 11.74 4.45
CA ASP A 3 -8.59 12.14 3.06
C ASP A 3 -7.75 13.33 2.62
N THR A 4 -7.96 13.79 1.42
CA THR A 4 -7.18 14.95 0.90
C THR A 4 -7.70 16.24 1.53
N ASN A 5 -8.64 16.16 2.42
CA ASN A 5 -9.16 17.39 3.07
C ASN A 5 -8.33 17.66 4.33
N TYR A 6 -8.15 16.67 5.15
CA TYR A 6 -7.34 16.85 6.39
C TYR A 6 -5.88 16.54 6.08
N CYS A 7 -5.62 15.86 5.00
CA CYS A 7 -4.21 15.52 4.65
C CYS A 7 -3.53 16.72 4.00
N PHE A 8 -4.29 17.74 3.68
CA PHE A 8 -3.68 18.95 3.05
C PHE A 8 -3.13 19.88 4.14
N SER A 9 -2.46 19.32 5.12
CA SER A 9 -1.90 20.17 6.21
C SER A 9 -0.37 20.12 6.14
N SER A 10 0.29 20.06 7.27
CA SER A 10 1.78 20.01 7.26
C SER A 10 2.23 18.60 6.84
N THR A 11 3.16 18.01 7.54
CA THR A 11 3.63 16.66 7.16
C THR A 11 2.69 15.62 7.77
N GLU A 12 1.79 16.04 8.61
CA GLU A 12 0.83 15.10 9.24
C GLU A 12 1.57 14.18 10.21
N LYS A 13 1.09 12.98 10.40
CA LYS A 13 1.77 12.05 11.34
C LYS A 13 1.89 10.65 10.71
N ASN A 14 0.84 10.15 10.14
CA ASN A 14 0.92 8.79 9.55
C ASN A 14 0.26 8.76 8.15
N CYS A 15 -0.34 7.65 7.80
CA CYS A 15 -1.00 7.54 6.47
C CYS A 15 -1.82 8.79 6.19
N CYS A 16 -1.49 9.50 5.15
CA CYS A 16 -2.27 10.73 4.81
C CYS A 16 -2.02 11.09 3.35
N VAL A 17 -3.05 11.12 2.56
CA VAL A 17 -2.88 11.46 1.13
C VAL A 17 -2.07 12.76 1.00
N ARG A 18 -1.66 13.11 -0.19
CA ARG A 18 -0.87 14.35 -0.37
C ARG A 18 -1.07 14.86 -1.81
N GLN A 19 -1.07 16.13 -2.02
CA GLN A 19 -1.26 16.66 -3.40
C GLN A 19 -0.18 16.08 -4.32
N LEU A 20 -0.56 15.66 -5.49
CA LEU A 20 0.44 15.10 -6.44
C LEU A 20 -0.04 15.31 -7.87
N TYR A 21 -0.42 16.50 -8.23
CA TYR A 21 -0.88 16.73 -9.62
C TYR A 21 0.14 16.11 -10.57
N ILE A 22 -0.32 15.45 -11.59
CA ILE A 22 0.63 14.82 -12.55
C ILE A 22 0.28 15.25 -13.97
N ASP A 23 1.16 15.99 -14.61
CA ASP A 23 0.88 16.41 -16.01
C ASP A 23 1.30 15.28 -16.94
N PHE A 24 0.36 14.46 -17.31
CA PHE A 24 0.61 13.28 -18.19
C PHE A 24 2.00 13.33 -18.85
N ARG A 25 2.29 14.37 -19.57
CA ARG A 25 3.61 14.45 -20.27
C ARG A 25 4.72 15.01 -19.36
N LYS A 26 4.42 15.99 -18.56
CA LYS A 26 5.49 16.58 -17.69
C LYS A 26 6.00 15.55 -16.69
N ASP A 27 5.11 14.88 -16.01
CA ASP A 27 5.54 13.90 -14.98
C ASP A 27 5.75 12.50 -15.58
N LEU A 28 4.73 11.91 -16.14
CA LEU A 28 4.89 10.54 -16.70
C LEU A 28 5.36 10.59 -18.15
N GLY A 29 5.26 11.73 -18.79
CA GLY A 29 5.70 11.81 -20.21
C GLY A 29 4.83 10.86 -21.05
N TRP A 30 3.74 10.40 -20.49
CA TRP A 30 2.85 9.46 -21.23
C TRP A 30 2.65 9.96 -22.66
N LYS A 31 2.92 9.12 -23.62
CA LYS A 31 2.76 9.53 -25.03
C LYS A 31 1.51 8.89 -25.62
N TRP A 32 0.93 7.95 -24.91
CA TRP A 32 -0.28 7.27 -25.45
C TRP A 32 -1.54 8.07 -25.08
N ILE A 33 -1.37 9.13 -24.34
CA ILE A 33 -2.56 9.95 -23.93
C ILE A 33 -2.30 11.41 -24.34
N HIS A 34 -3.16 11.99 -25.14
CA HIS A 34 -2.92 13.40 -25.54
C HIS A 34 -3.75 14.35 -24.66
N GLU A 35 -4.89 13.92 -24.19
CA GLU A 35 -5.71 14.79 -23.31
C GLU A 35 -6.24 13.97 -22.13
N PRO A 36 -6.42 14.63 -21.01
CA PRO A 36 -6.13 16.06 -20.86
C PRO A 36 -4.63 16.28 -20.64
N LYS A 37 -4.24 17.50 -20.40
CA LYS A 37 -2.80 17.80 -20.16
C LYS A 37 -2.32 16.99 -18.95
N GLY A 38 -3.19 16.81 -17.99
CA GLY A 38 -2.80 16.03 -16.77
C GLY A 38 -4.03 15.83 -15.90
N TYR A 39 -3.85 15.77 -14.60
CA TYR A 39 -5.01 15.58 -13.69
C TYR A 39 -4.54 15.55 -12.23
N HIS A 40 -5.45 15.45 -11.31
CA HIS A 40 -5.05 15.40 -9.87
C HIS A 40 -4.89 13.94 -9.45
N ALA A 41 -3.75 13.36 -9.71
CA ALA A 41 -3.53 11.94 -9.34
C ALA A 41 -3.44 11.81 -7.81
N ASN A 42 -2.76 12.70 -7.16
CA ASN A 42 -2.65 12.61 -5.67
C ASN A 42 -1.89 11.34 -5.28
N PHE A 43 -1.74 11.11 -4.01
CA PHE A 43 -1.02 9.88 -3.56
C PHE A 43 -0.98 9.86 -2.02
N CYS A 44 -0.14 9.04 -1.44
CA CYS A 44 -0.09 8.98 0.05
C CYS A 44 1.35 8.75 0.51
N LEU A 45 1.63 9.05 1.75
CA LEU A 45 3.02 8.83 2.28
C LEU A 45 2.96 8.61 3.80
N GLY A 46 3.90 7.85 4.32
CA GLY A 46 3.93 7.61 5.80
C GLY A 46 3.14 6.33 6.14
N PRO A 47 3.61 5.63 7.15
CA PRO A 47 2.98 4.39 7.63
C PRO A 47 1.77 4.73 8.52
N CYS A 48 1.15 3.75 9.12
CA CYS A 48 -0.03 4.05 9.98
C CYS A 48 -0.09 3.08 11.17
N PRO A 49 -0.59 3.59 12.28
CA PRO A 49 -0.74 2.79 13.51
C PRO A 49 -2.03 1.96 13.42
N TYR A 50 -2.62 1.62 14.53
CA TYR A 50 -3.90 0.84 14.48
C TYR A 50 -5.04 1.85 14.43
N ILE A 51 -6.18 1.46 13.95
CA ILE A 51 -7.35 2.39 13.86
C ILE A 51 -7.12 3.47 12.77
N TRP A 52 -5.90 3.73 12.40
CA TRP A 52 -5.65 4.76 11.35
C TRP A 52 -6.10 4.19 10.00
N SER A 53 -7.37 4.31 9.70
CA SER A 53 -7.88 3.79 8.40
C SER A 53 -7.27 2.40 8.12
N LEU A 54 -7.85 1.37 8.64
CA LEU A 54 -7.32 0.00 8.39
C LEU A 54 -8.12 -0.65 7.25
N ASP A 55 -7.46 -1.13 6.24
CA ASP A 55 -8.20 -1.76 5.10
C ASP A 55 -8.17 -3.27 5.22
N THR A 56 -7.00 -3.86 5.19
CA THR A 56 -6.92 -5.34 5.29
C THR A 56 -6.69 -5.75 6.73
N GLN A 57 -7.20 -6.89 7.13
CA GLN A 57 -7.01 -7.34 8.53
C GLN A 57 -5.52 -7.34 8.87
N TYR A 58 -4.69 -7.79 7.97
CA TYR A 58 -3.23 -7.80 8.25
C TYR A 58 -2.78 -6.37 8.54
N SER A 59 -3.33 -5.41 7.84
CA SER A 59 -2.94 -3.99 8.10
C SER A 59 -3.12 -3.68 9.59
N LYS A 60 -4.11 -4.26 10.20
CA LYS A 60 -4.33 -4.02 11.65
C LYS A 60 -3.27 -4.76 12.45
N VAL A 61 -2.92 -5.94 12.01
CA VAL A 61 -1.90 -6.74 12.74
C VAL A 61 -0.53 -6.04 12.61
N LEU A 62 0.08 -6.12 11.46
CA LEU A 62 1.40 -5.48 11.27
C LEU A 62 1.39 -4.06 11.86
N ALA A 63 0.30 -3.34 11.72
CA ALA A 63 0.26 -1.96 12.29
C ALA A 63 0.81 -2.00 13.72
N LEU A 64 0.17 -2.70 14.61
CA LEU A 64 0.68 -2.77 16.01
C LEU A 64 2.07 -3.37 15.99
N TYR A 65 2.25 -4.43 15.26
CA TYR A 65 3.58 -5.10 15.17
C TYR A 65 4.69 -4.04 15.10
N ASN A 66 4.45 -2.96 14.41
CA ASN A 66 5.48 -1.88 14.30
C ASN A 66 5.35 -0.93 15.48
N GLN A 67 4.15 -0.49 15.74
CA GLN A 67 3.91 0.45 16.87
C GLN A 67 4.44 -0.15 18.18
N HIS A 68 4.75 -1.41 18.18
CA HIS A 68 5.27 -2.05 19.41
C HIS A 68 6.80 -2.03 19.41
N ASN A 69 7.40 -2.30 18.27
CA ASN A 69 8.89 -2.30 18.21
C ASN A 69 9.38 -0.93 17.72
N PRO A 70 10.03 -0.19 18.59
CA PRO A 70 10.56 1.13 18.26
C PRO A 70 11.84 0.99 17.44
N GLY A 71 11.75 1.16 16.15
CA GLY A 71 12.96 1.03 15.29
C GLY A 71 12.72 -0.08 14.26
N ALA A 72 11.49 -0.47 14.07
CA ALA A 72 11.18 -1.52 13.08
C ALA A 72 10.74 -0.88 11.77
N SER A 73 11.35 -1.22 10.69
CA SER A 73 10.97 -0.63 9.39
C SER A 73 10.07 -1.59 8.62
N ALA A 74 9.16 -2.23 9.31
CA ALA A 74 8.25 -3.19 8.62
C ALA A 74 6.79 -2.71 8.75
N ALA A 75 6.60 -1.48 9.12
CA ALA A 75 5.22 -0.94 9.26
C ALA A 75 4.43 -1.24 7.96
N PRO A 76 3.21 -0.78 7.92
CA PRO A 76 2.33 -1.00 6.74
C PRO A 76 2.70 -0.01 5.64
N CYS A 77 1.81 0.21 4.71
CA CYS A 77 2.11 1.16 3.61
C CYS A 77 0.85 1.92 3.21
N CYS A 78 0.70 3.13 3.69
CA CYS A 78 -0.50 3.94 3.32
C CYS A 78 -0.63 3.97 1.80
N VAL A 79 -1.82 3.82 1.27
CA VAL A 79 -1.99 3.83 -0.22
C VAL A 79 -3.32 4.48 -0.60
N PRO A 80 -3.64 4.49 -1.87
CA PRO A 80 -4.89 5.08 -2.37
C PRO A 80 -6.08 4.12 -2.18
N GLN A 81 -6.84 4.31 -1.13
CA GLN A 81 -8.00 3.42 -0.87
C GLN A 81 -9.05 3.59 -1.97
N ALA A 82 -9.75 4.70 -1.97
CA ALA A 82 -10.79 4.92 -3.01
C ALA A 82 -10.18 5.70 -4.17
N LEU A 83 -10.07 5.10 -5.32
CA LEU A 83 -9.50 5.82 -6.48
C LEU A 83 -10.63 6.43 -7.30
N GLU A 84 -10.31 6.87 -8.48
CA GLU A 84 -11.36 7.47 -9.36
C GLU A 84 -10.95 7.24 -10.81
N PRO A 85 -11.91 7.34 -11.69
CA PRO A 85 -11.67 7.14 -13.12
C PRO A 85 -10.95 8.35 -13.72
N LEU A 86 -10.90 8.44 -15.02
CA LEU A 86 -10.18 9.58 -15.64
C LEU A 86 -10.57 9.68 -17.13
N PRO A 87 -11.34 10.69 -17.46
CA PRO A 87 -11.78 10.91 -18.84
C PRO A 87 -10.62 11.47 -19.66
N ILE A 88 -10.06 10.67 -20.54
CA ILE A 88 -8.91 11.16 -21.34
C ILE A 88 -9.25 11.17 -22.83
N VAL A 89 -8.21 11.16 -23.63
CA VAL A 89 -8.37 11.14 -25.09
C VAL A 89 -7.02 10.76 -25.69
N TYR A 90 -6.93 9.63 -26.33
CA TYR A 90 -5.63 9.24 -26.92
C TYR A 90 -5.82 8.88 -28.39
N TYR A 91 -4.79 8.40 -29.03
CA TYR A 91 -4.92 8.06 -30.47
C TYR A 91 -4.46 6.62 -30.73
N VAL A 92 -5.29 5.84 -31.38
CA VAL A 92 -4.91 4.45 -31.72
C VAL A 92 -4.58 4.42 -33.20
N GLY A 93 -3.35 4.60 -33.54
CA GLY A 93 -2.96 4.62 -34.98
C GLY A 93 -3.37 5.97 -35.57
N ARG A 94 -4.62 6.12 -35.90
CA ARG A 94 -5.10 7.42 -36.49
C ARG A 94 -6.50 7.77 -35.98
N LYS A 95 -7.11 6.92 -35.20
CA LYS A 95 -8.48 7.22 -34.71
C LYS A 95 -8.41 7.69 -33.25
N PRO A 96 -8.90 8.88 -32.99
CA PRO A 96 -8.91 9.44 -31.63
C PRO A 96 -10.04 8.80 -30.83
N LYS A 97 -9.81 8.48 -29.58
CA LYS A 97 -10.89 7.83 -28.78
C LYS A 97 -10.89 8.38 -27.35
N VAL A 98 -12.02 8.86 -26.89
CA VAL A 98 -12.11 9.40 -25.50
C VAL A 98 -12.49 8.24 -24.57
N GLU A 99 -11.78 8.05 -23.50
CA GLU A 99 -12.15 6.94 -22.59
C GLU A 99 -12.25 7.43 -21.16
N GLN A 100 -12.15 6.53 -20.23
CA GLN A 100 -12.23 6.91 -18.80
C GLN A 100 -11.38 5.93 -17.99
N LEU A 101 -10.10 6.16 -17.93
CA LEU A 101 -9.23 5.23 -17.16
C LEU A 101 -9.90 4.90 -15.82
N SER A 102 -9.69 3.72 -15.35
CA SER A 102 -10.34 3.31 -14.06
C SER A 102 -9.34 3.39 -12.90
N ASN A 103 -9.75 3.95 -11.78
CA ASN A 103 -8.85 4.03 -10.60
C ASN A 103 -7.56 4.77 -10.97
N MET A 104 -7.63 5.70 -11.87
CA MET A 104 -6.41 6.45 -12.25
C MET A 104 -6.34 7.73 -11.43
N ILE A 105 -7.09 7.82 -10.37
CA ILE A 105 -7.06 9.04 -9.52
C ILE A 105 -7.16 8.64 -8.05
N VAL A 106 -6.83 9.53 -7.16
CA VAL A 106 -6.89 9.20 -5.72
C VAL A 106 -7.88 10.13 -5.00
N ARG A 107 -8.71 9.59 -4.16
CA ARG A 107 -9.70 10.44 -3.44
C ARG A 107 -9.57 10.21 -1.93
N SER A 108 -8.84 9.20 -1.53
CA SER A 108 -8.66 8.92 -0.08
C SER A 108 -7.64 7.80 0.09
N CYS A 109 -6.78 7.90 1.06
CA CYS A 109 -5.74 6.83 1.25
C CYS A 109 -6.21 5.79 2.27
N LYS A 110 -5.35 4.88 2.63
CA LYS A 110 -5.72 3.82 3.62
C LYS A 110 -4.44 3.11 4.07
N CYS A 111 -4.48 1.82 4.27
CA CYS A 111 -3.25 1.10 4.71
C CYS A 111 -3.29 -0.35 4.23
N SER A 112 -2.75 -0.62 3.07
CA SER A 112 -2.75 -2.01 2.56
C SER A 112 -1.52 -2.76 3.11
N ALA B 1 9.01 -12.70 -9.88
CA ALA B 1 7.70 -12.35 -9.27
C ALA B 1 7.92 -11.71 -7.90
N LEU B 2 6.94 -11.00 -7.41
CA LEU B 2 7.10 -10.35 -6.07
C LEU B 2 6.42 -11.20 -5.01
N ASP B 3 6.73 -12.45 -4.96
CA ASP B 3 6.11 -13.34 -3.93
C ASP B 3 7.12 -13.64 -2.84
N THR B 4 6.72 -14.39 -1.85
CA THR B 4 7.64 -14.73 -0.74
C THR B 4 8.64 -15.79 -1.19
N ASN B 5 8.59 -16.18 -2.43
CA ASN B 5 9.56 -17.20 -2.92
C ASN B 5 10.80 -16.47 -3.44
N TYR B 6 10.61 -15.49 -4.28
CA TYR B 6 11.77 -14.73 -4.82
C TYR B 6 12.09 -13.56 -3.89
N CYS B 7 11.17 -13.20 -3.05
CA CYS B 7 11.42 -12.06 -2.11
C CYS B 7 12.26 -12.54 -0.93
N PHE B 8 12.44 -13.82 -0.81
CA PHE B 8 13.27 -14.35 0.33
C PHE B 8 14.75 -14.29 -0.04
N SER B 9 15.19 -13.22 -0.63
CA SER B 9 16.62 -13.10 -1.01
C SER B 9 17.28 -12.00 -0.17
N SER B 10 18.14 -11.21 -0.76
CA SER B 10 18.81 -10.12 0.01
C SER B 10 17.81 -8.98 0.25
N THR B 11 18.20 -7.76 0.01
CA THR B 11 17.26 -6.62 0.22
C THR B 11 16.39 -6.46 -1.03
N GLU B 12 16.71 -7.17 -2.08
CA GLU B 12 15.91 -7.08 -3.33
C GLU B 12 16.12 -5.70 -3.97
N LYS B 13 15.13 -5.21 -4.67
CA LYS B 13 15.29 -3.88 -5.32
C LYS B 13 14.04 -3.02 -5.10
N ASN B 14 12.87 -3.57 -5.29
CA ASN B 14 11.63 -2.75 -5.11
C ASN B 14 10.59 -3.55 -4.32
N CYS B 15 9.33 -3.34 -4.63
CA CYS B 15 8.25 -4.07 -3.91
C CYS B 15 8.59 -5.56 -3.81
N CYS B 16 8.71 -6.05 -2.60
CA CYS B 16 9.03 -7.49 -2.43
C CYS B 16 8.64 -7.90 -1.01
N VAL B 17 7.77 -8.87 -0.90
CA VAL B 17 7.34 -9.33 0.46
C VAL B 17 8.58 -9.64 1.30
N ARG B 18 8.40 -9.87 2.57
CA ARG B 18 9.57 -10.19 3.45
C ARG B 18 9.07 -11.00 4.63
N GLN B 19 9.87 -11.90 5.13
CA GLN B 19 9.43 -12.73 6.28
C GLN B 19 9.05 -11.82 7.45
N LEU B 20 7.96 -12.11 8.11
CA LEU B 20 7.54 -11.26 9.26
C LEU B 20 6.72 -12.10 10.24
N TYR B 21 7.21 -13.25 10.62
CA TYR B 21 6.42 -14.08 11.57
C TYR B 21 5.97 -13.19 12.73
N ILE B 22 4.75 -13.32 13.16
CA ILE B 22 4.26 -12.48 14.27
C ILE B 22 3.66 -13.36 15.37
N ASP B 23 4.27 -13.39 16.52
CA ASP B 23 3.71 -14.21 17.63
C ASP B 23 2.63 -13.40 18.32
N PHE B 24 1.40 -13.63 17.92
CA PHE B 24 0.22 -12.90 18.49
C PHE B 24 0.57 -12.11 19.76
N ARG B 25 1.08 -12.76 20.76
CA ARG B 25 1.39 -12.05 22.03
C ARG B 25 2.79 -11.40 22.00
N LYS B 26 3.77 -12.06 21.45
CA LYS B 26 5.14 -11.48 21.44
C LYS B 26 5.18 -10.18 20.62
N ASP B 27 4.63 -10.20 19.45
CA ASP B 27 4.67 -9.00 18.58
C ASP B 27 3.47 -8.08 18.83
N LEU B 28 2.28 -8.55 18.61
CA LEU B 28 1.09 -7.67 18.81
C LEU B 28 0.59 -7.74 20.26
N GLY B 29 1.02 -8.72 21.01
CA GLY B 29 0.55 -8.81 22.41
C GLY B 29 -0.98 -9.01 22.41
N TRP B 30 -1.53 -9.34 21.27
CA TRP B 30 -3.01 -9.53 21.18
C TRP B 30 -3.50 -10.37 22.35
N LYS B 31 -4.45 -9.86 23.08
CA LYS B 31 -4.98 -10.60 24.25
C LYS B 31 -6.33 -11.21 23.91
N TRP B 32 -6.92 -10.82 22.80
CA TRP B 32 -8.25 -11.37 22.44
C TRP B 32 -8.08 -12.69 21.67
N ILE B 33 -6.87 -13.09 21.43
CA ILE B 33 -6.64 -14.37 20.69
C ILE B 33 -5.70 -15.25 21.52
N HIS B 34 -6.10 -16.44 21.86
CA HIS B 34 -5.19 -17.31 22.67
C HIS B 34 -4.45 -18.29 21.76
N GLU B 35 -5.06 -18.70 20.68
CA GLU B 35 -4.38 -19.64 19.75
C GLU B 35 -4.60 -19.18 18.30
N PRO B 36 -3.64 -19.45 17.46
CA PRO B 36 -2.41 -20.15 17.84
C PRO B 36 -1.42 -19.18 18.50
N LYS B 37 -0.25 -19.66 18.82
CA LYS B 37 0.76 -18.77 19.44
C LYS B 37 1.04 -17.60 18.50
N GLY B 38 1.01 -17.85 17.23
CA GLY B 38 1.28 -16.76 16.24
C GLY B 38 1.02 -17.29 14.83
N TYR B 39 1.74 -16.79 13.85
CA TYR B 39 1.53 -17.26 12.46
C TYR B 39 2.48 -16.53 11.51
N HIS B 40 2.46 -16.88 10.25
CA HIS B 40 3.36 -16.21 9.27
C HIS B 40 2.62 -15.02 8.65
N ALA B 41 2.63 -13.90 9.32
CA ALA B 41 1.91 -12.71 8.78
C ALA B 41 2.65 -12.19 7.54
N ASN B 42 3.95 -12.13 7.58
CA ASN B 42 4.72 -11.63 6.40
C ASN B 42 4.38 -10.15 6.16
N PHE B 43 4.94 -9.57 5.14
CA PHE B 43 4.66 -8.14 4.84
C PHE B 43 5.46 -7.71 3.61
N CYS B 44 5.59 -6.43 3.38
CA CYS B 44 6.36 -5.98 2.17
C CYS B 44 7.12 -4.70 2.48
N LEU B 45 8.09 -4.36 1.68
CA LEU B 45 8.87 -3.12 1.92
C LEU B 45 9.48 -2.61 0.60
N GLY B 46 9.66 -1.33 0.47
CA GLY B 46 10.26 -0.77 -0.78
C GLY B 46 9.17 -0.42 -1.79
N PRO B 47 9.43 0.63 -2.54
CA PRO B 47 8.49 1.12 -3.58
C PRO B 47 8.63 0.26 -4.85
N CYS B 48 7.96 0.63 -5.91
CA CYS B 48 8.07 -0.20 -7.16
C CYS B 48 8.00 0.69 -8.41
N PRO B 49 8.69 0.25 -9.44
CA PRO B 49 8.73 0.95 -10.74
C PRO B 49 7.38 0.76 -11.48
N TYR B 50 7.38 0.54 -12.78
CA TYR B 50 6.08 0.39 -13.50
C TYR B 50 5.60 -1.07 -13.51
N ILE B 51 6.03 -1.84 -14.48
CA ILE B 51 5.56 -3.27 -14.58
C ILE B 51 5.70 -4.03 -13.26
N TRP B 52 6.45 -3.53 -12.33
CA TRP B 52 6.63 -4.26 -11.04
C TRP B 52 5.28 -4.51 -10.37
N SER B 53 4.65 -5.61 -10.68
CA SER B 53 3.33 -5.95 -10.07
C SER B 53 2.49 -4.69 -9.85
N LEU B 54 1.72 -4.30 -10.82
CA LEU B 54 0.87 -3.10 -10.65
C LEU B 54 -0.55 -3.52 -10.29
N ASP B 55 -1.10 -2.96 -9.25
CA ASP B 55 -2.48 -3.36 -8.84
C ASP B 55 -3.49 -2.32 -9.33
N THR B 56 -3.38 -1.11 -8.84
CA THR B 56 -4.34 -0.05 -9.27
C THR B 56 -3.75 0.74 -10.44
N GLN B 57 -4.59 1.24 -11.31
CA GLN B 57 -4.06 2.02 -12.47
C GLN B 57 -3.18 3.16 -11.95
N TYR B 58 -3.59 3.83 -10.90
CA TYR B 58 -2.77 4.93 -10.36
C TYR B 58 -1.37 4.38 -10.01
N SER B 59 -1.32 3.17 -9.50
CA SER B 59 0.01 2.58 -9.15
C SER B 59 0.91 2.63 -10.38
N LYS B 60 0.35 2.44 -11.54
CA LYS B 60 1.18 2.48 -12.78
C LYS B 60 1.56 3.93 -13.07
N VAL B 61 0.66 4.85 -12.82
CA VAL B 61 0.96 6.28 -13.07
C VAL B 61 2.03 6.76 -12.07
N LEU B 62 1.66 6.95 -10.84
CA LEU B 62 2.65 7.42 -9.83
C LEU B 62 3.95 6.63 -9.96
N ALA B 63 3.87 5.35 -10.25
CA ALA B 63 5.12 4.55 -10.39
C ALA B 63 6.12 5.32 -11.26
N LEU B 64 5.78 5.55 -12.50
CA LEU B 64 6.70 6.30 -13.40
C LEU B 64 6.94 7.69 -12.81
N TYR B 65 5.89 8.33 -12.39
CA TYR B 65 6.00 9.69 -11.79
C TYR B 65 7.24 9.76 -10.89
N ASN B 66 7.53 8.70 -10.18
CA ASN B 66 8.72 8.69 -9.29
C ASN B 66 9.94 8.27 -10.09
N GLN B 67 9.82 7.19 -10.81
CA GLN B 67 10.95 6.68 -11.63
C GLN B 67 11.47 7.79 -12.56
N HIS B 68 10.73 8.84 -12.71
CA HIS B 68 11.16 9.94 -13.62
C HIS B 68 11.91 11.01 -12.80
N ASN B 69 11.41 11.33 -11.64
CA ASN B 69 12.08 12.37 -10.80
C ASN B 69 13.03 11.69 -9.81
N PRO B 70 14.31 11.88 -10.00
CA PRO B 70 15.34 11.31 -9.12
C PRO B 70 15.40 12.11 -7.81
N GLY B 71 14.83 11.60 -6.76
CA GLY B 71 14.86 12.33 -5.47
C GLY B 71 13.42 12.64 -5.03
N ALA B 72 12.46 11.97 -5.61
CA ALA B 72 11.04 12.20 -5.23
C ALA B 72 10.63 11.12 -4.23
N SER B 73 10.10 11.53 -3.12
CA SER B 73 9.66 10.54 -2.10
C SER B 73 8.15 10.33 -2.20
N ALA B 74 7.62 10.30 -3.38
CA ALA B 74 6.15 10.10 -3.54
C ALA B 74 5.87 8.79 -4.28
N ALA B 75 6.85 7.93 -4.37
CA ALA B 75 6.64 6.63 -5.07
C ALA B 75 5.38 5.95 -4.51
N PRO B 76 5.10 4.76 -4.98
CA PRO B 76 3.92 3.99 -4.54
C PRO B 76 4.21 3.32 -3.19
N CYS B 77 3.46 2.31 -2.86
CA CYS B 77 3.70 1.64 -1.56
C CYS B 77 3.44 0.13 -1.70
N CYS B 78 4.47 -0.65 -1.86
CA CYS B 78 4.28 -2.13 -1.98
C CYS B 78 3.45 -2.62 -0.79
N VAL B 79 2.50 -3.50 -1.01
CA VAL B 79 1.66 -3.99 0.12
C VAL B 79 1.28 -5.46 -0.12
N PRO B 80 0.47 -6.02 0.75
CA PRO B 80 0.03 -7.42 0.65
C PRO B 80 -1.11 -7.57 -0.36
N GLN B 81 -0.78 -7.96 -1.57
CA GLN B 81 -1.82 -8.13 -2.62
C GLN B 81 -2.78 -9.26 -2.23
N ALA B 82 -2.34 -10.49 -2.30
CA ALA B 82 -3.22 -11.62 -1.94
C ALA B 82 -2.98 -12.01 -0.48
N LEU B 83 -3.95 -11.84 0.36
CA LEU B 83 -3.78 -12.20 1.79
C LEU B 83 -4.31 -13.61 2.02
N GLU B 84 -4.46 -13.98 3.25
CA GLU B 84 -4.97 -15.33 3.58
C GLU B 84 -5.71 -15.26 4.92
N PRO B 85 -6.56 -16.21 5.17
CA PRO B 85 -7.34 -16.27 6.41
C PRO B 85 -6.45 -16.70 7.58
N LEU B 86 -7.02 -17.05 8.69
CA LEU B 86 -6.20 -17.45 9.85
C LEU B 86 -7.10 -18.17 10.88
N PRO B 87 -6.91 -19.46 11.01
CA PRO B 87 -7.68 -20.27 11.97
C PRO B 87 -7.17 -20.03 13.38
N ILE B 88 -7.93 -19.33 14.19
CA ILE B 88 -7.45 -19.03 15.56
C ILE B 88 -8.39 -19.64 16.61
N VAL B 89 -8.31 -19.11 17.78
CA VAL B 89 -9.16 -19.57 18.90
C VAL B 89 -9.10 -18.51 20.00
N TYR B 90 -10.18 -17.85 20.29
CA TYR B 90 -10.15 -16.82 21.35
C TYR B 90 -11.27 -17.09 22.36
N TYR B 91 -11.45 -16.21 23.30
CA TYR B 91 -12.50 -16.42 24.33
C TYR B 91 -13.45 -15.22 24.40
N VAL B 92 -14.72 -15.46 24.33
CA VAL B 92 -15.70 -14.35 24.44
C VAL B 92 -16.34 -14.48 25.82
N GLY B 93 -15.81 -13.80 26.79
CA GLY B 93 -16.37 -13.91 28.16
C GLY B 93 -15.91 -15.24 28.76
N ARG B 94 -16.58 -16.31 28.42
CA ARG B 94 -16.17 -17.65 28.97
C ARG B 94 -16.34 -18.75 27.92
N LYS B 95 -16.84 -18.41 26.75
CA LYS B 95 -17.03 -19.45 25.70
C LYS B 95 -15.90 -19.35 24.66
N PRO B 96 -15.16 -20.42 24.51
CA PRO B 96 -14.05 -20.47 23.53
C PRO B 96 -14.62 -20.64 22.12
N LYS B 97 -14.08 -19.96 21.15
CA LYS B 97 -14.63 -20.09 19.77
C LYS B 97 -13.49 -20.09 18.74
N VAL B 98 -13.44 -21.10 17.90
CA VAL B 98 -12.38 -21.15 16.86
C VAL B 98 -12.90 -20.45 15.61
N GLU B 99 -12.14 -19.54 15.05
CA GLU B 99 -12.64 -18.83 13.84
C GLU B 99 -11.59 -18.87 12.74
N GLN B 100 -11.70 -17.97 11.81
CA GLN B 100 -10.72 -17.93 10.69
C GLN B 100 -10.58 -16.49 10.22
N LEU B 101 -9.79 -15.71 10.90
CA LEU B 101 -9.62 -14.29 10.49
C LEU B 101 -9.47 -14.21 8.99
N SER B 102 -9.97 -13.16 8.39
CA SER B 102 -9.89 -13.03 6.91
C SER B 102 -8.76 -12.09 6.50
N ASN B 103 -7.98 -12.48 5.52
CA ASN B 103 -6.87 -11.59 5.04
C ASN B 103 -5.94 -11.25 6.19
N MET B 104 -5.78 -12.14 7.13
CA MET B 104 -4.86 -11.86 8.26
C MET B 104 -3.49 -12.46 7.95
N ILE B 105 -3.25 -12.78 6.71
CA ILE B 105 -1.92 -13.35 6.35
C ILE B 105 -1.48 -12.79 5.00
N VAL B 106 -0.23 -12.91 4.67
CA VAL B 106 0.26 -12.38 3.37
C VAL B 106 0.82 -13.52 2.51
N ARG B 107 0.47 -13.54 1.25
CA ARG B 107 0.99 -14.62 0.36
C ARG B 107 1.68 -13.99 -0.86
N SER B 108 1.50 -12.72 -1.05
CA SER B 108 2.15 -12.04 -2.22
C SER B 108 1.93 -10.54 -2.11
N CYS B 109 2.92 -9.75 -2.41
CA CYS B 109 2.76 -8.27 -2.31
C CYS B 109 2.36 -7.66 -3.65
N LYS B 110 2.29 -6.36 -3.73
CA LYS B 110 1.91 -5.68 -5.00
C LYS B 110 2.23 -4.19 -4.88
N CYS B 111 1.37 -3.32 -5.36
CA CYS B 111 1.67 -1.87 -5.25
C CYS B 111 0.36 -1.07 -5.24
N SER B 112 -0.16 -0.77 -4.09
CA SER B 112 -1.42 0.01 -4.02
C SER B 112 -1.08 1.51 -4.03
N ALA A 1 -10.91 9.36 8.81
CA ALA A 1 -11.12 10.14 7.56
C ALA A 1 -9.76 10.35 6.86
N LEU A 2 -9.39 9.44 6.00
CA LEU A 2 -8.09 9.58 5.28
C LEU A 2 -8.34 9.95 3.82
N ASP A 3 -8.89 11.09 3.59
CA ASP A 3 -9.17 11.51 2.18
C ASP A 3 -8.35 12.75 1.84
N THR A 4 -8.54 13.29 0.67
CA THR A 4 -7.78 14.50 0.26
C THR A 4 -8.40 15.75 0.90
N ASN A 5 -9.34 15.57 1.78
CA ASN A 5 -9.98 16.75 2.44
C ASN A 5 -9.33 16.97 3.81
N TYR A 6 -9.16 15.93 4.58
CA TYR A 6 -8.53 16.08 5.92
C TYR A 6 -7.01 16.04 5.78
N CYS A 7 -6.51 15.53 4.69
CA CYS A 7 -5.04 15.46 4.50
C CYS A 7 -4.55 16.72 3.78
N PHE A 8 -5.42 17.40 3.08
CA PHE A 8 -5.00 18.63 2.37
C PHE A 8 -4.88 19.78 3.36
N SER A 9 -5.29 19.56 4.59
CA SER A 9 -5.19 20.65 5.61
C SER A 9 -3.74 20.78 6.06
N SER A 10 -3.51 21.13 7.29
CA SER A 10 -2.12 21.27 7.79
C SER A 10 -1.88 20.27 8.92
N THR A 11 -2.87 19.49 9.27
CA THR A 11 -2.68 18.49 10.36
C THR A 11 -2.64 17.09 9.79
N GLU A 12 -2.33 16.12 10.62
CA GLU A 12 -2.27 14.70 10.16
C GLU A 12 -1.39 13.92 11.13
N LYS A 13 -1.58 12.63 11.20
CA LYS A 13 -0.75 11.82 12.15
C LYS A 13 -0.03 10.72 11.38
N ASN A 14 -0.74 9.97 10.59
CA ASN A 14 -0.07 8.86 9.83
C ASN A 14 -0.61 8.79 8.39
N CYS A 15 -1.13 7.65 7.97
CA CYS A 15 -1.64 7.52 6.58
C CYS A 15 -2.49 8.76 6.23
N CYS A 16 -2.05 9.52 5.26
CA CYS A 16 -2.81 10.73 4.86
C CYS A 16 -2.50 11.05 3.40
N VAL A 17 -3.52 11.17 2.59
CA VAL A 17 -3.29 11.48 1.15
C VAL A 17 -2.78 12.91 0.99
N ARG A 18 -1.64 13.09 0.38
CA ARG A 18 -1.11 14.47 0.19
C ARG A 18 -1.26 14.87 -1.29
N GLN A 19 -1.39 16.13 -1.56
CA GLN A 19 -1.53 16.59 -2.97
C GLN A 19 -0.40 16.00 -3.81
N LEU A 20 -0.64 15.78 -5.08
CA LEU A 20 0.42 15.21 -5.95
C LEU A 20 0.11 15.53 -7.41
N TYR A 21 -0.28 16.73 -7.70
CA TYR A 21 -0.57 17.07 -9.12
C TYR A 21 0.56 16.54 -9.99
N ILE A 22 0.23 15.88 -11.08
CA ILE A 22 1.30 15.34 -11.96
C ILE A 22 1.17 15.91 -13.36
N ASP A 23 2.13 16.66 -13.81
CA ASP A 23 2.06 17.23 -15.19
C ASP A 23 2.56 16.17 -16.16
N PHE A 24 1.64 15.40 -16.70
CA PHE A 24 1.97 14.30 -17.66
C PHE A 24 3.41 14.36 -18.15
N ARG A 25 3.81 15.45 -18.75
CA ARG A 25 5.20 15.53 -19.29
C ARG A 25 6.20 16.01 -18.22
N LYS A 26 5.84 16.94 -17.40
CA LYS A 26 6.80 17.46 -16.38
C LYS A 26 7.20 16.35 -15.41
N ASP A 27 6.25 15.66 -14.86
CA ASP A 27 6.54 14.60 -13.87
C ASP A 27 6.78 13.24 -14.54
N LEU A 28 5.82 12.74 -15.27
CA LEU A 28 6.01 11.40 -15.91
C LEU A 28 6.65 11.55 -17.29
N GLY A 29 6.66 12.72 -17.84
CA GLY A 29 7.28 12.88 -19.20
C GLY A 29 6.52 12.00 -20.20
N TRP A 30 5.37 11.52 -19.81
CA TRP A 30 4.57 10.65 -20.71
C TRP A 30 4.56 11.23 -22.13
N LYS A 31 4.85 10.43 -23.11
CA LYS A 31 4.87 10.92 -24.50
C LYS A 31 3.69 10.32 -25.26
N TRP A 32 3.02 9.35 -24.68
CA TRP A 32 1.87 8.73 -25.39
C TRP A 32 0.59 9.50 -25.10
N ILE A 33 0.66 10.51 -24.28
CA ILE A 33 -0.56 11.30 -23.96
C ILE A 33 -0.32 12.78 -24.29
N HIS A 34 -1.23 13.38 -25.00
CA HIS A 34 -1.05 14.83 -25.36
C HIS A 34 -1.81 15.69 -24.33
N GLU A 35 -3.03 15.33 -24.02
CA GLU A 35 -3.81 16.13 -23.04
C GLU A 35 -4.50 15.19 -22.05
N PRO A 36 -4.85 15.73 -20.90
CA PRO A 36 -4.59 17.14 -20.57
C PRO A 36 -3.12 17.33 -20.18
N LYS A 37 -2.73 18.55 -19.90
CA LYS A 37 -1.33 18.82 -19.52
C LYS A 37 -0.98 17.98 -18.29
N GLY A 38 -1.92 17.81 -17.41
CA GLY A 38 -1.66 17.01 -16.18
C GLY A 38 -2.99 16.71 -15.48
N TYR A 39 -2.97 16.54 -14.18
CA TYR A 39 -4.23 16.25 -13.44
C TYR A 39 -3.92 16.07 -11.95
N HIS A 40 -4.94 16.03 -11.13
CA HIS A 40 -4.70 15.86 -9.67
C HIS A 40 -4.56 14.36 -9.35
N ALA A 41 -3.38 13.83 -9.48
CA ALA A 41 -3.18 12.38 -9.21
C ALA A 41 -3.25 12.12 -7.71
N ASN A 42 -2.69 12.98 -6.91
CA ASN A 42 -2.75 12.76 -5.43
C ASN A 42 -2.00 11.47 -5.08
N PHE A 43 -1.91 11.15 -3.81
CA PHE A 43 -1.21 9.90 -3.40
C PHE A 43 -1.20 9.80 -1.88
N CYS A 44 -0.47 8.88 -1.33
CA CYS A 44 -0.44 8.73 0.16
C CYS A 44 1.00 8.63 0.65
N LEU A 45 1.25 8.96 1.88
CA LEU A 45 2.63 8.87 2.43
C LEU A 45 2.58 8.53 3.91
N GLY A 46 3.60 7.88 4.43
CA GLY A 46 3.63 7.53 5.87
C GLY A 46 2.70 6.34 6.14
N PRO A 47 3.06 5.56 7.11
CA PRO A 47 2.28 4.37 7.52
C PRO A 47 1.06 4.79 8.35
N CYS A 48 0.50 3.87 9.08
CA CYS A 48 -0.70 4.22 9.91
C CYS A 48 -0.67 3.42 11.22
N PRO A 49 -1.42 3.90 12.18
CA PRO A 49 -1.53 3.26 13.50
C PRO A 49 -2.40 2.00 13.39
N TYR A 50 -3.06 1.61 14.45
CA TYR A 50 -3.91 0.38 14.39
C TYR A 50 -5.34 0.74 14.00
N ILE A 51 -6.07 1.35 14.91
CA ILE A 51 -7.48 1.71 14.62
C ILE A 51 -7.59 2.53 13.33
N TRP A 52 -6.52 3.14 12.87
CA TRP A 52 -6.61 3.94 11.62
C TRP A 52 -7.39 3.15 10.58
N SER A 53 -8.10 3.82 9.71
CA SER A 53 -8.90 3.09 8.67
C SER A 53 -8.13 1.86 8.17
N LEU A 54 -8.37 0.71 8.76
CA LEU A 54 -7.66 -0.51 8.32
C LEU A 54 -8.47 -1.20 7.22
N ASP A 55 -7.84 -1.54 6.13
CA ASP A 55 -8.57 -2.22 5.03
C ASP A 55 -8.42 -3.72 5.19
N THR A 56 -7.25 -4.18 5.53
CA THR A 56 -7.04 -5.64 5.70
C THR A 56 -6.72 -5.93 7.17
N GLN A 57 -7.05 -7.10 7.64
CA GLN A 57 -6.77 -7.44 9.07
C GLN A 57 -5.26 -7.36 9.32
N TYR A 58 -4.47 -7.69 8.35
CA TYR A 58 -2.99 -7.64 8.53
C TYR A 58 -2.56 -6.18 8.77
N SER A 59 -3.24 -5.25 8.18
CA SER A 59 -2.85 -3.82 8.36
C SER A 59 -2.93 -3.46 9.85
N LYS A 60 -3.59 -4.26 10.63
CA LYS A 60 -3.69 -3.96 12.09
C LYS A 60 -2.57 -4.68 12.84
N VAL A 61 -2.38 -5.94 12.56
CA VAL A 61 -1.30 -6.70 13.25
C VAL A 61 0.05 -6.03 12.98
N LEU A 62 0.38 -5.83 11.74
CA LEU A 62 1.69 -5.18 11.41
C LEU A 62 1.67 -3.73 11.90
N ALA A 63 0.51 -3.11 11.93
CA ALA A 63 0.44 -1.70 12.41
C ALA A 63 1.10 -1.61 13.79
N LEU A 64 0.95 -2.64 14.59
CA LEU A 64 1.57 -2.64 15.94
C LEU A 64 2.97 -3.25 15.84
N TYR A 65 3.12 -4.21 14.97
CA TYR A 65 4.45 -4.87 14.80
C TYR A 65 5.52 -3.78 14.62
N ASN A 66 5.14 -2.67 14.05
CA ASN A 66 6.10 -1.56 13.84
C ASN A 66 5.98 -0.56 15.00
N GLN A 67 4.78 -0.18 15.30
CA GLN A 67 4.55 0.79 16.41
C GLN A 67 5.17 0.26 17.72
N HIS A 68 5.53 -0.99 17.73
CA HIS A 68 6.13 -1.58 18.96
C HIS A 68 7.66 -1.50 18.87
N ASN A 69 8.23 -1.90 17.76
CA ASN A 69 9.71 -1.85 17.62
C ASN A 69 10.13 -0.55 16.94
N PRO A 70 10.86 0.27 17.64
CA PRO A 70 11.36 1.55 17.11
C PRO A 70 12.56 1.30 16.19
N GLY A 71 12.40 1.50 14.92
CA GLY A 71 13.54 1.28 13.97
C GLY A 71 13.15 0.22 12.94
N ALA A 72 11.95 -0.27 13.00
CA ALA A 72 11.51 -1.29 12.01
C ALA A 72 10.72 -0.60 10.91
N SER A 73 11.14 -0.77 9.69
CA SER A 73 10.43 -0.11 8.56
C SER A 73 9.43 -1.09 7.93
N ALA A 74 9.05 -2.12 8.64
CA ALA A 74 8.09 -3.10 8.07
C ALA A 74 6.66 -2.61 8.32
N ALA A 75 6.50 -1.37 8.71
CA ALA A 75 5.14 -0.84 8.96
C ALA A 75 4.25 -1.13 7.75
N PRO A 76 3.02 -0.68 7.79
CA PRO A 76 2.08 -0.90 6.69
C PRO A 76 2.37 0.07 5.56
N CYS A 77 1.44 0.25 4.66
CA CYS A 77 1.70 1.18 3.53
C CYS A 77 0.40 1.90 3.13
N CYS A 78 0.19 3.10 3.62
CA CYS A 78 -1.04 3.84 3.24
C CYS A 78 -1.11 3.93 1.71
N VAL A 79 -2.26 3.71 1.10
CA VAL A 79 -2.34 3.75 -0.39
C VAL A 79 -3.69 4.34 -0.84
N PRO A 80 -3.83 4.52 -2.13
CA PRO A 80 -5.07 5.07 -2.73
C PRO A 80 -6.14 3.99 -2.81
N GLN A 81 -7.06 3.96 -1.88
CA GLN A 81 -8.14 2.94 -1.91
C GLN A 81 -9.04 3.20 -3.11
N ALA A 82 -9.78 4.28 -3.09
CA ALA A 82 -10.68 4.60 -4.23
C ALA A 82 -9.90 5.43 -5.25
N LEU A 83 -10.23 5.31 -6.50
CA LEU A 83 -9.50 6.11 -7.53
C LEU A 83 -10.49 6.78 -8.47
N GLU A 84 -10.00 7.31 -9.55
CA GLU A 84 -10.88 7.98 -10.54
C GLU A 84 -10.25 7.84 -11.92
N PRO A 85 -11.06 7.94 -12.94
CA PRO A 85 -10.60 7.83 -14.33
C PRO A 85 -9.85 9.09 -14.75
N LEU A 86 -9.67 9.29 -16.04
CA LEU A 86 -8.91 10.48 -16.50
C LEU A 86 -9.17 10.69 -18.00
N PRO A 87 -9.85 11.76 -18.34
CA PRO A 87 -10.16 12.09 -19.74
C PRO A 87 -8.91 12.67 -20.41
N ILE A 88 -8.34 11.94 -21.33
CA ILE A 88 -7.10 12.44 -22.01
C ILE A 88 -7.31 12.52 -23.51
N VAL A 89 -6.22 12.56 -24.21
CA VAL A 89 -6.25 12.60 -25.70
C VAL A 89 -4.86 12.25 -26.20
N TYR A 90 -4.69 11.10 -26.78
CA TYR A 90 -3.35 10.72 -27.29
C TYR A 90 -3.42 10.47 -28.79
N TYR A 91 -2.41 9.90 -29.37
CA TYR A 91 -2.42 9.65 -30.83
C TYR A 91 -1.82 8.29 -31.16
N VAL A 92 -2.47 7.53 -32.00
CA VAL A 92 -1.89 6.21 -32.38
C VAL A 92 -1.24 6.41 -33.74
N GLY A 93 0.01 6.75 -33.74
CA GLY A 93 0.72 7.02 -35.03
C GLY A 93 0.33 8.43 -35.50
N ARG A 94 -0.85 8.59 -36.02
CA ARG A 94 -1.28 9.94 -36.50
C ARG A 94 -2.77 10.16 -36.20
N LYS A 95 -3.45 9.18 -35.68
CA LYS A 95 -4.90 9.34 -35.38
C LYS A 95 -5.11 9.86 -33.96
N PRO A 96 -5.97 10.84 -33.83
CA PRO A 96 -6.29 11.44 -32.52
C PRO A 96 -7.30 10.54 -31.79
N LYS A 97 -7.12 10.32 -30.51
CA LYS A 97 -8.08 9.45 -29.78
C LYS A 97 -8.26 9.94 -28.35
N VAL A 98 -9.46 10.34 -27.98
CA VAL A 98 -9.71 10.81 -26.60
C VAL A 98 -10.26 9.64 -25.77
N GLU A 99 -9.69 9.37 -24.63
CA GLU A 99 -10.21 8.24 -23.81
C GLU A 99 -10.40 8.69 -22.37
N GLN A 100 -10.52 7.73 -21.49
CA GLN A 100 -10.71 8.06 -20.06
C GLN A 100 -9.95 7.03 -19.22
N LEU A 101 -8.68 7.21 -19.04
CA LEU A 101 -7.90 6.24 -18.24
C LEU A 101 -8.68 5.85 -16.99
N SER A 102 -8.55 4.64 -16.56
CA SER A 102 -9.30 4.18 -15.36
C SER A 102 -8.38 4.16 -14.13
N ASN A 103 -8.89 4.53 -12.98
CA ASN A 103 -8.05 4.51 -11.75
C ASN A 103 -6.79 5.35 -11.99
N MET A 104 -6.89 6.35 -12.80
CA MET A 104 -5.71 7.21 -13.06
C MET A 104 -5.74 8.40 -12.11
N ILE A 105 -6.44 8.28 -11.01
CA ILE A 105 -6.51 9.40 -10.03
C ILE A 105 -6.78 8.83 -8.64
N VAL A 106 -6.59 9.62 -7.62
CA VAL A 106 -6.84 9.13 -6.25
C VAL A 106 -8.00 9.90 -5.63
N ARG A 107 -8.87 9.23 -4.91
CA ARG A 107 -10.02 9.93 -4.28
C ARG A 107 -9.93 9.77 -2.76
N SER A 108 -9.20 8.79 -2.31
CA SER A 108 -9.05 8.57 -0.84
C SER A 108 -7.98 7.51 -0.59
N CYS A 109 -7.17 7.69 0.41
CA CYS A 109 -6.10 6.68 0.69
C CYS A 109 -6.60 5.66 1.73
N LYS A 110 -5.71 4.85 2.24
CA LYS A 110 -6.12 3.83 3.24
C LYS A 110 -4.87 3.15 3.80
N CYS A 111 -4.89 1.85 3.98
CA CYS A 111 -3.68 1.16 4.51
C CYS A 111 -3.68 -0.30 4.08
N SER A 112 -3.17 -0.59 2.91
CA SER A 112 -3.14 -2.00 2.44
C SER A 112 -1.89 -2.70 2.99
N ALA B 1 6.05 -11.72 -10.53
CA ALA B 1 5.85 -12.69 -9.42
C ALA B 1 6.27 -12.03 -8.10
N LEU B 2 5.35 -11.39 -7.42
CA LEU B 2 5.71 -10.74 -6.12
C LEU B 2 5.09 -11.52 -4.97
N ASP B 3 5.50 -12.73 -4.78
CA ASP B 3 4.94 -13.55 -3.68
C ASP B 3 6.03 -13.87 -2.66
N THR B 4 5.70 -14.65 -1.66
CA THR B 4 6.71 -15.01 -0.64
C THR B 4 7.63 -16.12 -1.16
N ASN B 5 7.52 -16.45 -2.42
CA ASN B 5 8.40 -17.52 -2.99
C ASN B 5 9.58 -16.86 -3.71
N TYR B 6 9.32 -15.86 -4.50
CA TYR B 6 10.41 -15.18 -5.24
C TYR B 6 11.04 -14.11 -4.34
N CYS B 7 10.35 -13.70 -3.32
CA CYS B 7 10.90 -12.65 -2.42
C CYS B 7 11.65 -13.31 -1.26
N PHE B 8 11.35 -14.54 -0.97
CA PHE B 8 12.05 -15.24 0.14
C PHE B 8 13.44 -15.67 -0.33
N SER B 9 13.74 -15.51 -1.58
CA SER B 9 15.08 -15.90 -2.10
C SER B 9 16.10 -14.84 -1.68
N SER B 10 17.09 -14.61 -2.48
CA SER B 10 18.13 -13.59 -2.12
C SER B 10 18.12 -12.47 -3.17
N THR B 11 17.28 -12.57 -4.16
CA THR B 11 17.24 -11.51 -5.21
C THR B 11 15.95 -10.69 -5.07
N GLU B 12 15.85 -9.63 -5.82
CA GLU B 12 14.63 -8.76 -5.77
C GLU B 12 15.00 -7.39 -6.32
N LYS B 13 14.03 -6.65 -6.80
CA LYS B 13 14.34 -5.31 -7.35
C LYS B 13 13.51 -4.25 -6.62
N ASN B 14 12.23 -4.46 -6.53
CA ASN B 14 11.37 -3.44 -5.84
C ASN B 14 10.31 -4.14 -4.96
N CYS B 15 9.05 -3.86 -5.17
CA CYS B 15 7.98 -4.49 -4.34
C CYS B 15 8.27 -5.99 -4.18
N CYS B 16 8.50 -6.41 -2.98
CA CYS B 16 8.80 -7.86 -2.74
C CYS B 16 8.42 -8.22 -1.31
N VAL B 17 7.59 -9.22 -1.14
CA VAL B 17 7.16 -9.62 0.22
C VAL B 17 8.34 -10.25 0.98
N ARG B 18 8.69 -9.71 2.12
CA ARG B 18 9.82 -10.28 2.90
C ARG B 18 9.26 -11.02 4.12
N GLN B 19 9.97 -12.02 4.59
CA GLN B 19 9.47 -12.77 5.78
C GLN B 19 9.15 -11.79 6.92
N LEU B 20 8.21 -12.14 7.76
CA LEU B 20 7.87 -11.23 8.88
C LEU B 20 7.19 -12.01 10.00
N TYR B 21 7.70 -13.16 10.34
CA TYR B 21 7.06 -13.94 11.43
C TYR B 21 6.76 -13.00 12.60
N ILE B 22 5.58 -13.08 13.14
CA ILE B 22 5.24 -12.18 14.28
C ILE B 22 4.84 -13.00 15.50
N ASP B 23 5.60 -12.93 16.55
CA ASP B 23 5.25 -13.69 17.78
C ASP B 23 4.22 -12.89 18.57
N PHE B 24 2.97 -13.16 18.34
CA PHE B 24 1.85 -12.45 19.02
C PHE B 24 2.31 -11.57 20.19
N ARG B 25 2.97 -12.16 21.16
CA ARG B 25 3.41 -11.37 22.34
C ARG B 25 4.77 -10.71 22.11
N LYS B 26 5.69 -11.39 21.48
CA LYS B 26 7.04 -10.79 21.29
C LYS B 26 6.96 -9.53 20.42
N ASP B 27 6.29 -9.62 19.31
CA ASP B 27 6.20 -8.46 18.39
C ASP B 27 5.01 -7.56 18.72
N LEU B 28 3.82 -8.08 18.68
CA LEU B 28 2.62 -7.24 18.97
C LEU B 28 2.32 -7.21 20.46
N GLY B 29 2.87 -8.13 21.22
CA GLY B 29 2.56 -8.13 22.68
C GLY B 29 1.06 -8.33 22.88
N TRP B 30 0.37 -8.73 21.84
CA TRP B 30 -1.10 -8.94 21.95
C TRP B 30 -1.42 -9.69 23.24
N LYS B 31 -2.37 -9.20 23.99
CA LYS B 31 -2.74 -9.87 25.26
C LYS B 31 -4.13 -10.49 25.11
N TRP B 32 -4.82 -10.20 24.04
CA TRP B 32 -6.19 -10.77 23.87
C TRP B 32 -6.10 -12.12 23.15
N ILE B 33 -4.91 -12.52 22.78
CA ILE B 33 -4.78 -13.84 22.09
C ILE B 33 -3.78 -14.72 22.85
N HIS B 34 -4.15 -15.94 23.11
CA HIS B 34 -3.24 -16.85 23.85
C HIS B 34 -2.45 -17.70 22.84
N GLU B 35 -3.12 -18.26 21.86
CA GLU B 35 -2.41 -19.09 20.85
C GLU B 35 -2.89 -18.72 19.45
N PRO B 36 -2.07 -19.03 18.47
CA PRO B 36 -0.77 -19.69 18.69
C PRO B 36 0.26 -18.69 19.19
N LYS B 37 1.45 -19.14 19.47
CA LYS B 37 2.50 -18.22 19.95
C LYS B 37 2.72 -17.11 18.92
N GLY B 38 2.62 -17.46 17.67
CA GLY B 38 2.82 -16.44 16.59
C GLY B 38 2.35 -17.01 15.26
N TYR B 39 2.90 -16.54 14.18
CA TYR B 39 2.48 -17.06 12.84
C TYR B 39 3.28 -16.36 11.74
N HIS B 40 3.20 -16.85 10.53
CA HIS B 40 3.96 -16.21 9.42
C HIS B 40 3.13 -15.05 8.86
N ALA B 41 3.25 -13.88 9.45
CA ALA B 41 2.46 -12.73 8.96
C ALA B 41 3.02 -12.22 7.63
N ASN B 42 4.31 -12.19 7.48
CA ASN B 42 4.90 -11.71 6.20
C ASN B 42 4.52 -10.25 5.97
N PHE B 43 5.01 -9.67 4.90
CA PHE B 43 4.67 -8.24 4.62
C PHE B 43 5.39 -7.79 3.36
N CYS B 44 5.37 -6.52 3.07
CA CYS B 44 6.05 -6.03 1.83
C CYS B 44 6.91 -4.82 2.14
N LEU B 45 7.92 -4.56 1.36
CA LEU B 45 8.79 -3.38 1.61
C LEU B 45 9.31 -2.82 0.28
N GLY B 46 9.59 -1.55 0.24
CA GLY B 46 10.11 -0.93 -1.02
C GLY B 46 8.96 -0.74 -2.02
N PRO B 47 9.09 0.28 -2.83
CA PRO B 47 8.09 0.60 -3.86
C PRO B 47 8.23 -0.33 -5.07
N CYS B 48 7.70 0.05 -6.19
CA CYS B 48 7.82 -0.81 -7.41
C CYS B 48 7.96 0.06 -8.65
N PRO B 49 8.44 -0.55 -9.71
CA PRO B 49 8.62 0.13 -11.01
C PRO B 49 7.26 0.32 -11.70
N TYR B 50 7.24 0.38 -13.00
CA TYR B 50 5.93 0.59 -13.70
C TYR B 50 5.30 -0.76 -14.06
N ILE B 51 5.87 -1.48 -14.98
CA ILE B 51 5.28 -2.78 -15.39
C ILE B 51 5.13 -3.72 -14.19
N TRP B 52 5.85 -3.48 -13.11
CA TRP B 52 5.71 -4.38 -11.93
C TRP B 52 4.24 -4.65 -11.68
N SER B 53 3.91 -5.84 -11.21
CA SER B 53 2.48 -6.19 -10.94
C SER B 53 1.71 -4.96 -10.45
N LEU B 54 1.07 -4.25 -11.33
CA LEU B 54 0.30 -3.04 -10.93
C LEU B 54 -1.14 -3.43 -10.61
N ASP B 55 -1.64 -3.03 -9.48
CA ASP B 55 -3.05 -3.37 -9.12
C ASP B 55 -3.96 -2.23 -9.54
N THR B 56 -3.53 -1.01 -9.35
CA THR B 56 -4.38 0.15 -9.75
C THR B 56 -3.66 0.94 -10.85
N GLN B 57 -4.41 1.58 -11.71
CA GLN B 57 -3.76 2.37 -12.81
C GLN B 57 -2.86 3.45 -12.20
N TYR B 58 -3.23 3.99 -11.06
CA TYR B 58 -2.39 5.03 -10.44
C TYR B 58 -1.03 4.44 -10.05
N SER B 59 -0.99 3.19 -9.68
CA SER B 59 0.31 2.57 -9.29
C SER B 59 1.29 2.66 -10.46
N LYS B 60 0.80 2.92 -11.65
CA LYS B 60 1.71 3.01 -12.82
C LYS B 60 2.14 4.47 -13.01
N VAL B 61 1.21 5.37 -12.99
CA VAL B 61 1.54 6.81 -13.17
C VAL B 61 2.52 7.24 -12.08
N LEU B 62 2.17 7.05 -10.84
CA LEU B 62 3.08 7.46 -9.73
C LEU B 62 4.35 6.61 -9.78
N ALA B 63 4.26 5.39 -10.24
CA ALA B 63 5.49 4.54 -10.32
C ALA B 63 6.58 5.29 -11.09
N LEU B 64 6.18 6.06 -12.08
CA LEU B 64 7.19 6.84 -12.86
C LEU B 64 7.37 8.21 -12.20
N TYR B 65 6.30 8.74 -11.66
CA TYR B 65 6.39 10.05 -10.99
C TYR B 65 7.57 10.05 -10.01
N ASN B 66 7.88 8.90 -9.47
CA ASN B 66 9.02 8.80 -8.52
C ASN B 66 10.27 8.35 -9.27
N GLN B 67 10.13 7.32 -10.06
CA GLN B 67 11.29 6.80 -10.84
C GLN B 67 11.87 7.92 -11.70
N HIS B 68 11.17 9.00 -11.85
CA HIS B 68 11.68 10.13 -12.67
C HIS B 68 12.41 11.14 -11.79
N ASN B 69 11.81 11.52 -10.70
CA ASN B 69 12.48 12.51 -9.80
C ASN B 69 13.24 11.78 -8.69
N PRO B 70 14.54 11.94 -8.67
CA PRO B 70 15.40 11.31 -7.67
C PRO B 70 15.33 12.10 -6.35
N GLY B 71 14.74 11.53 -5.33
CA GLY B 71 14.63 12.24 -4.03
C GLY B 71 13.15 12.40 -3.66
N ALA B 72 12.26 11.89 -4.47
CA ALA B 72 10.82 12.01 -4.14
C ALA B 72 10.35 10.72 -3.47
N SER B 73 9.80 10.83 -2.31
CA SER B 73 9.33 9.61 -1.58
C SER B 73 7.84 9.40 -1.83
N ALA B 74 7.31 9.97 -2.87
CA ALA B 74 5.86 9.79 -3.16
C ALA B 74 5.66 8.52 -3.99
N ALA B 75 6.65 7.68 -4.07
CA ALA B 75 6.52 6.42 -4.85
C ALA B 75 5.25 5.69 -4.40
N PRO B 76 5.02 4.53 -4.95
CA PRO B 76 3.83 3.73 -4.61
C PRO B 76 4.06 3.01 -3.29
N CYS B 77 3.29 2.02 -2.99
CA CYS B 77 3.47 1.30 -1.70
C CYS B 77 3.16 -0.19 -1.88
N CYS B 78 4.16 -1.00 -2.09
CA CYS B 78 3.91 -2.47 -2.23
C CYS B 78 3.15 -2.95 -0.99
N VAL B 79 2.13 -3.77 -1.15
CA VAL B 79 1.34 -4.23 0.03
C VAL B 79 0.88 -5.68 -0.16
N PRO B 80 0.26 -6.24 0.87
CA PRO B 80 -0.24 -7.62 0.84
C PRO B 80 -1.57 -7.69 0.08
N GLN B 81 -1.53 -8.09 -1.16
CA GLN B 81 -2.79 -8.19 -1.95
C GLN B 81 -3.66 -9.31 -1.37
N ALA B 82 -3.23 -10.53 -1.52
CA ALA B 82 -4.03 -11.66 -0.97
C ALA B 82 -3.60 -11.92 0.47
N LEU B 83 -4.50 -12.39 1.31
CA LEU B 83 -4.12 -12.65 2.72
C LEU B 83 -4.61 -14.03 3.14
N GLU B 84 -4.56 -14.30 4.41
CA GLU B 84 -5.02 -15.61 4.93
C GLU B 84 -5.55 -15.41 6.35
N PRO B 85 -6.38 -16.32 6.78
CA PRO B 85 -6.98 -16.26 8.12
C PRO B 85 -5.94 -16.66 9.19
N LEU B 86 -6.39 -16.99 10.36
CA LEU B 86 -5.43 -17.35 11.44
C LEU B 86 -6.18 -18.05 12.59
N PRO B 87 -5.93 -19.32 12.77
CA PRO B 87 -6.56 -20.11 13.85
C PRO B 87 -5.91 -19.77 15.19
N ILE B 88 -6.63 -19.11 16.06
CA ILE B 88 -6.04 -18.75 17.37
C ILE B 88 -6.88 -19.30 18.51
N VAL B 89 -6.69 -18.74 19.66
CA VAL B 89 -7.45 -19.15 20.87
C VAL B 89 -7.30 -18.06 21.92
N TYR B 90 -8.34 -17.34 22.19
CA TYR B 90 -8.24 -16.26 23.21
C TYR B 90 -9.24 -16.52 24.33
N TYR B 91 -9.46 -15.57 25.18
CA TYR B 91 -10.41 -15.78 26.31
C TYR B 91 -11.26 -14.54 26.54
N VAL B 92 -12.55 -14.71 26.70
CA VAL B 92 -13.40 -13.53 26.99
C VAL B 92 -13.66 -13.52 28.48
N GLY B 93 -12.82 -12.87 29.22
CA GLY B 93 -12.98 -12.86 30.70
C GLY B 93 -12.40 -14.18 31.24
N ARG B 94 -13.12 -15.25 31.09
CA ARG B 94 -12.62 -16.57 31.59
C ARG B 94 -13.01 -17.70 30.62
N LYS B 95 -13.76 -17.41 29.60
CA LYS B 95 -14.18 -18.48 28.65
C LYS B 95 -13.16 -18.61 27.52
N PRO B 96 -12.81 -19.83 27.20
CA PRO B 96 -11.86 -20.12 26.12
C PRO B 96 -12.59 -20.07 24.76
N LYS B 97 -11.99 -19.48 23.77
CA LYS B 97 -12.69 -19.41 22.44
C LYS B 97 -11.67 -19.51 21.31
N VAL B 98 -11.79 -20.52 20.49
CA VAL B 98 -10.84 -20.67 19.34
C VAL B 98 -11.50 -20.07 18.09
N GLU B 99 -10.82 -19.20 17.40
CA GLU B 99 -11.45 -18.62 16.17
C GLU B 99 -10.47 -18.70 15.01
N GLN B 100 -10.73 -17.93 13.99
CA GLN B 100 -9.85 -17.92 12.80
C GLN B 100 -9.78 -16.50 12.25
N LEU B 101 -8.95 -15.68 12.81
CA LEU B 101 -8.85 -14.27 12.33
C LEU B 101 -8.84 -14.27 10.80
N SER B 102 -9.42 -13.26 10.22
CA SER B 102 -9.47 -13.19 8.73
C SER B 102 -8.41 -12.22 8.20
N ASN B 103 -7.80 -12.54 7.09
CA ASN B 103 -6.76 -11.62 6.52
C ASN B 103 -5.69 -11.33 7.58
N MET B 104 -5.44 -12.27 8.44
CA MET B 104 -4.42 -12.07 9.49
C MET B 104 -3.09 -12.62 9.00
N ILE B 105 -2.95 -12.78 7.71
CA ILE B 105 -1.67 -13.32 7.15
C ILE B 105 -1.48 -12.80 5.73
N VAL B 106 -0.29 -12.92 5.19
CA VAL B 106 -0.05 -12.42 3.81
C VAL B 106 0.27 -13.61 2.90
N ARG B 107 -0.24 -13.60 1.71
CA ARG B 107 0.04 -14.72 0.76
C ARG B 107 0.76 -14.17 -0.47
N SER B 108 0.65 -12.89 -0.71
CA SER B 108 1.33 -12.28 -1.88
C SER B 108 1.22 -10.76 -1.80
N CYS B 109 2.25 -10.05 -2.15
CA CYS B 109 2.19 -8.56 -2.06
C CYS B 109 1.77 -7.98 -3.43
N LYS B 110 1.88 -6.69 -3.59
CA LYS B 110 1.48 -6.06 -4.88
C LYS B 110 1.88 -4.58 -4.86
N CYS B 111 1.06 -3.70 -5.33
CA CYS B 111 1.42 -2.25 -5.31
C CYS B 111 0.15 -1.40 -5.33
N SER B 112 -0.41 -1.14 -4.19
CA SER B 112 -1.64 -0.30 -4.14
C SER B 112 -1.25 1.18 -4.13
#